data_5F2C
#
_entry.id   5F2C
#
_cell.length_a   185.356
_cell.length_b   208.296
_cell.length_c   163.811
_cell.angle_alpha   90.00
_cell.angle_beta   90.00
_cell.angle_gamma   90.00
#
_symmetry.space_group_name_H-M   'P 21 21 2'
#
loop_
_entity.id
_entity.type
_entity.pdbx_description
1 polymer 'Aldehyde dehydrogenase'
2 non-polymer 'NADP NICOTINAMIDE-ADENINE-DINUCLEOTIDE PHOSPHATE'
3 non-polymer GLYCEROL
4 water water
#
_entity_poly.entity_id   1
_entity_poly.type   'polypeptide(L)'
_entity_poly.pdbx_seq_one_letter_code
;MIDLNIMKVANYINGEFKEPSTGAFQVKTSPVDGSKIAEVPRSGREDAREAIDSAFEALKAWANIPAIRRAEYLYKMLEV
FRQMKEDFMKILTVEGGGTYRKVWGEVVFTERLIQNAAELARHYQGRVLQSDSESTISVVFKRSKGVVGVITPWNYPLSI
SMKKIAHTLAVGNTVVYKPASDTPVTGWLIAQMVAKAGLPKGVFNLVIGPGPVVGEEIVTHKRVAHVTFTGESSTGREIA
AKAAGTLKTVTLELGGSDPLIILDDVDVDYAARLAVFASLFHQGQICTSAKRIIVHKAVADKFIERYVHYVKMLRIDDPR
KDEKVDLGPLINERQVALMKEFVDDAVSRGGRLLIGGRSWGNFFEPAIFVDVDRNFRIMREEVFGPVRPIVVVENDDQAV
EVANDTDYGLSGAVLTNNVNRAFRIAEAVESGMFHINDVTFLEESHVPFGGIKASGVGREGGEWSFHETTYDRWVTVTLR
TRRFPIPSALK
;
_entity_poly.pdbx_strand_id   A,B,C,D,E,F,G,H
#
loop_
_chem_comp.id
_chem_comp.type
_chem_comp.name
_chem_comp.formula
GOL non-polymer GLYCEROL 'C3 H8 O3'
NAP non-polymer 'NADP NICOTINAMIDE-ADENINE-DINUCLEOTIDE PHOSPHATE' 'C21 H28 N7 O17 P3'
#
# COMPACT_ATOMS: atom_id res chain seq x y z
N LEU A 4 -56.77 -63.80 -4.59
CA LEU A 4 -57.90 -63.09 -4.01
C LEU A 4 -59.05 -64.06 -3.74
N ASN A 5 -59.15 -65.06 -4.61
CA ASN A 5 -60.18 -66.09 -4.47
C ASN A 5 -59.83 -67.13 -3.40
N ILE A 6 -58.61 -67.05 -2.87
CA ILE A 6 -58.15 -67.97 -1.82
C ILE A 6 -57.56 -67.26 -0.59
N MET A 7 -57.34 -65.95 -0.70
CA MET A 7 -56.79 -65.15 0.41
C MET A 7 -57.63 -63.91 0.73
N LYS A 8 -57.78 -63.64 2.02
CA LYS A 8 -58.40 -62.40 2.46
C LYS A 8 -57.42 -61.23 2.38
N VAL A 9 -57.89 -60.05 1.97
CA VAL A 9 -57.05 -58.85 2.03
C VAL A 9 -56.88 -58.43 3.49
N ALA A 10 -55.65 -58.08 3.87
CA ALA A 10 -55.35 -57.79 5.27
C ALA A 10 -54.22 -56.79 5.37
N ASN A 11 -54.06 -56.21 6.55
CA ASN A 11 -52.89 -55.39 6.86
C ASN A 11 -51.63 -56.26 6.92
N TYR A 12 -50.47 -55.64 6.80
CA TYR A 12 -49.22 -56.36 6.98
C TYR A 12 -48.40 -55.56 7.99
N ILE A 13 -48.28 -56.09 9.19
CA ILE A 13 -47.66 -55.38 10.29
C ILE A 13 -46.66 -56.28 11.02
N ASN A 14 -45.42 -55.81 11.11
CA ASN A 14 -44.36 -56.55 11.79
C ASN A 14 -44.26 -57.99 11.30
N GLY A 15 -44.29 -58.17 9.98
CA GLY A 15 -44.09 -59.48 9.38
C GLY A 15 -45.31 -60.40 9.35
N GLU A 16 -46.46 -59.89 9.74
CA GLU A 16 -47.66 -60.71 9.84
C GLU A 16 -48.86 -60.11 9.08
N PHE A 17 -49.53 -60.91 8.26
CA PHE A 17 -50.80 -60.48 7.67
C PHE A 17 -51.91 -60.65 8.68
N LYS A 18 -52.68 -59.58 8.92
CA LYS A 18 -53.78 -59.67 9.87
C LYS A 18 -54.85 -58.59 9.73
N GLU A 19 -56.01 -58.91 10.28
CA GLU A 19 -57.16 -58.02 10.32
CA GLU A 19 -57.16 -58.02 10.31
C GLU A 19 -56.87 -56.78 11.15
N PRO A 20 -57.62 -55.69 10.90
CA PRO A 20 -57.53 -54.54 11.81
C PRO A 20 -57.98 -54.95 13.21
N SER A 21 -57.53 -54.25 14.23
CA SER A 21 -57.85 -54.64 15.60
C SER A 21 -59.35 -54.67 15.85
N THR A 22 -60.10 -53.74 15.23
CA THR A 22 -61.56 -53.69 15.39
C THR A 22 -62.30 -54.74 14.57
N GLY A 23 -61.66 -55.20 13.51
CA GLY A 23 -62.27 -56.17 12.61
C GLY A 23 -63.13 -55.52 11.56
N ALA A 24 -63.27 -54.20 11.62
CA ALA A 24 -64.07 -53.47 10.66
C ALA A 24 -63.53 -53.66 9.24
N PHE A 25 -64.45 -53.72 8.27
CA PHE A 25 -64.05 -53.90 6.89
C PHE A 25 -64.95 -53.12 5.94
N GLN A 26 -64.45 -52.92 4.72
CA GLN A 26 -65.20 -52.30 3.62
C GLN A 26 -65.22 -53.20 2.41
N VAL A 27 -66.19 -52.99 1.53
CA VAL A 27 -66.22 -53.72 0.28
C VAL A 27 -65.70 -52.86 -0.87
N LYS A 28 -64.65 -53.35 -1.55
CA LYS A 28 -64.09 -52.62 -2.70
C LYS A 28 -64.78 -53.12 -3.96
N THR A 29 -65.29 -52.17 -4.75
CA THR A 29 -65.94 -52.48 -6.01
C THR A 29 -65.15 -51.94 -7.19
N SER A 30 -65.40 -52.52 -8.35
CA SER A 30 -64.74 -52.10 -9.58
C SER A 30 -65.41 -50.87 -10.17
N PRO A 31 -64.61 -49.88 -10.58
CA PRO A 31 -65.19 -48.74 -11.29
C PRO A 31 -65.73 -49.10 -12.67
N VAL A 32 -65.34 -50.27 -13.18
CA VAL A 32 -65.77 -50.69 -14.50
C VAL A 32 -67.27 -51.00 -14.55
N ASP A 33 -67.74 -51.80 -13.60
CA ASP A 33 -69.11 -52.31 -13.67
C ASP A 33 -69.73 -52.46 -12.28
N GLY A 34 -69.07 -51.92 -11.27
CA GLY A 34 -69.61 -51.94 -9.92
C GLY A 34 -69.56 -53.29 -9.24
N SER A 35 -69.00 -54.29 -9.89
CA SER A 35 -68.91 -55.62 -9.29
C SER A 35 -67.96 -55.63 -8.09
N LYS A 36 -68.19 -56.57 -7.19
CA LYS A 36 -67.40 -56.69 -5.97
C LYS A 36 -66.00 -57.23 -6.26
N ILE A 37 -64.99 -56.57 -5.70
CA ILE A 37 -63.65 -57.06 -5.89
C ILE A 37 -63.17 -57.81 -4.65
N ALA A 38 -63.25 -57.16 -3.50
CA ALA A 38 -62.90 -57.81 -2.23
C ALA A 38 -63.35 -56.99 -1.05
N GLU A 39 -63.50 -57.65 0.09
CA GLU A 39 -63.58 -56.95 1.36
C GLU A 39 -62.17 -56.59 1.78
N VAL A 40 -61.99 -55.36 2.27
CA VAL A 40 -60.67 -54.89 2.67
C VAL A 40 -60.76 -54.30 4.06
N PRO A 41 -59.62 -54.21 4.77
CA PRO A 41 -59.64 -53.61 6.11
C PRO A 41 -60.14 -52.17 6.14
N ARG A 42 -60.79 -51.81 7.23
CA ARG A 42 -61.02 -50.40 7.53
C ARG A 42 -60.32 -50.12 8.86
N SER A 43 -59.02 -49.87 8.79
CA SER A 43 -58.20 -49.77 9.98
C SER A 43 -58.40 -48.45 10.70
N GLY A 44 -57.91 -48.39 11.93
CA GLY A 44 -58.01 -47.18 12.73
C GLY A 44 -56.65 -46.81 13.32
N ARG A 45 -56.67 -45.89 14.29
CA ARG A 45 -55.42 -45.35 14.83
C ARG A 45 -54.56 -46.38 15.54
N GLU A 46 -55.18 -47.32 16.24
CA GLU A 46 -54.44 -48.38 16.91
C GLU A 46 -53.61 -49.19 15.93
N ASP A 47 -54.17 -49.45 14.75
CA ASP A 47 -53.47 -50.23 13.73
C ASP A 47 -52.27 -49.43 13.21
N ALA A 48 -52.47 -48.14 12.99
CA ALA A 48 -51.37 -47.32 12.50
C ALA A 48 -50.27 -47.29 13.54
N ARG A 49 -50.66 -47.15 14.82
CA ARG A 49 -49.67 -47.05 15.89
C ARG A 49 -48.85 -48.31 15.99
N GLU A 50 -49.51 -49.45 15.87
CA GLU A 50 -48.81 -50.73 15.89
C GLU A 50 -47.77 -50.83 14.76
N ALA A 51 -48.16 -50.44 13.55
CA ALA A 51 -47.24 -50.44 12.41
C ALA A 51 -46.05 -49.51 12.65
N ILE A 52 -46.33 -48.33 13.19
CA ILE A 52 -45.30 -47.34 13.44
C ILE A 52 -44.31 -47.85 14.48
N ASP A 53 -44.83 -48.43 15.55
CA ASP A 53 -43.97 -49.03 16.57
C ASP A 53 -43.14 -50.18 16.01
N SER A 54 -43.74 -50.94 15.10
CA SER A 54 -43.03 -52.06 14.49
C SER A 54 -41.89 -51.54 13.60
N ALA A 55 -42.19 -50.51 12.81
CA ALA A 55 -41.18 -49.85 12.00
C ALA A 55 -40.07 -49.26 12.86
N PHE A 56 -40.45 -48.66 13.98
CA PHE A 56 -39.46 -48.00 14.85
C PHE A 56 -38.52 -49.02 15.49
N GLU A 57 -39.08 -50.14 15.94
CA GLU A 57 -38.28 -51.20 16.55
C GLU A 57 -37.36 -51.91 15.56
N ALA A 58 -37.71 -51.89 14.27
CA ALA A 58 -36.93 -52.59 13.26
C ALA A 58 -35.83 -51.69 12.70
N LEU A 59 -35.92 -50.40 13.02
CA LEU A 59 -35.15 -49.40 12.30
C LEU A 59 -33.64 -49.54 12.46
N LYS A 60 -33.17 -49.69 13.70
CA LYS A 60 -31.72 -49.64 13.92
C LYS A 60 -30.99 -50.81 13.26
N ALA A 61 -31.56 -52.01 13.33
CA ALA A 61 -30.95 -53.17 12.66
C ALA A 61 -30.93 -53.01 11.14
N TRP A 62 -32.00 -52.47 10.58
CA TRP A 62 -32.11 -52.27 9.12
C TRP A 62 -31.17 -51.15 8.62
N ALA A 63 -31.04 -50.08 9.39
CA ALA A 63 -30.16 -48.97 9.00
C ALA A 63 -28.68 -49.34 9.20
N ASN A 64 -28.38 -50.24 10.12
CA ASN A 64 -26.98 -50.53 10.41
C ASN A 64 -26.33 -51.63 9.56
N ILE A 65 -27.12 -52.48 8.89
CA ILE A 65 -26.48 -53.45 7.99
C ILE A 65 -25.83 -52.70 6.82
N PRO A 66 -24.84 -53.32 6.15
CA PRO A 66 -24.23 -52.65 5.00
C PRO A 66 -25.25 -52.45 3.87
N ALA A 67 -25.08 -51.38 3.09
CA ALA A 67 -25.98 -51.11 1.98
C ALA A 67 -26.16 -52.32 1.07
N ILE A 68 -25.08 -53.07 0.85
CA ILE A 68 -25.14 -54.22 -0.06
C ILE A 68 -26.19 -55.23 0.41
N ARG A 69 -26.40 -55.34 1.73
CA ARG A 69 -27.40 -56.27 2.23
C ARG A 69 -28.83 -55.75 1.95
N ARG A 70 -29.05 -54.44 2.05
CA ARG A 70 -30.35 -53.89 1.65
C ARG A 70 -30.55 -54.01 0.13
N ALA A 71 -29.50 -53.76 -0.65
CA ALA A 71 -29.58 -53.97 -2.09
C ALA A 71 -30.02 -55.40 -2.40
N GLU A 72 -29.52 -56.36 -1.62
CA GLU A 72 -29.84 -57.77 -1.85
CA GLU A 72 -29.84 -57.76 -1.85
C GLU A 72 -31.33 -58.02 -1.64
N TYR A 73 -31.90 -57.45 -0.59
CA TYR A 73 -33.35 -57.61 -0.35
C TYR A 73 -34.16 -56.99 -1.50
N LEU A 74 -33.69 -55.87 -2.03
CA LEU A 74 -34.41 -55.22 -3.12
C LEU A 74 -34.32 -56.03 -4.42
N TYR A 75 -33.18 -56.66 -4.68
CA TYR A 75 -33.09 -57.54 -5.85
C TYR A 75 -34.02 -58.73 -5.70
N LYS A 76 -34.16 -59.24 -4.48
CA LYS A 76 -35.10 -60.34 -4.22
C LYS A 76 -36.54 -59.87 -4.49
N MET A 77 -36.85 -58.65 -4.05
CA MET A 77 -38.15 -58.04 -4.30
CA MET A 77 -38.16 -58.04 -4.30
C MET A 77 -38.42 -57.92 -5.80
N LEU A 78 -37.39 -57.51 -6.54
CA LEU A 78 -37.48 -57.39 -7.99
C LEU A 78 -37.82 -58.73 -8.64
N GLU A 79 -37.19 -59.78 -8.14
CA GLU A 79 -37.44 -61.13 -8.63
C GLU A 79 -38.89 -61.57 -8.37
N VAL A 80 -39.40 -61.28 -7.18
CA VAL A 80 -40.77 -61.60 -6.84
C VAL A 80 -41.74 -60.76 -7.67
N PHE A 81 -41.43 -59.48 -7.85
CA PHE A 81 -42.26 -58.63 -8.70
C PHE A 81 -42.42 -59.21 -10.12
N ARG A 82 -41.31 -59.59 -10.73
CA ARG A 82 -41.34 -60.19 -12.08
C ARG A 82 -42.27 -61.40 -12.14
N GLN A 83 -42.33 -62.15 -11.05
CA GLN A 83 -43.22 -63.31 -10.99
C GLN A 83 -44.68 -62.90 -10.85
N MET A 84 -44.92 -61.69 -10.33
CA MET A 84 -46.29 -61.25 -10.01
C MET A 84 -46.87 -60.25 -11.00
N LYS A 85 -46.19 -60.06 -12.13
CA LYS A 85 -46.58 -59.00 -13.07
C LYS A 85 -48.05 -59.09 -13.50
N GLU A 86 -48.49 -60.28 -13.89
CA GLU A 86 -49.84 -60.47 -14.39
C GLU A 86 -50.86 -60.15 -13.32
N ASP A 87 -50.58 -60.54 -12.06
CA ASP A 87 -51.47 -60.22 -10.94
C ASP A 87 -51.63 -58.71 -10.77
N PHE A 88 -50.52 -57.98 -10.85
CA PHE A 88 -50.56 -56.52 -10.71
C PHE A 88 -51.36 -55.90 -11.87
N MET A 89 -51.10 -56.33 -13.09
CA MET A 89 -51.82 -55.80 -14.25
C MET A 89 -53.33 -56.00 -14.11
N LYS A 90 -53.72 -57.22 -13.74
CA LYS A 90 -55.11 -57.57 -13.50
C LYS A 90 -55.79 -56.62 -12.53
N ILE A 91 -55.16 -56.40 -11.39
CA ILE A 91 -55.75 -55.57 -10.35
C ILE A 91 -55.77 -54.09 -10.71
N LEU A 92 -54.70 -53.61 -11.36
CA LEU A 92 -54.64 -52.22 -11.81
C LEU A 92 -55.80 -51.93 -12.76
N THR A 93 -56.18 -52.94 -13.55
CA THR A 93 -57.28 -52.78 -14.50
C THR A 93 -58.64 -52.86 -13.81
N VAL A 94 -58.89 -53.91 -13.02
CA VAL A 94 -60.22 -54.10 -12.45
C VAL A 94 -60.49 -53.17 -11.26
N GLU A 95 -59.46 -52.88 -10.47
CA GLU A 95 -59.65 -52.00 -9.32
C GLU A 95 -59.44 -50.53 -9.68
N GLY A 96 -58.49 -50.24 -10.56
CA GLY A 96 -58.17 -48.86 -10.88
C GLY A 96 -58.76 -48.34 -12.17
N GLY A 97 -59.29 -49.24 -13.00
CA GLY A 97 -59.89 -48.84 -14.26
C GLY A 97 -58.92 -48.61 -15.42
N GLY A 98 -57.66 -48.98 -15.25
CA GLY A 98 -56.66 -48.77 -16.27
C GLY A 98 -56.74 -49.74 -17.45
N THR A 99 -56.50 -49.22 -18.64
CA THR A 99 -56.44 -50.04 -19.85
C THR A 99 -55.23 -50.96 -19.82
N TYR A 100 -55.23 -51.96 -20.69
CA TYR A 100 -54.11 -52.87 -20.81
C TYR A 100 -52.81 -52.12 -21.04
N ARG A 101 -52.82 -51.17 -21.97
CA ARG A 101 -51.61 -50.44 -22.32
C ARG A 101 -51.11 -49.57 -21.16
N LYS A 102 -52.05 -48.98 -20.44
CA LYS A 102 -51.67 -48.18 -19.28
C LYS A 102 -51.03 -49.07 -18.19
N VAL A 103 -51.65 -50.19 -17.87
CA VAL A 103 -51.20 -50.94 -16.70
C VAL A 103 -49.93 -51.72 -17.07
N TRP A 104 -49.80 -52.09 -18.34
CA TRP A 104 -48.56 -52.70 -18.81
C TRP A 104 -47.43 -51.72 -18.64
N GLY A 105 -47.65 -50.48 -19.06
CA GLY A 105 -46.68 -49.40 -18.87
C GLY A 105 -46.34 -49.21 -17.40
N GLU A 106 -47.34 -49.21 -16.54
CA GLU A 106 -47.10 -49.01 -15.11
C GLU A 106 -46.27 -50.15 -14.53
N VAL A 107 -46.56 -51.38 -14.94
CA VAL A 107 -45.84 -52.52 -14.38
C VAL A 107 -44.37 -52.55 -14.88
N VAL A 108 -44.15 -52.21 -16.14
CA VAL A 108 -42.78 -52.15 -16.67
C VAL A 108 -41.97 -51.08 -15.96
N PHE A 109 -42.60 -49.93 -15.71
CA PHE A 109 -41.92 -48.85 -15.01
C PHE A 109 -41.62 -49.25 -13.56
N THR A 110 -42.54 -49.98 -12.92
CA THR A 110 -42.38 -50.38 -11.52
C THR A 110 -41.20 -51.33 -11.38
N GLU A 111 -41.06 -52.24 -12.34
CA GLU A 111 -39.91 -53.12 -12.41
C GLU A 111 -38.61 -52.30 -12.49
N ARG A 112 -38.56 -51.28 -13.34
CA ARG A 112 -37.40 -50.41 -13.41
C ARG A 112 -37.16 -49.61 -12.13
N LEU A 113 -38.22 -49.18 -11.47
CA LEU A 113 -38.08 -48.44 -10.21
C LEU A 113 -37.43 -49.27 -9.11
N ILE A 114 -37.89 -50.51 -8.95
CA ILE A 114 -37.38 -51.39 -7.92
C ILE A 114 -35.91 -51.70 -8.22
N GLN A 115 -35.64 -52.01 -9.47
CA GLN A 115 -34.26 -52.23 -9.89
C GLN A 115 -33.40 -51.01 -9.65
N ASN A 116 -33.92 -49.82 -9.97
CA ASN A 116 -33.17 -48.58 -9.79
C ASN A 116 -32.76 -48.39 -8.32
N ALA A 117 -33.69 -48.67 -7.40
CA ALA A 117 -33.42 -48.48 -5.98
C ALA A 117 -32.35 -49.44 -5.51
N ALA A 118 -32.45 -50.69 -5.98
CA ALA A 118 -31.46 -51.72 -5.66
C ALA A 118 -30.07 -51.30 -6.16
N GLU A 119 -30.00 -50.82 -7.39
CA GLU A 119 -28.75 -50.37 -8.03
C GLU A 119 -28.02 -49.25 -7.30
N LEU A 120 -28.79 -48.33 -6.73
CA LEU A 120 -28.21 -47.12 -6.19
C LEU A 120 -27.81 -47.21 -4.72
N ALA A 121 -28.28 -48.25 -4.03
CA ALA A 121 -28.16 -48.33 -2.56
C ALA A 121 -26.71 -48.21 -2.08
N ARG A 122 -25.80 -48.90 -2.76
CA ARG A 122 -24.41 -48.97 -2.33
C ARG A 122 -23.62 -47.73 -2.70
N HIS A 123 -24.22 -46.81 -3.45
CA HIS A 123 -23.43 -45.77 -4.10
C HIS A 123 -23.76 -44.36 -3.67
N TYR A 124 -24.57 -44.23 -2.62
CA TYR A 124 -24.93 -42.91 -2.12
C TYR A 124 -23.82 -42.36 -1.23
N GLN A 125 -23.12 -41.34 -1.71
CA GLN A 125 -21.87 -40.91 -1.10
C GLN A 125 -22.04 -39.64 -0.29
N GLY A 126 -21.19 -39.50 0.73
CA GLY A 126 -21.02 -38.21 1.40
C GLY A 126 -19.80 -37.54 0.82
N ARG A 127 -19.15 -36.65 1.58
CA ARG A 127 -18.07 -35.82 1.06
C ARG A 127 -16.90 -35.70 2.03
N VAL A 128 -15.68 -35.64 1.48
CA VAL A 128 -14.51 -35.28 2.29
C VAL A 128 -14.20 -33.81 2.00
N LEU A 129 -14.08 -33.01 3.06
CA LEU A 129 -13.95 -31.55 2.88
C LEU A 129 -12.55 -31.04 3.16
N GLN A 130 -12.20 -29.90 2.56
CA GLN A 130 -11.01 -29.17 2.98
C GLN A 130 -11.35 -28.47 4.29
N SER A 131 -10.51 -28.62 5.31
CA SER A 131 -10.71 -27.87 6.54
C SER A 131 -9.96 -26.55 6.48
N ASP A 132 -10.61 -25.48 6.94
CA ASP A 132 -9.92 -24.21 7.07
C ASP A 132 -8.96 -24.21 8.26
N SER A 133 -9.02 -25.24 9.08
CA SER A 133 -8.11 -25.37 10.23
C SER A 133 -7.01 -26.38 9.96
N GLU A 134 -5.87 -26.21 10.62
CA GLU A 134 -4.78 -27.18 10.54
C GLU A 134 -5.13 -28.42 11.35
N SER A 135 -4.53 -29.55 10.98
CA SER A 135 -4.64 -30.79 11.73
C SER A 135 -6.08 -31.23 11.96
N THR A 136 -6.96 -30.95 11.00
CA THR A 136 -8.38 -31.30 11.14
C THR A 136 -8.87 -32.13 9.96
N ILE A 137 -9.41 -33.31 10.25
CA ILE A 137 -10.14 -34.11 9.26
C ILE A 137 -11.61 -33.71 9.30
N SER A 138 -12.20 -33.49 8.14
CA SER A 138 -13.57 -32.98 8.05
C SER A 138 -14.32 -33.71 6.94
N VAL A 139 -15.31 -34.50 7.34
CA VAL A 139 -16.09 -35.29 6.39
C VAL A 139 -17.58 -35.19 6.68
N VAL A 140 -18.38 -35.66 5.73
CA VAL A 140 -19.83 -35.64 5.85
C VAL A 140 -20.38 -36.99 5.48
N PHE A 141 -21.06 -37.61 6.44
CA PHE A 141 -21.72 -38.91 6.22
C PHE A 141 -23.17 -38.72 5.83
N LYS A 142 -23.76 -39.77 5.26
CA LYS A 142 -25.18 -39.83 4.97
C LYS A 142 -25.85 -40.76 5.96
N ARG A 143 -26.93 -40.31 6.59
CA ARG A 143 -27.65 -41.16 7.54
C ARG A 143 -29.13 -41.23 7.17
N SER A 144 -29.77 -42.36 7.43
CA SER A 144 -31.19 -42.44 7.11
C SER A 144 -32.03 -41.68 8.13
N LYS A 145 -33.17 -41.15 7.69
CA LYS A 145 -33.98 -40.31 8.58
C LYS A 145 -34.67 -41.12 9.68
N GLY A 146 -35.14 -42.32 9.33
CA GLY A 146 -35.78 -43.17 10.32
C GLY A 146 -37.03 -43.81 9.78
N VAL A 147 -38.12 -43.72 10.55
CA VAL A 147 -39.40 -44.27 10.10
C VAL A 147 -40.07 -43.30 9.13
N VAL A 148 -40.42 -43.80 7.95
CA VAL A 148 -40.97 -42.95 6.90
C VAL A 148 -42.40 -43.36 6.55
N GLY A 149 -43.33 -42.41 6.65
CA GLY A 149 -44.70 -42.66 6.25
C GLY A 149 -44.85 -42.45 4.75
N VAL A 150 -45.50 -43.40 4.07
CA VAL A 150 -45.70 -43.34 2.63
C VAL A 150 -47.21 -43.32 2.34
N ILE A 151 -47.70 -42.19 1.82
CA ILE A 151 -49.13 -42.02 1.57
C ILE A 151 -49.37 -41.69 0.09
N THR A 152 -50.21 -42.49 -0.57
CA THR A 152 -50.24 -42.50 -2.03
C THR A 152 -51.65 -42.36 -2.64
N PRO A 153 -51.72 -42.04 -3.95
CA PRO A 153 -53.01 -41.85 -4.62
C PRO A 153 -53.49 -43.06 -5.40
N TRP A 154 -54.61 -42.91 -6.11
CA TRP A 154 -55.25 -44.03 -6.81
C TRP A 154 -54.98 -44.13 -8.31
N ASN A 155 -54.35 -43.12 -8.91
CA ASN A 155 -54.29 -43.10 -10.38
C ASN A 155 -53.18 -43.99 -10.95
N TYR A 156 -51.97 -43.91 -10.39
CA TYR A 156 -50.88 -44.84 -10.68
C TYR A 156 -50.42 -45.43 -9.35
N PRO A 157 -51.27 -46.24 -8.70
CA PRO A 157 -51.02 -46.64 -7.31
C PRO A 157 -49.81 -47.56 -7.18
N LEU A 158 -49.49 -48.33 -8.21
CA LEU A 158 -48.35 -49.24 -8.11
C LEU A 158 -47.03 -48.49 -8.30
N SER A 159 -46.87 -47.81 -9.43
CA SER A 159 -45.60 -47.16 -9.69
C SER A 159 -45.30 -46.04 -8.69
N ILE A 160 -46.30 -45.24 -8.33
CA ILE A 160 -46.05 -44.14 -7.40
C ILE A 160 -45.69 -44.70 -6.02
N SER A 161 -46.41 -45.75 -5.59
CA SER A 161 -46.11 -46.38 -4.31
C SER A 161 -44.69 -46.96 -4.32
N MET A 162 -44.33 -47.65 -5.40
CA MET A 162 -43.07 -48.39 -5.37
C MET A 162 -41.89 -47.46 -5.54
N LYS A 163 -42.07 -46.34 -6.24
CA LYS A 163 -40.99 -45.37 -6.33
C LYS A 163 -40.63 -44.90 -4.92
N LYS A 164 -41.64 -44.58 -4.12
CA LYS A 164 -41.40 -44.10 -2.77
C LYS A 164 -40.86 -45.22 -1.86
N ILE A 165 -41.52 -46.37 -1.89
CA ILE A 165 -41.20 -47.46 -0.99
C ILE A 165 -39.80 -48.04 -1.28
N ALA A 166 -39.50 -48.35 -2.55
CA ALA A 166 -38.21 -49.00 -2.84
C ALA A 166 -37.03 -48.09 -2.53
N HIS A 167 -37.10 -46.82 -2.91
CA HIS A 167 -35.96 -45.91 -2.68
C HIS A 167 -35.81 -45.58 -1.20
N THR A 168 -36.92 -45.42 -0.49
CA THR A 168 -36.89 -45.12 0.95
C THR A 168 -36.25 -46.29 1.70
N LEU A 169 -36.62 -47.51 1.36
CA LEU A 169 -36.02 -48.70 1.97
C LEU A 169 -34.52 -48.87 1.66
N ALA A 170 -34.12 -48.54 0.42
CA ALA A 170 -32.73 -48.75 -0.04
C ALA A 170 -31.70 -48.06 0.86
N VAL A 171 -32.00 -46.84 1.31
CA VAL A 171 -31.03 -46.08 2.11
C VAL A 171 -31.18 -46.27 3.61
N GLY A 172 -31.96 -47.26 4.02
CA GLY A 172 -31.96 -47.64 5.42
C GLY A 172 -33.08 -47.08 6.28
N ASN A 173 -34.13 -46.53 5.64
CA ASN A 173 -35.34 -46.17 6.40
C ASN A 173 -36.26 -47.37 6.49
N THR A 174 -37.15 -47.38 7.47
CA THR A 174 -38.24 -48.36 7.47
C THR A 174 -39.53 -47.62 7.09
N VAL A 175 -40.59 -48.38 6.81
CA VAL A 175 -41.75 -47.82 6.11
C VAL A 175 -43.09 -48.21 6.71
N VAL A 176 -43.99 -47.22 6.80
CA VAL A 176 -45.39 -47.45 7.10
C VAL A 176 -46.18 -46.88 5.92
N TYR A 177 -46.86 -47.76 5.19
CA TYR A 177 -47.48 -47.45 3.91
C TYR A 177 -48.99 -47.49 3.99
N LYS A 178 -49.64 -46.40 3.57
CA LYS A 178 -51.10 -46.34 3.55
C LYS A 178 -51.59 -45.98 2.15
N PRO A 179 -52.11 -46.96 1.41
CA PRO A 179 -52.51 -46.68 0.03
C PRO A 179 -53.83 -45.91 -0.03
N ALA A 180 -54.16 -45.36 -1.21
CA ALA A 180 -55.44 -44.67 -1.40
C ALA A 180 -56.59 -45.65 -1.15
N SER A 181 -57.70 -45.15 -0.59
CA SER A 181 -58.81 -46.02 -0.26
C SER A 181 -59.44 -46.65 -1.50
N ASP A 182 -59.28 -46.01 -2.65
CA ASP A 182 -59.83 -46.59 -3.87
C ASP A 182 -58.91 -47.63 -4.51
N THR A 183 -57.69 -47.76 -4.01
CA THR A 183 -56.82 -48.80 -4.54
C THR A 183 -56.14 -49.65 -3.44
N PRO A 184 -56.94 -50.28 -2.57
CA PRO A 184 -56.35 -51.05 -1.46
C PRO A 184 -55.69 -52.35 -1.89
N VAL A 185 -56.25 -53.03 -2.89
CA VAL A 185 -55.77 -54.34 -3.27
C VAL A 185 -54.38 -54.23 -3.89
N THR A 186 -54.12 -53.16 -4.64
CA THR A 186 -52.77 -52.90 -5.14
C THR A 186 -51.77 -52.81 -3.96
N GLY A 187 -52.13 -52.11 -2.90
CA GLY A 187 -51.25 -52.01 -1.73
C GLY A 187 -51.02 -53.36 -1.06
N TRP A 188 -52.07 -54.16 -0.98
CA TRP A 188 -51.97 -55.49 -0.41
C TRP A 188 -51.08 -56.43 -1.26
N LEU A 189 -51.16 -56.31 -2.58
CA LEU A 189 -50.27 -57.07 -3.46
C LEU A 189 -48.81 -56.64 -3.25
N ILE A 190 -48.60 -55.34 -3.05
CA ILE A 190 -47.26 -54.85 -2.73
C ILE A 190 -46.74 -55.53 -1.43
N ALA A 191 -47.58 -55.59 -0.40
CA ALA A 191 -47.20 -56.30 0.85
C ALA A 191 -46.92 -57.79 0.60
N GLN A 192 -47.70 -58.44 -0.26
CA GLN A 192 -47.43 -59.83 -0.64
C GLN A 192 -46.05 -59.97 -1.25
N MET A 193 -45.71 -59.01 -2.12
CA MET A 193 -44.41 -58.99 -2.78
C MET A 193 -43.30 -58.89 -1.73
N VAL A 194 -43.46 -57.94 -0.81
CA VAL A 194 -42.43 -57.67 0.19
C VAL A 194 -42.24 -58.87 1.11
N ALA A 195 -43.34 -59.46 1.53
CA ALA A 195 -43.35 -60.65 2.38
C ALA A 195 -42.65 -61.84 1.70
N LYS A 196 -42.96 -62.08 0.43
CA LYS A 196 -42.32 -63.18 -0.30
C LYS A 196 -40.83 -62.94 -0.45
N ALA A 197 -40.43 -61.68 -0.53
CA ALA A 197 -39.00 -61.35 -0.60
C ALA A 197 -38.29 -61.49 0.75
N GLY A 198 -39.04 -61.65 1.82
CA GLY A 198 -38.46 -61.95 3.14
C GLY A 198 -37.73 -60.82 3.85
N LEU A 199 -38.17 -59.57 3.68
CA LEU A 199 -37.56 -58.47 4.41
C LEU A 199 -37.80 -58.70 5.90
N PRO A 200 -36.87 -58.24 6.76
CA PRO A 200 -37.02 -58.46 8.21
C PRO A 200 -38.35 -57.87 8.70
N LYS A 201 -38.93 -58.45 9.73
CA LYS A 201 -40.23 -57.98 10.21
C LYS A 201 -40.18 -56.51 10.64
N GLY A 202 -41.23 -55.76 10.32
CA GLY A 202 -41.34 -54.37 10.75
C GLY A 202 -40.65 -53.38 9.81
N VAL A 203 -39.80 -53.87 8.92
CA VAL A 203 -39.10 -52.97 8.00
C VAL A 203 -40.07 -52.33 7.03
N PHE A 204 -41.08 -53.10 6.63
CA PHE A 204 -42.18 -52.62 5.78
C PHE A 204 -43.52 -53.00 6.39
N ASN A 205 -44.43 -52.04 6.50
CA ASN A 205 -45.77 -52.28 7.04
C ASN A 205 -46.85 -51.63 6.18
N LEU A 206 -47.95 -52.37 5.99
CA LEU A 206 -49.11 -51.90 5.25
C LEU A 206 -50.31 -51.70 6.17
N VAL A 207 -50.92 -50.51 6.14
CA VAL A 207 -52.14 -50.27 6.90
C VAL A 207 -53.21 -49.71 5.97
N ILE A 208 -54.29 -50.46 5.77
CA ILE A 208 -55.35 -50.07 4.85
C ILE A 208 -56.47 -49.40 5.64
N GLY A 209 -56.73 -48.13 5.34
CA GLY A 209 -57.74 -47.37 6.07
C GLY A 209 -57.90 -45.93 5.62
N PRO A 210 -58.89 -45.24 6.18
CA PRO A 210 -59.22 -43.86 5.81
C PRO A 210 -58.05 -42.89 6.03
N GLY A 211 -57.76 -42.08 5.02
CA GLY A 211 -56.81 -40.99 5.15
C GLY A 211 -56.91 -40.13 6.41
N PRO A 212 -58.09 -39.55 6.69
CA PRO A 212 -58.20 -38.68 7.88
C PRO A 212 -58.04 -39.39 9.23
N VAL A 213 -57.89 -40.71 9.21
CA VAL A 213 -57.70 -41.46 10.44
C VAL A 213 -56.30 -42.09 10.50
N VAL A 214 -56.06 -43.06 9.65
CA VAL A 214 -54.77 -43.76 9.58
C VAL A 214 -53.67 -42.83 9.08
N GLY A 215 -53.95 -42.13 7.97
CA GLY A 215 -53.01 -41.16 7.45
C GLY A 215 -52.65 -40.09 8.48
N GLU A 216 -53.66 -39.53 9.15
CA GLU A 216 -53.39 -38.48 10.12
C GLU A 216 -52.54 -38.98 11.28
N GLU A 217 -52.79 -40.23 11.71
CA GLU A 217 -51.98 -40.80 12.77
C GLU A 217 -50.52 -40.91 12.33
N ILE A 218 -50.29 -41.35 11.09
CA ILE A 218 -48.94 -41.41 10.55
C ILE A 218 -48.28 -40.03 10.52
N VAL A 219 -49.02 -39.02 10.11
CA VAL A 219 -48.47 -37.67 9.94
C VAL A 219 -48.18 -36.99 11.29
N THR A 220 -48.91 -37.38 12.34
CA THR A 220 -48.76 -36.71 13.63
C THR A 220 -47.96 -37.47 14.67
N HIS A 221 -47.59 -38.72 14.39
CA HIS A 221 -46.90 -39.55 15.39
C HIS A 221 -45.45 -39.14 15.60
N LYS A 222 -45.00 -39.14 16.86
CA LYS A 222 -43.65 -38.66 17.13
C LYS A 222 -42.55 -39.61 16.66
N ARG A 223 -42.86 -40.87 16.42
CA ARG A 223 -41.81 -41.80 15.98
C ARG A 223 -41.67 -41.86 14.45
N VAL A 224 -42.48 -41.10 13.73
CA VAL A 224 -42.31 -41.01 12.28
C VAL A 224 -41.39 -39.83 11.97
N ALA A 225 -40.32 -40.07 11.21
CA ALA A 225 -39.35 -39.00 10.89
C ALA A 225 -39.69 -38.16 9.65
N HIS A 226 -40.40 -38.76 8.70
CA HIS A 226 -40.59 -38.15 7.39
C HIS A 226 -41.87 -38.70 6.77
N VAL A 227 -42.59 -37.87 6.03
CA VAL A 227 -43.75 -38.35 5.25
C VAL A 227 -43.57 -38.00 3.81
N THR A 228 -43.67 -39.00 2.93
CA THR A 228 -43.70 -38.68 1.51
C THR A 228 -45.11 -38.96 1.02
N PHE A 229 -45.68 -37.97 0.34
CA PHE A 229 -47.09 -37.93 0.03
C PHE A 229 -47.32 -37.52 -1.41
N THR A 230 -48.23 -38.21 -2.08
CA THR A 230 -48.71 -37.78 -3.39
C THR A 230 -50.23 -37.72 -3.36
N GLY A 231 -50.79 -36.58 -3.75
CA GLY A 231 -52.23 -36.39 -3.73
C GLY A 231 -52.63 -34.96 -4.05
N GLU A 232 -53.79 -34.52 -3.56
CA GLU A 232 -54.26 -33.18 -3.88
C GLU A 232 -53.54 -32.11 -3.09
N SER A 233 -53.45 -30.92 -3.69
CA SER A 233 -52.73 -29.81 -3.08
C SER A 233 -53.31 -29.45 -1.72
N SER A 234 -54.63 -29.51 -1.60
CA SER A 234 -55.28 -29.19 -0.34
C SER A 234 -54.91 -30.21 0.75
N THR A 235 -54.88 -31.50 0.39
CA THR A 235 -54.46 -32.52 1.36
C THR A 235 -53.02 -32.27 1.80
N GLY A 236 -52.18 -31.94 0.82
CA GLY A 236 -50.77 -31.69 1.06
C GLY A 236 -50.53 -30.55 2.03
N ARG A 237 -51.29 -29.48 1.89
N ARG A 237 -51.30 -29.48 1.91
CA ARG A 237 -51.22 -28.36 2.79
CA ARG A 237 -51.20 -28.34 2.80
C ARG A 237 -51.57 -28.78 4.19
C ARG A 237 -51.64 -28.70 4.22
N GLU A 238 -52.58 -29.61 4.31
CA GLU A 238 -53.00 -30.07 5.63
C GLU A 238 -51.93 -30.95 6.28
N ILE A 239 -51.35 -31.84 5.49
CA ILE A 239 -50.32 -32.74 5.97
C ILE A 239 -49.09 -31.95 6.39
N ALA A 240 -48.71 -30.97 5.57
CA ALA A 240 -47.57 -30.12 5.88
C ALA A 240 -47.73 -29.44 7.22
N ALA A 241 -48.95 -28.96 7.50
CA ALA A 241 -49.23 -28.25 8.74
C ALA A 241 -49.19 -29.19 9.94
N LYS A 242 -49.80 -30.37 9.80
CA LYS A 242 -49.80 -31.34 10.88
C LYS A 242 -48.41 -31.89 11.17
N ALA A 243 -47.58 -32.00 10.13
CA ALA A 243 -46.22 -32.51 10.25
C ALA A 243 -45.33 -31.62 11.12
N ALA A 244 -45.66 -30.33 11.16
CA ALA A 244 -44.87 -29.35 11.90
C ALA A 244 -44.79 -29.62 13.40
N GLY A 245 -45.85 -30.24 13.92
CA GLY A 245 -45.94 -30.53 15.34
C GLY A 245 -44.76 -31.31 15.90
N THR A 246 -44.20 -32.21 15.10
CA THR A 246 -43.05 -32.97 15.55
C THR A 246 -41.82 -32.64 14.71
N LEU A 247 -41.92 -31.59 13.89
CA LEU A 247 -40.81 -31.19 13.01
C LEU A 247 -40.37 -32.30 12.06
N LYS A 248 -41.30 -33.10 11.55
CA LYS A 248 -40.93 -34.09 10.55
C LYS A 248 -40.88 -33.41 9.19
N THR A 249 -39.96 -33.85 8.36
CA THR A 249 -39.83 -33.30 7.01
C THR A 249 -40.85 -34.01 6.11
N VAL A 250 -41.16 -33.41 4.96
CA VAL A 250 -42.13 -33.97 4.02
C VAL A 250 -41.64 -33.87 2.58
N THR A 251 -42.11 -34.81 1.76
CA THR A 251 -42.00 -34.69 0.32
C THR A 251 -43.43 -34.65 -0.20
N LEU A 252 -43.78 -33.64 -1.00
CA LEU A 252 -45.16 -33.50 -1.47
C LEU A 252 -45.23 -33.34 -2.99
N GLU A 253 -45.90 -34.25 -3.64
CA GLU A 253 -46.15 -34.07 -5.07
C GLU A 253 -47.65 -33.90 -5.20
N LEU A 254 -48.10 -32.70 -5.61
CA LEU A 254 -49.49 -32.30 -5.46
C LEU A 254 -49.93 -32.18 -6.92
C LEU A 254 -50.31 -32.04 -6.72
N GLY A 255 -50.99 -31.44 -7.24
N GLY A 255 -49.96 -32.65 -7.83
CA GLY A 255 -51.48 -31.46 -8.61
CA GLY A 255 -50.72 -32.43 -9.06
C GLY A 255 -50.60 -30.75 -9.63
C GLY A 255 -50.18 -31.27 -9.86
N GLY A 256 -50.91 -30.92 -10.92
CA GLY A 256 -50.35 -30.05 -11.93
C GLY A 256 -51.45 -29.56 -12.83
N SER A 257 -51.19 -28.46 -13.53
CA SER A 257 -52.02 -28.06 -14.64
C SER A 257 -51.06 -27.77 -15.79
N ASP A 258 -50.37 -28.81 -16.25
CA ASP A 258 -49.25 -28.65 -17.17
C ASP A 258 -49.66 -28.05 -18.52
N PRO A 259 -48.90 -27.05 -18.99
CA PRO A 259 -49.11 -26.50 -20.33
C PRO A 259 -48.43 -27.33 -21.44
N LEU A 260 -49.14 -27.54 -22.54
CA LEU A 260 -48.52 -28.06 -23.75
C LEU A 260 -48.58 -26.97 -24.81
N ILE A 261 -47.43 -26.38 -25.11
CA ILE A 261 -47.31 -25.24 -26.01
C ILE A 261 -46.89 -25.71 -27.38
N ILE A 262 -47.66 -25.33 -28.40
CA ILE A 262 -47.44 -25.77 -29.76
C ILE A 262 -47.21 -24.57 -30.66
N LEU A 263 -46.02 -24.49 -31.26
CA LEU A 263 -45.66 -23.30 -32.03
C LEU A 263 -45.98 -23.50 -33.50
N ASP A 264 -45.75 -22.47 -34.32
CA ASP A 264 -46.26 -22.48 -35.68
C ASP A 264 -45.38 -23.26 -36.66
N ASP A 265 -44.18 -23.65 -36.24
CA ASP A 265 -43.27 -24.36 -37.13
C ASP A 265 -43.30 -25.89 -36.99
N VAL A 266 -44.29 -26.42 -36.30
CA VAL A 266 -44.32 -27.87 -36.06
C VAL A 266 -44.86 -28.68 -37.23
N ASP A 267 -44.60 -29.98 -37.20
CA ASP A 267 -45.37 -30.95 -37.94
C ASP A 267 -46.73 -31.01 -37.25
N VAL A 268 -47.75 -30.42 -37.88
CA VAL A 268 -49.03 -30.25 -37.20
C VAL A 268 -49.70 -31.59 -36.86
N ASP A 269 -49.62 -32.54 -37.78
CA ASP A 269 -50.25 -33.84 -37.55
C ASP A 269 -49.57 -34.59 -36.39
N TYR A 270 -48.24 -34.53 -36.34
CA TYR A 270 -47.53 -35.17 -35.23
C TYR A 270 -47.88 -34.48 -33.92
N ALA A 271 -47.94 -33.15 -33.94
CA ALA A 271 -48.28 -32.36 -32.76
C ALA A 271 -49.63 -32.78 -32.20
N ALA A 272 -50.57 -33.09 -33.09
CA ALA A 272 -51.90 -33.47 -32.68
C ALA A 272 -51.90 -34.87 -32.06
N ARG A 273 -51.16 -35.78 -32.69
CA ARG A 273 -51.03 -37.14 -32.17
C ARG A 273 -50.39 -37.09 -30.77
N LEU A 274 -49.30 -36.34 -30.66
CA LEU A 274 -48.63 -36.18 -29.38
C LEU A 274 -49.58 -35.59 -28.33
N ALA A 275 -50.29 -34.52 -28.71
CA ALA A 275 -51.18 -33.82 -27.78
C ALA A 275 -52.31 -34.70 -27.29
N VAL A 276 -52.87 -35.53 -28.16
CA VAL A 276 -53.94 -36.44 -27.74
C VAL A 276 -53.45 -37.41 -26.65
N PHE A 277 -52.29 -38.01 -26.90
CA PHE A 277 -51.67 -38.91 -25.92
C PHE A 277 -51.38 -38.18 -24.60
N ALA A 278 -50.71 -37.04 -24.68
CA ALA A 278 -50.32 -36.30 -23.49
C ALA A 278 -51.51 -35.84 -22.66
N SER A 279 -52.59 -35.43 -23.32
CA SER A 279 -53.72 -34.82 -22.62
C SER A 279 -54.78 -35.81 -22.16
N LEU A 280 -54.83 -37.00 -22.74
CA LEU A 280 -55.95 -37.90 -22.49
C LEU A 280 -55.60 -39.32 -22.03
N PHE A 281 -54.32 -39.68 -22.03
CA PHE A 281 -53.92 -40.99 -21.52
C PHE A 281 -54.36 -41.14 -20.06
N HIS A 282 -54.78 -42.36 -19.72
CA HIS A 282 -55.45 -42.71 -18.46
C HIS A 282 -56.58 -41.73 -18.13
N GLN A 283 -57.34 -41.38 -19.15
CA GLN A 283 -58.49 -40.49 -19.00
C GLN A 283 -58.10 -39.14 -18.43
N GLY A 284 -56.85 -38.73 -18.64
CA GLY A 284 -56.36 -37.46 -18.14
C GLY A 284 -56.10 -37.47 -16.64
N GLN A 285 -56.20 -38.64 -16.01
CA GLN A 285 -55.96 -38.77 -14.56
C GLN A 285 -54.48 -38.97 -14.23
N ILE A 286 -53.66 -37.99 -14.62
CA ILE A 286 -52.21 -38.04 -14.45
C ILE A 286 -51.78 -36.67 -13.95
N CYS A 287 -50.93 -36.61 -12.93
CA CYS A 287 -50.51 -35.32 -12.39
C CYS A 287 -49.78 -34.47 -13.44
N THR A 288 -49.07 -35.12 -14.36
CA THR A 288 -48.37 -34.42 -15.44
C THR A 288 -49.06 -34.56 -16.80
N SER A 289 -50.36 -34.83 -16.78
CA SER A 289 -51.19 -34.74 -17.99
C SER A 289 -51.04 -33.37 -18.64
N ALA A 290 -51.13 -33.30 -19.97
CA ALA A 290 -51.18 -32.02 -20.64
C ALA A 290 -52.59 -31.46 -20.47
N LYS A 291 -52.79 -30.66 -19.42
CA LYS A 291 -54.14 -30.25 -19.02
C LYS A 291 -54.59 -28.95 -19.70
N ARG A 292 -53.64 -28.15 -20.18
CA ARG A 292 -53.95 -26.91 -20.89
C ARG A 292 -53.15 -26.84 -22.18
N ILE A 293 -53.84 -27.00 -23.31
CA ILE A 293 -53.20 -26.99 -24.61
C ILE A 293 -53.17 -25.57 -25.19
N ILE A 294 -51.98 -25.11 -25.57
CA ILE A 294 -51.77 -23.71 -25.97
C ILE A 294 -51.13 -23.68 -27.36
N VAL A 295 -51.87 -23.18 -28.35
CA VAL A 295 -51.49 -23.28 -29.76
C VAL A 295 -51.33 -21.93 -30.44
N HIS A 296 -50.28 -21.80 -31.24
CA HIS A 296 -49.99 -20.59 -32.00
C HIS A 296 -51.04 -20.39 -33.09
N LYS A 297 -51.53 -19.16 -33.24
CA LYS A 297 -52.66 -18.93 -34.16
C LYS A 297 -52.39 -19.33 -35.62
N ALA A 298 -51.13 -19.34 -36.05
CA ALA A 298 -50.79 -19.67 -37.42
C ALA A 298 -51.07 -21.13 -37.78
N VAL A 299 -51.16 -22.00 -36.78
CA VAL A 299 -51.45 -23.40 -37.05
C VAL A 299 -52.65 -23.89 -36.27
N ALA A 300 -53.27 -22.97 -35.55
CA ALA A 300 -54.37 -23.28 -34.64
C ALA A 300 -55.53 -23.98 -35.34
N ASP A 301 -55.90 -23.53 -36.54
CA ASP A 301 -57.03 -24.14 -37.21
C ASP A 301 -56.76 -25.59 -37.61
N LYS A 302 -55.62 -25.83 -38.26
CA LYS A 302 -55.26 -27.19 -38.66
C LYS A 302 -55.01 -28.09 -37.45
N PHE A 303 -54.40 -27.52 -36.41
CA PHE A 303 -54.15 -28.31 -35.21
C PHE A 303 -55.44 -28.78 -34.57
N ILE A 304 -56.39 -27.85 -34.39
CA ILE A 304 -57.65 -28.19 -33.74
C ILE A 304 -58.41 -29.25 -34.53
N GLU A 305 -58.50 -29.07 -35.85
CA GLU A 305 -59.13 -30.06 -36.71
C GLU A 305 -58.47 -31.43 -36.56
N ARG A 306 -57.13 -31.44 -36.52
CA ARG A 306 -56.40 -32.70 -36.42
C ARG A 306 -56.55 -33.36 -35.05
N TYR A 307 -56.47 -32.55 -34.00
CA TYR A 307 -56.62 -33.04 -32.64
C TYR A 307 -57.98 -33.69 -32.45
N VAL A 308 -59.03 -33.00 -32.92
CA VAL A 308 -60.38 -33.52 -32.81
C VAL A 308 -60.53 -34.79 -33.62
N HIS A 309 -59.90 -34.81 -34.80
CA HIS A 309 -59.94 -35.98 -35.67
C HIS A 309 -59.46 -37.25 -34.95
N TYR A 310 -58.32 -37.16 -34.25
CA TYR A 310 -57.77 -38.32 -33.53
C TYR A 310 -58.53 -38.63 -32.26
N VAL A 311 -59.00 -37.58 -31.56
CA VAL A 311 -59.86 -37.80 -30.38
C VAL A 311 -61.12 -38.60 -30.73
N LYS A 312 -61.66 -38.35 -31.92
CA LYS A 312 -62.82 -39.12 -32.40
C LYS A 312 -62.55 -40.60 -32.47
N MET A 313 -61.28 -40.95 -32.71
CA MET A 313 -60.86 -42.34 -32.87
C MET A 313 -60.73 -43.10 -31.54
N LEU A 314 -60.69 -42.38 -30.43
CA LEU A 314 -60.46 -43.00 -29.13
C LEU A 314 -61.56 -43.98 -28.76
N ARG A 315 -61.16 -45.19 -28.42
CA ARG A 315 -62.11 -46.21 -28.04
C ARG A 315 -62.25 -46.31 -26.51
N ILE A 316 -63.45 -46.03 -26.01
CA ILE A 316 -63.79 -46.14 -24.59
C ILE A 316 -64.57 -47.41 -24.34
N ASP A 317 -64.14 -48.22 -23.37
CA ASP A 317 -64.77 -49.50 -23.15
C ASP A 317 -64.33 -50.10 -21.83
N ASP A 318 -64.99 -51.19 -21.43
CA ASP A 318 -64.49 -52.05 -20.37
C ASP A 318 -63.02 -52.39 -20.67
N PRO A 319 -62.11 -51.95 -19.80
CA PRO A 319 -60.69 -52.18 -20.11
C PRO A 319 -60.28 -53.66 -20.02
N ARG A 320 -61.16 -54.52 -19.53
CA ARG A 320 -60.87 -55.96 -19.54
C ARG A 320 -61.15 -56.61 -20.89
N LYS A 321 -61.86 -55.90 -21.76
CA LYS A 321 -62.36 -56.48 -23.01
C LYS A 321 -61.23 -56.97 -23.91
N ASP A 322 -60.23 -56.12 -24.13
CA ASP A 322 -59.09 -56.49 -24.99
C ASP A 322 -57.94 -55.49 -24.82
N GLU A 323 -56.82 -55.80 -25.46
CA GLU A 323 -55.59 -55.06 -25.24
C GLU A 323 -55.55 -53.70 -25.93
N LYS A 324 -56.55 -53.43 -26.77
CA LYS A 324 -56.50 -52.22 -27.60
C LYS A 324 -57.44 -51.10 -27.14
N VAL A 325 -58.20 -51.31 -26.07
CA VAL A 325 -59.05 -50.25 -25.50
C VAL A 325 -58.21 -49.01 -25.17
N ASP A 326 -58.66 -47.82 -25.57
CA ASP A 326 -57.88 -46.60 -25.35
C ASP A 326 -58.11 -45.97 -23.98
N LEU A 327 -59.36 -45.97 -23.54
CA LEU A 327 -59.73 -45.33 -22.27
C LEU A 327 -60.67 -46.20 -21.48
N GLY A 328 -60.41 -46.32 -20.18
CA GLY A 328 -61.33 -46.95 -19.25
C GLY A 328 -62.17 -45.89 -18.55
N PRO A 329 -62.81 -46.27 -17.45
CA PRO A 329 -63.62 -45.34 -16.68
C PRO A 329 -62.78 -44.44 -15.78
N LEU A 330 -63.42 -43.42 -15.22
CA LEU A 330 -62.82 -42.69 -14.10
C LEU A 330 -62.95 -43.56 -12.84
N ILE A 331 -62.25 -43.20 -11.76
CA ILE A 331 -62.17 -44.09 -10.61
C ILE A 331 -63.48 -44.23 -9.83
N ASN A 332 -64.29 -43.18 -9.77
CA ASN A 332 -65.57 -43.27 -9.05
C ASN A 332 -66.60 -42.25 -9.53
N GLU A 333 -67.78 -42.26 -8.91
CA GLU A 333 -68.88 -41.42 -9.36
C GLU A 333 -68.64 -39.95 -9.02
N ARG A 334 -67.88 -39.71 -7.97
CA ARG A 334 -67.53 -38.36 -7.58
C ARG A 334 -66.70 -37.66 -8.67
N GLN A 335 -65.82 -38.40 -9.33
CA GLN A 335 -65.03 -37.83 -10.42
C GLN A 335 -65.92 -37.50 -11.62
N VAL A 336 -66.88 -38.38 -11.92
CA VAL A 336 -67.80 -38.10 -13.02
C VAL A 336 -68.59 -36.81 -12.75
N ALA A 337 -69.12 -36.69 -11.54
CA ALA A 337 -69.86 -35.49 -11.15
C ALA A 337 -69.00 -34.23 -11.26
N LEU A 338 -67.74 -34.33 -10.86
CA LEU A 338 -66.84 -33.19 -10.95
C LEU A 338 -66.55 -32.82 -12.40
N MET A 339 -66.30 -33.81 -13.26
CA MET A 339 -66.09 -33.53 -14.68
C MET A 339 -67.34 -32.89 -15.31
N LYS A 340 -68.53 -33.32 -14.87
CA LYS A 340 -69.78 -32.68 -15.31
C LYS A 340 -69.81 -31.19 -14.95
N GLU A 341 -69.39 -30.85 -13.73
CA GLU A 341 -69.30 -29.45 -13.33
C GLU A 341 -68.34 -28.69 -14.22
N PHE A 342 -67.23 -29.33 -14.60
CA PHE A 342 -66.23 -28.64 -15.43
C PHE A 342 -66.80 -28.34 -16.81
N VAL A 343 -67.48 -29.32 -17.39
CA VAL A 343 -68.06 -29.15 -18.72
C VAL A 343 -69.16 -28.09 -18.67
N ASP A 344 -70.07 -28.22 -17.70
CA ASP A 344 -71.20 -27.29 -17.57
C ASP A 344 -70.73 -25.85 -17.36
N ASP A 345 -69.70 -25.67 -16.53
CA ASP A 345 -69.15 -24.35 -16.28
C ASP A 345 -68.58 -23.75 -17.56
N ALA A 346 -67.87 -24.57 -18.34
CA ALA A 346 -67.25 -24.08 -19.56
C ALA A 346 -68.31 -23.67 -20.59
N VAL A 347 -69.36 -24.48 -20.70
CA VAL A 347 -70.40 -24.20 -21.68
C VAL A 347 -71.15 -22.92 -21.31
N SER A 348 -71.50 -22.77 -20.04
CA SER A 348 -72.28 -21.61 -19.63
C SER A 348 -71.46 -20.32 -19.69
N ARG A 349 -70.14 -20.46 -19.76
CA ARG A 349 -69.28 -19.28 -19.85
C ARG A 349 -69.03 -18.89 -21.30
N GLY A 350 -69.65 -19.62 -22.23
CA GLY A 350 -69.51 -19.27 -23.64
C GLY A 350 -68.49 -20.11 -24.38
N GLY A 351 -67.91 -21.09 -23.69
CA GLY A 351 -66.94 -21.96 -24.31
C GLY A 351 -67.58 -22.84 -25.38
N ARG A 352 -66.80 -23.17 -26.40
CA ARG A 352 -67.27 -23.99 -27.50
C ARG A 352 -66.83 -25.44 -27.35
N LEU A 353 -67.80 -26.33 -27.12
CA LEU A 353 -67.56 -27.76 -27.01
C LEU A 353 -67.37 -28.38 -28.37
N LEU A 354 -66.13 -28.67 -28.75
CA LEU A 354 -65.81 -29.19 -30.08
C LEU A 354 -66.25 -30.64 -30.25
N ILE A 355 -66.18 -31.41 -29.17
CA ILE A 355 -66.44 -32.84 -29.26
C ILE A 355 -66.58 -33.43 -27.86
N GLY A 356 -67.41 -34.47 -27.75
CA GLY A 356 -67.52 -35.23 -26.53
C GLY A 356 -68.55 -34.72 -25.55
N GLY A 357 -68.47 -35.19 -24.30
CA GLY A 357 -69.40 -34.73 -23.29
C GLY A 357 -70.32 -35.74 -22.65
N ARG A 358 -70.45 -36.93 -23.22
CA ARG A 358 -71.35 -37.91 -22.62
C ARG A 358 -70.66 -38.70 -21.51
N SER A 359 -71.45 -39.18 -20.56
CA SER A 359 -70.97 -40.06 -19.51
C SER A 359 -72.00 -41.13 -19.21
N TRP A 360 -71.54 -42.24 -18.62
CA TRP A 360 -72.42 -43.33 -18.21
C TRP A 360 -71.68 -44.16 -17.16
N GLY A 361 -72.33 -44.45 -16.05
CA GLY A 361 -71.65 -45.06 -14.93
C GLY A 361 -70.43 -44.23 -14.56
N ASN A 362 -69.27 -44.86 -14.52
CA ASN A 362 -68.05 -44.14 -14.16
C ASN A 362 -67.26 -43.72 -15.39
N PHE A 363 -67.81 -44.01 -16.57
CA PHE A 363 -67.17 -43.64 -17.83
C PHE A 363 -67.46 -42.19 -18.20
N PHE A 364 -66.45 -41.49 -18.72
CA PHE A 364 -66.61 -40.10 -19.11
C PHE A 364 -65.80 -39.86 -20.37
N GLU A 365 -66.46 -39.40 -21.44
CA GLU A 365 -65.77 -39.15 -22.69
C GLU A 365 -64.88 -37.93 -22.61
N PRO A 366 -63.80 -37.93 -23.42
CA PRO A 366 -63.07 -36.69 -23.65
C PRO A 366 -64.02 -35.54 -24.04
N ALA A 367 -63.80 -34.37 -23.46
CA ALA A 367 -64.62 -33.20 -23.74
C ALA A 367 -63.66 -32.06 -24.01
N ILE A 368 -63.62 -31.63 -25.26
CA ILE A 368 -62.64 -30.67 -25.71
C ILE A 368 -63.28 -29.31 -25.97
N PHE A 369 -62.67 -28.25 -25.43
CA PHE A 369 -63.16 -26.89 -25.57
C PHE A 369 -62.19 -25.91 -26.24
N VAL A 370 -62.75 -25.00 -27.04
CA VAL A 370 -62.04 -23.79 -27.44
C VAL A 370 -62.85 -22.56 -27.04
N ASP A 371 -62.39 -21.38 -27.42
CA ASP A 371 -63.04 -20.11 -27.07
C ASP A 371 -63.20 -20.03 -25.56
N VAL A 372 -62.08 -20.13 -24.88
CA VAL A 372 -62.04 -20.25 -23.43
C VAL A 372 -61.44 -18.95 -22.91
N ASP A 373 -61.67 -18.58 -21.64
CA ASP A 373 -60.85 -17.52 -21.06
C ASP A 373 -60.37 -17.90 -19.66
N ARG A 374 -59.59 -17.03 -19.02
CA ARG A 374 -58.90 -17.41 -17.80
C ARG A 374 -59.82 -17.63 -16.59
N ASN A 375 -61.10 -17.25 -16.71
CA ASN A 375 -62.00 -17.45 -15.57
C ASN A 375 -62.73 -18.80 -15.61
N PHE A 376 -62.62 -19.54 -16.72
CA PHE A 376 -63.15 -20.92 -16.79
C PHE A 376 -62.54 -21.79 -15.70
N ARG A 377 -63.34 -22.64 -15.08
CA ARG A 377 -62.82 -23.54 -14.06
C ARG A 377 -61.72 -24.45 -14.62
N ILE A 378 -61.84 -24.83 -15.89
CA ILE A 378 -60.85 -25.74 -16.49
C ILE A 378 -59.54 -25.03 -16.85
N MET A 379 -59.46 -23.73 -16.56
CA MET A 379 -58.20 -22.99 -16.66
C MET A 379 -57.62 -22.66 -15.28
N ARG A 380 -58.47 -22.65 -14.26
CA ARG A 380 -58.08 -22.21 -12.92
C ARG A 380 -57.79 -23.36 -11.97
N GLU A 381 -58.33 -24.53 -12.26
CA GLU A 381 -58.19 -25.68 -11.36
C GLU A 381 -57.52 -26.83 -12.08
N GLU A 382 -56.92 -27.73 -11.31
CA GLU A 382 -56.45 -28.98 -11.88
C GLU A 382 -57.66 -29.78 -12.33
N VAL A 383 -57.66 -30.19 -13.58
CA VAL A 383 -58.74 -31.02 -14.12
C VAL A 383 -58.25 -32.45 -14.26
N PHE A 384 -58.51 -33.25 -13.23
CA PHE A 384 -57.96 -34.58 -13.13
C PHE A 384 -58.89 -35.57 -13.82
N GLY A 385 -59.05 -35.40 -15.15
CA GLY A 385 -60.06 -36.09 -15.92
C GLY A 385 -60.00 -35.62 -17.36
N PRO A 386 -60.87 -36.15 -18.23
CA PRO A 386 -60.63 -35.92 -19.66
C PRO A 386 -61.32 -34.68 -20.24
N VAL A 387 -61.29 -33.57 -19.52
CA VAL A 387 -61.83 -32.32 -20.02
C VAL A 387 -60.67 -31.38 -20.28
N ARG A 388 -60.53 -30.95 -21.53
CA ARG A 388 -59.32 -30.21 -21.94
C ARG A 388 -59.65 -28.94 -22.73
N PRO A 389 -59.12 -27.80 -22.28
CA PRO A 389 -59.18 -26.56 -23.04
C PRO A 389 -58.05 -26.42 -24.05
N ILE A 390 -58.36 -25.84 -25.21
CA ILE A 390 -57.37 -25.39 -26.18
C ILE A 390 -57.41 -23.88 -26.24
N VAL A 391 -56.27 -23.24 -26.02
CA VAL A 391 -56.17 -21.79 -26.03
C VAL A 391 -55.29 -21.35 -27.21
N VAL A 392 -55.76 -20.37 -27.96
CA VAL A 392 -55.03 -19.85 -29.12
C VAL A 392 -54.28 -18.59 -28.72
N VAL A 393 -53.03 -18.49 -29.13
CA VAL A 393 -52.23 -17.34 -28.72
C VAL A 393 -51.56 -16.73 -29.95
N GLU A 394 -51.19 -15.46 -29.87
CA GLU A 394 -50.69 -14.77 -31.05
C GLU A 394 -49.19 -14.86 -31.24
N ASN A 395 -48.46 -15.03 -30.14
CA ASN A 395 -47.01 -15.12 -30.18
C ASN A 395 -46.46 -15.91 -28.99
N ASP A 396 -45.14 -16.00 -28.88
CA ASP A 396 -44.50 -16.77 -27.81
C ASP A 396 -44.64 -16.09 -26.44
N ASP A 397 -44.66 -14.76 -26.42
CA ASP A 397 -44.86 -14.04 -25.17
C ASP A 397 -46.20 -14.41 -24.56
N GLN A 398 -47.22 -14.50 -25.40
CA GLN A 398 -48.54 -14.87 -24.95
C GLN A 398 -48.58 -16.33 -24.53
N ALA A 399 -47.88 -17.18 -25.28
CA ALA A 399 -47.79 -18.59 -24.94
C ALA A 399 -47.34 -18.75 -23.49
N VAL A 400 -46.28 -18.02 -23.14
CA VAL A 400 -45.68 -18.09 -21.80
C VAL A 400 -46.59 -17.49 -20.73
N GLU A 401 -47.21 -16.36 -21.04
CA GLU A 401 -48.12 -15.72 -20.10
C GLU A 401 -49.25 -16.69 -19.73
N VAL A 402 -49.89 -17.29 -20.72
CA VAL A 402 -50.96 -18.24 -20.46
C VAL A 402 -50.45 -19.47 -19.71
N ALA A 403 -49.29 -19.97 -20.13
CA ALA A 403 -48.71 -21.17 -19.53
C ALA A 403 -48.45 -20.96 -18.05
N ASN A 404 -47.96 -19.77 -17.69
CA ASN A 404 -47.66 -19.44 -16.30
C ASN A 404 -48.85 -18.94 -15.47
N ASP A 405 -49.99 -18.75 -16.11
CA ASP A 405 -51.19 -18.22 -15.45
C ASP A 405 -51.95 -19.37 -14.79
N THR A 406 -51.31 -19.95 -13.77
CA THR A 406 -51.87 -21.09 -13.04
C THR A 406 -51.21 -21.11 -11.68
N ASP A 407 -51.87 -21.71 -10.70
CA ASP A 407 -51.25 -21.83 -9.39
C ASP A 407 -50.26 -22.99 -9.35
N TYR A 408 -50.37 -23.89 -10.32
CA TYR A 408 -49.55 -25.10 -10.36
C TYR A 408 -48.22 -24.89 -11.07
N GLY A 409 -47.36 -25.90 -11.03
CA GLY A 409 -46.03 -25.77 -11.59
C GLY A 409 -45.26 -27.08 -11.61
N LEU A 410 -45.91 -28.13 -12.13
CA LEU A 410 -45.30 -29.45 -12.09
C LEU A 410 -44.43 -29.66 -13.34
N SER A 411 -45.07 -29.90 -14.49
CA SER A 411 -44.30 -30.09 -15.73
C SER A 411 -44.84 -29.15 -16.82
N GLY A 412 -44.50 -29.46 -18.07
CA GLY A 412 -44.74 -28.54 -19.18
C GLY A 412 -43.96 -29.05 -20.38
N ALA A 413 -44.38 -28.64 -21.58
CA ALA A 413 -43.71 -29.04 -22.80
C ALA A 413 -43.89 -28.00 -23.89
N VAL A 414 -42.94 -27.92 -24.80
CA VAL A 414 -43.11 -27.11 -26.00
C VAL A 414 -42.78 -27.93 -27.25
N LEU A 415 -43.58 -27.78 -28.29
CA LEU A 415 -43.28 -28.39 -29.57
C LEU A 415 -42.89 -27.31 -30.56
N THR A 416 -41.69 -27.44 -31.13
CA THR A 416 -41.14 -26.49 -32.08
C THR A 416 -39.82 -27.03 -32.59
N ASN A 417 -39.40 -26.61 -33.78
CA ASN A 417 -38.13 -27.07 -34.30
C ASN A 417 -37.07 -25.99 -34.17
N ASN A 418 -37.45 -24.86 -33.62
CA ASN A 418 -36.55 -23.72 -33.45
C ASN A 418 -35.85 -23.78 -32.10
N VAL A 419 -34.53 -23.89 -32.12
CA VAL A 419 -33.77 -24.04 -30.89
C VAL A 419 -33.88 -22.80 -29.99
N ASN A 420 -33.93 -21.62 -30.58
CA ASN A 420 -34.04 -20.40 -29.79
C ASN A 420 -35.37 -20.26 -29.08
N ARG A 421 -36.45 -20.57 -29.79
CA ARG A 421 -37.77 -20.46 -29.19
C ARG A 421 -37.97 -21.53 -28.13
N ALA A 422 -37.44 -22.72 -28.40
CA ALA A 422 -37.60 -23.84 -27.48
C ALA A 422 -36.92 -23.53 -26.17
N PHE A 423 -35.70 -22.98 -26.23
CA PHE A 423 -34.95 -22.75 -24.99
C PHE A 423 -35.50 -21.56 -24.21
N ARG A 424 -35.93 -20.51 -24.92
CA ARG A 424 -36.47 -19.33 -24.24
CA ARG A 424 -36.48 -19.33 -24.24
C ARG A 424 -37.78 -19.63 -23.52
N ILE A 425 -38.62 -20.46 -24.14
CA ILE A 425 -39.88 -20.85 -23.55
C ILE A 425 -39.63 -21.80 -22.37
N ALA A 426 -38.72 -22.75 -22.54
CA ALA A 426 -38.39 -23.70 -21.46
C ALA A 426 -37.88 -22.97 -20.23
N GLU A 427 -37.09 -21.92 -20.44
CA GLU A 427 -36.57 -21.13 -19.33
C GLU A 427 -37.65 -20.30 -18.66
N ALA A 428 -38.63 -19.83 -19.43
CA ALA A 428 -39.63 -18.89 -18.91
C ALA A 428 -40.83 -19.56 -18.25
N VAL A 429 -41.12 -20.79 -18.67
CA VAL A 429 -42.23 -21.50 -18.05
C VAL A 429 -41.87 -21.90 -16.62
N GLU A 430 -42.78 -21.61 -15.69
CA GLU A 430 -42.53 -21.84 -14.27
C GLU A 430 -42.97 -23.24 -13.87
N SER A 431 -42.07 -24.22 -14.02
CA SER A 431 -42.39 -25.61 -13.70
C SER A 431 -41.18 -26.34 -13.14
N GLY A 432 -41.42 -27.40 -12.38
CA GLY A 432 -40.32 -28.17 -11.82
C GLY A 432 -39.65 -29.03 -12.87
N MET A 433 -40.36 -29.29 -13.97
CA MET A 433 -39.88 -30.16 -15.06
C MET A 433 -40.35 -29.59 -16.40
N PHE A 434 -39.57 -29.81 -17.46
CA PHE A 434 -39.97 -29.33 -18.77
C PHE A 434 -39.41 -30.20 -19.88
N HIS A 435 -40.22 -30.40 -20.92
CA HIS A 435 -39.82 -31.30 -22.00
C HIS A 435 -39.95 -30.66 -23.37
N ILE A 436 -38.85 -30.62 -24.13
CA ILE A 436 -38.87 -30.09 -25.48
C ILE A 436 -39.18 -31.21 -26.48
N ASN A 437 -40.23 -31.02 -27.28
CA ASN A 437 -40.68 -32.02 -28.24
C ASN A 437 -41.00 -33.41 -27.68
N ASP A 438 -41.68 -33.43 -26.54
CA ASP A 438 -42.16 -34.70 -25.99
C ASP A 438 -43.37 -34.42 -25.15
N VAL A 439 -44.00 -35.47 -24.63
CA VAL A 439 -45.16 -35.32 -23.76
C VAL A 439 -44.81 -34.71 -22.41
N THR A 440 -45.80 -34.09 -21.80
CA THR A 440 -45.62 -33.48 -20.47
C THR A 440 -45.35 -34.52 -19.39
N PHE A 441 -45.84 -35.75 -19.56
CA PHE A 441 -45.67 -36.73 -18.48
C PHE A 441 -44.45 -37.67 -18.61
N LEU A 442 -43.40 -37.25 -19.34
CA LEU A 442 -42.15 -38.04 -19.35
C LEU A 442 -41.70 -38.27 -17.91
N GLU A 443 -41.23 -39.47 -17.63
CA GLU A 443 -40.72 -39.81 -16.30
C GLU A 443 -39.73 -40.98 -16.40
N GLU A 444 -38.59 -40.82 -15.76
CA GLU A 444 -37.61 -41.91 -15.71
C GLU A 444 -37.40 -42.23 -14.22
N SER A 445 -36.83 -43.41 -13.93
CA SER A 445 -36.76 -43.90 -12.56
C SER A 445 -35.73 -43.15 -11.73
N HIS A 446 -34.80 -42.49 -12.39
CA HIS A 446 -33.65 -41.92 -11.68
C HIS A 446 -33.46 -40.41 -11.86
N VAL A 447 -34.51 -39.72 -12.33
CA VAL A 447 -34.49 -38.27 -12.55
C VAL A 447 -35.28 -37.56 -11.42
N PRO A 448 -34.99 -36.26 -11.19
CA PRO A 448 -35.74 -35.60 -10.12
C PRO A 448 -37.14 -35.20 -10.58
N PHE A 449 -38.13 -35.92 -10.07
CA PHE A 449 -39.53 -35.67 -10.40
C PHE A 449 -40.17 -34.84 -9.29
N GLY A 450 -40.78 -33.70 -9.65
CA GLY A 450 -41.44 -32.89 -8.64
C GLY A 450 -41.72 -31.51 -9.18
N GLY A 451 -42.44 -30.70 -8.42
CA GLY A 451 -42.87 -29.42 -8.94
C GLY A 451 -42.50 -28.22 -8.11
N ILE A 452 -43.02 -27.08 -8.53
CA ILE A 452 -42.89 -25.83 -7.77
C ILE A 452 -44.28 -25.24 -7.56
N LYS A 453 -44.36 -24.07 -6.93
CA LYS A 453 -45.64 -23.40 -6.68
C LYS A 453 -46.60 -24.37 -5.98
N ALA A 454 -47.83 -24.54 -6.45
CA ALA A 454 -48.78 -25.34 -5.68
C ALA A 454 -48.65 -26.83 -5.96
N SER A 455 -47.68 -27.18 -6.81
CA SER A 455 -47.50 -28.58 -7.17
C SER A 455 -46.65 -29.34 -6.16
N GLY A 456 -46.16 -28.64 -5.13
CA GLY A 456 -45.52 -29.33 -4.01
C GLY A 456 -44.07 -28.97 -3.75
N VAL A 457 -43.38 -29.82 -2.99
CA VAL A 457 -41.99 -29.58 -2.59
C VAL A 457 -41.19 -30.87 -2.66
N GLY A 458 -39.91 -30.77 -3.03
CA GLY A 458 -39.07 -31.95 -3.05
C GLY A 458 -39.06 -32.68 -4.39
N ARG A 459 -38.15 -33.63 -4.53
CA ARG A 459 -38.01 -34.39 -5.76
C ARG A 459 -37.87 -35.88 -5.43
N GLU A 460 -38.45 -36.73 -6.26
CA GLU A 460 -38.28 -38.17 -6.08
C GLU A 460 -37.78 -38.81 -7.35
N GLY A 461 -37.10 -39.94 -7.18
CA GLY A 461 -36.45 -40.61 -8.29
C GLY A 461 -34.97 -40.77 -7.98
N GLY A 462 -34.52 -42.02 -7.89
CA GLY A 462 -33.11 -42.31 -7.73
C GLY A 462 -32.51 -41.59 -6.53
N GLU A 463 -31.38 -40.92 -6.75
CA GLU A 463 -30.68 -40.28 -5.65
CA GLU A 463 -30.67 -40.27 -5.66
C GLU A 463 -31.46 -39.09 -5.09
N TRP A 464 -32.38 -38.53 -5.86
CA TRP A 464 -33.21 -37.44 -5.33
C TRP A 464 -34.15 -37.95 -4.24
N SER A 465 -34.68 -39.17 -4.40
CA SER A 465 -35.41 -39.82 -3.30
C SER A 465 -34.50 -39.98 -2.08
N PHE A 466 -33.25 -40.38 -2.31
CA PHE A 466 -32.29 -40.57 -1.21
C PHE A 466 -32.07 -39.24 -0.48
N HIS A 467 -31.92 -38.13 -1.24
CA HIS A 467 -31.77 -36.80 -0.61
C HIS A 467 -32.94 -36.52 0.32
N GLU A 468 -34.15 -36.91 -0.09
CA GLU A 468 -35.34 -36.60 0.72
C GLU A 468 -35.38 -37.39 2.02
N THR A 469 -34.81 -38.59 2.04
CA THR A 469 -35.01 -39.45 3.22
C THR A 469 -33.69 -39.83 3.88
N THR A 470 -32.69 -38.97 3.72
CA THR A 470 -31.48 -39.04 4.53
C THR A 470 -31.13 -37.65 5.03
N TYR A 471 -30.14 -37.57 5.91
CA TYR A 471 -29.59 -36.28 6.30
C TYR A 471 -28.07 -36.32 6.29
N ASP A 472 -27.46 -35.14 6.16
CA ASP A 472 -26.01 -34.99 6.17
C ASP A 472 -25.52 -34.97 7.62
N ARG A 473 -24.39 -35.61 7.85
CA ARG A 473 -23.80 -35.64 9.17
C ARG A 473 -22.32 -35.26 9.17
N TRP A 474 -22.04 -34.00 9.53
CA TRP A 474 -20.68 -33.47 9.55
C TRP A 474 -19.93 -34.04 10.75
N VAL A 475 -18.80 -34.68 10.49
CA VAL A 475 -17.96 -35.23 11.56
C VAL A 475 -16.53 -34.76 11.37
N THR A 476 -15.89 -34.35 12.46
CA THR A 476 -14.48 -33.98 12.40
C THR A 476 -13.61 -34.72 13.40
N VAL A 477 -12.33 -34.79 13.08
CA VAL A 477 -11.30 -35.22 13.99
C VAL A 477 -10.19 -34.16 14.06
N THR A 478 -9.88 -33.72 15.27
CA THR A 478 -8.84 -32.73 15.49
C THR A 478 -7.60 -33.41 16.06
N LEU A 479 -6.46 -33.22 15.40
CA LEU A 479 -5.28 -34.02 15.70
C LEU A 479 -4.22 -33.27 16.51
N ARG A 480 -4.53 -32.02 16.87
CA ARG A 480 -3.61 -31.24 17.70
C ARG A 480 -4.35 -30.57 18.84
N THR A 481 -3.66 -30.34 19.95
CA THR A 481 -4.26 -29.61 21.06
C THR A 481 -4.11 -28.12 20.79
N ARG A 482 -4.88 -27.31 21.48
CA ARG A 482 -4.69 -25.88 21.32
C ARG A 482 -5.08 -25.13 22.56
N ARG A 483 -4.70 -23.85 22.60
CA ARG A 483 -5.03 -23.00 23.72
C ARG A 483 -6.38 -22.36 23.48
N PHE A 484 -7.14 -22.12 24.55
CA PHE A 484 -8.48 -21.56 24.41
C PHE A 484 -8.53 -20.13 24.97
N PRO A 485 -9.48 -19.33 24.49
CA PRO A 485 -9.52 -17.92 24.87
C PRO A 485 -9.98 -17.65 26.31
N ILE A 486 -10.74 -18.55 26.91
CA ILE A 486 -11.11 -18.40 28.32
C ILE A 486 -10.63 -19.62 29.09
N PRO A 487 -10.19 -19.42 30.36
CA PRO A 487 -10.00 -18.12 31.03
C PRO A 487 -8.82 -17.36 30.44
N SER A 488 -8.98 -16.07 30.21
CA SER A 488 -7.91 -15.27 29.61
C SER A 488 -6.69 -15.14 30.49
N ALA A 489 -6.86 -15.35 31.79
CA ALA A 489 -5.76 -15.24 32.74
C ALA A 489 -4.68 -16.32 32.55
N LEU A 490 -5.02 -17.40 31.83
CA LEU A 490 -4.05 -18.47 31.57
C LEU A 490 -3.08 -18.16 30.42
N LYS A 491 -1.82 -18.52 30.62
N MET B 7 -29.11 7.93 18.82
CA MET B 7 -28.97 7.24 17.54
C MET B 7 -30.32 6.77 16.99
N LYS B 8 -30.53 7.00 15.69
CA LYS B 8 -31.77 6.58 15.06
C LYS B 8 -31.50 5.57 13.95
N VAL B 9 -32.28 4.50 13.96
CA VAL B 9 -32.10 3.38 13.06
C VAL B 9 -33.37 3.23 12.22
N ALA B 10 -33.24 2.77 10.98
CA ALA B 10 -34.39 2.71 10.08
C ALA B 10 -34.46 1.37 9.36
N ASN B 11 -35.59 1.10 8.72
CA ASN B 11 -35.70 -0.02 7.79
C ASN B 11 -34.92 0.28 6.51
N TYR B 12 -34.69 -0.76 5.71
CA TYR B 12 -34.08 -0.61 4.40
C TYR B 12 -34.94 -1.37 3.43
N ILE B 13 -35.73 -0.64 2.65
CA ILE B 13 -36.71 -1.21 1.76
C ILE B 13 -36.58 -0.63 0.36
N ASN B 14 -36.36 -1.50 -0.62
CA ASN B 14 -36.22 -1.11 -2.01
C ASN B 14 -35.16 -0.04 -2.26
N GLY B 15 -33.99 -0.22 -1.65
CA GLY B 15 -32.87 0.67 -1.87
C GLY B 15 -32.88 1.94 -1.03
N GLU B 16 -33.86 2.05 -0.13
CA GLU B 16 -34.07 3.28 0.65
C GLU B 16 -34.20 3.03 2.15
N PHE B 17 -33.41 3.75 2.95
CA PHE B 17 -33.60 3.74 4.40
C PHE B 17 -34.80 4.61 4.74
N LYS B 18 -35.75 4.06 5.49
CA LYS B 18 -36.97 4.79 5.79
C LYS B 18 -37.62 4.35 7.09
N GLU B 19 -38.40 5.25 7.67
CA GLU B 19 -39.14 4.97 8.89
CA GLU B 19 -39.13 4.96 8.90
C GLU B 19 -40.25 3.96 8.62
N PRO B 20 -40.73 3.27 9.67
CA PRO B 20 -41.94 2.45 9.49
C PRO B 20 -43.09 3.35 9.08
N SER B 21 -44.08 2.84 8.35
CA SER B 21 -45.12 3.70 7.80
C SER B 21 -46.03 4.29 8.88
N THR B 22 -45.92 3.79 10.12
CA THR B 22 -46.68 4.38 11.22
C THR B 22 -45.81 5.32 12.04
N GLY B 23 -44.52 5.34 11.74
CA GLY B 23 -43.59 6.18 12.47
C GLY B 23 -43.24 5.65 13.85
N ALA B 24 -43.97 4.61 14.28
CA ALA B 24 -43.76 4.02 15.61
C ALA B 24 -42.32 3.55 15.80
N PHE B 25 -41.78 3.80 16.97
CA PHE B 25 -40.42 3.42 17.30
C PHE B 25 -40.37 2.93 18.73
N GLN B 26 -39.24 2.37 19.13
CA GLN B 26 -39.03 2.09 20.55
C GLN B 26 -37.55 2.18 20.88
N VAL B 27 -37.26 2.22 22.18
CA VAL B 27 -35.92 2.52 22.61
C VAL B 27 -35.20 1.24 22.99
N LYS B 28 -33.97 1.10 22.52
CA LYS B 28 -33.15 -0.06 22.85
C LYS B 28 -32.07 0.30 23.85
N THR B 29 -31.91 -0.58 24.85
CA THR B 29 -30.98 -0.36 25.93
C THR B 29 -29.88 -1.43 25.97
N SER B 30 -28.77 -1.11 26.61
CA SER B 30 -27.64 -2.00 26.76
C SER B 30 -27.89 -3.01 27.87
N PRO B 31 -27.65 -4.29 27.58
CA PRO B 31 -27.75 -5.32 28.61
C PRO B 31 -26.69 -5.13 29.69
N VAL B 32 -25.66 -4.34 29.38
CA VAL B 32 -24.54 -4.18 30.31
C VAL B 32 -24.92 -3.29 31.49
N ASP B 33 -25.54 -2.15 31.21
CA ASP B 33 -25.86 -1.19 32.26
C ASP B 33 -27.24 -0.53 32.11
N GLY B 34 -27.96 -0.88 31.05
CA GLY B 34 -29.30 -0.33 30.86
C GLY B 34 -29.35 1.03 30.18
N SER B 35 -28.19 1.58 29.82
CA SER B 35 -28.14 2.85 29.12
C SER B 35 -28.81 2.75 27.75
N LYS B 36 -29.34 3.86 27.25
CA LYS B 36 -30.02 3.85 25.96
C LYS B 36 -28.97 3.66 24.86
N ILE B 37 -29.36 3.03 23.76
CA ILE B 37 -28.45 2.77 22.65
C ILE B 37 -28.94 3.40 21.36
N ALA B 38 -30.20 3.15 21.04
CA ALA B 38 -30.80 3.68 19.83
C ALA B 38 -32.31 3.64 19.90
N GLU B 39 -32.94 4.41 19.03
CA GLU B 39 -34.35 4.27 18.73
C GLU B 39 -34.48 3.49 17.45
N VAL B 40 -35.27 2.43 17.49
CA VAL B 40 -35.40 1.54 16.35
C VAL B 40 -36.86 1.40 15.97
N PRO B 41 -37.13 1.08 14.69
CA PRO B 41 -38.51 0.89 14.23
C PRO B 41 -39.28 -0.15 15.02
N ARG B 42 -40.59 0.06 15.11
CA ARG B 42 -41.51 -0.98 15.54
C ARG B 42 -42.46 -1.20 14.35
N SER B 43 -41.97 -1.94 13.35
CA SER B 43 -42.66 -2.01 12.06
C SER B 43 -43.93 -2.83 12.15
N GLY B 44 -44.81 -2.67 11.18
CA GLY B 44 -46.02 -3.47 11.12
C GLY B 44 -46.08 -4.33 9.86
N ARG B 45 -47.22 -4.97 9.64
CA ARG B 45 -47.36 -5.88 8.50
CA ARG B 45 -47.38 -5.87 8.50
C ARG B 45 -47.26 -5.15 7.16
N GLU B 46 -47.69 -3.89 7.13
CA GLU B 46 -47.60 -3.11 5.90
C GLU B 46 -46.15 -2.92 5.48
N ASP B 47 -45.26 -2.68 6.44
CA ASP B 47 -43.86 -2.52 6.14
C ASP B 47 -43.30 -3.85 5.60
N ALA B 48 -43.69 -4.95 6.23
CA ALA B 48 -43.24 -6.26 5.80
C ALA B 48 -43.67 -6.52 4.37
N ARG B 49 -44.95 -6.28 4.08
CA ARG B 49 -45.49 -6.46 2.72
C ARG B 49 -44.76 -5.57 1.70
N GLU B 50 -44.35 -4.38 2.13
CA GLU B 50 -43.66 -3.49 1.20
C GLU B 50 -42.30 -4.09 0.86
N ALA B 51 -41.61 -4.59 1.87
CA ALA B 51 -40.31 -5.21 1.64
C ALA B 51 -40.46 -6.45 0.76
N ILE B 52 -41.46 -7.26 1.08
CA ILE B 52 -41.72 -8.46 0.30
C ILE B 52 -42.02 -8.12 -1.17
N ASP B 53 -42.84 -7.10 -1.41
CA ASP B 53 -43.18 -6.73 -2.78
C ASP B 53 -41.96 -6.23 -3.54
N SER B 54 -41.07 -5.52 -2.84
CA SER B 54 -39.83 -5.03 -3.44
C SER B 54 -38.89 -6.15 -3.83
N ALA B 55 -38.77 -7.15 -2.95
CA ALA B 55 -37.94 -8.33 -3.23
C ALA B 55 -38.50 -9.09 -4.43
N PHE B 56 -39.82 -9.18 -4.48
CA PHE B 56 -40.49 -9.92 -5.55
C PHE B 56 -40.24 -9.24 -6.90
N GLU B 57 -40.37 -7.90 -6.90
CA GLU B 57 -40.14 -7.09 -8.11
C GLU B 57 -38.69 -7.11 -8.55
N ALA B 58 -37.77 -7.34 -7.62
CA ALA B 58 -36.36 -7.33 -7.95
C ALA B 58 -35.88 -8.72 -8.41
N LEU B 59 -36.71 -9.72 -8.18
CA LEU B 59 -36.28 -11.11 -8.27
C LEU B 59 -35.78 -11.53 -9.66
N LYS B 60 -36.61 -11.31 -10.68
CA LYS B 60 -36.27 -11.74 -12.04
C LYS B 60 -34.92 -11.22 -12.49
N ALA B 61 -34.72 -9.91 -12.36
CA ALA B 61 -33.47 -9.27 -12.79
C ALA B 61 -32.26 -9.82 -12.02
N TRP B 62 -32.45 -10.08 -10.73
CA TRP B 62 -31.36 -10.55 -9.89
C TRP B 62 -31.02 -12.03 -10.18
N ALA B 63 -32.04 -12.83 -10.43
CA ALA B 63 -31.83 -14.25 -10.66
C ALA B 63 -31.25 -14.49 -12.04
N ASN B 64 -31.60 -13.64 -13.01
CA ASN B 64 -31.25 -13.96 -14.39
C ASN B 64 -29.94 -13.33 -14.90
N ILE B 65 -29.26 -12.54 -14.08
CA ILE B 65 -27.90 -12.16 -14.43
C ILE B 65 -26.97 -13.36 -14.20
N PRO B 66 -25.82 -13.40 -14.90
CA PRO B 66 -24.85 -14.49 -14.66
C PRO B 66 -24.32 -14.51 -13.23
N ALA B 67 -24.04 -15.70 -12.72
CA ALA B 67 -23.55 -15.88 -11.36
C ALA B 67 -22.35 -14.99 -11.05
N ILE B 68 -21.47 -14.85 -12.05
CA ILE B 68 -20.27 -14.05 -11.88
C ILE B 68 -20.62 -12.62 -11.47
N ARG B 69 -21.74 -12.10 -11.96
CA ARG B 69 -22.15 -10.74 -11.57
C ARG B 69 -22.57 -10.69 -10.09
N ARG B 70 -23.27 -11.72 -9.63
CA ARG B 70 -23.68 -11.76 -8.22
C ARG B 70 -22.45 -11.93 -7.34
N ALA B 71 -21.52 -12.76 -7.79
CA ALA B 71 -20.27 -12.91 -7.08
C ALA B 71 -19.58 -11.55 -6.93
N GLU B 72 -19.58 -10.76 -8.01
CA GLU B 72 -18.95 -9.44 -7.98
CA GLU B 72 -18.95 -9.44 -7.98
C GLU B 72 -19.56 -8.57 -6.88
N TYR B 73 -20.88 -8.56 -6.80
CA TYR B 73 -21.56 -7.84 -5.74
C TYR B 73 -21.17 -8.35 -4.34
N LEU B 74 -21.04 -9.67 -4.20
CA LEU B 74 -20.66 -10.22 -2.91
C LEU B 74 -19.22 -9.87 -2.55
N TYR B 75 -18.33 -9.88 -3.54
CA TYR B 75 -16.95 -9.44 -3.30
C TYR B 75 -16.90 -7.95 -2.91
N LYS B 76 -17.81 -7.16 -3.45
CA LYS B 76 -17.96 -5.76 -3.05
C LYS B 76 -18.36 -5.68 -1.59
N MET B 77 -19.38 -6.46 -1.23
CA MET B 77 -19.87 -6.54 0.15
CA MET B 77 -19.86 -6.51 0.14
C MET B 77 -18.73 -6.90 1.10
N LEU B 78 -17.91 -7.86 0.68
CA LEU B 78 -16.75 -8.27 1.46
C LEU B 78 -15.82 -7.09 1.72
N GLU B 79 -15.61 -6.29 0.68
CA GLU B 79 -14.71 -5.14 0.75
C GLU B 79 -15.28 -4.12 1.74
N VAL B 80 -16.57 -3.87 1.66
CA VAL B 80 -17.24 -2.94 2.58
C VAL B 80 -17.21 -3.45 4.03
N PHE B 81 -17.48 -4.74 4.21
CA PHE B 81 -17.49 -5.33 5.54
C PHE B 81 -16.13 -5.19 6.22
N ARG B 82 -15.06 -5.37 5.44
CA ARG B 82 -13.71 -5.22 5.94
C ARG B 82 -13.46 -3.82 6.51
N GLN B 83 -14.15 -2.82 5.96
CA GLN B 83 -13.99 -1.45 6.43
C GLN B 83 -14.84 -1.19 7.66
N MET B 84 -15.83 -2.05 7.90
CA MET B 84 -16.77 -1.82 8.99
C MET B 84 -16.54 -2.72 10.21
N LYS B 85 -15.44 -3.46 10.24
CA LYS B 85 -15.23 -4.45 11.28
C LYS B 85 -15.36 -3.90 12.71
N GLU B 86 -14.71 -2.77 12.96
CA GLU B 86 -14.65 -2.23 14.32
C GLU B 86 -16.02 -1.73 14.74
N ASP B 87 -16.78 -1.23 13.78
CA ASP B 87 -18.16 -0.81 14.06
C ASP B 87 -19.02 -2.01 14.45
N PHE B 88 -18.90 -3.10 13.69
CA PHE B 88 -19.67 -4.30 14.01
C PHE B 88 -19.28 -4.83 15.39
N MET B 89 -17.98 -4.91 15.69
CA MET B 89 -17.53 -5.36 17.00
C MET B 89 -18.09 -4.53 18.17
N LYS B 90 -18.12 -3.21 18.01
CA LYS B 90 -18.64 -2.36 19.08
C LYS B 90 -20.12 -2.62 19.32
N ILE B 91 -20.90 -2.73 18.25
CA ILE B 91 -22.32 -2.95 18.41
C ILE B 91 -22.59 -4.34 19.00
N LEU B 92 -21.83 -5.34 18.55
CA LEU B 92 -22.01 -6.69 19.09
C LEU B 92 -21.70 -6.72 20.59
N THR B 93 -20.79 -5.87 21.02
CA THR B 93 -20.49 -5.79 22.44
C THR B 93 -21.54 -4.98 23.21
N VAL B 94 -21.87 -3.77 22.75
CA VAL B 94 -22.71 -2.90 23.57
C VAL B 94 -24.18 -3.31 23.45
N GLU B 95 -24.59 -3.77 22.28
CA GLU B 95 -25.97 -4.21 22.09
C GLU B 95 -26.18 -5.67 22.51
N GLY B 96 -25.17 -6.51 22.24
CA GLY B 96 -25.31 -7.95 22.43
C GLY B 96 -24.68 -8.51 23.68
N GLY B 97 -23.82 -7.72 24.31
CA GLY B 97 -23.19 -8.12 25.55
C GLY B 97 -21.98 -9.01 25.37
N GLY B 98 -21.52 -9.16 24.14
CA GLY B 98 -20.39 -10.04 23.88
C GLY B 98 -19.05 -9.44 24.29
N THR B 99 -18.15 -10.30 24.74
CA THR B 99 -16.78 -9.88 25.05
C THR B 99 -16.02 -9.55 23.78
N TYR B 100 -14.92 -8.80 23.92
CA TYR B 100 -14.05 -8.47 22.80
C TYR B 100 -13.63 -9.73 22.04
N ARG B 101 -13.13 -10.72 22.77
CA ARG B 101 -12.68 -11.95 22.15
C ARG B 101 -13.82 -12.65 21.38
N LYS B 102 -15.03 -12.60 21.93
CA LYS B 102 -16.20 -13.19 21.27
C LYS B 102 -16.59 -12.45 19.99
N VAL B 103 -16.68 -11.12 20.05
CA VAL B 103 -17.17 -10.39 18.91
C VAL B 103 -16.07 -10.30 17.83
N TRP B 104 -14.82 -10.38 18.25
CA TRP B 104 -13.72 -10.46 17.29
C TRP B 104 -13.87 -11.75 16.48
N GLY B 105 -14.11 -12.85 17.18
CA GLY B 105 -14.29 -14.12 16.52
C GLY B 105 -15.46 -14.12 15.56
N GLU B 106 -16.56 -13.48 15.96
CA GLU B 106 -17.76 -13.43 15.14
C GLU B 106 -17.52 -12.61 13.86
N VAL B 107 -16.77 -11.53 14.01
CA VAL B 107 -16.46 -10.68 12.86
C VAL B 107 -15.49 -11.35 11.89
N VAL B 108 -14.49 -12.05 12.42
CA VAL B 108 -13.55 -12.78 11.57
C VAL B 108 -14.28 -13.87 10.78
N PHE B 109 -15.17 -14.59 11.46
CA PHE B 109 -15.96 -15.64 10.83
C PHE B 109 -16.93 -15.07 9.81
N THR B 110 -17.47 -13.89 10.10
CA THR B 110 -18.39 -13.24 9.18
C THR B 110 -17.68 -12.87 7.87
N GLU B 111 -16.45 -12.37 7.99
CA GLU B 111 -15.66 -12.07 6.81
C GLU B 111 -15.51 -13.33 5.93
N ARG B 112 -15.18 -14.44 6.58
CA ARG B 112 -15.03 -15.70 5.87
C ARG B 112 -16.33 -16.17 5.25
N LEU B 113 -17.47 -15.89 5.90
CA LEU B 113 -18.76 -16.32 5.38
C LEU B 113 -19.14 -15.58 4.10
N ILE B 114 -18.91 -14.27 4.09
CA ILE B 114 -19.23 -13.48 2.92
C ILE B 114 -18.33 -13.90 1.74
N GLN B 115 -17.04 -14.07 2.03
CA GLN B 115 -16.08 -14.56 1.06
C GLN B 115 -16.53 -15.92 0.51
N ASN B 116 -16.93 -16.82 1.40
CA ASN B 116 -17.32 -18.16 1.01
C ASN B 116 -18.47 -18.13 0.02
N ALA B 117 -19.47 -17.31 0.31
CA ALA B 117 -20.62 -17.16 -0.59
C ALA B 117 -20.19 -16.63 -1.97
N ALA B 118 -19.32 -15.64 -1.99
CA ALA B 118 -18.79 -15.11 -3.26
C ALA B 118 -18.02 -16.15 -4.06
N GLU B 119 -17.18 -16.92 -3.37
CA GLU B 119 -16.33 -17.93 -4.00
C GLU B 119 -17.14 -19.01 -4.70
N LEU B 120 -18.28 -19.37 -4.10
CA LEU B 120 -19.09 -20.50 -4.57
C LEU B 120 -20.15 -20.19 -5.62
N ALA B 121 -20.48 -18.92 -5.79
CA ALA B 121 -21.62 -18.54 -6.63
C ALA B 121 -21.56 -19.12 -8.05
N ARG B 122 -20.39 -19.05 -8.66
CA ARG B 122 -20.19 -19.50 -10.04
C ARG B 122 -20.10 -21.02 -10.19
N HIS B 123 -20.09 -21.74 -9.07
CA HIS B 123 -19.71 -23.15 -9.15
C HIS B 123 -20.79 -24.16 -8.76
N TYR B 124 -22.01 -23.67 -8.53
CA TYR B 124 -23.11 -24.54 -8.12
C TYR B 124 -23.67 -25.23 -9.35
N GLN B 125 -23.45 -26.54 -9.43
CA GLN B 125 -23.68 -27.29 -10.66
C GLN B 125 -24.95 -28.16 -10.63
N GLY B 126 -25.58 -28.29 -11.79
CA GLY B 126 -26.60 -29.30 -12.02
C GLY B 126 -25.97 -30.56 -12.59
N ARG B 127 -26.79 -31.43 -13.18
CA ARG B 127 -26.33 -32.74 -13.63
CA ARG B 127 -26.33 -32.74 -13.63
C ARG B 127 -26.79 -33.07 -15.05
N VAL B 128 -25.93 -33.78 -15.79
CA VAL B 128 -26.31 -34.33 -17.08
C VAL B 128 -26.52 -35.82 -16.84
N LEU B 129 -27.68 -36.32 -17.24
CA LEU B 129 -28.06 -37.69 -16.89
C LEU B 129 -27.97 -38.63 -18.08
N GLN B 130 -27.88 -39.93 -17.79
CA GLN B 130 -28.06 -40.97 -18.80
C GLN B 130 -29.57 -41.15 -19.00
N SER B 131 -30.05 -41.05 -20.23
CA SER B 131 -31.46 -41.33 -20.47
C SER B 131 -31.68 -42.81 -20.72
N ASP B 132 -32.76 -43.35 -20.18
CA ASP B 132 -33.16 -44.72 -20.49
C ASP B 132 -33.80 -44.82 -21.87
N SER B 133 -34.04 -43.67 -22.52
CA SER B 133 -34.64 -43.68 -23.86
C SER B 133 -33.65 -43.26 -24.93
N GLU B 134 -33.85 -43.76 -26.15
CA GLU B 134 -33.03 -43.32 -27.27
C GLU B 134 -33.35 -41.87 -27.64
N SER B 135 -32.35 -41.20 -28.20
CA SER B 135 -32.52 -39.88 -28.81
C SER B 135 -33.06 -38.82 -27.84
N THR B 136 -32.67 -38.92 -26.57
CA THR B 136 -33.14 -37.99 -25.55
C THR B 136 -31.98 -37.39 -24.78
N ILE B 137 -31.96 -36.05 -24.70
CA ILE B 137 -31.03 -35.33 -23.84
C ILE B 137 -31.74 -35.09 -22.52
N SER B 138 -31.04 -35.33 -21.40
CA SER B 138 -31.66 -35.30 -20.10
C SER B 138 -30.74 -34.62 -19.09
N VAL B 139 -31.12 -33.44 -18.61
CA VAL B 139 -30.25 -32.65 -17.74
C VAL B 139 -31.06 -32.04 -16.58
N VAL B 140 -30.35 -31.59 -15.56
CA VAL B 140 -30.98 -31.00 -14.38
C VAL B 140 -30.34 -29.66 -14.09
N PHE B 141 -31.13 -28.60 -14.20
CA PHE B 141 -30.69 -27.25 -13.87
C PHE B 141 -30.96 -26.89 -12.40
N LYS B 142 -30.19 -25.94 -11.88
CA LYS B 142 -30.44 -25.37 -10.58
C LYS B 142 -31.12 -24.00 -10.76
N ARG B 143 -32.23 -23.79 -10.02
CA ARG B 143 -32.95 -22.51 -10.08
C ARG B 143 -33.15 -21.95 -8.68
N SER B 144 -33.11 -20.63 -8.54
CA SER B 144 -33.32 -20.06 -7.22
C SER B 144 -34.79 -20.18 -6.82
N LYS B 145 -35.04 -20.28 -5.53
CA LYS B 145 -36.41 -20.42 -5.05
C LYS B 145 -37.23 -19.15 -5.19
N GLY B 146 -36.61 -17.99 -4.99
CA GLY B 146 -37.30 -16.73 -5.16
C GLY B 146 -37.05 -15.77 -4.03
N VAL B 147 -38.12 -15.23 -3.45
CA VAL B 147 -37.98 -14.35 -2.29
C VAL B 147 -37.81 -15.21 -1.03
N VAL B 148 -36.73 -14.96 -0.29
CA VAL B 148 -36.42 -15.71 0.90
C VAL B 148 -36.48 -14.85 2.17
N GLY B 149 -37.29 -15.27 3.14
CA GLY B 149 -37.34 -14.63 4.44
C GLY B 149 -36.21 -15.12 5.33
N VAL B 150 -35.55 -14.18 6.00
CA VAL B 150 -34.46 -14.54 6.88
C VAL B 150 -34.76 -14.00 8.27
N ILE B 151 -34.89 -14.91 9.24
CA ILE B 151 -35.29 -14.55 10.60
C ILE B 151 -34.30 -15.15 11.60
N THR B 152 -33.69 -14.28 12.40
CA THR B 152 -32.46 -14.60 13.13
C THR B 152 -32.51 -14.34 14.64
N PRO B 153 -31.57 -14.93 15.40
CA PRO B 153 -31.55 -14.80 16.86
C PRO B 153 -30.59 -13.73 17.35
N TRP B 154 -30.45 -13.59 18.67
CA TRP B 154 -29.70 -12.47 19.26
C TRP B 154 -28.32 -12.83 19.75
N ASN B 155 -27.98 -14.12 19.76
CA ASN B 155 -26.73 -14.54 20.41
C ASN B 155 -25.49 -14.33 19.54
N TYR B 156 -25.58 -14.70 18.26
CA TYR B 156 -24.52 -14.42 17.27
C TYR B 156 -25.22 -13.76 16.11
N PRO B 157 -25.73 -12.55 16.34
CA PRO B 157 -26.65 -11.94 15.38
C PRO B 157 -25.96 -11.61 14.04
N LEU B 158 -24.66 -11.37 14.05
CA LEU B 158 -23.95 -11.02 12.81
C LEU B 158 -23.65 -12.23 11.95
N SER B 159 -22.89 -13.16 12.50
CA SER B 159 -22.44 -14.31 11.70
C SER B 159 -23.62 -15.20 11.27
N ILE B 160 -24.60 -15.37 12.15
CA ILE B 160 -25.77 -16.18 11.79
C ILE B 160 -26.57 -15.52 10.68
N SER B 161 -26.82 -14.21 10.81
CA SER B 161 -27.49 -13.46 9.77
C SER B 161 -26.75 -13.52 8.42
N MET B 162 -25.45 -13.27 8.44
CA MET B 162 -24.71 -13.16 7.19
C MET B 162 -24.50 -14.51 6.52
N LYS B 163 -24.46 -15.59 7.31
CA LYS B 163 -24.35 -16.91 6.71
C LYS B 163 -25.56 -17.13 5.83
N LYS B 164 -26.73 -16.83 6.37
CA LYS B 164 -28.01 -16.97 5.66
C LYS B 164 -28.13 -15.97 4.50
N ILE B 165 -27.90 -14.69 4.79
CA ILE B 165 -28.06 -13.65 3.78
C ILE B 165 -27.10 -13.82 2.58
N ALA B 166 -25.80 -14.01 2.84
CA ALA B 166 -24.82 -13.99 1.74
C ALA B 166 -24.99 -15.21 0.82
N HIS B 167 -25.21 -16.38 1.40
CA HIS B 167 -25.35 -17.57 0.57
C HIS B 167 -26.66 -17.57 -0.18
N THR B 168 -27.71 -17.07 0.47
CA THR B 168 -29.02 -17.00 -0.17
C THR B 168 -28.98 -16.06 -1.38
N LEU B 169 -28.36 -14.88 -1.21
CA LEU B 169 -28.19 -13.95 -2.33
C LEU B 169 -27.35 -14.54 -3.47
N ALA B 170 -26.30 -15.27 -3.12
CA ALA B 170 -25.32 -15.77 -4.09
C ALA B 170 -25.96 -16.56 -5.23
N VAL B 171 -26.95 -17.38 -4.90
CA VAL B 171 -27.54 -18.25 -5.91
C VAL B 171 -28.79 -17.64 -6.52
N GLY B 172 -28.98 -16.35 -6.31
CA GLY B 172 -29.99 -15.64 -7.09
C GLY B 172 -31.35 -15.50 -6.45
N ASN B 173 -31.41 -15.66 -5.12
CA ASN B 173 -32.60 -15.29 -4.37
C ASN B 173 -32.58 -13.83 -3.93
N THR B 174 -33.74 -13.23 -3.72
CA THR B 174 -33.78 -11.94 -3.05
C THR B 174 -34.20 -12.16 -1.59
N VAL B 175 -33.96 -11.16 -0.73
CA VAL B 175 -34.04 -11.35 0.72
C VAL B 175 -34.89 -10.31 1.45
N VAL B 176 -35.78 -10.78 2.32
CA VAL B 176 -36.41 -9.93 3.34
C VAL B 176 -35.91 -10.39 4.72
N TYR B 177 -35.24 -9.50 5.44
CA TYR B 177 -34.50 -9.84 6.66
C TYR B 177 -35.11 -9.21 7.93
N LYS B 178 -35.54 -10.03 8.88
CA LYS B 178 -36.01 -9.51 10.17
C LYS B 178 -35.13 -10.01 11.32
N PRO B 179 -34.30 -9.12 11.88
CA PRO B 179 -33.39 -9.51 12.96
C PRO B 179 -34.11 -9.67 14.29
N ALA B 180 -33.45 -10.28 15.28
CA ALA B 180 -34.06 -10.44 16.60
C ALA B 180 -34.28 -9.07 17.24
N SER B 181 -35.33 -8.96 18.04
CA SER B 181 -35.69 -7.67 18.62
C SER B 181 -34.66 -7.15 19.59
N ASP B 182 -33.84 -8.04 20.16
CA ASP B 182 -32.77 -7.61 21.04
C ASP B 182 -31.50 -7.20 20.31
N THR B 183 -31.42 -7.47 19.01
CA THR B 183 -30.24 -7.03 18.25
C THR B 183 -30.60 -6.31 16.94
N PRO B 184 -31.38 -5.20 17.04
CA PRO B 184 -31.80 -4.50 15.82
C PRO B 184 -30.69 -3.68 15.16
N VAL B 185 -29.76 -3.12 15.95
CA VAL B 185 -28.73 -2.27 15.39
C VAL B 185 -27.73 -3.08 14.54
N THR B 186 -27.45 -4.31 14.96
CA THR B 186 -26.60 -5.18 14.15
C THR B 186 -27.21 -5.38 12.77
N GLY B 187 -28.53 -5.59 12.73
CA GLY B 187 -29.24 -5.74 11.47
C GLY B 187 -29.13 -4.51 10.59
N TRP B 188 -29.26 -3.35 11.22
CA TRP B 188 -29.21 -2.08 10.51
C TRP B 188 -27.81 -1.83 9.92
N LEU B 189 -26.78 -2.21 10.66
CA LEU B 189 -25.42 -2.10 10.14
C LEU B 189 -25.24 -3.01 8.93
N ILE B 190 -25.86 -4.18 8.97
CA ILE B 190 -25.80 -5.10 7.84
C ILE B 190 -26.40 -4.43 6.62
N ALA B 191 -27.51 -3.72 6.82
CA ALA B 191 -28.18 -3.04 5.71
C ALA B 191 -27.31 -1.90 5.17
N GLN B 192 -26.61 -1.22 6.06
CA GLN B 192 -25.64 -0.21 5.67
C GLN B 192 -24.56 -0.82 4.76
N MET B 193 -24.02 -1.97 5.16
CA MET B 193 -22.97 -2.61 4.38
C MET B 193 -23.49 -2.95 2.97
N VAL B 194 -24.69 -3.51 2.91
CA VAL B 194 -25.28 -3.89 1.64
C VAL B 194 -25.55 -2.67 0.76
N ALA B 195 -26.10 -1.62 1.38
CA ALA B 195 -26.33 -0.36 0.68
C ALA B 195 -25.05 0.17 0.04
N LYS B 196 -23.96 0.17 0.80
CA LYS B 196 -22.67 0.66 0.30
C LYS B 196 -22.06 -0.24 -0.75
N ALA B 197 -22.43 -1.51 -0.77
CA ALA B 197 -21.93 -2.41 -1.81
C ALA B 197 -22.71 -2.18 -3.10
N GLY B 198 -23.80 -1.44 -2.99
CA GLY B 198 -24.58 -1.03 -4.15
C GLY B 198 -25.40 -2.12 -4.82
N LEU B 199 -25.93 -3.06 -4.03
CA LEU B 199 -26.79 -4.08 -4.61
C LEU B 199 -28.05 -3.41 -5.14
N PRO B 200 -28.59 -3.92 -6.26
CA PRO B 200 -29.79 -3.34 -6.88
C PRO B 200 -30.92 -3.23 -5.88
N LYS B 201 -31.73 -2.18 -6.00
CA LYS B 201 -32.78 -1.94 -5.02
C LYS B 201 -33.72 -3.15 -4.93
N GLY B 202 -34.12 -3.48 -3.71
CA GLY B 202 -35.08 -4.56 -3.51
C GLY B 202 -34.48 -5.95 -3.44
N VAL B 203 -33.22 -6.10 -3.82
CA VAL B 203 -32.57 -7.41 -3.75
C VAL B 203 -32.41 -7.84 -2.28
N PHE B 204 -32.08 -6.87 -1.42
CA PHE B 204 -31.98 -7.08 0.01
C PHE B 204 -32.82 -6.03 0.75
N ASN B 205 -33.64 -6.49 1.69
CA ASN B 205 -34.48 -5.60 2.49
C ASN B 205 -34.42 -5.94 3.98
N LEU B 206 -34.35 -4.91 4.81
CA LEU B 206 -34.37 -5.03 6.26
C LEU B 206 -35.67 -4.46 6.85
N VAL B 207 -36.36 -5.25 7.66
CA VAL B 207 -37.52 -4.75 8.40
C VAL B 207 -37.41 -5.10 9.87
N ILE B 208 -37.35 -4.06 10.70
CA ILE B 208 -37.20 -4.24 12.13
C ILE B 208 -38.56 -4.12 12.82
N GLY B 209 -38.94 -5.16 13.55
CA GLY B 209 -40.25 -5.22 14.16
C GLY B 209 -40.43 -6.51 14.93
N PRO B 210 -41.57 -6.65 15.62
CA PRO B 210 -41.82 -7.83 16.46
C PRO B 210 -42.03 -9.09 15.63
N GLY B 211 -41.44 -10.19 16.10
CA GLY B 211 -41.60 -11.49 15.46
C GLY B 211 -43.05 -11.85 15.16
N PRO B 212 -43.93 -11.81 16.18
CA PRO B 212 -45.34 -12.14 15.96
C PRO B 212 -46.09 -11.23 14.98
N VAL B 213 -45.50 -10.11 14.57
CA VAL B 213 -46.16 -9.26 13.60
C VAL B 213 -45.43 -9.26 12.25
N VAL B 214 -44.19 -8.82 12.25
CA VAL B 214 -43.41 -8.74 11.02
C VAL B 214 -42.98 -10.13 10.55
N GLY B 215 -42.54 -10.94 11.50
CA GLY B 215 -42.13 -12.30 11.21
C GLY B 215 -43.26 -13.11 10.63
N GLU B 216 -44.43 -13.06 11.27
CA GLU B 216 -45.57 -13.87 10.83
C GLU B 216 -46.05 -13.45 9.44
N GLU B 217 -45.94 -12.17 9.13
CA GLU B 217 -46.27 -11.71 7.79
C GLU B 217 -45.30 -12.32 6.77
N ILE B 218 -44.02 -12.35 7.09
CA ILE B 218 -43.01 -12.95 6.21
C ILE B 218 -43.32 -14.43 5.97
N VAL B 219 -43.67 -15.12 7.05
CA VAL B 219 -43.93 -16.56 7.00
C VAL B 219 -45.24 -16.91 6.29
N THR B 220 -46.22 -16.02 6.29
CA THR B 220 -47.50 -16.37 5.70
C THR B 220 -47.76 -15.74 4.32
N HIS B 221 -46.87 -14.87 3.86
CA HIS B 221 -47.10 -14.16 2.61
C HIS B 221 -46.88 -15.06 1.41
N LYS B 222 -47.77 -14.95 0.42
CA LYS B 222 -47.74 -15.88 -0.71
C LYS B 222 -46.61 -15.59 -1.70
N ARG B 223 -45.93 -14.46 -1.58
CA ARG B 223 -44.84 -14.18 -2.53
C ARG B 223 -43.47 -14.52 -1.95
N VAL B 224 -43.45 -15.04 -0.72
CA VAL B 224 -42.22 -15.52 -0.11
C VAL B 224 -42.10 -17.02 -0.40
N ALA B 225 -40.94 -17.44 -0.92
CA ALA B 225 -40.80 -18.81 -1.40
C ALA B 225 -40.21 -19.75 -0.34
N HIS B 226 -39.45 -19.17 0.57
CA HIS B 226 -38.68 -19.95 1.55
C HIS B 226 -38.39 -19.09 2.76
N VAL B 227 -38.35 -19.72 3.93
CA VAL B 227 -37.95 -19.03 5.14
C VAL B 227 -36.82 -19.79 5.83
N THR B 228 -35.71 -19.11 6.08
CA THR B 228 -34.66 -19.74 6.87
C THR B 228 -34.66 -19.09 8.24
N PHE B 229 -34.76 -19.92 9.27
CA PHE B 229 -34.98 -19.46 10.63
C PHE B 229 -34.01 -20.06 11.61
N THR B 230 -33.49 -19.23 12.51
CA THR B 230 -32.73 -19.69 13.64
C THR B 230 -33.32 -19.08 14.92
N GLY B 231 -33.64 -19.94 15.88
CA GLY B 231 -34.25 -19.52 17.15
C GLY B 231 -34.75 -20.72 17.95
N GLU B 232 -35.70 -20.49 18.85
CA GLU B 232 -36.16 -21.58 19.71
C GLU B 232 -36.98 -22.64 18.98
N SER B 233 -36.89 -23.88 19.47
CA SER B 233 -37.59 -24.99 18.84
CA SER B 233 -37.60 -24.99 18.86
C SER B 233 -39.10 -24.74 18.79
N SER B 234 -39.64 -24.11 19.84
CA SER B 234 -41.08 -23.85 19.88
C SER B 234 -41.49 -22.84 18.81
N THR B 235 -40.69 -21.79 18.66
CA THR B 235 -40.91 -20.82 17.59
C THR B 235 -40.82 -21.51 16.23
N GLY B 236 -39.83 -22.38 16.07
CA GLY B 236 -39.60 -23.08 14.81
C GLY B 236 -40.80 -23.90 14.41
N ARG B 237 -41.37 -24.61 15.38
CA ARG B 237 -42.54 -25.45 15.15
C ARG B 237 -43.74 -24.62 14.66
N GLU B 238 -43.87 -23.43 15.21
CA GLU B 238 -45.00 -22.60 14.81
C GLU B 238 -44.77 -21.98 13.44
N ILE B 239 -43.51 -21.66 13.13
CA ILE B 239 -43.18 -21.16 11.79
C ILE B 239 -43.42 -22.24 10.74
N ALA B 240 -43.02 -23.46 11.06
CA ALA B 240 -43.21 -24.57 10.15
C ALA B 240 -44.70 -24.77 9.85
N ALA B 241 -45.54 -24.63 10.86
CA ALA B 241 -46.98 -24.82 10.70
C ALA B 241 -47.59 -23.73 9.83
N LYS B 242 -47.24 -22.47 10.12
CA LYS B 242 -47.69 -21.34 9.32
C LYS B 242 -47.23 -21.43 7.87
N ALA B 243 -46.01 -21.91 7.66
CA ALA B 243 -45.43 -21.97 6.33
C ALA B 243 -46.23 -22.89 5.41
N ALA B 244 -46.90 -23.87 6.00
CA ALA B 244 -47.63 -24.88 5.25
C ALA B 244 -48.73 -24.30 4.36
N GLY B 245 -49.32 -23.19 4.79
CA GLY B 245 -50.45 -22.60 4.07
C GLY B 245 -50.16 -22.23 2.63
N THR B 246 -48.93 -21.83 2.35
CA THR B 246 -48.56 -21.49 0.98
C THR B 246 -47.51 -22.44 0.42
N LEU B 247 -47.30 -23.55 1.11
CA LEU B 247 -46.35 -24.57 0.72
C LEU B 247 -44.95 -24.02 0.48
N LYS B 248 -44.53 -23.09 1.33
CA LYS B 248 -43.16 -22.60 1.26
C LYS B 248 -42.28 -23.57 2.04
N THR B 249 -41.01 -23.68 1.63
CA THR B 249 -40.08 -24.55 2.33
C THR B 249 -39.40 -23.79 3.46
N VAL B 250 -38.80 -24.51 4.40
CA VAL B 250 -38.11 -23.90 5.53
C VAL B 250 -36.77 -24.56 5.85
N THR B 251 -35.85 -23.75 6.36
CA THR B 251 -34.64 -24.24 7.00
C THR B 251 -34.78 -23.82 8.46
N LEU B 252 -34.60 -24.74 9.40
CA LEU B 252 -34.77 -24.43 10.83
C LEU B 252 -33.58 -24.91 11.65
N GLU B 253 -32.93 -23.97 12.33
CA GLU B 253 -31.91 -24.35 13.30
C GLU B 253 -32.44 -23.93 14.65
N LEU B 254 -32.70 -24.93 15.53
CA LEU B 254 -33.55 -24.68 16.69
C LEU B 254 -32.86 -24.94 18.02
N GLY B 255 -31.54 -24.84 18.05
CA GLY B 255 -30.87 -24.98 19.33
C GLY B 255 -30.56 -26.43 19.66
N GLY B 256 -29.88 -26.63 20.78
CA GLY B 256 -29.35 -27.94 21.09
C GLY B 256 -29.13 -28.11 22.57
N SER B 257 -28.81 -29.34 22.96
CA SER B 257 -28.39 -29.63 24.31
C SER B 257 -27.23 -30.61 24.14
N ASP B 258 -26.15 -30.13 23.54
CA ASP B 258 -25.07 -31.01 23.08
C ASP B 258 -24.31 -31.68 24.20
N PRO B 259 -24.04 -32.98 24.06
CA PRO B 259 -23.21 -33.69 25.04
C PRO B 259 -21.72 -33.48 24.75
N LEU B 260 -20.93 -33.29 25.81
CA LEU B 260 -19.48 -33.37 25.71
C LEU B 260 -19.04 -34.57 26.55
N ILE B 261 -18.50 -35.58 25.88
CA ILE B 261 -18.18 -36.85 26.51
C ILE B 261 -16.69 -36.98 26.76
N ILE B 262 -16.33 -37.27 28.01
CA ILE B 262 -14.92 -37.32 28.39
C ILE B 262 -14.57 -38.70 28.91
N LEU B 263 -13.69 -39.39 28.20
CA LEU B 263 -13.38 -40.76 28.55
C LEU B 263 -12.16 -40.80 29.46
N ASP B 264 -11.79 -41.99 29.95
CA ASP B 264 -10.81 -42.08 31.02
C ASP B 264 -9.35 -42.04 30.56
N ASP B 265 -9.12 -42.00 29.25
CA ASP B 265 -7.74 -42.01 28.76
C ASP B 265 -7.24 -40.62 28.38
N VAL B 266 -8.03 -39.59 28.68
CA VAL B 266 -7.67 -38.23 28.29
C VAL B 266 -6.57 -37.59 29.15
N ASP B 267 -6.03 -36.50 28.64
CA ASP B 267 -5.29 -35.52 29.43
C ASP B 267 -6.36 -34.74 30.19
N VAL B 268 -6.51 -35.04 31.47
CA VAL B 268 -7.65 -34.50 32.22
C VAL B 268 -7.60 -32.97 32.32
N ASP B 269 -6.42 -32.40 32.52
CA ASP B 269 -6.31 -30.95 32.59
C ASP B 269 -6.75 -30.30 31.29
N TYR B 270 -6.29 -30.85 30.16
CA TYR B 270 -6.68 -30.35 28.85
C TYR B 270 -8.20 -30.47 28.64
N ALA B 271 -8.74 -31.61 29.04
CA ALA B 271 -10.18 -31.88 28.94
C ALA B 271 -10.96 -30.82 29.72
N ALA B 272 -10.49 -30.49 30.91
CA ALA B 272 -11.15 -29.44 31.70
C ALA B 272 -11.07 -28.08 31.00
N ARG B 273 -9.90 -27.74 30.46
CA ARG B 273 -9.77 -26.45 29.77
C ARG B 273 -10.71 -26.39 28.58
N LEU B 274 -10.73 -27.47 27.81
CA LEU B 274 -11.58 -27.55 26.64
C LEU B 274 -13.04 -27.44 27.06
N ALA B 275 -13.41 -28.20 28.09
CA ALA B 275 -14.81 -28.21 28.56
C ALA B 275 -15.28 -26.84 29.03
N VAL B 276 -14.41 -26.10 29.72
CA VAL B 276 -14.82 -24.78 30.22
C VAL B 276 -15.13 -23.84 29.05
N PHE B 277 -14.26 -23.85 28.04
CA PHE B 277 -14.47 -23.04 26.84
C PHE B 277 -15.74 -23.47 26.12
N ALA B 278 -15.89 -24.77 25.89
CA ALA B 278 -17.04 -25.27 25.14
C ALA B 278 -18.36 -25.05 25.85
N SER B 279 -18.37 -25.14 27.19
CA SER B 279 -19.64 -25.04 27.92
C SER B 279 -20.04 -23.61 28.28
N LEU B 280 -19.10 -22.68 28.30
CA LEU B 280 -19.39 -21.38 28.89
C LEU B 280 -18.98 -20.18 28.04
N PHE B 281 -18.39 -20.39 26.86
CA PHE B 281 -18.13 -19.26 25.99
C PHE B 281 -19.43 -18.56 25.67
N HIS B 282 -19.36 -17.24 25.60
CA HIS B 282 -20.53 -16.37 25.44
C HIS B 282 -21.63 -16.71 26.46
N GLN B 283 -21.19 -17.04 27.67
CA GLN B 283 -22.10 -17.31 28.79
C GLN B 283 -22.99 -18.53 28.50
N GLY B 284 -22.52 -19.40 27.61
CA GLY B 284 -23.25 -20.60 27.24
C GLY B 284 -24.41 -20.31 26.30
N GLN B 285 -24.50 -19.07 25.82
CA GLN B 285 -25.57 -18.67 24.93
C GLN B 285 -25.21 -19.02 23.48
N ILE B 286 -25.01 -20.31 23.22
CA ILE B 286 -24.60 -20.81 21.90
C ILE B 286 -25.40 -22.07 21.64
N CYS B 287 -25.95 -22.23 20.44
CA CYS B 287 -26.79 -23.40 20.16
C CYS B 287 -25.99 -24.70 20.29
N THR B 288 -24.71 -24.62 19.96
CA THR B 288 -23.82 -25.77 20.05
C THR B 288 -22.89 -25.68 21.26
N SER B 289 -23.30 -24.93 22.27
CA SER B 289 -22.61 -24.97 23.55
C SER B 289 -22.57 -26.41 24.09
N ALA B 290 -21.52 -26.75 24.81
CA ALA B 290 -21.48 -28.05 25.46
C ALA B 290 -22.35 -27.96 26.72
N LYS B 291 -23.61 -28.35 26.61
CA LYS B 291 -24.59 -28.07 27.65
C LYS B 291 -24.74 -29.22 28.66
N ARG B 292 -24.30 -30.42 28.29
CA ARG B 292 -24.38 -31.55 29.20
C ARG B 292 -23.04 -32.26 29.18
N ILE B 293 -22.31 -32.16 30.29
CA ILE B 293 -20.96 -32.73 30.35
C ILE B 293 -20.99 -34.10 31.00
N ILE B 294 -20.40 -35.07 30.32
CA ILE B 294 -20.52 -36.48 30.66
C ILE B 294 -19.13 -37.06 30.81
N VAL B 295 -18.76 -37.41 32.04
CA VAL B 295 -17.41 -37.87 32.31
C VAL B 295 -17.36 -39.29 32.82
N HIS B 296 -16.36 -40.03 32.36
CA HIS B 296 -16.10 -41.38 32.81
C HIS B 296 -15.66 -41.38 34.28
N LYS B 297 -16.24 -42.30 35.05
CA LYS B 297 -15.97 -42.50 36.47
C LYS B 297 -14.49 -42.43 36.86
N ALA B 298 -13.63 -43.04 36.05
CA ALA B 298 -12.21 -43.16 36.42
C ALA B 298 -11.46 -41.82 36.48
N VAL B 299 -11.97 -40.79 35.81
CA VAL B 299 -11.31 -39.48 35.85
C VAL B 299 -12.24 -38.40 36.39
N ALA B 300 -13.41 -38.82 36.85
CA ALA B 300 -14.46 -37.84 37.17
C ALA B 300 -14.07 -36.88 38.29
N ASP B 301 -13.55 -37.41 39.40
CA ASP B 301 -13.16 -36.57 40.53
C ASP B 301 -12.14 -35.54 40.11
N LYS B 302 -11.09 -36.00 39.44
CA LYS B 302 -10.02 -35.10 39.01
C LYS B 302 -10.53 -34.13 37.94
N PHE B 303 -11.34 -34.61 37.01
CA PHE B 303 -11.91 -33.71 36.01
C PHE B 303 -12.75 -32.61 36.65
N ILE B 304 -13.62 -33.01 37.57
CA ILE B 304 -14.54 -32.06 38.19
C ILE B 304 -13.77 -31.00 38.97
N GLU B 305 -12.73 -31.42 39.69
CA GLU B 305 -11.91 -30.46 40.44
C GLU B 305 -11.25 -29.45 39.50
N ARG B 306 -10.68 -29.95 38.42
CA ARG B 306 -9.97 -29.07 37.49
C ARG B 306 -10.94 -28.14 36.77
N TYR B 307 -12.09 -28.68 36.36
CA TYR B 307 -13.10 -27.88 35.68
C TYR B 307 -13.54 -26.70 36.55
N VAL B 308 -13.90 -26.98 37.80
CA VAL B 308 -14.32 -25.93 38.71
C VAL B 308 -13.19 -24.93 38.97
N HIS B 309 -11.97 -25.45 39.06
CA HIS B 309 -10.78 -24.62 39.18
C HIS B 309 -10.72 -23.58 38.07
N TYR B 310 -10.93 -24.00 36.83
CA TYR B 310 -10.85 -23.05 35.73
C TYR B 310 -12.10 -22.17 35.65
N VAL B 311 -13.26 -22.72 36.01
CA VAL B 311 -14.46 -21.90 36.06
C VAL B 311 -14.25 -20.74 37.04
N LYS B 312 -13.66 -21.06 38.19
CA LYS B 312 -13.33 -20.05 39.22
C LYS B 312 -12.47 -18.91 38.68
N MET B 313 -11.64 -19.21 37.68
CA MET B 313 -10.72 -18.22 37.12
C MET B 313 -11.37 -17.29 36.13
N LEU B 314 -12.58 -17.61 35.70
CA LEU B 314 -13.26 -16.81 34.69
C LEU B 314 -13.51 -15.41 35.21
N ARG B 315 -13.26 -14.42 34.36
CA ARG B 315 -13.48 -13.05 34.74
C ARG B 315 -14.75 -12.51 34.09
N ILE B 316 -15.69 -12.10 34.96
CA ILE B 316 -16.98 -11.59 34.54
C ILE B 316 -17.00 -10.09 34.78
N ASP B 317 -17.34 -9.32 33.75
CA ASP B 317 -17.24 -7.87 33.86
C ASP B 317 -17.94 -7.18 32.70
N ASP B 318 -18.06 -5.86 32.80
CA ASP B 318 -18.44 -5.02 31.66
C ASP B 318 -17.56 -5.38 30.47
N PRO B 319 -18.16 -5.94 29.40
CA PRO B 319 -17.33 -6.36 28.27
C PRO B 319 -16.68 -5.18 27.53
N ARG B 320 -17.17 -3.97 27.76
CA ARG B 320 -16.55 -2.78 27.17
C ARG B 320 -15.22 -2.40 27.83
N LYS B 321 -14.96 -2.93 29.02
CA LYS B 321 -13.83 -2.49 29.83
C LYS B 321 -12.47 -2.74 29.20
N ASP B 322 -12.22 -3.97 28.78
CA ASP B 322 -10.96 -4.30 28.14
C ASP B 322 -11.06 -5.60 27.34
N GLU B 323 -9.99 -5.97 26.67
CA GLU B 323 -10.03 -7.06 25.70
C GLU B 323 -9.97 -8.42 26.37
N LYS B 324 -9.79 -8.46 27.68
CA LYS B 324 -9.56 -9.74 28.35
C LYS B 324 -10.71 -10.23 29.23
N VAL B 325 -11.80 -9.48 29.29
CA VAL B 325 -13.01 -9.96 29.95
C VAL B 325 -13.41 -11.33 29.38
N ASP B 326 -13.64 -12.32 30.24
CA ASP B 326 -14.03 -13.65 29.78
C ASP B 326 -15.54 -13.74 29.48
N LEU B 327 -16.37 -13.23 30.39
CA LEU B 327 -17.82 -13.30 30.23
C LEU B 327 -18.48 -11.95 30.43
N GLY B 328 -19.48 -11.65 29.59
CA GLY B 328 -20.30 -10.48 29.78
C GLY B 328 -21.62 -10.84 30.44
N PRO B 329 -22.63 -9.97 30.28
CA PRO B 329 -23.97 -10.22 30.81
C PRO B 329 -24.77 -11.14 29.91
N LEU B 330 -25.89 -11.66 30.42
CA LEU B 330 -26.89 -12.29 29.57
C LEU B 330 -27.65 -11.19 28.88
N ILE B 331 -28.40 -11.54 27.84
CA ILE B 331 -28.96 -10.53 26.94
C ILE B 331 -30.07 -9.69 27.59
N ASN B 332 -30.82 -10.26 28.53
CA ASN B 332 -31.82 -9.48 29.25
C ASN B 332 -32.21 -10.14 30.57
N GLU B 333 -33.12 -9.50 31.31
CA GLU B 333 -33.48 -9.99 32.64
C GLU B 333 -34.31 -11.27 32.59
N ARG B 334 -35.04 -11.47 31.50
CA ARG B 334 -35.79 -12.70 31.30
C ARG B 334 -34.86 -13.92 31.28
N GLN B 335 -33.70 -13.76 30.66
CA GLN B 335 -32.70 -14.83 30.66
C GLN B 335 -32.18 -15.10 32.06
N VAL B 336 -31.97 -14.04 32.85
CA VAL B 336 -31.49 -14.24 34.20
C VAL B 336 -32.53 -14.99 35.01
N ALA B 337 -33.80 -14.66 34.81
CA ALA B 337 -34.88 -15.28 35.56
C ALA B 337 -34.98 -16.75 35.22
N LEU B 338 -34.77 -17.07 33.94
CA LEU B 338 -34.83 -18.46 33.52
C LEU B 338 -33.67 -19.26 34.13
N MET B 339 -32.46 -18.69 34.11
CA MET B 339 -31.33 -19.38 34.73
C MET B 339 -31.61 -19.64 36.22
N LYS B 340 -32.27 -18.70 36.88
CA LYS B 340 -32.64 -18.91 38.30
C LYS B 340 -33.62 -20.09 38.44
N GLU B 341 -34.57 -20.21 37.51
CA GLU B 341 -35.47 -21.37 37.53
C GLU B 341 -34.68 -22.68 37.42
N PHE B 342 -33.69 -22.70 36.53
CA PHE B 342 -32.87 -23.91 36.37
C PHE B 342 -32.09 -24.25 37.64
N VAL B 343 -31.53 -23.23 38.30
CA VAL B 343 -30.81 -23.42 39.56
C VAL B 343 -31.77 -23.90 40.67
N ASP B 344 -32.92 -23.23 40.79
CA ASP B 344 -33.96 -23.58 41.75
C ASP B 344 -34.36 -25.04 41.60
N ASP B 345 -34.58 -25.46 40.35
CA ASP B 345 -35.01 -26.83 40.10
C ASP B 345 -33.92 -27.84 40.48
N ALA B 346 -32.67 -27.53 40.14
CA ALA B 346 -31.58 -28.46 40.43
C ALA B 346 -31.33 -28.65 41.93
N VAL B 347 -31.39 -27.56 42.67
CA VAL B 347 -31.21 -27.63 44.13
C VAL B 347 -32.36 -28.45 44.72
N SER B 348 -33.58 -28.18 44.26
CA SER B 348 -34.73 -28.86 44.85
C SER B 348 -34.74 -30.36 44.56
N ARG B 349 -34.04 -30.79 43.51
CA ARG B 349 -33.96 -32.22 43.17
C ARG B 349 -32.72 -32.89 43.72
N GLY B 350 -31.97 -32.18 44.55
CA GLY B 350 -30.84 -32.77 45.25
C GLY B 350 -29.50 -32.49 44.61
N GLY B 351 -29.48 -31.60 43.62
CA GLY B 351 -28.23 -31.21 42.98
C GLY B 351 -27.26 -30.54 43.94
N ARG B 352 -25.98 -30.75 43.68
CA ARG B 352 -24.92 -30.15 44.48
CA ARG B 352 -24.94 -30.15 44.49
C ARG B 352 -24.30 -28.98 43.74
N LEU B 353 -24.45 -27.79 44.29
CA LEU B 353 -23.95 -26.57 43.64
C LEU B 353 -22.48 -26.36 43.97
N LEU B 354 -21.59 -26.79 43.07
CA LEU B 354 -20.16 -26.73 43.31
C LEU B 354 -19.63 -25.30 43.30
N ILE B 355 -20.22 -24.45 42.47
CA ILE B 355 -19.78 -23.07 42.36
C ILE B 355 -20.80 -22.25 41.59
N GLY B 356 -20.83 -20.94 41.84
CA GLY B 356 -21.62 -20.02 41.04
C GLY B 356 -23.07 -19.86 41.41
N GLY B 357 -23.79 -19.09 40.60
CA GLY B 357 -25.19 -18.82 40.85
C GLY B 357 -25.46 -17.37 41.20
N ARG B 358 -24.42 -16.63 41.57
CA ARG B 358 -24.59 -15.21 41.89
C ARG B 358 -25.06 -14.45 40.66
N SER B 359 -26.00 -13.54 40.84
CA SER B 359 -26.41 -12.71 39.72
C SER B 359 -26.71 -11.30 40.17
N TRP B 360 -26.47 -10.36 39.27
CA TRP B 360 -26.72 -8.95 39.52
C TRP B 360 -27.00 -8.29 38.18
N GLY B 361 -28.08 -7.53 38.09
CA GLY B 361 -28.56 -7.04 36.81
C GLY B 361 -28.66 -8.20 35.83
N ASN B 362 -28.05 -8.06 34.65
CA ASN B 362 -28.08 -9.14 33.67
C ASN B 362 -26.88 -10.07 33.77
N PHE B 363 -26.01 -9.84 34.74
CA PHE B 363 -24.82 -10.69 34.90
C PHE B 363 -25.14 -11.94 35.73
N PHE B 364 -24.44 -13.03 35.42
CA PHE B 364 -24.67 -14.32 36.06
C PHE B 364 -23.35 -15.09 36.12
N GLU B 365 -22.97 -15.54 37.31
CA GLU B 365 -21.76 -16.33 37.48
CA GLU B 365 -21.76 -16.33 37.48
C GLU B 365 -22.08 -17.81 37.29
N PRO B 366 -21.42 -18.46 36.31
CA PRO B 366 -21.65 -19.86 35.94
C PRO B 366 -21.91 -20.77 37.12
N ALA B 367 -23.06 -21.43 37.11
CA ALA B 367 -23.47 -22.32 38.16
C ALA B 367 -23.25 -23.78 37.74
N ILE B 368 -22.39 -24.49 38.45
CA ILE B 368 -22.00 -25.84 38.07
C ILE B 368 -22.57 -26.86 39.07
N PHE B 369 -23.30 -27.86 38.55
CA PHE B 369 -23.95 -28.89 39.37
C PHE B 369 -23.41 -30.30 39.14
N VAL B 370 -23.29 -31.06 40.23
CA VAL B 370 -23.16 -32.51 40.15
C VAL B 370 -24.28 -33.12 41.03
N ASP B 371 -24.30 -34.44 41.16
CA ASP B 371 -25.42 -35.17 41.78
C ASP B 371 -26.70 -34.87 41.01
N VAL B 372 -26.60 -34.95 39.69
CA VAL B 372 -27.69 -34.65 38.78
C VAL B 372 -28.30 -35.98 38.26
N ASP B 373 -29.59 -36.00 37.96
CA ASP B 373 -30.18 -37.16 37.24
C ASP B 373 -31.06 -36.68 36.08
N ARG B 374 -31.63 -37.62 35.34
CA ARG B 374 -32.28 -37.30 34.05
C ARG B 374 -33.54 -36.47 34.23
N ASN B 375 -34.06 -36.39 35.45
CA ASN B 375 -35.27 -35.61 35.69
C ASN B 375 -35.02 -34.10 35.88
N PHE B 376 -33.76 -33.69 36.04
CA PHE B 376 -33.45 -32.26 36.20
C PHE B 376 -33.82 -31.47 34.95
N ARG B 377 -34.40 -30.29 35.12
CA ARG B 377 -34.68 -29.43 33.98
C ARG B 377 -33.40 -29.15 33.17
N ILE B 378 -32.25 -29.08 33.83
CA ILE B 378 -31.02 -28.78 33.09
C ILE B 378 -30.51 -30.01 32.34
N MET B 379 -31.17 -31.15 32.51
CA MET B 379 -30.90 -32.31 31.65
C MET B 379 -31.96 -32.49 30.57
N ARG B 380 -33.15 -31.93 30.81
CA ARG B 380 -34.31 -32.15 29.96
C ARG B 380 -34.55 -31.04 28.95
N GLU B 381 -33.99 -29.86 29.20
CA GLU B 381 -34.27 -28.69 28.37
C GLU B 381 -32.99 -28.08 27.88
N GLU B 382 -33.06 -27.29 26.79
CA GLU B 382 -31.91 -26.49 26.38
C GLU B 382 -31.64 -25.42 27.43
N VAL B 383 -30.43 -25.39 27.97
CA VAL B 383 -30.08 -24.36 28.94
C VAL B 383 -29.22 -23.31 28.25
N PHE B 384 -29.88 -22.27 27.77
CA PHE B 384 -29.22 -21.29 26.90
C PHE B 384 -28.58 -20.19 27.75
N GLY B 385 -27.63 -20.59 28.58
CA GLY B 385 -27.07 -19.71 29.59
C GLY B 385 -26.12 -20.50 30.43
N PRO B 386 -25.50 -19.84 31.42
CA PRO B 386 -24.36 -20.44 32.13
C PRO B 386 -24.76 -21.26 33.36
N VAL B 387 -25.52 -22.33 33.14
CA VAL B 387 -25.81 -23.31 34.18
C VAL B 387 -25.52 -24.67 33.56
N ARG B 388 -24.65 -25.45 34.17
CA ARG B 388 -24.17 -26.67 33.52
C ARG B 388 -24.09 -27.84 34.48
N PRO B 389 -24.67 -28.98 34.09
CA PRO B 389 -24.51 -30.24 34.81
C PRO B 389 -23.27 -31.03 34.39
N ILE B 390 -22.64 -31.68 35.35
CA ILE B 390 -21.67 -32.72 35.06
C ILE B 390 -22.23 -34.03 35.55
N VAL B 391 -22.34 -35.00 34.64
CA VAL B 391 -22.88 -36.33 34.94
C VAL B 391 -21.78 -37.36 34.87
N VAL B 392 -21.75 -38.29 35.82
CA VAL B 392 -20.70 -39.31 35.85
C VAL B 392 -21.23 -40.65 35.35
N VAL B 393 -20.51 -41.28 34.42
CA VAL B 393 -20.94 -42.56 33.88
C VAL B 393 -19.87 -43.61 34.07
N GLU B 394 -20.27 -44.88 34.09
CA GLU B 394 -19.37 -45.96 34.41
C GLU B 394 -18.69 -46.56 33.20
N ASN B 395 -19.28 -46.40 32.03
CA ASN B 395 -18.69 -46.94 30.81
C ASN B 395 -19.19 -46.24 29.57
N ASP B 396 -18.69 -46.66 28.40
CA ASP B 396 -19.02 -45.97 27.16
C ASP B 396 -20.49 -46.13 26.80
N ASP B 397 -21.07 -47.31 27.07
CA ASP B 397 -22.50 -47.55 26.81
C ASP B 397 -23.38 -46.54 27.53
N GLN B 398 -23.08 -46.32 28.80
CA GLN B 398 -23.81 -45.36 29.61
C GLN B 398 -23.61 -43.94 29.09
N ALA B 399 -22.38 -43.60 28.70
CA ALA B 399 -22.09 -42.27 28.17
C ALA B 399 -23.01 -41.97 26.98
N VAL B 400 -23.15 -42.96 26.11
CA VAL B 400 -23.98 -42.85 24.91
C VAL B 400 -25.46 -42.77 25.28
N GLU B 401 -25.87 -43.61 26.23
CA GLU B 401 -27.26 -43.57 26.72
C GLU B 401 -27.63 -42.18 27.24
N VAL B 402 -26.75 -41.61 28.06
CA VAL B 402 -26.98 -40.28 28.58
C VAL B 402 -26.94 -39.24 27.47
N ALA B 403 -25.96 -39.36 26.57
CA ALA B 403 -25.80 -38.40 25.47
C ALA B 403 -27.07 -38.30 24.64
N ASN B 404 -27.69 -39.45 24.36
CA ASN B 404 -28.87 -39.48 23.52
C ASN B 404 -30.18 -39.24 24.27
N ASP B 405 -30.12 -39.21 25.61
CA ASP B 405 -31.32 -39.00 26.42
C ASP B 405 -31.72 -37.52 26.45
N THR B 406 -32.13 -37.02 25.29
CA THR B 406 -32.47 -35.61 25.07
C THR B 406 -33.38 -35.54 23.85
N ASP B 407 -34.23 -34.52 23.78
CA ASP B 407 -35.04 -34.31 22.59
C ASP B 407 -34.24 -33.65 21.47
N TYR B 408 -33.10 -33.08 21.82
CA TYR B 408 -32.30 -32.30 20.86
C TYR B 408 -31.30 -33.17 20.12
N GLY B 409 -30.62 -32.61 19.13
CA GLY B 409 -29.66 -33.40 18.39
C GLY B 409 -28.83 -32.55 17.47
N LEU B 410 -28.20 -31.52 18.02
CA LEU B 410 -27.51 -30.58 17.16
C LEU B 410 -26.07 -31.05 16.93
N SER B 411 -25.25 -30.92 17.95
CA SER B 411 -23.87 -31.35 17.83
C SER B 411 -23.49 -32.25 19.01
N GLY B 412 -22.19 -32.40 19.24
CA GLY B 412 -21.70 -33.25 20.30
C GLY B 412 -20.22 -33.49 20.08
N ALA B 413 -19.54 -34.00 21.10
CA ALA B 413 -18.12 -34.26 21.02
C ALA B 413 -17.69 -35.36 21.98
N VAL B 414 -16.58 -36.02 21.66
CA VAL B 414 -16.00 -36.97 22.58
C VAL B 414 -14.51 -36.70 22.66
N LEU B 415 -13.98 -36.74 23.88
CA LEU B 415 -12.56 -36.58 24.12
C LEU B 415 -11.99 -37.93 24.51
N THR B 416 -11.03 -38.42 23.71
CA THR B 416 -10.39 -39.71 23.94
C THR B 416 -9.24 -39.90 22.96
N ASN B 417 -8.29 -40.76 23.29
CA ASN B 417 -7.20 -41.02 22.36
C ASN B 417 -7.36 -42.36 21.69
N ASN B 418 -8.43 -43.06 22.06
CA ASN B 418 -8.67 -44.40 21.54
C ASN B 418 -9.51 -44.35 20.26
N VAL B 419 -8.95 -44.78 19.14
CA VAL B 419 -9.63 -44.66 17.85
C VAL B 419 -10.93 -45.45 17.81
N ASN B 420 -10.95 -46.63 18.42
CA ASN B 420 -12.16 -47.44 18.42
C ASN B 420 -13.29 -46.83 19.24
N ARG B 421 -12.95 -46.29 20.41
CA ARG B 421 -13.98 -45.73 21.29
C ARG B 421 -14.51 -44.43 20.70
N ALA B 422 -13.61 -43.66 20.09
CA ALA B 422 -13.99 -42.40 19.46
C ALA B 422 -15.02 -42.61 18.34
N PHE B 423 -14.71 -43.54 17.44
CA PHE B 423 -15.57 -43.79 16.29
C PHE B 423 -16.88 -44.45 16.69
N ARG B 424 -16.84 -45.37 17.66
CA ARG B 424 -18.04 -46.06 18.10
CA ARG B 424 -18.04 -46.06 18.08
C ARG B 424 -18.99 -45.08 18.76
N ILE B 425 -18.44 -44.17 19.55
CA ILE B 425 -19.27 -43.18 20.21
C ILE B 425 -19.83 -42.18 19.18
N ALA B 426 -18.97 -41.72 18.27
CA ALA B 426 -19.41 -40.78 17.23
C ALA B 426 -20.57 -41.35 16.43
N GLU B 427 -20.47 -42.64 16.11
CA GLU B 427 -21.50 -43.31 15.33
C GLU B 427 -22.83 -43.42 16.10
N ALA B 428 -22.75 -43.64 17.40
CA ALA B 428 -23.94 -43.94 18.20
C ALA B 428 -24.67 -42.70 18.71
N VAL B 429 -23.97 -41.59 18.80
CA VAL B 429 -24.60 -40.36 19.31
C VAL B 429 -25.50 -39.78 18.24
N GLU B 430 -26.74 -39.48 18.62
CA GLU B 430 -27.74 -39.01 17.67
C GLU B 430 -27.68 -37.49 17.50
N SER B 431 -26.90 -37.02 16.53
CA SER B 431 -26.71 -35.57 16.35
C SER B 431 -26.42 -35.29 14.89
N GLY B 432 -26.68 -34.06 14.47
CA GLY B 432 -26.43 -33.69 13.09
C GLY B 432 -24.96 -33.45 12.83
N MET B 433 -24.21 -33.20 13.89
CA MET B 433 -22.78 -32.89 13.78
C MET B 433 -22.06 -33.55 14.95
N PHE B 434 -20.78 -33.86 14.78
CA PHE B 434 -20.04 -34.49 15.87
C PHE B 434 -18.55 -34.24 15.72
N HIS B 435 -17.87 -34.03 16.85
CA HIS B 435 -16.45 -33.66 16.82
C HIS B 435 -15.63 -34.48 17.78
N ILE B 436 -14.58 -35.10 17.25
CA ILE B 436 -13.67 -35.88 18.07
C ILE B 436 -12.46 -35.02 18.49
N ASN B 437 -12.23 -34.96 19.80
CA ASN B 437 -11.18 -34.13 20.39
C ASN B 437 -11.21 -32.66 20.02
N ASP B 438 -12.41 -32.10 20.04
CA ASP B 438 -12.55 -30.66 19.91
C ASP B 438 -13.83 -30.21 20.59
N VAL B 439 -14.10 -28.91 20.56
CA VAL B 439 -15.30 -28.34 21.17
C VAL B 439 -16.56 -28.73 20.40
N THR B 440 -17.70 -28.67 21.07
CA THR B 440 -18.98 -28.97 20.44
C THR B 440 -19.36 -27.93 19.41
N PHE B 441 -18.91 -26.69 19.61
CA PHE B 441 -19.36 -25.65 18.71
C PHE B 441 -18.40 -25.35 17.53
N LEU B 442 -17.61 -26.32 17.11
CA LEU B 442 -16.83 -26.18 15.86
C LEU B 442 -17.74 -25.78 14.71
N GLU B 443 -17.30 -24.83 13.90
CA GLU B 443 -18.09 -24.38 12.76
C GLU B 443 -17.21 -23.74 11.68
N GLU B 444 -17.40 -24.16 10.44
CA GLU B 444 -16.69 -23.58 9.30
C GLU B 444 -17.70 -23.06 8.29
N SER B 445 -17.24 -22.24 7.36
CA SER B 445 -18.14 -21.49 6.49
C SER B 445 -18.82 -22.34 5.42
N HIS B 446 -18.22 -23.49 5.13
CA HIS B 446 -18.63 -24.27 3.97
C HIS B 446 -19.01 -25.70 4.31
N VAL B 447 -19.30 -25.98 5.58
CA VAL B 447 -19.67 -27.32 6.02
C VAL B 447 -21.16 -27.37 6.33
N PRO B 448 -21.77 -28.57 6.30
CA PRO B 448 -23.22 -28.63 6.57
C PRO B 448 -23.49 -28.49 8.07
N PHE B 449 -24.02 -27.33 8.45
CA PHE B 449 -24.33 -27.06 9.84
C PHE B 449 -25.85 -27.22 10.07
N GLY B 450 -26.22 -28.08 11.00
CA GLY B 450 -27.64 -28.27 11.32
C GLY B 450 -27.85 -29.51 12.16
N GLY B 451 -29.09 -29.74 12.57
CA GLY B 451 -29.37 -30.77 13.57
C GLY B 451 -30.38 -31.80 13.14
N ILE B 452 -30.65 -32.74 14.05
CA ILE B 452 -31.74 -33.70 13.89
C ILE B 452 -32.67 -33.58 15.11
N LYS B 453 -33.73 -34.37 15.12
CA LYS B 453 -34.66 -34.41 16.24
C LYS B 453 -35.23 -33.00 16.48
N ALA B 454 -35.26 -32.51 17.72
CA ALA B 454 -35.89 -31.20 17.93
C ALA B 454 -34.99 -30.04 17.52
N SER B 455 -33.75 -30.32 17.10
CA SER B 455 -32.83 -29.24 16.77
C SER B 455 -33.06 -28.66 15.36
N GLY B 456 -33.95 -29.27 14.59
CA GLY B 456 -34.38 -28.60 13.37
C GLY B 456 -34.24 -29.43 12.12
N VAL B 457 -34.30 -28.75 10.97
CA VAL B 457 -34.26 -29.41 9.67
C VAL B 457 -33.41 -28.60 8.70
N GLY B 458 -32.73 -29.30 7.79
CA GLY B 458 -31.90 -28.64 6.79
C GLY B 458 -30.48 -28.38 7.27
N ARG B 459 -29.63 -27.90 6.36
CA ARG B 459 -28.24 -27.58 6.67
C ARG B 459 -27.86 -26.25 6.04
N GLU B 460 -27.01 -25.49 6.72
CA GLU B 460 -26.52 -24.25 6.13
C GLU B 460 -25.01 -24.20 6.18
N GLY B 461 -24.42 -23.50 5.21
CA GLY B 461 -22.98 -23.42 5.06
C GLY B 461 -22.65 -23.80 3.64
N GLY B 462 -22.02 -22.91 2.89
CA GLY B 462 -21.58 -23.19 1.53
C GLY B 462 -22.66 -23.74 0.61
N GLU B 463 -22.34 -24.83 -0.09
CA GLU B 463 -23.28 -25.40 -1.04
CA GLU B 463 -23.26 -25.45 -1.03
C GLU B 463 -24.52 -25.98 -0.34
N TRP B 464 -24.41 -26.20 0.97
CA TRP B 464 -25.57 -26.76 1.66
C TRP B 464 -26.63 -25.66 1.77
N SER B 465 -26.17 -24.43 1.97
CA SER B 465 -27.09 -23.29 1.90
C SER B 465 -27.75 -23.18 0.53
N PHE B 466 -26.97 -23.40 -0.53
CA PHE B 466 -27.49 -23.36 -1.89
C PHE B 466 -28.57 -24.43 -2.10
N HIS B 467 -28.34 -25.65 -1.62
CA HIS B 467 -29.35 -26.72 -1.67
C HIS B 467 -30.68 -26.27 -1.04
N GLU B 468 -30.60 -25.54 0.07
CA GLU B 468 -31.80 -25.11 0.78
C GLU B 468 -32.61 -24.09 0.00
N THR B 469 -31.93 -23.22 -0.75
CA THR B 469 -32.63 -22.10 -1.37
C THR B 469 -32.60 -22.13 -2.90
N THR B 470 -32.47 -23.32 -3.47
CA THR B 470 -32.66 -23.53 -4.90
C THR B 470 -33.52 -24.78 -5.10
N TYR B 471 -33.98 -25.02 -6.33
CA TYR B 471 -34.61 -26.29 -6.63
C TYR B 471 -34.02 -26.89 -7.92
N ASP B 472 -34.15 -28.20 -8.05
CA ASP B 472 -33.72 -28.92 -9.23
C ASP B 472 -34.78 -28.82 -10.30
N ARG B 473 -34.36 -28.62 -11.54
CA ARG B 473 -35.31 -28.63 -12.63
C ARG B 473 -34.90 -29.53 -13.79
N TRP B 474 -35.55 -30.68 -13.88
CA TRP B 474 -35.32 -31.66 -14.94
C TRP B 474 -35.86 -31.15 -16.28
N VAL B 475 -34.99 -31.12 -17.28
CA VAL B 475 -35.36 -30.67 -18.62
C VAL B 475 -34.86 -31.69 -19.63
N THR B 476 -35.71 -32.05 -20.60
CA THR B 476 -35.28 -32.96 -21.64
C THR B 476 -35.44 -32.38 -23.05
N VAL B 477 -34.68 -32.93 -23.99
CA VAL B 477 -34.92 -32.69 -25.42
C VAL B 477 -35.01 -34.03 -26.09
N THR B 478 -36.11 -34.25 -26.79
CA THR B 478 -36.30 -35.50 -27.51
C THR B 478 -36.06 -35.24 -29.00
N LEU B 479 -35.21 -36.06 -29.62
CA LEU B 479 -34.71 -35.74 -30.96
C LEU B 479 -35.33 -36.57 -32.07
N ARG B 480 -36.18 -37.51 -31.70
CA ARG B 480 -36.84 -38.38 -32.67
C ARG B 480 -38.33 -38.39 -32.41
N THR B 481 -39.11 -38.55 -33.47
CA THR B 481 -40.55 -38.73 -33.29
C THR B 481 -40.81 -40.18 -32.98
N ARG B 482 -41.97 -40.46 -32.42
CA ARG B 482 -42.37 -41.86 -32.22
C ARG B 482 -43.88 -42.02 -32.32
N ARG B 483 -44.33 -43.26 -32.34
CA ARG B 483 -45.74 -43.60 -32.30
C ARG B 483 -46.22 -43.66 -30.85
N PHE B 484 -47.47 -43.29 -30.61
CA PHE B 484 -48.05 -43.28 -29.27
C PHE B 484 -49.11 -44.38 -29.17
N PRO B 485 -49.40 -44.85 -27.96
CA PRO B 485 -50.34 -45.97 -27.80
C PRO B 485 -51.83 -45.63 -28.01
N ILE B 486 -52.24 -44.36 -27.95
CA ILE B 486 -53.63 -44.03 -28.27
C ILE B 486 -53.67 -42.93 -29.33
N PRO B 487 -54.68 -42.97 -30.23
CA PRO B 487 -55.64 -44.06 -30.39
C PRO B 487 -54.99 -45.30 -30.98
N SER B 488 -55.40 -46.46 -30.52
CA SER B 488 -54.84 -47.71 -31.00
C SER B 488 -55.24 -48.02 -32.44
N ALA B 489 -56.36 -47.45 -32.88
CA ALA B 489 -56.86 -47.71 -34.23
C ALA B 489 -55.94 -47.12 -35.30
N LEU B 490 -55.06 -46.22 -34.87
CA LEU B 490 -54.15 -45.55 -35.76
C LEU B 490 -53.03 -46.48 -36.26
N ILE C 2 -15.64 -78.92 -15.17
CA ILE C 2 -15.45 -79.50 -16.49
C ILE C 2 -14.21 -80.40 -16.53
N ASP C 3 -13.95 -80.99 -17.69
CA ASP C 3 -12.86 -81.93 -17.86
C ASP C 3 -11.72 -81.30 -18.66
N LEU C 4 -10.52 -81.32 -18.08
N LEU C 4 -14.12 -78.58 -20.47
CA LEU C 4 -9.36 -80.63 -18.65
CA LEU C 4 -12.79 -78.66 -21.08
C LEU C 4 -8.92 -81.23 -20.00
C LEU C 4 -12.54 -80.06 -21.62
N ASN C 5 -9.06 -82.54 -20.13
N ASN C 5 -13.12 -81.05 -20.95
CA ASN C 5 -8.58 -83.25 -21.31
CA ASN C 5 -13.05 -82.43 -21.41
C ASN C 5 -9.49 -83.07 -22.51
C ASN C 5 -13.83 -82.62 -22.70
N ILE C 6 -10.69 -82.57 -22.25
N ILE C 6 -14.64 -81.61 -23.01
CA ILE C 6 -11.71 -82.40 -23.28
CA ILE C 6 -15.56 -81.67 -24.14
C ILE C 6 -11.82 -80.92 -23.66
C ILE C 6 -15.41 -80.46 -25.06
N MET C 7 -11.15 -80.07 -22.90
N MET C 7 -14.54 -79.52 -24.67
CA MET C 7 -11.14 -78.63 -23.17
CA MET C 7 -14.33 -78.30 -25.44
C MET C 7 -10.49 -78.29 -24.51
C MET C 7 -12.84 -77.96 -25.58
N LYS C 8 -11.26 -77.65 -25.38
N LYS C 8 -12.49 -77.33 -26.69
CA LYS C 8 -10.74 -77.13 -26.64
CA LYS C 8 -11.12 -76.88 -26.94
C LYS C 8 -10.76 -75.61 -26.59
C LYS C 8 -10.93 -75.41 -26.58
N VAL C 9 -9.73 -75.03 -25.96
N VAL C 9 -9.73 -75.02 -26.16
CA VAL C 9 -9.70 -73.58 -25.78
CA VAL C 9 -9.44 -73.62 -25.83
C VAL C 9 -9.26 -72.89 -27.07
C VAL C 9 -9.14 -72.85 -27.10
N ALA C 10 -9.74 -71.66 -27.24
CA ALA C 10 -9.56 -70.89 -28.48
C ALA C 10 -9.67 -69.39 -28.23
N ASN C 11 -9.24 -68.59 -29.21
CA ASN C 11 -9.58 -67.16 -29.21
C ASN C 11 -11.09 -66.94 -29.35
N TYR C 12 -11.54 -65.73 -29.03
CA TYR C 12 -12.93 -65.34 -29.24
C TYR C 12 -12.94 -63.99 -29.89
N ILE C 13 -13.24 -63.97 -31.19
CA ILE C 13 -13.12 -62.77 -31.98
C ILE C 13 -14.39 -62.55 -32.82
N ASN C 14 -15.00 -61.38 -32.65
CA ASN C 14 -16.20 -61.01 -33.39
C ASN C 14 -17.32 -62.04 -33.25
N GLY C 15 -17.55 -62.50 -32.03
CA GLY C 15 -18.61 -63.45 -31.76
C GLY C 15 -18.31 -64.92 -32.06
N GLU C 16 -17.12 -65.26 -32.52
CA GLU C 16 -16.84 -66.67 -32.80
C GLU C 16 -15.59 -67.17 -32.07
N PHE C 17 -15.67 -68.39 -31.54
CA PHE C 17 -14.47 -69.04 -31.01
C PHE C 17 -13.68 -69.64 -32.16
N LYS C 18 -12.39 -69.33 -32.23
CA LYS C 18 -11.58 -69.91 -33.29
C LYS C 18 -10.08 -69.94 -33.01
N GLU C 19 -9.41 -70.77 -33.81
CA GLU C 19 -7.97 -70.91 -33.80
C GLU C 19 -7.25 -69.65 -34.21
N PRO C 20 -6.01 -69.47 -33.73
CA PRO C 20 -5.18 -68.38 -34.24
C PRO C 20 -4.93 -68.60 -35.72
N SER C 21 -4.73 -67.49 -36.43
CA SER C 21 -4.46 -67.48 -37.87
C SER C 21 -3.45 -68.56 -38.30
N THR C 22 -2.34 -68.68 -37.60
CA THR C 22 -1.28 -69.61 -37.98
C THR C 22 -1.47 -71.04 -37.48
N GLY C 23 -2.49 -71.27 -36.65
CA GLY C 23 -2.74 -72.59 -36.10
C GLY C 23 -1.81 -72.97 -34.97
N ALA C 24 -0.85 -72.10 -34.66
CA ALA C 24 0.12 -72.32 -33.58
C ALA C 24 -0.53 -72.44 -32.20
N PHE C 25 0.02 -73.34 -31.38
CA PHE C 25 -0.49 -73.54 -30.03
C PHE C 25 0.64 -73.87 -29.06
N GLN C 26 0.36 -73.68 -27.77
CA GLN C 26 1.25 -74.05 -26.67
C GLN C 26 0.52 -74.92 -25.68
N VAL C 27 1.26 -75.58 -24.81
CA VAL C 27 0.62 -76.39 -23.79
C VAL C 27 0.66 -75.68 -22.46
N LYS C 28 -0.50 -75.49 -21.86
CA LYS C 28 -0.57 -74.92 -20.53
C LYS C 28 -0.48 -76.05 -19.51
N THR C 29 0.51 -75.97 -18.62
CA THR C 29 0.68 -76.96 -17.57
C THR C 29 0.37 -76.39 -16.19
N SER C 30 -0.02 -77.26 -15.26
CA SER C 30 -0.28 -76.90 -13.88
C SER C 30 1.00 -76.61 -13.13
N PRO C 31 1.02 -75.54 -12.33
CA PRO C 31 2.18 -75.28 -11.47
C PRO C 31 2.30 -76.33 -10.37
N VAL C 32 1.22 -77.06 -10.10
CA VAL C 32 1.22 -78.01 -8.99
C VAL C 32 2.17 -79.17 -9.29
N ASP C 33 2.05 -79.74 -10.49
CA ASP C 33 2.81 -80.96 -10.81
C ASP C 33 3.25 -81.02 -12.26
N GLY C 34 3.08 -79.92 -12.99
CA GLY C 34 3.46 -79.90 -14.40
C GLY C 34 2.49 -80.66 -15.31
N SER C 35 1.36 -81.13 -14.78
CA SER C 35 0.41 -81.86 -15.62
C SER C 35 -0.16 -80.96 -16.71
N LYS C 36 -0.41 -81.54 -17.88
CA LYS C 36 -0.99 -80.81 -18.99
C LYS C 36 -2.42 -80.41 -18.64
N ILE C 37 -2.76 -79.15 -18.87
CA ILE C 37 -4.12 -78.69 -18.64
C ILE C 37 -4.87 -78.59 -19.97
N ALA C 38 -4.28 -77.89 -20.93
CA ALA C 38 -4.86 -77.74 -22.25
C ALA C 38 -3.86 -77.15 -23.22
N GLU C 39 -4.01 -77.51 -24.50
CA GLU C 39 -3.38 -76.74 -25.55
C GLU C 39 -4.14 -75.44 -25.67
N VAL C 40 -3.41 -74.34 -25.84
CA VAL C 40 -4.05 -73.05 -25.96
C VAL C 40 -3.39 -72.33 -27.13
N PRO C 41 -4.08 -71.33 -27.71
CA PRO C 41 -3.50 -70.58 -28.82
C PRO C 41 -2.17 -69.92 -28.51
N ARG C 42 -1.34 -69.79 -29.54
CA ARG C 42 -0.21 -68.86 -29.49
C ARG C 42 -0.43 -67.88 -30.64
N SER C 43 -1.22 -66.84 -30.37
CA SER C 43 -1.65 -65.93 -31.43
C SER C 43 -0.55 -64.97 -31.82
N GLY C 44 -0.73 -64.31 -32.96
CA GLY C 44 0.23 -63.35 -33.46
C GLY C 44 -0.44 -62.02 -33.74
N ARG C 45 0.25 -61.13 -34.45
CA ARG C 45 -0.24 -59.78 -34.67
C ARG C 45 -1.53 -59.76 -35.50
N GLU C 46 -1.65 -60.71 -36.42
CA GLU C 46 -2.84 -60.79 -37.26
C GLU C 46 -4.11 -61.06 -36.44
N ASP C 47 -3.99 -61.94 -35.47
CA ASP C 47 -5.14 -62.23 -34.62
C ASP C 47 -5.49 -61.00 -33.80
N ALA C 48 -4.48 -60.30 -33.29
CA ALA C 48 -4.71 -59.09 -32.52
C ALA C 48 -5.39 -58.02 -33.35
N ARG C 49 -4.92 -57.84 -34.58
CA ARG C 49 -5.49 -56.85 -35.50
C ARG C 49 -6.93 -57.15 -35.86
N GLU C 50 -7.23 -58.43 -36.12
CA GLU C 50 -8.60 -58.86 -36.35
C GLU C 50 -9.51 -58.55 -35.15
N ALA C 51 -9.04 -58.81 -33.93
CA ALA C 51 -9.81 -58.50 -32.72
C ALA C 51 -10.07 -57.01 -32.60
N ILE C 52 -9.03 -56.22 -32.86
CA ILE C 52 -9.11 -54.78 -32.76
C ILE C 52 -10.07 -54.19 -33.81
N ASP C 53 -9.98 -54.70 -35.04
CA ASP C 53 -10.90 -54.25 -36.08
C ASP C 53 -12.32 -54.66 -35.74
N SER C 54 -12.49 -55.84 -35.14
CA SER C 54 -13.83 -56.28 -34.75
C SER C 54 -14.41 -55.40 -33.66
N ALA C 55 -13.58 -55.00 -32.70
CA ALA C 55 -14.04 -54.10 -31.63
C ALA C 55 -14.34 -52.70 -32.19
N PHE C 56 -13.54 -52.26 -33.15
CA PHE C 56 -13.71 -50.92 -33.70
C PHE C 56 -15.02 -50.82 -34.48
N GLU C 57 -15.34 -51.87 -35.21
CA GLU C 57 -16.55 -51.92 -36.02
C GLU C 57 -17.80 -52.10 -35.16
N ALA C 58 -17.64 -52.63 -33.94
CA ALA C 58 -18.77 -52.82 -33.04
C ALA C 58 -19.04 -51.58 -32.19
N LEU C 59 -18.05 -50.69 -32.14
CA LEU C 59 -18.04 -49.60 -31.18
C LEU C 59 -19.25 -48.67 -31.27
N LYS C 60 -19.54 -48.11 -32.45
CA LYS C 60 -20.60 -47.08 -32.54
C LYS C 60 -21.95 -47.59 -32.04
N ALA C 61 -22.32 -48.80 -32.43
CA ALA C 61 -23.62 -49.35 -32.02
C ALA C 61 -23.67 -49.69 -30.52
N TRP C 62 -22.54 -50.08 -29.94
CA TRP C 62 -22.48 -50.40 -28.51
C TRP C 62 -22.48 -49.12 -27.65
N ALA C 63 -21.79 -48.09 -28.11
CA ALA C 63 -21.71 -46.83 -27.38
C ALA C 63 -23.01 -46.05 -27.46
N ASN C 64 -23.76 -46.23 -28.55
CA ASN C 64 -24.93 -45.41 -28.79
C ASN C 64 -26.22 -45.91 -28.16
N ILE C 65 -26.30 -47.21 -27.85
CA ILE C 65 -27.51 -47.69 -27.18
C ILE C 65 -27.58 -47.09 -25.76
N PRO C 66 -28.79 -46.99 -25.19
CA PRO C 66 -28.89 -46.44 -23.83
C PRO C 66 -28.14 -47.31 -22.81
N ALA C 67 -27.61 -46.67 -21.78
CA ALA C 67 -26.86 -47.34 -20.74
C ALA C 67 -27.61 -48.53 -20.16
N ILE C 68 -28.93 -48.38 -20.02
CA ILE C 68 -29.76 -49.45 -19.49
C ILE C 68 -29.64 -50.76 -20.31
N ARG C 69 -29.45 -50.64 -21.62
N ARG C 69 -29.44 -50.65 -21.62
CA ARG C 69 -29.25 -51.83 -22.47
CA ARG C 69 -29.29 -51.86 -22.43
C ARG C 69 -27.95 -52.51 -22.10
C ARG C 69 -27.93 -52.52 -22.18
N ARG C 70 -26.90 -51.72 -21.93
CA ARG C 70 -25.59 -52.29 -21.58
C ARG C 70 -25.64 -52.90 -20.18
N ALA C 71 -26.35 -52.24 -19.26
CA ALA C 71 -26.53 -52.80 -17.92
C ALA C 71 -27.26 -54.15 -18.00
N GLU C 72 -28.24 -54.25 -18.90
CA GLU C 72 -28.96 -55.51 -19.07
C GLU C 72 -28.00 -56.64 -19.47
N TYR C 73 -27.11 -56.35 -20.41
CA TYR C 73 -26.12 -57.34 -20.86
C TYR C 73 -25.21 -57.76 -19.69
N LEU C 74 -24.77 -56.79 -18.90
CA LEU C 74 -23.95 -57.12 -17.75
C LEU C 74 -24.72 -57.94 -16.70
N TYR C 75 -26.01 -57.67 -16.50
CA TYR C 75 -26.77 -58.47 -15.55
C TYR C 75 -26.89 -59.90 -16.05
N LYS C 76 -26.99 -60.05 -17.37
CA LYS C 76 -27.00 -61.38 -17.99
C LYS C 76 -25.66 -62.09 -17.77
N MET C 77 -24.56 -61.34 -17.94
CA MET C 77 -23.23 -61.86 -17.66
CA MET C 77 -23.24 -61.87 -17.66
C MET C 77 -23.14 -62.36 -16.21
N LEU C 78 -23.69 -61.57 -15.29
CA LEU C 78 -23.72 -61.94 -13.87
C LEU C 78 -24.44 -63.27 -13.67
N GLU C 79 -25.56 -63.43 -14.36
CA GLU C 79 -26.38 -64.63 -14.24
C GLU C 79 -25.58 -65.84 -14.73
N VAL C 80 -24.90 -65.69 -15.86
CA VAL C 80 -24.07 -66.76 -16.40
C VAL C 80 -22.88 -67.06 -15.47
N PHE C 81 -22.22 -66.02 -14.97
CA PHE C 81 -21.10 -66.22 -14.06
C PHE C 81 -21.51 -67.06 -12.85
N ARG C 82 -22.67 -66.76 -12.27
CA ARG C 82 -23.17 -67.53 -11.13
C ARG C 82 -23.30 -69.02 -11.43
N GLN C 83 -23.59 -69.36 -12.69
CA GLN C 83 -23.69 -70.75 -13.11
C GLN C 83 -22.33 -71.43 -13.31
N MET C 84 -21.30 -70.62 -13.55
CA MET C 84 -19.98 -71.14 -13.87
C MET C 84 -18.99 -71.09 -12.70
N LYS C 85 -19.48 -70.76 -11.51
CA LYS C 85 -18.60 -70.50 -10.38
C LYS C 85 -17.64 -71.65 -10.07
N GLU C 86 -18.15 -72.88 -10.07
CA GLU C 86 -17.33 -74.05 -9.77
C GLU C 86 -16.26 -74.24 -10.82
N ASP C 87 -16.62 -74.03 -12.09
CA ASP C 87 -15.66 -74.14 -13.18
C ASP C 87 -14.51 -73.15 -13.02
N PHE C 88 -14.84 -71.90 -12.69
CA PHE C 88 -13.83 -70.88 -12.47
C PHE C 88 -12.93 -71.25 -11.30
N MET C 89 -13.51 -71.74 -10.21
CA MET C 89 -12.70 -72.11 -9.05
C MET C 89 -11.73 -73.23 -9.37
N LYS C 90 -12.19 -74.26 -10.08
CA LYS C 90 -11.33 -75.37 -10.47
C LYS C 90 -10.14 -74.91 -11.32
N ILE C 91 -10.38 -74.02 -12.27
CA ILE C 91 -9.30 -73.57 -13.14
C ILE C 91 -8.35 -72.60 -12.41
N LEU C 92 -8.88 -71.77 -11.53
CA LEU C 92 -8.01 -70.89 -10.76
C LEU C 92 -7.03 -71.70 -9.90
N THR C 93 -7.50 -72.82 -9.38
CA THR C 93 -6.69 -73.68 -8.54
C THR C 93 -5.66 -74.45 -9.38
N VAL C 94 -6.11 -75.21 -10.38
CA VAL C 94 -5.17 -76.07 -11.10
C VAL C 94 -4.28 -75.30 -12.07
N GLU C 95 -4.81 -74.21 -12.64
CA GLU C 95 -4.06 -73.43 -13.59
C GLU C 95 -3.21 -72.39 -12.87
N GLY C 96 -3.75 -71.84 -11.78
CA GLY C 96 -3.11 -70.70 -11.14
C GLY C 96 -2.40 -71.01 -9.84
N GLY C 97 -2.71 -72.17 -9.27
CA GLY C 97 -2.08 -72.59 -8.03
C GLY C 97 -2.77 -72.09 -6.77
N GLY C 98 -3.91 -71.43 -6.92
CA GLY C 98 -4.67 -70.94 -5.80
C GLY C 98 -5.30 -72.00 -4.92
N THR C 99 -5.24 -71.81 -3.61
CA THR C 99 -5.94 -72.69 -2.67
C THR C 99 -7.45 -72.50 -2.82
N TYR C 100 -8.22 -73.43 -2.26
CA TYR C 100 -9.68 -73.33 -2.24
C TYR C 100 -10.16 -71.99 -1.67
N ARG C 101 -9.62 -71.59 -0.54
CA ARG C 101 -10.05 -70.36 0.08
C ARG C 101 -9.66 -69.14 -0.75
N LYS C 102 -8.51 -69.18 -1.40
CA LYS C 102 -8.13 -68.06 -2.26
C LYS C 102 -9.08 -67.96 -3.48
N VAL C 103 -9.38 -69.09 -4.13
CA VAL C 103 -10.15 -69.03 -5.37
C VAL C 103 -11.64 -68.80 -5.09
N TRP C 104 -12.14 -69.32 -3.98
CA TRP C 104 -13.49 -69.00 -3.53
C TRP C 104 -13.64 -67.51 -3.31
N GLY C 105 -12.67 -66.89 -2.65
CA GLY C 105 -12.70 -65.44 -2.45
C GLY C 105 -12.64 -64.65 -3.75
N GLU C 106 -11.85 -65.12 -4.70
CA GLU C 106 -11.71 -64.41 -5.96
C GLU C 106 -13.01 -64.49 -6.75
N VAL C 107 -13.68 -65.63 -6.68
CA VAL C 107 -14.90 -65.84 -7.42
C VAL C 107 -16.06 -65.04 -6.80
N VAL C 108 -16.11 -65.00 -5.47
CA VAL C 108 -17.09 -64.19 -4.76
C VAL C 108 -16.91 -62.72 -5.11
N PHE C 109 -15.65 -62.27 -5.16
CA PHE C 109 -15.36 -60.87 -5.44
C PHE C 109 -15.70 -60.56 -6.88
N THR C 110 -15.43 -61.51 -7.77
CA THR C 110 -15.70 -61.33 -9.18
C THR C 110 -17.21 -61.14 -9.42
N GLU C 111 -18.02 -61.93 -8.73
CA GLU C 111 -19.47 -61.77 -8.81
C GLU C 111 -19.89 -60.34 -8.41
N ARG C 112 -19.30 -59.83 -7.33
CA ARG C 112 -19.57 -58.48 -6.90
C ARG C 112 -19.08 -57.44 -7.90
N LEU C 113 -17.98 -57.72 -8.59
CA LEU C 113 -17.44 -56.78 -9.55
C LEU C 113 -18.37 -56.63 -10.76
N ILE C 114 -18.88 -57.75 -11.25
CA ILE C 114 -19.75 -57.73 -12.43
C ILE C 114 -21.04 -56.99 -12.07
N GLN C 115 -21.61 -57.37 -10.93
CA GLN C 115 -22.79 -56.72 -10.43
C GLN C 115 -22.57 -55.22 -10.25
N ASN C 116 -21.41 -54.85 -9.70
CA ASN C 116 -21.10 -53.44 -9.48
C ASN C 116 -21.11 -52.64 -10.79
N ALA C 117 -20.49 -53.19 -11.83
CA ALA C 117 -20.45 -52.52 -13.12
C ALA C 117 -21.88 -52.36 -13.69
N ALA C 118 -22.69 -53.41 -13.55
CA ALA C 118 -24.07 -53.36 -14.03
C ALA C 118 -24.85 -52.26 -13.31
N GLU C 119 -24.66 -52.19 -12.00
CA GLU C 119 -25.35 -51.24 -11.13
C GLU C 119 -25.06 -49.79 -11.48
N LEU C 120 -23.84 -49.53 -11.93
CA LEU C 120 -23.40 -48.15 -12.09
C LEU C 120 -23.62 -47.58 -13.48
N ALA C 121 -23.86 -48.44 -14.47
CA ALA C 121 -23.91 -48.03 -15.87
C ALA C 121 -24.84 -46.84 -16.15
N ARG C 122 -26.03 -46.88 -15.56
CA ARG C 122 -27.06 -45.88 -15.84
C ARG C 122 -26.84 -44.56 -15.09
N HIS C 123 -25.86 -44.52 -14.19
CA HIS C 123 -25.76 -43.43 -13.22
C HIS C 123 -24.51 -42.57 -13.33
N TYR C 124 -23.74 -42.78 -14.39
CA TYR C 124 -22.53 -41.99 -14.57
C TYR C 124 -22.92 -40.63 -15.16
N GLN C 125 -22.77 -39.58 -14.36
CA GLN C 125 -23.33 -38.28 -14.71
C GLN C 125 -22.31 -37.29 -15.23
N GLY C 126 -22.77 -36.38 -16.10
CA GLY C 126 -21.97 -35.20 -16.43
C GLY C 126 -22.44 -34.05 -15.53
N ARG C 127 -22.22 -32.82 -15.98
CA ARG C 127 -22.48 -31.61 -15.17
C ARG C 127 -23.13 -30.48 -15.95
N VAL C 128 -24.08 -29.79 -15.32
CA VAL C 128 -24.63 -28.54 -15.84
C VAL C 128 -23.91 -27.39 -15.16
N LEU C 129 -23.39 -26.45 -15.94
CA LEU C 129 -22.50 -25.42 -15.40
C LEU C 129 -23.14 -24.05 -15.43
N GLN C 130 -22.66 -23.15 -14.57
CA GLN C 130 -23.01 -21.73 -14.64
C GLN C 130 -22.15 -21.10 -15.73
N SER C 131 -22.76 -20.42 -16.69
CA SER C 131 -21.95 -19.71 -17.69
C SER C 131 -21.63 -18.32 -17.20
N ASP C 132 -20.44 -17.84 -17.53
CA ASP C 132 -20.08 -16.46 -17.24
C ASP C 132 -20.64 -15.53 -18.31
N SER C 133 -21.16 -16.11 -19.40
CA SER C 133 -21.75 -15.31 -20.46
C SER C 133 -23.27 -15.32 -20.35
N GLU C 134 -23.87 -14.21 -20.78
CA GLU C 134 -25.31 -14.08 -20.90
C GLU C 134 -25.85 -15.04 -21.95
N SER C 135 -27.09 -15.49 -21.74
CA SER C 135 -27.82 -16.26 -22.75
C SER C 135 -27.04 -17.47 -23.26
N THR C 136 -26.33 -18.14 -22.36
CA THR C 136 -25.54 -19.29 -22.75
C THR C 136 -25.89 -20.49 -21.89
N ILE C 137 -26.15 -21.62 -22.53
CA ILE C 137 -26.28 -22.90 -21.83
C ILE C 137 -24.97 -23.67 -21.95
N SER C 138 -24.47 -24.16 -20.82
CA SER C 138 -23.15 -24.76 -20.74
C SER C 138 -23.21 -26.08 -19.96
N VAL C 139 -22.95 -27.21 -20.63
CA VAL C 139 -23.02 -28.52 -19.98
C VAL C 139 -21.85 -29.41 -20.36
N VAL C 140 -21.67 -30.49 -19.60
CA VAL C 140 -20.61 -31.44 -19.88
C VAL C 140 -21.15 -32.85 -19.97
N PHE C 141 -20.98 -33.47 -21.13
CA PHE C 141 -21.35 -34.87 -21.32
C PHE C 141 -20.20 -35.82 -21.02
N LYS C 142 -20.54 -37.09 -20.77
CA LYS C 142 -19.56 -38.17 -20.65
C LYS C 142 -19.61 -39.02 -21.92
N ARG C 143 -18.46 -39.28 -22.54
CA ARG C 143 -18.42 -40.12 -23.73
C ARG C 143 -17.41 -41.24 -23.56
N SER C 144 -17.69 -42.40 -24.12
CA SER C 144 -16.75 -43.51 -23.99
C SER C 144 -15.51 -43.26 -24.86
N LYS C 145 -14.37 -43.78 -24.44
CA LYS C 145 -13.12 -43.51 -25.15
C LYS C 145 -13.02 -44.27 -26.49
N GLY C 146 -13.53 -45.50 -26.55
CA GLY C 146 -13.53 -46.22 -27.80
C GLY C 146 -13.15 -47.68 -27.59
N VAL C 147 -12.19 -48.17 -28.39
CA VAL C 147 -11.66 -49.53 -28.21
C VAL C 147 -10.66 -49.54 -27.07
N VAL C 148 -10.85 -50.44 -26.09
CA VAL C 148 -9.96 -50.48 -24.95
C VAL C 148 -9.18 -51.79 -24.88
N GLY C 149 -7.86 -51.70 -24.87
CA GLY C 149 -7.02 -52.87 -24.62
C GLY C 149 -6.96 -53.22 -23.15
N VAL C 150 -7.14 -54.49 -22.83
CA VAL C 150 -7.13 -54.96 -21.44
C VAL C 150 -6.07 -56.05 -21.32
N ILE C 151 -5.01 -55.79 -20.54
CA ILE C 151 -3.88 -56.72 -20.45
C ILE C 151 -3.62 -57.01 -18.98
N THR C 152 -3.59 -58.29 -18.62
CA THR C 152 -3.74 -58.67 -17.22
C THR C 152 -2.68 -59.66 -16.73
N PRO C 153 -2.55 -59.81 -15.39
CA PRO C 153 -1.54 -60.71 -14.83
C PRO C 153 -2.09 -62.06 -14.42
N TRP C 154 -1.23 -62.89 -13.85
CA TRP C 154 -1.56 -64.28 -13.53
C TRP C 154 -1.96 -64.56 -12.08
N ASN C 155 -1.81 -63.60 -11.17
CA ASN C 155 -1.98 -63.91 -9.74
C ASN C 155 -3.45 -63.95 -9.29
N TYR C 156 -4.23 -62.93 -9.70
CA TYR C 156 -5.68 -62.92 -9.52
C TYR C 156 -6.28 -62.70 -10.90
N PRO C 157 -6.12 -63.69 -11.79
CA PRO C 157 -6.41 -63.43 -13.21
C PRO C 157 -7.90 -63.20 -13.45
N LEU C 158 -8.78 -63.78 -12.65
CA LEU C 158 -10.23 -63.62 -12.86
C LEU C 158 -10.73 -62.25 -12.37
N SER C 159 -10.49 -61.95 -11.10
CA SER C 159 -11.02 -60.72 -10.52
C SER C 159 -10.37 -59.48 -11.15
N ILE C 160 -9.07 -59.51 -11.40
CA ILE C 160 -8.43 -58.35 -12.01
C ILE C 160 -8.92 -58.14 -13.44
N SER C 161 -9.05 -59.24 -14.20
CA SER C 161 -9.59 -59.13 -15.57
C SER C 161 -11.04 -58.61 -15.57
N MET C 162 -11.89 -59.15 -14.69
CA MET C 162 -13.30 -58.80 -14.71
C MET C 162 -13.54 -57.38 -14.18
N LYS C 163 -12.72 -56.92 -13.24
CA LYS C 163 -12.85 -55.51 -12.81
C LYS C 163 -12.65 -54.62 -14.02
N LYS C 164 -11.59 -54.87 -14.80
CA LYS C 164 -11.31 -54.07 -15.98
C LYS C 164 -12.38 -54.26 -17.06
N ILE C 165 -12.71 -55.50 -17.37
CA ILE C 165 -13.61 -55.79 -18.49
C ILE C 165 -15.04 -55.29 -18.23
N ALA C 166 -15.60 -55.66 -17.08
CA ALA C 166 -16.99 -55.29 -16.77
C ALA C 166 -17.20 -53.77 -16.74
N HIS C 167 -16.35 -53.03 -16.03
CA HIS C 167 -16.56 -51.58 -15.92
C HIS C 167 -16.32 -50.87 -17.24
N THR C 168 -15.33 -51.32 -17.99
CA THR C 168 -15.04 -50.72 -19.29
C THR C 168 -16.19 -50.92 -20.29
N LEU C 169 -16.76 -52.12 -20.32
CA LEU C 169 -17.92 -52.37 -21.17
C LEU C 169 -19.14 -51.56 -20.75
N ALA C 170 -19.33 -51.39 -19.43
CA ALA C 170 -20.51 -50.72 -18.89
C ALA C 170 -20.74 -49.32 -19.49
N VAL C 171 -19.67 -48.53 -19.62
CA VAL C 171 -19.83 -47.15 -20.09
C VAL C 171 -19.70 -47.00 -21.60
N GLY C 172 -19.75 -48.12 -22.32
CA GLY C 172 -19.89 -48.04 -23.76
C GLY C 172 -18.61 -48.18 -24.57
N ASN C 173 -17.52 -48.65 -23.95
CA ASN C 173 -16.32 -49.05 -24.71
C ASN C 173 -16.43 -50.48 -25.18
N THR C 174 -15.69 -50.82 -26.23
CA THR C 174 -15.50 -52.23 -26.60
C THR C 174 -14.12 -52.68 -26.15
N VAL C 175 -13.89 -53.99 -26.14
CA VAL C 175 -12.74 -54.56 -25.45
C VAL C 175 -11.93 -55.56 -26.29
N VAL C 176 -10.61 -55.42 -26.28
CA VAL C 176 -9.73 -56.49 -26.74
C VAL C 176 -8.90 -56.92 -25.54
N TYR C 177 -9.06 -58.18 -25.15
CA TYR C 177 -8.51 -58.70 -23.91
C TYR C 177 -7.41 -59.74 -24.15
N LYS C 178 -6.22 -59.49 -23.58
CA LYS C 178 -5.13 -60.47 -23.64
C LYS C 178 -4.70 -60.89 -22.24
N PRO C 179 -5.10 -62.10 -21.81
CA PRO C 179 -4.72 -62.63 -20.51
C PRO C 179 -3.22 -62.94 -20.40
N ALA C 180 -2.75 -63.08 -19.18
CA ALA C 180 -1.38 -63.52 -18.92
C ALA C 180 -1.18 -64.92 -19.49
N SER C 181 0.03 -65.18 -20.00
CA SER C 181 0.30 -66.46 -20.67
C SER C 181 0.25 -67.63 -19.69
N ASP C 182 0.49 -67.36 -18.41
CA ASP C 182 0.37 -68.42 -17.42
C ASP C 182 -1.06 -68.68 -16.99
N THR C 183 -2.00 -67.82 -17.37
CA THR C 183 -3.41 -68.11 -17.04
C THR C 183 -4.37 -67.93 -18.21
N PRO C 184 -4.18 -68.71 -19.30
CA PRO C 184 -5.03 -68.57 -20.48
C PRO C 184 -6.42 -69.17 -20.33
N VAL C 185 -6.55 -70.24 -19.58
CA VAL C 185 -7.83 -70.93 -19.51
C VAL C 185 -8.86 -70.06 -18.77
N THR C 186 -8.39 -69.27 -17.81
CA THR C 186 -9.26 -68.35 -17.10
C THR C 186 -9.85 -67.33 -18.09
N GLY C 187 -9.00 -66.81 -18.98
CA GLY C 187 -9.45 -65.87 -19.99
C GLY C 187 -10.47 -66.46 -20.95
N TRP C 188 -10.28 -67.73 -21.28
CA TRP C 188 -11.18 -68.46 -22.15
C TRP C 188 -12.54 -68.69 -21.50
N LEU C 189 -12.54 -69.00 -20.21
CA LEU C 189 -13.79 -69.14 -19.45
C LEU C 189 -14.53 -67.80 -19.40
N ILE C 190 -13.78 -66.70 -19.28
CA ILE C 190 -14.39 -65.38 -19.34
C ILE C 190 -15.10 -65.18 -20.70
N ALA C 191 -14.42 -65.50 -21.81
CA ALA C 191 -15.05 -65.40 -23.13
C ALA C 191 -16.30 -66.30 -23.25
N GLN C 192 -16.24 -67.48 -22.65
CA GLN C 192 -17.39 -68.36 -22.62
CA GLN C 192 -17.38 -68.37 -22.60
C GLN C 192 -18.58 -67.72 -21.91
N MET C 193 -18.30 -67.08 -20.78
CA MET C 193 -19.31 -66.36 -20.02
C MET C 193 -19.92 -65.25 -20.87
N VAL C 194 -19.06 -64.46 -21.50
CA VAL C 194 -19.50 -63.33 -22.32
C VAL C 194 -20.36 -63.83 -23.50
N ALA C 195 -19.90 -64.89 -24.15
CA ALA C 195 -20.61 -65.50 -25.27
C ALA C 195 -21.98 -66.02 -24.86
N LYS C 196 -22.06 -66.72 -23.72
CA LYS C 196 -23.35 -67.22 -23.24
C LYS C 196 -24.30 -66.09 -22.87
N ALA C 197 -23.75 -64.91 -22.57
CA ALA C 197 -24.59 -63.77 -22.21
C ALA C 197 -25.07 -63.03 -23.46
N GLY C 198 -24.56 -63.45 -24.62
CA GLY C 198 -24.99 -62.95 -25.90
C GLY C 198 -24.69 -61.50 -26.22
N LEU C 199 -23.55 -60.98 -25.76
CA LEU C 199 -23.17 -59.63 -26.12
C LEU C 199 -22.97 -59.54 -27.64
N PRO C 200 -23.25 -58.37 -28.23
CA PRO C 200 -23.12 -58.21 -29.68
C PRO C 200 -21.71 -58.55 -30.16
N LYS C 201 -21.60 -59.14 -31.35
CA LYS C 201 -20.31 -59.54 -31.90
C LYS C 201 -19.35 -58.36 -31.93
N GLY C 202 -18.11 -58.62 -31.53
CA GLY C 202 -17.07 -57.61 -31.58
C GLY C 202 -16.99 -56.75 -30.34
N VAL C 203 -18.02 -56.76 -29.49
CA VAL C 203 -18.01 -55.89 -28.31
C VAL C 203 -16.92 -56.35 -27.32
N PHE C 204 -16.75 -57.66 -27.21
CA PHE C 204 -15.69 -58.26 -26.39
C PHE C 204 -14.92 -59.26 -27.21
N ASN C 205 -13.60 -59.15 -27.19
CA ASN C 205 -12.73 -60.10 -27.90
C ASN C 205 -11.61 -60.61 -27.03
N LEU C 206 -11.34 -61.91 -27.15
CA LEU C 206 -10.25 -62.58 -26.43
C LEU C 206 -9.15 -63.03 -27.40
N VAL C 207 -7.93 -62.57 -27.20
CA VAL C 207 -6.76 -63.08 -27.92
C VAL C 207 -5.70 -63.64 -26.97
N ILE C 208 -5.44 -64.95 -27.08
CA ILE C 208 -4.45 -65.62 -26.24
C ILE C 208 -3.11 -65.74 -26.97
N GLY C 209 -2.06 -65.14 -26.40
CA GLY C 209 -0.74 -65.10 -27.04
C GLY C 209 0.28 -64.27 -26.27
N PRO C 210 1.55 -64.27 -26.74
CA PRO C 210 2.68 -63.61 -26.05
C PRO C 210 2.51 -62.10 -25.90
N GLY C 211 2.75 -61.59 -24.70
CA GLY C 211 2.72 -60.16 -24.46
C GLY C 211 3.51 -59.30 -25.44
N PRO C 212 4.77 -59.70 -25.72
CA PRO C 212 5.54 -58.86 -26.64
C PRO C 212 5.06 -58.91 -28.10
N VAL C 213 4.13 -59.81 -28.41
CA VAL C 213 3.59 -59.85 -29.77
C VAL C 213 2.16 -59.33 -29.82
N VAL C 214 1.23 -60.06 -29.24
CA VAL C 214 -0.18 -59.67 -29.17
C VAL C 214 -0.36 -58.41 -28.33
N GLY C 215 0.23 -58.41 -27.14
CA GLY C 215 0.18 -57.25 -26.26
C GLY C 215 0.70 -56.00 -26.92
N GLU C 216 1.85 -56.09 -27.58
CA GLU C 216 2.43 -54.89 -28.19
C GLU C 216 1.61 -54.38 -29.37
N GLU C 217 0.99 -55.27 -30.12
CA GLU C 217 0.12 -54.82 -31.21
C GLU C 217 -1.07 -54.02 -30.65
N ILE C 218 -1.67 -54.53 -29.58
CA ILE C 218 -2.75 -53.82 -28.88
C ILE C 218 -2.31 -52.41 -28.45
N VAL C 219 -1.13 -52.32 -27.84
CA VAL C 219 -0.62 -51.06 -27.30
C VAL C 219 -0.22 -50.07 -28.38
N THR C 220 0.11 -50.55 -29.57
CA THR C 220 0.60 -49.66 -30.63
C THR C 220 -0.43 -49.36 -31.71
N HIS C 221 -1.54 -50.09 -31.74
CA HIS C 221 -2.52 -49.95 -32.82
C HIS C 221 -3.27 -48.63 -32.77
N LYS C 222 -3.45 -48.00 -33.92
CA LYS C 222 -4.09 -46.67 -33.97
C LYS C 222 -5.59 -46.67 -33.62
N ARG C 223 -6.27 -47.80 -33.77
CA ARG C 223 -7.71 -47.80 -33.46
C ARG C 223 -8.00 -48.18 -32.00
N VAL C 224 -6.95 -48.42 -31.22
CA VAL C 224 -7.12 -48.64 -29.78
C VAL C 224 -7.01 -47.30 -29.03
N ALA C 225 -8.01 -46.98 -28.19
CA ALA C 225 -8.07 -45.64 -27.57
C ALA C 225 -7.38 -45.57 -26.20
N HIS C 226 -7.36 -46.69 -25.50
CA HIS C 226 -6.93 -46.73 -24.11
C HIS C 226 -6.42 -48.12 -23.83
N VAL C 227 -5.41 -48.22 -22.98
CA VAL C 227 -4.98 -49.52 -22.50
C VAL C 227 -5.03 -49.54 -20.97
N THR C 228 -5.69 -50.53 -20.40
CA THR C 228 -5.63 -50.73 -18.97
C THR C 228 -4.82 -51.99 -18.70
N PHE C 229 -3.82 -51.88 -17.82
CA PHE C 229 -2.76 -52.87 -17.65
C PHE C 229 -2.45 -53.10 -16.18
N THR C 230 -2.29 -54.36 -15.80
CA THR C 230 -1.80 -54.71 -14.50
C THR C 230 -0.66 -55.73 -14.67
N GLY C 231 0.50 -55.41 -14.07
CA GLY C 231 1.70 -56.23 -14.24
C GLY C 231 2.90 -55.58 -13.57
N GLU C 232 4.10 -55.89 -14.07
CA GLU C 232 5.31 -55.35 -13.47
C GLU C 232 5.55 -53.92 -13.88
N SER C 233 6.20 -53.16 -13.00
CA SER C 233 6.47 -51.75 -13.25
C SER C 233 7.31 -51.54 -14.52
N SER C 234 8.24 -52.45 -14.78
CA SER C 234 9.07 -52.35 -15.99
C SER C 234 8.22 -52.51 -17.24
N THR C 235 7.39 -53.55 -17.28
CA THR C 235 6.45 -53.75 -18.39
C THR C 235 5.57 -52.50 -18.54
N GLY C 236 5.06 -52.01 -17.42
CA GLY C 236 4.23 -50.82 -17.43
C GLY C 236 4.90 -49.63 -18.08
N ARG C 237 6.17 -49.44 -17.78
CA ARG C 237 6.91 -48.31 -18.32
C ARG C 237 7.07 -48.44 -19.83
N GLU C 238 7.32 -49.66 -20.29
CA GLU C 238 7.45 -49.92 -21.73
C GLU C 238 6.12 -49.65 -22.46
N ILE C 239 5.03 -50.11 -21.86
CA ILE C 239 3.70 -49.90 -22.43
C ILE C 239 3.37 -48.41 -22.50
N ALA C 240 3.69 -47.68 -21.43
CA ALA C 240 3.39 -46.25 -21.40
C ALA C 240 4.13 -45.52 -22.50
N ALA C 241 5.37 -45.94 -22.74
CA ALA C 241 6.20 -45.35 -23.80
C ALA C 241 5.65 -45.68 -25.19
N LYS C 242 5.28 -46.93 -25.41
CA LYS C 242 4.71 -47.37 -26.69
C LYS C 242 3.37 -46.71 -27.00
N ALA C 243 2.55 -46.53 -25.96
CA ALA C 243 1.24 -45.91 -26.12
C ALA C 243 1.31 -44.45 -26.58
N ALA C 244 2.42 -43.77 -26.26
CA ALA C 244 2.57 -42.35 -26.62
C ALA C 244 2.47 -42.11 -28.14
N GLY C 245 2.90 -43.10 -28.92
CA GLY C 245 2.90 -42.96 -30.38
C GLY C 245 1.57 -42.57 -30.99
N THR C 246 0.47 -43.05 -30.41
CA THR C 246 -0.85 -42.70 -30.93
C THR C 246 -1.66 -41.85 -29.93
N LEU C 247 -0.99 -41.36 -28.89
CA LEU C 247 -1.64 -40.56 -27.86
C LEU C 247 -2.82 -41.27 -27.20
N LYS C 248 -2.71 -42.58 -27.00
CA LYS C 248 -3.73 -43.29 -26.25
C LYS C 248 -3.42 -43.16 -24.76
N THR C 249 -4.47 -43.16 -23.94
CA THR C 249 -4.28 -42.97 -22.50
C THR C 249 -4.09 -44.35 -21.86
N VAL C 250 -3.57 -44.39 -20.63
CA VAL C 250 -3.36 -45.67 -19.96
C VAL C 250 -3.76 -45.65 -18.49
N THR C 251 -4.13 -46.82 -18.01
CA THR C 251 -4.32 -47.07 -16.59
C THR C 251 -3.28 -48.13 -16.25
N LEU C 252 -2.47 -47.90 -15.21
CA LEU C 252 -1.40 -48.84 -14.89
C LEU C 252 -1.38 -49.18 -13.42
N GLU C 253 -1.58 -50.43 -13.11
CA GLU C 253 -1.41 -50.86 -11.73
C GLU C 253 -0.20 -51.77 -11.72
N LEU C 254 0.92 -51.31 -11.09
CA LEU C 254 2.23 -51.92 -11.24
C LEU C 254 2.46 -52.50 -9.84
C LEU C 254 2.86 -52.63 -10.03
N GLY C 255 3.67 -52.88 -9.48
N GLY C 255 2.04 -53.11 -9.10
CA GLY C 255 3.86 -53.56 -8.21
CA GLY C 255 2.59 -53.78 -7.94
C GLY C 255 3.66 -52.72 -6.96
C GLY C 255 2.99 -52.83 -6.83
N GLY C 256 3.62 -53.37 -5.81
CA GLY C 256 3.80 -52.64 -4.57
C GLY C 256 4.81 -53.28 -3.66
N SER C 257 5.28 -52.52 -2.68
CA SER C 257 6.05 -53.06 -1.59
C SER C 257 5.46 -52.51 -0.31
N ASP C 258 4.22 -52.89 -0.03
CA ASP C 258 3.44 -52.23 1.00
C ASP C 258 4.00 -52.44 2.40
N PRO C 259 4.05 -51.37 3.18
CA PRO C 259 4.38 -51.42 4.62
C PRO C 259 3.19 -51.83 5.48
N LEU C 260 3.43 -52.76 6.40
CA LEU C 260 2.50 -53.03 7.49
C LEU C 260 3.15 -52.57 8.78
N ILE C 261 2.68 -51.46 9.33
CA ILE C 261 3.28 -50.83 10.51
C ILE C 261 2.56 -51.23 11.79
N ILE C 262 3.31 -51.74 12.76
CA ILE C 262 2.73 -52.26 13.99
C ILE C 262 3.25 -51.52 15.23
N LEU C 263 2.36 -50.82 15.92
CA LEU C 263 2.80 -49.98 17.03
C LEU C 263 2.75 -50.74 18.33
N ASP C 264 3.26 -50.13 19.39
CA ASP C 264 3.46 -50.83 20.65
C ASP C 264 2.19 -51.03 21.47
N ASP C 265 1.09 -50.39 21.08
CA ASP C 265 -0.13 -50.51 21.88
C ASP C 265 -1.12 -51.55 21.34
N VAL C 266 -0.68 -52.40 20.43
CA VAL C 266 -1.59 -53.38 19.84
C VAL C 266 -1.81 -54.61 20.70
N ASP C 267 -2.89 -55.32 20.40
CA ASP C 267 -3.02 -56.73 20.74
C ASP C 267 -2.00 -57.48 19.88
N VAL C 268 -0.94 -57.95 20.51
CA VAL C 268 0.20 -58.48 19.75
C VAL C 268 -0.15 -59.79 19.05
N ASP C 269 -0.90 -60.66 19.73
CA ASP C 269 -1.29 -61.91 19.11
C ASP C 269 -2.16 -61.65 17.86
N TYR C 270 -3.10 -60.72 17.99
CA TYR C 270 -3.96 -60.35 16.85
C TYR C 270 -3.13 -59.75 15.73
N ALA C 271 -2.19 -58.87 16.07
CA ALA C 271 -1.32 -58.25 15.07
C ALA C 271 -0.53 -59.32 14.31
N ALA C 272 -0.10 -60.37 14.99
CA ALA C 272 0.64 -61.44 14.34
C ALA C 272 -0.27 -62.23 13.40
N ARG C 273 -1.49 -62.53 13.85
CA ARG C 273 -2.45 -63.25 13.01
C ARG C 273 -2.76 -62.46 11.74
N LEU C 274 -2.97 -61.16 11.90
CA LEU C 274 -3.24 -60.28 10.77
C LEU C 274 -2.05 -60.21 9.82
N ALA C 275 -0.84 -60.08 10.39
CA ALA C 275 0.35 -59.96 9.59
C ALA C 275 0.63 -61.19 8.75
N VAL C 276 0.39 -62.37 9.33
CA VAL C 276 0.57 -63.61 8.57
C VAL C 276 -0.36 -63.67 7.35
N PHE C 277 -1.64 -63.41 7.57
CA PHE C 277 -2.62 -63.39 6.48
C PHE C 277 -2.26 -62.33 5.43
N ALA C 278 -1.93 -61.12 5.89
CA ALA C 278 -1.59 -60.03 4.99
C ALA C 278 -0.30 -60.25 4.20
N SER C 279 0.71 -60.86 4.82
CA SER C 279 2.04 -60.95 4.16
C SER C 279 2.19 -62.20 3.31
N LEU C 280 1.34 -63.20 3.53
CA LEU C 280 1.59 -64.50 2.92
C LEU C 280 0.40 -65.15 2.18
N PHE C 281 -0.79 -64.58 2.27
CA PHE C 281 -1.92 -65.13 1.52
C PHE C 281 -1.58 -65.18 0.02
N HIS C 282 -2.00 -66.26 -0.64
CA HIS C 282 -1.61 -66.57 -2.03
C HIS C 282 -0.09 -66.53 -2.18
N GLN C 283 0.61 -67.05 -1.19
CA GLN C 283 2.06 -67.16 -1.22
C GLN C 283 2.71 -65.79 -1.42
N GLY C 284 2.03 -64.76 -0.93
CA GLY C 284 2.54 -63.41 -1.06
C GLY C 284 2.48 -62.86 -2.47
N GLN C 285 1.83 -63.58 -3.40
CA GLN C 285 1.75 -63.13 -4.78
C GLN C 285 0.53 -62.19 -4.96
N ILE C 286 0.59 -61.04 -4.29
CA ILE C 286 -0.49 -60.06 -4.32
C ILE C 286 0.14 -58.68 -4.41
N CYS C 287 -0.34 -57.83 -5.29
CA CYS C 287 0.27 -56.51 -5.46
C CYS C 287 0.23 -55.72 -4.14
N THR C 288 -0.84 -55.90 -3.38
CA THR C 288 -0.98 -55.23 -2.09
C THR C 288 -0.71 -56.16 -0.90
N SER C 289 0.12 -57.19 -1.12
CA SER C 289 0.63 -58.01 -0.01
C SER C 289 1.35 -57.12 0.99
N ALA C 290 1.33 -57.49 2.27
CA ALA C 290 2.19 -56.79 3.22
C ALA C 290 3.62 -57.29 3.03
N LYS C 291 4.42 -56.57 2.25
CA LYS C 291 5.72 -57.10 1.87
C LYS C 291 6.87 -56.67 2.79
N ARG C 292 6.64 -55.64 3.59
CA ARG C 292 7.63 -55.15 4.55
C ARG C 292 6.94 -54.92 5.88
N ILE C 293 7.28 -55.74 6.87
CA ILE C 293 6.68 -55.64 8.18
C ILE C 293 7.58 -54.80 9.09
N ILE C 294 6.98 -53.77 9.66
CA ILE C 294 7.68 -52.75 10.45
C ILE C 294 7.07 -52.68 11.84
N VAL C 295 7.86 -53.02 12.86
CA VAL C 295 7.29 -53.21 14.20
C VAL C 295 8.05 -52.40 15.27
N HIS C 296 7.29 -51.79 16.15
CA HIS C 296 7.82 -50.97 17.24
C HIS C 296 8.63 -51.83 18.21
N LYS C 297 9.81 -51.35 18.60
CA LYS C 297 10.72 -52.16 19.42
C LYS C 297 10.10 -52.66 20.71
N ALA C 298 9.17 -51.91 21.28
CA ALA C 298 8.56 -52.29 22.56
C ALA C 298 7.74 -53.59 22.47
N VAL C 299 7.27 -53.96 21.28
CA VAL C 299 6.54 -55.21 21.16
C VAL C 299 7.19 -56.16 20.15
N ALA C 300 8.37 -55.77 19.65
CA ALA C 300 9.02 -56.48 18.55
C ALA C 300 9.38 -57.93 18.86
N ASP C 301 9.88 -58.20 20.06
CA ASP C 301 10.28 -59.58 20.41
C ASP C 301 9.06 -60.49 20.46
N LYS C 302 8.03 -60.04 21.16
CA LYS C 302 6.84 -60.86 21.32
C LYS C 302 6.09 -61.00 19.98
N PHE C 303 6.13 -59.96 19.17
CA PHE C 303 5.48 -60.02 17.86
C PHE C 303 6.19 -61.02 16.96
N ILE C 304 7.52 -60.96 16.96
CA ILE C 304 8.30 -61.84 16.10
C ILE C 304 8.09 -63.30 16.50
N GLU C 305 8.08 -63.57 17.79
CA GLU C 305 7.82 -64.94 18.25
C GLU C 305 6.43 -65.44 17.82
N ARG C 306 5.41 -64.61 17.93
CA ARG C 306 4.07 -65.04 17.60
C ARG C 306 3.89 -65.17 16.08
N TYR C 307 4.49 -64.25 15.34
CA TYR C 307 4.39 -64.26 13.88
C TYR C 307 5.03 -65.53 13.33
N VAL C 308 6.23 -65.85 13.81
CA VAL C 308 6.94 -67.04 13.36
C VAL C 308 6.17 -68.29 13.78
N HIS C 309 5.54 -68.24 14.95
CA HIS C 309 4.70 -69.34 15.41
C HIS C 309 3.56 -69.67 14.42
N TYR C 310 2.83 -68.63 14.00
CA TYR C 310 1.73 -68.82 13.06
C TYR C 310 2.23 -69.18 11.66
N VAL C 311 3.33 -68.57 11.21
CA VAL C 311 3.92 -68.95 9.94
C VAL C 311 4.25 -70.45 9.93
N LYS C 312 4.81 -70.95 11.03
CA LYS C 312 5.18 -72.35 11.14
C LYS C 312 3.96 -73.26 11.01
N MET C 313 2.80 -72.74 11.43
CA MET C 313 1.53 -73.47 11.35
C MET C 313 0.96 -73.63 9.93
N LEU C 314 1.45 -72.83 8.99
CA LEU C 314 0.87 -72.85 7.64
C LEU C 314 1.01 -74.20 6.96
N ARG C 315 -0.08 -74.70 6.39
CA ARG C 315 -0.03 -75.97 5.68
C ARG C 315 0.20 -75.76 4.18
N ILE C 316 1.31 -76.28 3.67
CA ILE C 316 1.64 -76.17 2.26
C ILE C 316 1.37 -77.49 1.57
N ASP C 317 0.54 -77.49 0.53
CA ASP C 317 0.15 -78.75 -0.09
C ASP C 317 -0.42 -78.51 -1.49
N ASP C 318 -0.65 -79.60 -2.21
CA ASP C 318 -1.44 -79.56 -3.44
C ASP C 318 -2.77 -78.88 -3.13
N PRO C 319 -3.03 -77.70 -3.75
CA PRO C 319 -4.27 -76.98 -3.46
C PRO C 319 -5.55 -77.73 -3.91
N ARG C 320 -5.39 -78.70 -4.80
CA ARG C 320 -6.52 -79.54 -5.21
C ARG C 320 -6.94 -80.54 -4.12
N LYS C 321 -6.07 -80.75 -3.14
CA LYS C 321 -6.24 -81.81 -2.13
C LYS C 321 -7.52 -81.67 -1.31
N ASP C 322 -7.71 -80.51 -0.70
CA ASP C 322 -8.89 -80.25 0.14
C ASP C 322 -9.05 -78.76 0.44
N GLU C 323 -10.09 -78.41 1.17
CA GLU C 323 -10.47 -77.00 1.32
C GLU C 323 -9.66 -76.24 2.37
N LYS C 324 -8.81 -76.94 3.11
CA LYS C 324 -8.10 -76.30 4.21
C LYS C 324 -6.59 -76.14 3.99
N VAL C 325 -6.13 -76.37 2.77
CA VAL C 325 -4.76 -76.05 2.41
C VAL C 325 -4.52 -74.55 2.54
N ASP C 326 -3.44 -74.15 3.20
CA ASP C 326 -3.14 -72.72 3.38
C ASP C 326 -2.39 -72.08 2.24
N LEU C 327 -1.39 -72.79 1.73
CA LEU C 327 -0.51 -72.28 0.69
C LEU C 327 -0.37 -73.29 -0.43
N GLY C 328 -0.43 -72.81 -1.68
CA GLY C 328 -0.20 -73.63 -2.85
C GLY C 328 1.18 -73.31 -3.41
N PRO C 329 1.46 -73.75 -4.64
CA PRO C 329 2.75 -73.48 -5.27
C PRO C 329 2.83 -72.06 -5.82
N LEU C 330 4.04 -71.59 -6.11
CA LEU C 330 4.20 -70.39 -6.91
C LEU C 330 3.82 -70.70 -8.36
N ILE C 331 3.68 -69.68 -9.21
CA ILE C 331 3.08 -69.90 -10.52
C ILE C 331 3.97 -70.73 -11.45
N ASN C 332 5.29 -70.56 -11.34
CA ASN C 332 6.22 -71.35 -12.15
C ASN C 332 7.62 -71.43 -11.53
N GLU C 333 8.53 -72.13 -12.22
CA GLU C 333 9.84 -72.43 -11.65
C GLU C 333 10.70 -71.18 -11.63
N ARG C 334 10.46 -70.26 -12.54
CA ARG C 334 11.15 -68.98 -12.57
C ARG C 334 10.86 -68.16 -11.30
N GLN C 335 9.67 -68.31 -10.74
CA GLN C 335 9.37 -67.56 -9.53
C GLN C 335 10.10 -68.17 -8.35
N VAL C 336 10.18 -69.50 -8.32
CA VAL C 336 10.92 -70.15 -7.24
C VAL C 336 12.39 -69.73 -7.27
N ALA C 337 12.96 -69.66 -8.47
CA ALA C 337 14.37 -69.28 -8.62
C ALA C 337 14.61 -67.86 -8.14
N LEU C 338 13.67 -66.96 -8.43
CA LEU C 338 13.78 -65.58 -7.97
C LEU C 338 13.68 -65.48 -6.45
N MET C 339 12.75 -66.22 -5.87
CA MET C 339 12.60 -66.21 -4.42
C MET C 339 13.88 -66.76 -3.77
N LYS C 340 14.52 -67.71 -4.44
CA LYS C 340 15.79 -68.24 -3.94
C LYS C 340 16.89 -67.18 -3.98
N GLU C 341 16.93 -66.37 -5.04
CA GLU C 341 17.85 -65.25 -5.10
C GLU C 341 17.63 -64.27 -3.93
N PHE C 342 16.37 -63.99 -3.61
CA PHE C 342 16.03 -63.07 -2.52
C PHE C 342 16.54 -63.62 -1.19
N VAL C 343 16.27 -64.89 -0.93
CA VAL C 343 16.72 -65.55 0.29
C VAL C 343 18.26 -65.52 0.39
N ASP C 344 18.93 -65.96 -0.68
CA ASP C 344 20.40 -66.00 -0.72
C ASP C 344 21.01 -64.62 -0.52
N ASP C 345 20.45 -63.62 -1.17
CA ASP C 345 20.95 -62.26 -1.01
C ASP C 345 20.81 -61.82 0.45
N ALA C 346 19.72 -62.22 1.11
CA ALA C 346 19.50 -61.81 2.50
C ALA C 346 20.44 -62.58 3.44
N VAL C 347 20.62 -63.86 3.18
CA VAL C 347 21.57 -64.65 3.97
C VAL C 347 22.99 -64.10 3.83
N SER C 348 23.41 -63.89 2.59
CA SER C 348 24.73 -63.39 2.31
C SER C 348 25.01 -62.02 2.93
N ARG C 349 23.97 -61.24 3.18
CA ARG C 349 24.19 -59.89 3.69
C ARG C 349 24.11 -59.83 5.21
N GLY C 350 23.99 -60.98 5.86
CA GLY C 350 23.99 -61.05 7.30
C GLY C 350 22.61 -61.16 7.93
N GLY C 351 21.58 -61.30 7.10
CA GLY C 351 20.22 -61.38 7.58
C GLY C 351 20.01 -62.62 8.43
N ARG C 352 19.13 -62.51 9.41
CA ARG C 352 18.82 -63.64 10.28
CA ARG C 352 18.83 -63.65 10.28
C ARG C 352 17.56 -64.36 9.82
N LEU C 353 17.74 -65.54 9.23
CA LEU C 353 16.62 -66.33 8.75
C LEU C 353 15.91 -67.04 9.90
N LEU C 354 14.74 -66.54 10.28
CA LEU C 354 14.02 -67.10 11.43
C LEU C 354 13.34 -68.43 11.13
N ILE C 355 12.94 -68.64 9.89
CA ILE C 355 12.20 -69.84 9.53
C ILE C 355 12.08 -69.91 8.01
N GLY C 356 11.98 -71.13 7.47
CA GLY C 356 11.69 -71.34 6.06
C GLY C 356 12.85 -71.17 5.10
N GLY C 357 12.54 -71.07 3.81
CA GLY C 357 13.57 -70.88 2.80
C GLY C 357 13.83 -72.11 1.97
N ARG C 358 13.22 -73.23 2.34
CA ARG C 358 13.33 -74.44 1.53
C ARG C 358 12.33 -74.35 0.36
N SER C 359 12.58 -75.07 -0.71
CA SER C 359 11.60 -75.19 -1.80
C SER C 359 11.70 -76.55 -2.47
N TRP C 360 10.56 -77.03 -2.98
CA TRP C 360 10.47 -78.31 -3.66
C TRP C 360 9.47 -78.17 -4.79
N GLY C 361 9.88 -78.53 -6.01
CA GLY C 361 9.06 -78.27 -7.18
C GLY C 361 8.77 -76.79 -7.22
N ASN C 362 7.50 -76.43 -7.41
CA ASN C 362 7.15 -75.02 -7.47
C ASN C 362 6.67 -74.49 -6.12
N PHE C 363 6.75 -75.34 -5.10
CA PHE C 363 6.33 -74.92 -3.76
C PHE C 363 7.47 -74.26 -3.00
N PHE C 364 7.21 -73.05 -2.47
CA PHE C 364 8.22 -72.31 -1.73
C PHE C 364 7.76 -72.09 -0.30
N GLU C 365 8.62 -72.43 0.65
CA GLU C 365 8.33 -72.34 2.07
C GLU C 365 8.63 -70.93 2.58
N PRO C 366 7.62 -70.23 3.15
CA PRO C 366 7.80 -68.83 3.57
C PRO C 366 9.10 -68.61 4.36
N ALA C 367 9.89 -67.66 3.89
CA ALA C 367 11.17 -67.36 4.52
C ALA C 367 11.09 -66.01 5.20
N ILE C 368 11.19 -66.01 6.52
CA ILE C 368 11.08 -64.78 7.31
C ILE C 368 12.44 -64.31 7.83
N PHE C 369 12.77 -63.06 7.56
CA PHE C 369 14.04 -62.46 7.99
C PHE C 369 13.89 -61.33 9.01
N VAL C 370 14.84 -61.25 9.94
CA VAL C 370 15.07 -60.02 10.71
C VAL C 370 16.55 -59.64 10.61
N ASP C 371 16.91 -58.51 11.22
CA ASP C 371 18.25 -57.94 11.13
C ASP C 371 18.66 -57.69 9.68
N VAL C 372 17.80 -56.95 8.97
CA VAL C 372 18.06 -56.59 7.60
C VAL C 372 18.42 -55.12 7.56
N ASP C 373 18.88 -54.63 6.41
CA ASP C 373 19.00 -53.19 6.23
C ASP C 373 18.53 -52.80 4.84
N ARG C 374 18.65 -51.52 4.52
CA ARG C 374 18.00 -51.00 3.33
C ARG C 374 18.64 -51.46 2.04
N ASN C 375 19.80 -52.10 2.11
CA ASN C 375 20.46 -52.55 0.88
C ASN C 375 20.08 -53.97 0.51
N PHE C 376 19.33 -54.65 1.38
CA PHE C 376 18.79 -55.98 1.06
C PHE C 376 17.86 -55.87 -0.14
N ARG C 377 17.96 -56.83 -1.06
CA ARG C 377 17.06 -56.84 -2.20
C ARG C 377 15.59 -56.90 -1.74
N ILE C 378 15.32 -57.61 -0.65
CA ILE C 378 13.94 -57.75 -0.20
C ILE C 378 13.41 -56.47 0.46
N MET C 379 14.24 -55.44 0.54
CA MET C 379 13.81 -54.13 0.97
C MET C 379 13.75 -53.16 -0.20
N ARG C 380 14.51 -53.46 -1.25
CA ARG C 380 14.63 -52.56 -2.40
C ARG C 380 13.71 -52.94 -3.56
N GLU C 381 13.22 -54.16 -3.57
CA GLU C 381 12.46 -54.64 -4.72
C GLU C 381 11.08 -55.16 -4.28
N GLU C 382 10.13 -55.23 -5.23
CA GLU C 382 8.89 -55.93 -4.96
C GLU C 382 9.18 -57.42 -4.87
N VAL C 383 8.80 -58.01 -3.76
CA VAL C 383 9.02 -59.42 -3.53
C VAL C 383 7.70 -60.15 -3.70
N PHE C 384 7.44 -60.53 -4.93
CA PHE C 384 6.18 -61.13 -5.32
C PHE C 384 6.16 -62.62 -5.02
N GLY C 385 6.35 -62.95 -3.75
CA GLY C 385 6.46 -64.31 -3.28
C GLY C 385 6.66 -64.31 -1.77
N PRO C 386 6.78 -65.51 -1.19
CA PRO C 386 6.68 -65.61 0.27
C PRO C 386 8.03 -65.46 0.99
N VAL C 387 8.70 -64.35 0.74
CA VAL C 387 9.90 -63.99 1.47
C VAL C 387 9.62 -62.62 2.10
N ARG C 388 9.74 -62.53 3.42
CA ARG C 388 9.31 -61.32 4.13
C ARG C 388 10.31 -60.87 5.18
N PRO C 389 10.75 -59.60 5.10
CA PRO C 389 11.55 -58.96 6.14
C PRO C 389 10.70 -58.35 7.24
N ILE C 390 11.19 -58.45 8.48
CA ILE C 390 10.66 -57.71 9.61
C ILE C 390 11.70 -56.67 10.03
N VAL C 391 11.33 -55.40 10.07
CA VAL C 391 12.20 -54.31 10.49
C VAL C 391 11.77 -53.75 11.84
N VAL C 392 12.70 -53.63 12.77
CA VAL C 392 12.39 -53.09 14.10
C VAL C 392 12.73 -51.61 14.20
N VAL C 393 11.78 -50.82 14.68
CA VAL C 393 11.96 -49.37 14.76
C VAL C 393 11.71 -48.84 16.17
N GLU C 394 12.26 -47.65 16.45
CA GLU C 394 12.27 -47.13 17.81
C GLU C 394 11.08 -46.23 18.12
N ASN C 395 10.53 -45.62 17.07
CA ASN C 395 9.44 -44.68 17.19
C ASN C 395 8.66 -44.53 15.89
N ASP C 396 7.62 -43.70 15.92
CA ASP C 396 6.75 -43.50 14.75
C ASP C 396 7.48 -42.80 13.61
N ASP C 397 8.34 -41.82 13.91
CA ASP C 397 9.11 -41.15 12.86
C ASP C 397 9.93 -42.16 12.05
N GLN C 398 10.52 -43.12 12.77
CA GLN C 398 11.30 -44.18 12.17
C GLN C 398 10.43 -45.12 11.34
N ALA C 399 9.29 -45.52 11.90
CA ALA C 399 8.31 -46.34 11.18
C ALA C 399 7.99 -45.73 9.82
N VAL C 400 7.70 -44.44 9.81
CA VAL C 400 7.34 -43.74 8.58
C VAL C 400 8.51 -43.67 7.59
N GLU C 401 9.73 -43.45 8.10
CA GLU C 401 10.90 -43.37 7.24
C GLU C 401 11.16 -44.72 6.54
N VAL C 402 11.08 -45.81 7.29
CA VAL C 402 11.25 -47.13 6.68
C VAL C 402 10.10 -47.41 5.67
N ALA C 403 8.87 -47.07 6.06
CA ALA C 403 7.69 -47.32 5.21
C ALA C 403 7.81 -46.60 3.88
N ASN C 404 8.33 -45.38 3.90
CA ASN C 404 8.47 -44.61 2.68
C ASN C 404 9.75 -44.87 1.90
N ASP C 405 10.65 -45.67 2.46
CA ASP C 405 11.95 -45.89 1.81
C ASP C 405 11.83 -47.00 0.76
N THR C 406 11.09 -46.70 -0.30
CA THR C 406 10.77 -47.67 -1.34
C THR C 406 10.41 -46.90 -2.59
N ASP C 407 10.64 -47.49 -3.76
CA ASP C 407 10.22 -46.84 -4.98
C ASP C 407 8.71 -46.96 -5.18
N TYR C 408 8.10 -47.91 -4.48
CA TYR C 408 6.68 -48.21 -4.69
C TYR C 408 5.77 -47.38 -3.79
N GLY C 409 4.46 -47.49 -4.00
CA GLY C 409 3.51 -46.67 -3.26
C GLY C 409 2.06 -47.07 -3.51
N LEU C 410 1.76 -48.35 -3.34
CA LEU C 410 0.44 -48.86 -3.66
C LEU C 410 -0.47 -48.75 -2.44
N SER C 411 -0.28 -49.61 -1.46
CA SER C 411 -1.08 -49.57 -0.25
C SER C 411 -0.18 -49.54 1.01
N GLY C 412 -0.78 -49.76 2.16
CA GLY C 412 -0.10 -49.62 3.43
C GLY C 412 -1.11 -49.81 4.55
N ALA C 413 -0.64 -50.12 5.74
CA ALA C 413 -1.54 -50.28 6.87
C ALA C 413 -0.78 -49.98 8.15
N VAL C 414 -1.53 -49.55 9.17
CA VAL C 414 -0.99 -49.38 10.52
C VAL C 414 -1.93 -50.04 11.51
N LEU C 415 -1.36 -50.76 12.48
CA LEU C 415 -2.11 -51.34 13.55
C LEU C 415 -1.81 -50.54 14.82
N THR C 416 -2.83 -49.93 15.40
CA THR C 416 -2.70 -49.18 16.65
C THR C 416 -4.07 -48.82 17.16
N ASN C 417 -4.19 -48.59 18.46
CA ASN C 417 -5.48 -48.18 19.00
C ASN C 417 -5.52 -46.69 19.27
N ASN C 418 -4.41 -46.03 18.98
CA ASN C 418 -4.31 -44.59 19.22
C ASN C 418 -4.71 -43.78 17.99
N VAL C 419 -5.72 -42.93 18.13
CA VAL C 419 -6.26 -42.23 16.96
C VAL C 419 -5.28 -41.20 16.39
N ASN C 420 -4.48 -40.56 17.23
CA ASN C 420 -3.57 -39.56 16.70
C ASN C 420 -2.41 -40.21 15.94
N ARG C 421 -1.89 -41.30 16.49
CA ARG C 421 -0.79 -41.99 15.83
C ARG C 421 -1.26 -42.61 14.52
N ALA C 422 -2.44 -43.23 14.54
CA ALA C 422 -3.02 -43.82 13.35
C ALA C 422 -3.16 -42.80 12.22
N PHE C 423 -3.71 -41.64 12.55
CA PHE C 423 -3.96 -40.64 11.51
C PHE C 423 -2.69 -39.96 11.04
N ARG C 424 -1.76 -39.69 11.96
CA ARG C 424 -0.50 -39.09 11.56
C ARG C 424 0.29 -40.02 10.64
N ILE C 425 0.27 -41.32 10.93
CA ILE C 425 1.03 -42.26 10.12
C ILE C 425 0.34 -42.45 8.76
N ALA C 426 -0.98 -42.55 8.77
CA ALA C 426 -1.75 -42.65 7.51
C ALA C 426 -1.44 -41.50 6.57
N GLU C 427 -1.44 -40.29 7.12
CA GLU C 427 -1.19 -39.09 6.33
C GLU C 427 0.25 -39.04 5.78
N ALA C 428 1.19 -39.62 6.52
CA ALA C 428 2.61 -39.49 6.19
C ALA C 428 3.11 -40.58 5.23
N VAL C 429 2.47 -41.73 5.23
CA VAL C 429 2.91 -42.82 4.36
C VAL C 429 2.54 -42.51 2.91
N GLU C 430 3.50 -42.67 2.02
CA GLU C 430 3.33 -42.26 0.63
C GLU C 430 2.74 -43.41 -0.17
N SER C 431 1.42 -43.54 -0.15
CA SER C 431 0.74 -44.62 -0.84
C SER C 431 -0.59 -44.17 -1.45
N GLY C 432 -1.05 -44.88 -2.48
CA GLY C 432 -2.33 -44.57 -3.10
C GLY C 432 -3.51 -44.97 -2.24
N MET C 433 -3.31 -45.94 -1.36
CA MET C 433 -4.37 -46.47 -0.50
C MET C 433 -3.81 -46.74 0.90
N PHE C 434 -4.64 -46.74 1.93
CA PHE C 434 -4.13 -47.00 3.28
C PHE C 434 -5.22 -47.46 4.22
N HIS C 435 -4.88 -48.41 5.10
CA HIS C 435 -5.89 -49.03 5.94
C HIS C 435 -5.45 -49.03 7.40
N ILE C 436 -6.28 -48.46 8.26
CA ILE C 436 -5.99 -48.45 9.69
C ILE C 436 -6.64 -49.69 10.31
N ASN C 437 -5.83 -50.48 11.03
CA ASN C 437 -6.29 -51.71 11.67
C ASN C 437 -6.94 -52.74 10.73
N ASP C 438 -6.32 -52.93 9.57
CA ASP C 438 -6.78 -54.00 8.70
C ASP C 438 -5.63 -54.42 7.80
N VAL C 439 -5.87 -55.41 6.95
CA VAL C 439 -4.83 -55.88 6.04
C VAL C 439 -4.49 -54.86 4.95
N THR C 440 -3.31 -54.99 4.38
CA THR C 440 -2.87 -54.10 3.31
C THR C 440 -3.67 -54.29 2.03
N PHE C 441 -4.18 -55.51 1.81
CA PHE C 441 -4.86 -55.79 0.54
C PHE C 441 -6.40 -55.71 0.57
N LEU C 442 -6.93 -54.95 1.52
CA LEU C 442 -8.35 -54.61 1.49
C LEU C 442 -8.70 -54.07 0.11
N GLU C 443 -9.82 -54.53 -0.42
CA GLU C 443 -10.28 -54.10 -1.74
C GLU C 443 -11.78 -54.26 -1.85
N GLU C 444 -12.47 -53.21 -2.29
CA GLU C 444 -13.90 -53.31 -2.56
C GLU C 444 -14.15 -53.01 -4.03
N SER C 445 -15.34 -53.31 -4.52
CA SER C 445 -15.58 -53.28 -5.96
C SER C 445 -15.70 -51.85 -6.48
N HIS C 446 -16.06 -50.92 -5.60
CA HIS C 446 -16.44 -49.58 -6.05
C HIS C 446 -15.55 -48.44 -5.50
N VAL C 447 -14.41 -48.80 -4.95
CA VAL C 447 -13.47 -47.83 -4.38
C VAL C 447 -12.33 -47.58 -5.35
N PRO C 448 -11.66 -46.43 -5.25
CA PRO C 448 -10.53 -46.19 -6.16
C PRO C 448 -9.28 -46.97 -5.76
N PHE C 449 -8.99 -48.03 -6.52
CA PHE C 449 -7.84 -48.87 -6.28
C PHE C 449 -6.68 -48.41 -7.16
N GLY C 450 -5.53 -48.12 -6.58
CA GLY C 450 -4.38 -47.77 -7.40
C GLY C 450 -3.26 -47.16 -6.58
N GLY C 451 -2.13 -46.90 -7.21
CA GLY C 451 -0.98 -46.43 -6.47
C GLY C 451 -0.39 -45.12 -6.94
N ILE C 452 0.71 -44.75 -6.29
CA ILE C 452 1.51 -43.60 -6.69
C ILE C 452 2.95 -44.10 -6.84
N LYS C 453 3.85 -43.21 -7.21
CA LYS C 453 5.27 -43.53 -7.41
C LYS C 453 5.41 -44.67 -8.44
N ALA C 454 6.20 -45.69 -8.15
CA ALA C 454 6.41 -46.73 -9.16
C ALA C 454 5.21 -47.65 -9.29
N SER C 455 4.19 -47.47 -8.45
CA SER C 455 3.08 -48.41 -8.44
C SER C 455 2.04 -48.12 -9.52
N GLY C 456 2.25 -47.05 -10.27
CA GLY C 456 1.44 -46.84 -11.46
C GLY C 456 0.64 -45.56 -11.48
N VAL C 457 -0.36 -45.51 -12.35
CA VAL C 457 -1.19 -44.31 -12.52
C VAL C 457 -2.65 -44.69 -12.71
N GLY C 458 -3.55 -43.82 -12.25
CA GLY C 458 -4.97 -44.05 -12.36
C GLY C 458 -5.57 -44.90 -11.26
N ARG C 459 -6.91 -44.99 -11.27
CA ARG C 459 -7.66 -45.73 -10.27
C ARG C 459 -8.72 -46.59 -10.96
N GLU C 460 -8.94 -47.79 -10.46
CA GLU C 460 -9.99 -48.64 -10.99
C GLU C 460 -10.91 -49.10 -9.86
N GLY C 461 -12.15 -49.40 -10.22
CA GLY C 461 -13.19 -49.70 -9.25
C GLY C 461 -14.35 -48.74 -9.45
N GLY C 462 -15.52 -49.27 -9.77
CA GLY C 462 -16.72 -48.46 -9.90
C GLY C 462 -16.55 -47.25 -10.79
N GLU C 463 -17.03 -46.10 -10.30
CA GLU C 463 -17.01 -44.85 -11.05
CA GLU C 463 -17.01 -44.84 -11.04
C GLU C 463 -15.58 -44.42 -11.42
N TRP C 464 -14.60 -44.89 -10.67
CA TRP C 464 -13.20 -44.54 -10.97
C TRP C 464 -12.72 -45.25 -12.23
N SER C 465 -13.16 -46.48 -12.44
CA SER C 465 -12.94 -47.14 -13.73
C SER C 465 -13.61 -46.36 -14.86
N PHE C 466 -14.82 -45.86 -14.62
CA PHE C 466 -15.51 -45.03 -15.63
C PHE C 466 -14.69 -43.77 -15.98
N HIS C 467 -14.14 -43.07 -14.97
CA HIS C 467 -13.31 -41.88 -15.22
C HIS C 467 -12.15 -42.22 -16.17
N GLU C 468 -11.55 -43.40 -15.98
CA GLU C 468 -10.41 -43.82 -16.81
C GLU C 468 -10.79 -44.07 -18.27
N THR C 469 -12.00 -44.58 -18.53
CA THR C 469 -12.32 -44.99 -19.89
C THR C 469 -13.46 -44.18 -20.51
N THR C 470 -13.63 -42.94 -20.03
CA THR C 470 -14.51 -41.96 -20.66
C THR C 470 -13.79 -40.61 -20.75
N TYR C 471 -14.35 -39.68 -21.51
CA TYR C 471 -13.82 -38.32 -21.48
C TYR C 471 -14.96 -37.35 -21.31
N ASP C 472 -14.64 -36.16 -20.81
CA ASP C 472 -15.60 -35.08 -20.64
C ASP C 472 -15.77 -34.34 -21.95
N ARG C 473 -17.01 -33.95 -22.26
CA ARG C 473 -17.22 -33.18 -23.48
C ARG C 473 -18.07 -31.94 -23.25
N TRP C 474 -17.43 -30.78 -23.26
CA TRP C 474 -18.10 -29.51 -23.01
C TRP C 474 -18.96 -29.11 -24.22
N VAL C 475 -20.24 -28.86 -24.00
CA VAL C 475 -21.12 -28.41 -25.07
C VAL C 475 -21.86 -27.17 -24.65
N THR C 476 -21.91 -26.17 -25.53
CA THR C 476 -22.71 -24.97 -25.25
C THR C 476 -23.76 -24.67 -26.30
N VAL C 477 -24.78 -23.93 -25.88
CA VAL C 477 -25.75 -23.33 -26.80
C VAL C 477 -25.82 -21.85 -26.49
N THR C 478 -25.60 -21.02 -27.51
CA THR C 478 -25.66 -19.57 -27.34
C THR C 478 -26.95 -19.06 -27.95
N LEU C 479 -27.71 -18.31 -27.16
CA LEU C 479 -29.09 -18.01 -27.52
C LEU C 479 -29.31 -16.57 -27.95
N ARG C 480 -28.21 -15.82 -28.06
CA ARG C 480 -28.27 -14.42 -28.51
C ARG C 480 -27.21 -14.19 -29.57
N THR C 481 -27.47 -13.27 -30.49
CA THR C 481 -26.43 -12.84 -31.43
C THR C 481 -25.61 -11.74 -30.78
N ARG C 482 -24.37 -11.57 -31.23
CA ARG C 482 -23.57 -10.46 -30.73
C ARG C 482 -22.68 -9.90 -31.81
N ARG C 483 -22.02 -8.79 -31.49
CA ARG C 483 -21.07 -8.15 -32.40
C ARG C 483 -19.67 -8.68 -32.15
N PHE C 484 -18.86 -8.76 -33.20
CA PHE C 484 -17.52 -9.31 -33.07
C PHE C 484 -16.45 -8.21 -33.25
N PRO C 485 -15.28 -8.40 -32.65
CA PRO C 485 -14.27 -7.33 -32.65
C PRO C 485 -13.53 -7.12 -33.98
N ILE C 486 -13.63 -8.04 -34.93
CA ILE C 486 -13.11 -7.82 -36.28
C ILE C 486 -14.18 -8.13 -37.33
N PRO C 487 -14.22 -7.36 -38.43
CA PRO C 487 -13.38 -6.19 -38.74
C PRO C 487 -13.77 -5.00 -37.88
N SER C 488 -12.79 -4.31 -37.31
CA SER C 488 -13.09 -3.23 -36.37
C SER C 488 -13.82 -2.06 -37.05
N ALA C 489 -13.66 -1.94 -38.36
CA ALA C 489 -14.32 -0.86 -39.11
C ALA C 489 -15.85 -1.00 -39.10
N LEU C 490 -16.32 -2.23 -38.89
CA LEU C 490 -17.75 -2.53 -38.98
C LEU C 490 -18.55 -1.90 -37.83
N LYS C 491 -19.72 -1.37 -38.15
N LYS D 8 16.39 -6.41 -19.77
CA LYS D 8 17.11 -7.61 -19.37
C LYS D 8 16.34 -8.44 -18.33
N VAL D 9 15.84 -9.59 -18.78
CA VAL D 9 15.03 -10.47 -17.95
C VAL D 9 15.89 -11.63 -17.42
N ALA D 10 15.38 -12.33 -16.40
CA ALA D 10 16.14 -13.42 -15.77
C ALA D 10 15.25 -14.60 -15.35
N ASN D 11 15.88 -15.70 -14.94
CA ASN D 11 15.17 -16.82 -14.34
C ASN D 11 14.63 -16.42 -12.98
N TYR D 12 13.68 -17.17 -12.48
CA TYR D 12 13.19 -17.02 -11.10
C TYR D 12 13.23 -18.39 -10.44
N ILE D 13 14.22 -18.59 -9.59
CA ILE D 13 14.46 -19.88 -8.97
C ILE D 13 14.61 -19.72 -7.46
N ASN D 14 13.79 -20.47 -6.72
CA ASN D 14 13.82 -20.45 -5.25
C ASN D 14 13.77 -19.04 -4.68
N GLY D 15 12.86 -18.23 -5.21
CA GLY D 15 12.61 -16.90 -4.66
C GLY D 15 13.58 -15.82 -5.09
N GLU D 16 14.56 -16.21 -5.93
CA GLU D 16 15.60 -15.27 -6.38
C GLU D 16 15.56 -15.11 -7.89
N PHE D 17 15.53 -13.87 -8.37
CA PHE D 17 15.75 -13.60 -9.78
C PHE D 17 17.24 -13.69 -10.06
N LYS D 18 17.62 -14.49 -11.04
CA LYS D 18 19.03 -14.73 -11.31
C LYS D 18 19.28 -15.10 -12.76
N GLU D 19 20.53 -14.96 -13.19
CA GLU D 19 20.90 -15.30 -14.56
C GLU D 19 21.22 -16.80 -14.64
N PRO D 20 21.20 -17.35 -15.87
CA PRO D 20 21.56 -18.76 -16.03
C PRO D 20 22.94 -19.07 -15.50
N SER D 21 23.14 -20.31 -15.06
CA SER D 21 24.42 -20.79 -14.56
C SER D 21 25.59 -20.48 -15.49
N THR D 22 25.33 -20.60 -16.79
CA THR D 22 26.38 -20.37 -17.80
C THR D 22 26.57 -18.90 -18.10
N GLY D 23 25.57 -18.09 -17.75
CA GLY D 23 25.58 -16.69 -18.09
C GLY D 23 25.17 -16.47 -19.54
N ALA D 24 24.92 -17.56 -20.26
CA ALA D 24 24.48 -17.47 -21.65
C ALA D 24 23.13 -16.75 -21.77
N PHE D 25 22.97 -16.03 -22.87
CA PHE D 25 21.74 -15.27 -23.13
C PHE D 25 21.55 -15.19 -24.64
N GLN D 26 20.39 -14.71 -25.08
CA GLN D 26 20.14 -14.47 -26.49
C GLN D 26 19.24 -13.26 -26.62
N VAL D 27 19.11 -12.74 -27.84
CA VAL D 27 18.38 -11.50 -28.05
C VAL D 27 17.03 -11.75 -28.72
N LYS D 28 15.96 -11.36 -28.03
CA LYS D 28 14.60 -11.51 -28.52
C LYS D 28 14.20 -10.24 -29.28
N THR D 29 13.65 -10.43 -30.48
CA THR D 29 13.25 -9.30 -31.32
C THR D 29 11.76 -9.32 -31.60
N SER D 30 11.22 -8.16 -31.95
CA SER D 30 9.80 -8.03 -32.24
C SER D 30 9.42 -8.58 -33.62
N PRO D 31 8.34 -9.37 -33.68
CA PRO D 31 7.85 -9.85 -34.97
C PRO D 31 7.30 -8.74 -35.84
N VAL D 32 7.06 -7.57 -35.24
CA VAL D 32 6.48 -6.47 -35.99
C VAL D 32 7.52 -5.84 -36.94
N ASP D 33 8.72 -5.59 -36.44
CA ASP D 33 9.74 -4.88 -37.23
C ASP D 33 11.17 -5.36 -37.01
N GLY D 34 11.35 -6.43 -36.25
CA GLY D 34 12.67 -6.97 -36.00
C GLY D 34 13.53 -6.24 -34.98
N SER D 35 13.02 -5.16 -34.40
CA SER D 35 13.79 -4.41 -33.41
C SER D 35 14.04 -5.21 -32.13
N LYS D 36 15.07 -4.83 -31.38
CA LYS D 36 15.41 -5.55 -30.16
C LYS D 36 14.38 -5.28 -29.07
N ILE D 37 13.97 -6.35 -28.40
CA ILE D 37 13.03 -6.24 -27.29
C ILE D 37 13.76 -6.38 -25.96
N ALA D 38 14.54 -7.45 -25.81
CA ALA D 38 15.30 -7.69 -24.60
C ALA D 38 16.36 -8.78 -24.78
N GLU D 39 17.27 -8.85 -23.82
CA GLU D 39 18.14 -10.00 -23.67
C GLU D 39 17.48 -10.96 -22.69
N VAL D 40 17.41 -12.23 -23.05
CA VAL D 40 16.78 -13.21 -22.19
C VAL D 40 17.71 -14.39 -21.99
N PRO D 41 17.56 -15.11 -20.88
CA PRO D 41 18.39 -16.27 -20.60
C PRO D 41 18.37 -17.33 -21.68
N ARG D 42 19.45 -18.09 -21.76
CA ARG D 42 19.53 -19.31 -22.54
C ARG D 42 19.92 -20.40 -21.57
N SER D 43 18.97 -20.82 -20.74
CA SER D 43 19.26 -21.72 -19.65
C SER D 43 19.60 -23.13 -20.14
N GLY D 44 20.23 -23.92 -19.28
CA GLY D 44 20.53 -25.30 -19.62
C GLY D 44 20.00 -26.28 -18.60
N ARG D 45 20.51 -27.51 -18.66
CA ARG D 45 20.10 -28.59 -17.76
C ARG D 45 20.19 -28.21 -16.28
N GLU D 46 21.31 -27.61 -15.89
CA GLU D 46 21.58 -27.42 -14.48
C GLU D 46 20.64 -26.36 -13.91
N ASP D 47 20.22 -25.43 -14.75
CA ASP D 47 19.22 -24.44 -14.35
C ASP D 47 17.88 -25.11 -14.10
N ALA D 48 17.53 -26.03 -15.00
CA ALA D 48 16.29 -26.79 -14.86
C ALA D 48 16.32 -27.61 -13.58
N ARG D 49 17.46 -28.26 -13.33
CA ARG D 49 17.61 -29.11 -12.17
C ARG D 49 17.54 -28.30 -10.88
N GLU D 50 18.06 -27.08 -10.91
CA GLU D 50 18.02 -26.23 -9.72
C GLU D 50 16.58 -25.86 -9.41
N ALA D 51 15.82 -25.50 -10.44
CA ALA D 51 14.41 -25.15 -10.28
C ALA D 51 13.62 -26.34 -9.72
N ILE D 52 13.79 -27.50 -10.33
CA ILE D 52 13.10 -28.70 -9.89
C ILE D 52 13.39 -29.01 -8.41
N ASP D 53 14.67 -28.94 -8.03
CA ASP D 53 15.05 -29.24 -6.66
C ASP D 53 14.44 -28.23 -5.69
N SER D 54 14.35 -26.98 -6.12
CA SER D 54 13.73 -25.95 -5.29
C SER D 54 12.24 -26.21 -5.11
N ALA D 55 11.58 -26.59 -6.19
CA ALA D 55 10.14 -26.89 -6.13
C ALA D 55 9.91 -28.09 -5.25
N PHE D 56 10.84 -29.04 -5.31
CA PHE D 56 10.70 -30.28 -4.57
C PHE D 56 10.87 -30.00 -3.08
N GLU D 57 11.81 -29.13 -2.74
CA GLU D 57 12.06 -28.82 -1.34
C GLU D 57 10.94 -27.97 -0.75
N ALA D 58 10.26 -27.20 -1.59
CA ALA D 58 9.17 -26.34 -1.12
C ALA D 58 7.84 -27.12 -0.97
N LEU D 59 7.79 -28.30 -1.57
CA LEU D 59 6.51 -28.99 -1.80
C LEU D 59 5.73 -29.33 -0.51
N LYS D 60 6.37 -30.05 0.42
CA LYS D 60 5.66 -30.50 1.63
C LYS D 60 5.00 -29.35 2.41
N ALA D 61 5.73 -28.26 2.60
CA ALA D 61 5.18 -27.12 3.33
C ALA D 61 4.03 -26.45 2.58
N TRP D 62 4.11 -26.42 1.25
CA TRP D 62 3.07 -25.76 0.45
C TRP D 62 1.82 -26.64 0.37
N ALA D 63 2.01 -27.94 0.22
CA ALA D 63 0.91 -28.88 0.13
C ALA D 63 0.19 -29.01 1.47
N ASN D 64 0.93 -28.85 2.56
CA ASN D 64 0.37 -29.11 3.88
C ASN D 64 -0.35 -27.93 4.55
N ILE D 65 -0.19 -26.71 4.06
CA ILE D 65 -0.97 -25.65 4.66
C ILE D 65 -2.44 -25.82 4.25
N PRO D 66 -3.37 -25.26 5.04
CA PRO D 66 -4.79 -25.35 4.68
C PRO D 66 -5.05 -24.67 3.34
N ALA D 67 -6.03 -25.16 2.60
CA ALA D 67 -6.34 -24.62 1.28
C ALA D 67 -6.59 -23.13 1.33
N ILE D 68 -7.24 -22.67 2.40
CA ILE D 68 -7.54 -21.24 2.54
C ILE D 68 -6.26 -20.37 2.50
N ARG D 69 -5.14 -20.90 2.95
CA ARG D 69 -3.87 -20.16 2.89
C ARG D 69 -3.39 -20.01 1.45
N ARG D 70 -3.55 -21.07 0.66
CA ARG D 70 -3.14 -21.02 -0.76
C ARG D 70 -4.07 -20.11 -1.52
N ALA D 71 -5.35 -20.12 -1.17
CA ALA D 71 -6.31 -19.24 -1.83
C ALA D 71 -5.92 -17.78 -1.57
N GLU D 72 -5.49 -17.50 -0.33
CA GLU D 72 -5.09 -16.14 0.04
CA GLU D 72 -5.08 -16.14 0.05
C GLU D 72 -3.93 -15.66 -0.82
N TYR D 73 -2.94 -16.53 -1.04
CA TYR D 73 -1.82 -16.17 -1.90
C TYR D 73 -2.28 -15.91 -3.33
N LEU D 74 -3.24 -16.69 -3.79
CA LEU D 74 -3.76 -16.51 -5.13
C LEU D 74 -4.53 -15.22 -5.25
N TYR D 75 -5.29 -14.87 -4.20
CA TYR D 75 -6.00 -13.58 -4.17
C TYR D 75 -5.00 -12.42 -4.17
N LYS D 76 -3.86 -12.60 -3.51
CA LYS D 76 -2.77 -11.63 -3.56
C LYS D 76 -2.20 -11.51 -4.99
N MET D 77 -2.03 -12.64 -5.67
CA MET D 77 -1.59 -12.66 -7.06
CA MET D 77 -1.57 -12.65 -7.05
C MET D 77 -2.56 -11.92 -7.96
N LEU D 78 -3.85 -12.07 -7.68
CA LEU D 78 -4.90 -11.39 -8.44
C LEU D 78 -4.78 -9.87 -8.30
N GLU D 79 -4.52 -9.43 -7.07
CA GLU D 79 -4.28 -8.02 -6.77
C GLU D 79 -3.09 -7.46 -7.56
N VAL D 80 -1.99 -8.19 -7.58
CA VAL D 80 -0.79 -7.76 -8.30
C VAL D 80 -1.06 -7.73 -9.80
N PHE D 81 -1.70 -8.78 -10.31
CA PHE D 81 -1.99 -8.85 -11.75
C PHE D 81 -2.82 -7.65 -12.18
N ARG D 82 -3.76 -7.25 -11.33
CA ARG D 82 -4.61 -6.11 -11.65
C ARG D 82 -3.79 -4.84 -11.83
N GLN D 83 -2.72 -4.71 -11.05
CA GLN D 83 -1.87 -3.54 -11.13
C GLN D 83 -0.98 -3.60 -12.38
N MET D 84 -0.77 -4.80 -12.90
CA MET D 84 0.20 -5.03 -13.99
C MET D 84 -0.42 -5.18 -15.37
N LYS D 85 -1.73 -4.99 -15.47
CA LYS D 85 -2.44 -5.23 -16.73
C LYS D 85 -1.79 -4.54 -17.94
N GLU D 86 -1.50 -3.24 -17.79
CA GLU D 86 -0.93 -2.45 -18.88
C GLU D 86 0.40 -3.00 -19.35
N ASP D 87 1.22 -3.44 -18.40
CA ASP D 87 2.52 -4.03 -18.73
C ASP D 87 2.35 -5.30 -19.56
N PHE D 88 1.41 -6.15 -19.16
CA PHE D 88 1.16 -7.41 -19.85
C PHE D 88 0.66 -7.15 -21.27
N MET D 89 -0.28 -6.22 -21.40
CA MET D 89 -0.83 -5.88 -22.71
C MET D 89 0.24 -5.37 -23.68
N LYS D 90 1.13 -4.54 -23.16
CA LYS D 90 2.22 -3.98 -23.93
C LYS D 90 3.12 -5.09 -24.49
N ILE D 91 3.57 -5.98 -23.61
CA ILE D 91 4.46 -7.06 -24.00
C ILE D 91 3.79 -8.10 -24.90
N LEU D 92 2.51 -8.37 -24.70
CA LEU D 92 1.81 -9.34 -25.55
C LEU D 92 1.74 -8.81 -26.99
N THR D 93 1.68 -7.49 -27.13
CA THR D 93 1.64 -6.89 -28.46
C THR D 93 3.02 -6.85 -29.10
N VAL D 94 4.02 -6.37 -28.39
CA VAL D 94 5.31 -6.14 -29.05
C VAL D 94 6.16 -7.41 -29.09
N GLU D 95 5.98 -8.31 -28.13
CA GLU D 95 6.67 -9.59 -28.18
C GLU D 95 5.86 -10.61 -28.99
N GLY D 96 4.54 -10.59 -28.87
CA GLY D 96 3.73 -11.64 -29.46
C GLY D 96 3.00 -11.28 -30.73
N GLY D 97 3.04 -10.00 -31.11
CA GLY D 97 2.37 -9.55 -32.31
C GLY D 97 0.86 -9.34 -32.18
N GLY D 98 0.34 -9.46 -30.96
CA GLY D 98 -1.11 -9.34 -30.78
C GLY D 98 -1.65 -7.92 -30.90
N THR D 99 -2.84 -7.80 -31.47
CA THR D 99 -3.51 -6.51 -31.56
C THR D 99 -4.04 -6.11 -30.20
N TYR D 100 -4.38 -4.83 -30.05
CA TYR D 100 -4.92 -4.31 -28.79
C TYR D 100 -6.10 -5.14 -28.33
N ARG D 101 -7.04 -5.37 -29.23
CA ARG D 101 -8.27 -6.05 -28.87
C ARG D 101 -7.97 -7.49 -28.43
N LYS D 102 -6.99 -8.13 -29.07
CA LYS D 102 -6.61 -9.48 -28.70
C LYS D 102 -5.97 -9.54 -27.31
N VAL D 103 -5.03 -8.65 -27.05
CA VAL D 103 -4.26 -8.76 -25.82
C VAL D 103 -5.09 -8.24 -24.64
N TRP D 104 -6.05 -7.37 -24.93
CA TRP D 104 -7.02 -6.93 -23.95
C TRP D 104 -7.86 -8.11 -23.50
N GLY D 105 -8.42 -8.83 -24.48
CA GLY D 105 -9.17 -10.04 -24.21
C GLY D 105 -8.37 -11.02 -23.38
N GLU D 106 -7.12 -11.23 -23.75
CA GLU D 106 -6.26 -12.19 -23.05
C GLU D 106 -6.04 -11.78 -21.59
N VAL D 107 -5.85 -10.49 -21.36
CA VAL D 107 -5.58 -10.00 -20.01
C VAL D 107 -6.84 -10.07 -19.14
N VAL D 108 -7.99 -9.76 -19.73
CA VAL D 108 -9.26 -9.87 -19.02
C VAL D 108 -9.52 -11.33 -18.60
N PHE D 109 -9.28 -12.27 -19.51
CA PHE D 109 -9.51 -13.67 -19.24
C PHE D 109 -8.51 -14.17 -18.21
N THR D 110 -7.29 -13.66 -18.28
CA THR D 110 -6.27 -14.04 -17.30
C THR D 110 -6.63 -13.62 -15.86
N GLU D 111 -7.16 -12.41 -15.72
CA GLU D 111 -7.67 -11.95 -14.43
C GLU D 111 -8.71 -12.96 -13.90
N ARG D 112 -9.66 -13.34 -14.76
CA ARG D 112 -10.69 -14.29 -14.34
C ARG D 112 -10.11 -15.68 -14.01
N LEU D 113 -9.07 -16.09 -14.73
CA LEU D 113 -8.43 -17.39 -14.49
C LEU D 113 -7.81 -17.43 -13.11
N ILE D 114 -7.10 -16.38 -12.73
CA ILE D 114 -6.44 -16.36 -11.45
C ILE D 114 -7.48 -16.37 -10.33
N GLN D 115 -8.50 -15.54 -10.50
CA GLN D 115 -9.60 -15.50 -9.55
C GLN D 115 -10.28 -16.84 -9.43
N ASN D 116 -10.50 -17.49 -10.57
CA ASN D 116 -11.19 -18.78 -10.57
C ASN D 116 -10.44 -19.80 -9.73
N ALA D 117 -9.12 -19.82 -9.88
CA ALA D 117 -8.30 -20.78 -9.12
C ALA D 117 -8.36 -20.49 -7.62
N ALA D 118 -8.38 -19.20 -7.25
CA ALA D 118 -8.45 -18.82 -5.84
C ALA D 118 -9.79 -19.23 -5.24
N GLU D 119 -10.86 -18.99 -6.00
CA GLU D 119 -12.22 -19.33 -5.58
C GLU D 119 -12.40 -20.82 -5.27
N LEU D 120 -11.76 -21.68 -6.06
CA LEU D 120 -12.02 -23.12 -5.98
C LEU D 120 -11.14 -23.90 -5.00
N ALA D 121 -10.04 -23.27 -4.57
CA ALA D 121 -9.03 -23.95 -3.76
C ALA D 121 -9.60 -24.66 -2.52
N ARG D 122 -10.53 -23.98 -1.83
CA ARG D 122 -11.09 -24.51 -0.59
C ARG D 122 -12.18 -25.56 -0.79
N HIS D 123 -12.54 -25.82 -2.05
CA HIS D 123 -13.80 -26.53 -2.27
C HIS D 123 -13.66 -27.85 -3.01
N TYR D 124 -12.41 -28.25 -3.27
CA TYR D 124 -12.15 -29.49 -3.97
C TYR D 124 -12.36 -30.68 -3.01
N GLN D 125 -13.40 -31.45 -3.24
CA GLN D 125 -13.83 -32.45 -2.27
C GLN D 125 -13.46 -33.88 -2.65
N GLY D 126 -13.24 -34.72 -1.64
CA GLY D 126 -13.20 -36.16 -1.85
C GLY D 126 -14.55 -36.78 -1.53
N ARG D 127 -14.57 -38.08 -1.28
CA ARG D 127 -15.83 -38.80 -1.14
C ARG D 127 -15.87 -39.68 0.10
N VAL D 128 -17.03 -39.76 0.74
CA VAL D 128 -17.28 -40.73 1.79
C VAL D 128 -18.09 -41.85 1.18
N LEU D 129 -17.62 -43.09 1.31
CA LEU D 129 -18.25 -44.21 0.61
C LEU D 129 -19.02 -45.14 1.53
N GLN D 130 -19.94 -45.90 0.93
CA GLN D 130 -20.59 -46.99 1.65
C GLN D 130 -19.63 -48.16 1.62
N SER D 131 -19.39 -48.80 2.77
CA SER D 131 -18.56 -50.00 2.75
C SER D 131 -19.43 -51.22 2.61
N ASP D 132 -18.97 -52.18 1.83
CA ASP D 132 -19.61 -53.48 1.77
C ASP D 132 -19.31 -54.32 3.01
N SER D 133 -18.45 -53.84 3.90
CA SER D 133 -18.11 -54.57 5.14
C SER D 133 -18.71 -53.92 6.36
N GLU D 134 -19.02 -54.72 7.37
CA GLU D 134 -19.45 -54.16 8.64
C GLU D 134 -18.31 -53.43 9.34
N SER D 135 -18.66 -52.46 10.16
CA SER D 135 -17.70 -51.80 11.05
C SER D 135 -16.50 -51.21 10.31
N THR D 136 -16.74 -50.69 9.10
CA THR D 136 -15.64 -50.14 8.31
C THR D 136 -15.99 -48.74 7.84
N ILE D 137 -15.08 -47.81 8.09
CA ILE D 137 -15.20 -46.46 7.57
C ILE D 137 -14.38 -46.38 6.28
N SER D 138 -14.96 -45.82 5.23
CA SER D 138 -14.31 -45.86 3.92
C SER D 138 -14.43 -44.50 3.23
N VAL D 139 -13.31 -43.81 3.04
CA VAL D 139 -13.32 -42.46 2.47
C VAL D 139 -12.21 -42.28 1.42
N VAL D 140 -12.33 -41.21 0.65
CA VAL D 140 -11.36 -40.90 -0.37
C VAL D 140 -10.90 -39.46 -0.28
N PHE D 141 -9.60 -39.26 0.00
CA PHE D 141 -9.01 -37.93 0.08
C PHE D 141 -8.39 -37.51 -1.26
N LYS D 142 -8.22 -36.21 -1.44
CA LYS D 142 -7.53 -35.64 -2.59
C LYS D 142 -6.12 -35.21 -2.16
N ARG D 143 -5.10 -35.60 -2.91
CA ARG D 143 -3.72 -35.22 -2.58
C ARG D 143 -3.10 -34.57 -3.79
N SER D 144 -2.21 -33.60 -3.59
CA SER D 144 -1.53 -33.01 -4.74
C SER D 144 -0.49 -33.99 -5.32
N LYS D 145 -0.26 -33.91 -6.62
CA LYS D 145 0.68 -34.83 -7.26
C LYS D 145 2.13 -34.51 -6.86
N GLY D 146 2.46 -33.24 -6.75
CA GLY D 146 3.79 -32.84 -6.32
C GLY D 146 4.37 -31.70 -7.13
N VAL D 147 5.58 -31.90 -7.66
CA VAL D 147 6.19 -30.92 -8.54
C VAL D 147 5.62 -31.04 -9.94
N VAL D 148 5.06 -29.95 -10.46
CA VAL D 148 4.46 -29.98 -11.80
C VAL D 148 5.21 -29.10 -12.79
N GLY D 149 5.63 -29.71 -13.90
CA GLY D 149 6.21 -28.96 -15.00
C GLY D 149 5.14 -28.31 -15.86
N VAL D 150 5.34 -27.04 -16.17
CA VAL D 150 4.42 -26.28 -17.02
C VAL D 150 5.16 -25.77 -18.26
N ILE D 151 4.76 -26.26 -19.44
CA ILE D 151 5.41 -25.91 -20.71
C ILE D 151 4.40 -25.39 -21.71
N THR D 152 4.62 -24.18 -22.19
CA THR D 152 3.56 -23.41 -22.83
C THR D 152 3.96 -22.88 -24.22
N PRO D 153 2.97 -22.45 -25.03
CA PRO D 153 3.22 -21.97 -26.40
C PRO D 153 3.26 -20.45 -26.49
N TRP D 154 3.35 -19.93 -27.71
CA TRP D 154 3.58 -18.50 -27.92
C TRP D 154 2.35 -17.72 -28.33
N ASN D 155 1.25 -18.39 -28.64
CA ASN D 155 0.14 -17.68 -29.26
C ASN D 155 -0.71 -16.91 -28.25
N TYR D 156 -1.04 -17.57 -27.14
CA TYR D 156 -1.70 -16.92 -25.99
C TYR D 156 -0.86 -17.21 -24.77
N PRO D 157 0.35 -16.65 -24.73
CA PRO D 157 1.31 -17.10 -23.73
C PRO D 157 0.87 -16.74 -22.29
N LEU D 158 0.12 -15.66 -22.09
CA LEU D 158 -0.30 -15.27 -20.74
C LEU D 158 -1.44 -16.15 -20.21
N SER D 159 -2.58 -16.15 -20.91
CA SER D 159 -3.74 -16.88 -20.39
C SER D 159 -3.47 -18.39 -20.31
N ILE D 160 -2.84 -18.96 -21.33
CA ILE D 160 -2.54 -20.40 -21.30
C ILE D 160 -1.62 -20.75 -20.12
N SER D 161 -0.58 -19.94 -19.91
CA SER D 161 0.35 -20.18 -18.82
C SER D 161 -0.37 -20.04 -17.46
N MET D 162 -1.17 -18.99 -17.32
CA MET D 162 -1.79 -18.70 -16.04
C MET D 162 -2.92 -19.66 -15.69
N LYS D 163 -3.62 -20.18 -16.69
CA LYS D 163 -4.61 -21.19 -16.41
C LYS D 163 -3.92 -22.39 -15.76
N LYS D 164 -2.81 -22.82 -16.37
CA LYS D 164 -2.08 -23.96 -15.85
C LYS D 164 -1.47 -23.67 -14.49
N ILE D 165 -0.79 -22.54 -14.39
CA ILE D 165 -0.03 -22.19 -13.20
C ILE D 165 -0.93 -21.95 -11.98
N ALA D 166 -1.92 -21.08 -12.11
CA ALA D 166 -2.80 -20.74 -10.99
C ALA D 166 -3.54 -21.96 -10.45
N HIS D 167 -4.15 -22.76 -11.33
CA HIS D 167 -4.92 -23.91 -10.84
C HIS D 167 -4.03 -24.97 -10.25
N THR D 168 -2.85 -25.18 -10.83
CA THR D 168 -1.94 -26.19 -10.32
C THR D 168 -1.43 -25.83 -8.91
N LEU D 169 -1.15 -24.55 -8.70
CA LEU D 169 -0.73 -24.07 -7.39
C LEU D 169 -1.83 -24.22 -6.34
N ALA D 170 -3.06 -23.91 -6.74
CA ALA D 170 -4.21 -23.84 -5.83
C ALA D 170 -4.41 -25.11 -5.00
N VAL D 171 -4.18 -26.27 -5.62
CA VAL D 171 -4.43 -27.53 -4.93
C VAL D 171 -3.16 -28.09 -4.32
N GLY D 172 -2.13 -27.27 -4.21
CA GLY D 172 -0.97 -27.65 -3.42
C GLY D 172 0.19 -28.32 -4.14
N ASN D 173 0.27 -28.12 -5.45
CA ASN D 173 1.45 -28.50 -6.21
C ASN D 173 2.43 -27.33 -6.28
N THR D 174 3.72 -27.62 -6.46
CA THR D 174 4.66 -26.56 -6.79
C THR D 174 4.98 -26.63 -8.29
N VAL D 175 5.55 -25.56 -8.84
CA VAL D 175 5.62 -25.38 -10.29
C VAL D 175 7.04 -25.07 -10.80
N VAL D 176 7.43 -25.78 -11.87
CA VAL D 176 8.56 -25.38 -12.71
C VAL D 176 8.01 -25.02 -14.10
N TYR D 177 8.18 -23.77 -14.50
CA TYR D 177 7.53 -23.19 -15.68
C TYR D 177 8.55 -22.78 -16.75
N LYS D 178 8.43 -23.36 -17.93
CA LYS D 178 9.28 -23.00 -19.08
C LYS D 178 8.43 -22.44 -20.22
N PRO D 179 8.46 -21.10 -20.41
CA PRO D 179 7.62 -20.52 -21.44
C PRO D 179 8.20 -20.76 -22.84
N ALA D 180 7.38 -20.50 -23.86
CA ALA D 180 7.81 -20.64 -25.24
C ALA D 180 8.96 -19.68 -25.52
N SER D 181 9.91 -20.11 -26.35
CA SER D 181 11.12 -19.32 -26.62
C SER D 181 10.81 -18.01 -27.34
N ASP D 182 9.71 -17.98 -28.09
CA ASP D 182 9.30 -16.73 -28.74
C ASP D 182 8.60 -15.77 -27.80
N THR D 183 8.17 -16.25 -26.63
CA THR D 183 7.56 -15.34 -25.68
C THR D 183 8.13 -15.42 -24.26
N PRO D 184 9.44 -15.16 -24.09
CA PRO D 184 10.04 -15.27 -22.76
C PRO D 184 9.69 -14.12 -21.81
N VAL D 185 9.52 -12.92 -22.35
CA VAL D 185 9.28 -11.75 -21.50
C VAL D 185 7.95 -11.87 -20.77
N THR D 186 6.94 -12.41 -21.46
CA THR D 186 5.64 -12.64 -20.83
C THR D 186 5.82 -13.57 -19.62
N GLY D 187 6.66 -14.58 -19.75
CA GLY D 187 6.95 -15.51 -18.67
C GLY D 187 7.66 -14.84 -17.52
N TRP D 188 8.55 -13.91 -17.86
CA TRP D 188 9.27 -13.16 -16.85
C TRP D 188 8.33 -12.22 -16.08
N LEU D 189 7.38 -11.61 -16.79
CA LEU D 189 6.39 -10.76 -16.13
C LEU D 189 5.51 -11.57 -15.17
N ILE D 190 5.19 -12.80 -15.57
CA ILE D 190 4.45 -13.70 -14.69
C ILE D 190 5.25 -13.94 -13.40
N ALA D 191 6.56 -14.16 -13.54
CA ALA D 191 7.42 -14.39 -12.38
C ALA D 191 7.52 -13.15 -11.48
N GLN D 192 7.54 -11.97 -12.10
CA GLN D 192 7.46 -10.71 -11.37
C GLN D 192 6.20 -10.64 -10.52
N MET D 193 5.06 -11.00 -11.11
CA MET D 193 3.79 -10.96 -10.40
C MET D 193 3.81 -11.90 -9.20
N VAL D 194 4.33 -13.11 -9.40
CA VAL D 194 4.35 -14.10 -8.33
C VAL D 194 5.31 -13.68 -7.22
N ALA D 195 6.46 -13.13 -7.61
CA ALA D 195 7.39 -12.59 -6.62
C ALA D 195 6.75 -11.49 -5.79
N LYS D 196 6.03 -10.56 -6.44
CA LYS D 196 5.38 -9.45 -5.74
C LYS D 196 4.26 -9.94 -4.82
N ALA D 197 3.64 -11.05 -5.20
CA ALA D 197 2.54 -11.61 -4.41
C ALA D 197 3.08 -12.36 -3.20
N GLY D 198 4.40 -12.56 -3.18
CA GLY D 198 5.10 -13.08 -2.03
C GLY D 198 4.91 -14.55 -1.72
N LEU D 199 4.73 -15.38 -2.74
CA LEU D 199 4.61 -16.81 -2.51
C LEU D 199 5.93 -17.34 -1.96
N PRO D 200 5.87 -18.36 -1.09
CA PRO D 200 7.07 -18.94 -0.48
C PRO D 200 8.07 -19.38 -1.54
N LYS D 201 9.35 -19.23 -1.24
CA LYS D 201 10.40 -19.58 -2.18
C LYS D 201 10.32 -21.03 -2.65
N GLY D 202 10.53 -21.24 -3.94
CA GLY D 202 10.52 -22.57 -4.52
C GLY D 202 9.15 -23.05 -4.97
N VAL D 203 8.10 -22.38 -4.51
CA VAL D 203 6.74 -22.81 -4.84
C VAL D 203 6.46 -22.59 -6.32
N PHE D 204 6.99 -21.50 -6.87
CA PHE D 204 6.92 -21.21 -8.31
C PHE D 204 8.30 -20.86 -8.85
N ASN D 205 8.68 -21.49 -9.96
CA ASN D 205 9.98 -21.26 -10.57
C ASN D 205 9.86 -21.04 -12.06
N LEU D 206 10.63 -20.07 -12.58
CA LEU D 206 10.68 -19.79 -14.01
C LEU D 206 12.07 -20.11 -14.56
N VAL D 207 12.14 -20.92 -15.62
CA VAL D 207 13.41 -21.18 -16.30
C VAL D 207 13.24 -20.93 -17.79
N ILE D 208 13.98 -19.96 -18.33
CA ILE D 208 13.86 -19.60 -19.74
C ILE D 208 14.97 -20.23 -20.58
N GLY D 209 14.60 -21.06 -21.55
CA GLY D 209 15.57 -21.78 -22.34
C GLY D 209 14.91 -22.66 -23.40
N PRO D 210 15.71 -23.35 -24.23
CA PRO D 210 15.20 -24.15 -25.35
C PRO D 210 14.46 -25.39 -24.88
N GLY D 211 13.29 -25.64 -25.48
CA GLY D 211 12.52 -26.85 -25.21
C GLY D 211 13.33 -28.14 -25.18
N PRO D 212 14.12 -28.39 -26.23
CA PRO D 212 14.89 -29.65 -26.27
C PRO D 212 15.94 -29.78 -25.16
N VAL D 213 16.22 -28.69 -24.45
CA VAL D 213 17.19 -28.76 -23.37
C VAL D 213 16.53 -28.62 -22.01
N VAL D 214 15.89 -27.47 -21.78
CA VAL D 214 15.25 -27.20 -20.50
C VAL D 214 13.97 -28.01 -20.35
N GLY D 215 13.15 -28.02 -21.40
CA GLY D 215 11.91 -28.76 -21.37
C GLY D 215 12.15 -30.25 -21.18
N GLU D 216 13.16 -30.78 -21.86
CA GLU D 216 13.40 -32.21 -21.78
C GLU D 216 13.87 -32.62 -20.39
N GLU D 217 14.63 -31.76 -19.72
CA GLU D 217 15.06 -32.07 -18.35
C GLU D 217 13.86 -32.12 -17.40
N ILE D 218 12.94 -31.17 -17.56
CA ILE D 218 11.69 -31.16 -16.81
C ILE D 218 10.88 -32.44 -17.04
N VAL D 219 10.74 -32.82 -18.30
CA VAL D 219 9.93 -33.97 -18.67
C VAL D 219 10.54 -35.28 -18.19
N THR D 220 11.86 -35.33 -18.05
CA THR D 220 12.51 -36.60 -17.73
C THR D 220 13.01 -36.72 -16.29
N HIS D 221 12.89 -35.65 -15.50
CA HIS D 221 13.42 -35.66 -14.14
C HIS D 221 12.59 -36.49 -13.16
N LYS D 222 13.27 -37.23 -12.29
CA LYS D 222 12.66 -38.06 -11.23
C LYS D 222 11.66 -37.32 -10.35
N ARG D 223 12.01 -36.10 -9.96
CA ARG D 223 11.26 -35.44 -8.92
C ARG D 223 10.08 -34.62 -9.47
N VAL D 224 9.89 -34.67 -10.79
CA VAL D 224 8.72 -34.03 -11.40
C VAL D 224 7.61 -35.07 -11.49
N ALA D 225 6.44 -34.73 -10.94
CA ALA D 225 5.35 -35.71 -10.82
C ALA D 225 4.40 -35.69 -12.02
N HIS D 226 4.32 -34.55 -12.68
CA HIS D 226 3.32 -34.34 -13.72
C HIS D 226 3.81 -33.25 -14.66
N VAL D 227 3.49 -33.39 -15.95
CA VAL D 227 3.75 -32.30 -16.88
C VAL D 227 2.46 -31.88 -17.57
N THR D 228 2.18 -30.58 -17.56
CA THR D 228 1.07 -30.09 -18.35
C THR D 228 1.65 -29.28 -19.52
N PHE D 229 1.23 -29.67 -20.72
CA PHE D 229 1.85 -29.16 -21.93
C PHE D 229 0.82 -28.65 -22.93
N THR D 230 1.12 -27.52 -23.54
CA THR D 230 0.34 -27.05 -24.68
C THR D 230 1.29 -26.70 -25.82
N GLY D 231 1.04 -27.29 -26.99
CA GLY D 231 1.92 -27.10 -28.12
C GLY D 231 1.52 -27.99 -29.28
N GLU D 232 2.49 -28.36 -30.10
CA GLU D 232 2.22 -29.15 -31.29
C GLU D 232 2.09 -30.63 -30.96
N SER D 233 1.24 -31.32 -31.70
CA SER D 233 0.96 -32.74 -31.47
CA SER D 233 0.96 -32.73 -31.45
C SER D 233 2.24 -33.56 -31.51
N SER D 234 3.16 -33.19 -32.41
CA SER D 234 4.41 -33.95 -32.54
C SER D 234 5.25 -33.81 -31.27
N THR D 235 5.37 -32.59 -30.76
CA THR D 235 6.04 -32.35 -29.50
C THR D 235 5.37 -33.10 -28.34
N GLY D 236 4.04 -33.07 -28.34
CA GLY D 236 3.27 -33.73 -27.29
C GLY D 236 3.55 -35.22 -27.26
N ARG D 237 3.62 -35.84 -28.44
CA ARG D 237 3.91 -37.26 -28.55
C ARG D 237 5.32 -37.55 -28.02
N GLU D 238 6.26 -36.67 -28.32
CA GLU D 238 7.61 -36.82 -27.78
C GLU D 238 7.62 -36.71 -26.25
N ILE D 239 6.90 -35.73 -25.72
CA ILE D 239 6.85 -35.53 -24.27
C ILE D 239 6.20 -36.73 -23.61
N ALA D 240 5.11 -37.22 -24.20
CA ALA D 240 4.43 -38.37 -23.63
C ALA D 240 5.38 -39.57 -23.54
N ALA D 241 6.17 -39.78 -24.59
CA ALA D 241 7.10 -40.89 -24.61
C ALA D 241 8.19 -40.75 -23.55
N LYS D 242 8.75 -39.55 -23.45
CA LYS D 242 9.81 -39.31 -22.47
C LYS D 242 9.28 -39.42 -21.04
N ALA D 243 8.05 -38.98 -20.83
CA ALA D 243 7.45 -38.97 -19.51
C ALA D 243 7.32 -40.39 -18.94
N ALA D 244 7.18 -41.38 -19.81
CA ALA D 244 6.92 -42.76 -19.39
C ALA D 244 8.07 -43.35 -18.56
N GLY D 245 9.28 -42.87 -18.77
CA GLY D 245 10.45 -43.37 -18.08
C GLY D 245 10.34 -43.32 -16.56
N THR D 246 9.72 -42.26 -16.05
CA THR D 246 9.53 -42.12 -14.60
C THR D 246 8.07 -42.25 -14.19
N LEU D 247 7.21 -42.66 -15.12
CA LEU D 247 5.78 -42.86 -14.85
C LEU D 247 5.11 -41.59 -14.34
N LYS D 248 5.48 -40.45 -14.92
CA LYS D 248 4.79 -39.22 -14.57
C LYS D 248 3.58 -39.07 -15.49
N THR D 249 2.52 -38.47 -14.98
CA THR D 249 1.31 -38.25 -15.76
C THR D 249 1.46 -36.95 -16.55
N VAL D 250 0.68 -36.81 -17.60
CA VAL D 250 0.73 -35.61 -18.43
C VAL D 250 -0.65 -35.11 -18.78
N THR D 251 -0.74 -33.81 -19.00
CA THR D 251 -1.89 -33.17 -19.62
C THR D 251 -1.40 -32.57 -20.94
N LEU D 252 -2.06 -32.88 -22.04
CA LEU D 252 -1.59 -32.44 -23.36
C LEU D 252 -2.69 -31.76 -24.14
N GLU D 253 -2.50 -30.51 -24.48
CA GLU D 253 -3.42 -29.81 -25.36
C GLU D 253 -2.65 -29.48 -26.63
N LEU D 254 -3.00 -30.16 -27.75
CA LEU D 254 -2.16 -30.19 -28.94
C LEU D 254 -3.03 -29.46 -29.96
C LEU D 254 -2.71 -29.55 -30.22
N GLY D 255 -2.72 -29.52 -31.25
N GLY D 255 -3.53 -28.52 -30.08
CA GLY D 255 -3.45 -28.73 -32.22
CA GLY D 255 -4.08 -27.85 -31.25
C GLY D 255 -4.93 -29.06 -32.37
C GLY D 255 -5.23 -28.63 -31.86
N GLY D 256 -5.66 -28.17 -33.02
CA GLY D 256 -6.95 -28.54 -33.56
C GLY D 256 -7.05 -28.20 -35.01
N SER D 257 -8.05 -28.77 -35.66
CA SER D 257 -8.43 -28.36 -37.00
C SER D 257 -9.96 -28.27 -36.99
N ASP D 258 -10.48 -27.34 -36.17
CA ASP D 258 -11.91 -27.33 -35.84
C ASP D 258 -12.80 -26.99 -37.02
N PRO D 259 -13.89 -27.74 -37.17
CA PRO D 259 -14.92 -27.42 -38.16
C PRO D 259 -15.92 -26.36 -37.67
N LEU D 260 -16.22 -25.43 -38.57
CA LEU D 260 -17.35 -24.53 -38.39
C LEU D 260 -18.38 -24.88 -39.44
N ILE D 261 -19.49 -25.44 -39.00
CA ILE D 261 -20.51 -25.96 -39.90
C ILE D 261 -21.65 -24.98 -40.00
N ILE D 262 -21.97 -24.58 -41.23
CA ILE D 262 -23.00 -23.57 -41.45
C ILE D 262 -24.14 -24.14 -42.28
N LEU D 263 -25.34 -24.19 -41.71
CA LEU D 263 -26.47 -24.84 -42.38
C LEU D 263 -27.31 -23.81 -43.15
N ASP D 264 -28.28 -24.30 -43.92
CA ASP D 264 -28.97 -23.44 -44.87
C ASP D 264 -30.01 -22.52 -44.24
N ASP D 265 -30.35 -22.71 -42.96
CA ASP D 265 -31.39 -21.88 -42.36
C ASP D 265 -30.86 -20.70 -41.55
N VAL D 266 -29.56 -20.41 -41.66
CA VAL D 266 -28.96 -19.32 -40.92
C VAL D 266 -29.22 -17.92 -41.50
N ASP D 267 -28.97 -16.92 -40.66
CA ASP D 267 -28.76 -15.54 -41.07
C ASP D 267 -27.39 -15.49 -41.73
N VAL D 268 -27.36 -15.43 -43.06
CA VAL D 268 -26.12 -15.65 -43.79
C VAL D 268 -25.09 -14.56 -43.52
N ASP D 269 -25.53 -13.31 -43.42
CA ASP D 269 -24.62 -12.22 -43.10
C ASP D 269 -24.01 -12.42 -41.70
N TYR D 270 -24.83 -12.84 -40.75
CA TYR D 270 -24.34 -13.07 -39.40
C TYR D 270 -23.35 -14.24 -39.39
N ALA D 271 -23.70 -15.32 -40.07
CA ALA D 271 -22.78 -16.45 -40.17
C ALA D 271 -21.43 -16.01 -40.73
N ALA D 272 -21.45 -15.18 -41.76
CA ALA D 272 -20.19 -14.72 -42.35
C ALA D 272 -19.37 -13.89 -41.36
N ARG D 273 -20.04 -13.00 -40.63
CA ARG D 273 -19.34 -12.19 -39.63
C ARG D 273 -18.73 -13.10 -38.55
N LEU D 274 -19.52 -14.06 -38.08
CA LEU D 274 -19.05 -15.00 -37.06
C LEU D 274 -17.88 -15.79 -37.60
N ALA D 275 -18.04 -16.31 -38.81
CA ALA D 275 -17.00 -17.11 -39.45
C ALA D 275 -15.69 -16.36 -39.55
N VAL D 276 -15.75 -15.08 -39.92
CA VAL D 276 -14.52 -14.31 -40.09
C VAL D 276 -13.78 -14.12 -38.76
N PHE D 277 -14.52 -13.79 -37.71
CA PHE D 277 -13.93 -13.68 -36.39
C PHE D 277 -13.37 -15.05 -35.94
N ALA D 278 -14.17 -16.09 -36.09
CA ALA D 278 -13.77 -17.42 -35.60
C ALA D 278 -12.53 -17.97 -36.34
N SER D 279 -12.42 -17.70 -37.64
CA SER D 279 -11.37 -18.31 -38.45
C SER D 279 -10.07 -17.50 -38.49
N LEU D 280 -10.15 -16.20 -38.20
CA LEU D 280 -9.00 -15.34 -38.46
C LEU D 280 -8.54 -14.46 -37.30
N PHE D 281 -9.27 -14.47 -36.18
CA PHE D 281 -8.79 -13.72 -35.02
C PHE D 281 -7.41 -14.24 -34.63
N HIS D 282 -6.55 -13.30 -34.21
CA HIS D 282 -5.13 -13.53 -33.99
C HIS D 282 -4.46 -14.23 -35.17
N GLN D 283 -4.87 -13.84 -36.36
CA GLN D 283 -4.28 -14.33 -37.60
C GLN D 283 -4.44 -15.85 -37.70
N GLY D 284 -5.48 -16.36 -37.03
CA GLY D 284 -5.80 -17.79 -37.07
C GLY D 284 -4.84 -18.62 -36.22
N GLN D 285 -4.04 -17.95 -35.40
CA GLN D 285 -3.06 -18.64 -34.58
C GLN D 285 -3.68 -19.02 -33.23
N ILE D 286 -4.73 -19.85 -33.29
CA ILE D 286 -5.48 -20.26 -32.10
C ILE D 286 -5.79 -21.74 -32.24
N CYS D 287 -5.61 -22.50 -31.16
CA CYS D 287 -5.81 -23.95 -31.22
C CYS D 287 -7.23 -24.28 -31.64
N THR D 288 -8.17 -23.45 -31.20
CA THR D 288 -9.59 -23.64 -31.49
C THR D 288 -10.10 -22.64 -32.53
N SER D 289 -9.20 -22.13 -33.36
CA SER D 289 -9.61 -21.35 -34.53
C SER D 289 -10.53 -22.17 -35.41
N ALA D 290 -11.50 -21.53 -36.06
CA ALA D 290 -12.33 -22.21 -37.04
C ALA D 290 -11.50 -22.45 -38.32
N LYS D 291 -10.85 -23.60 -38.40
CA LYS D 291 -9.83 -23.82 -39.45
C LYS D 291 -10.41 -24.48 -40.71
N ARG D 292 -11.58 -25.09 -40.61
CA ARG D 292 -12.23 -25.69 -41.78
C ARG D 292 -13.69 -25.28 -41.81
N ILE D 293 -14.03 -24.42 -42.77
CA ILE D 293 -15.39 -23.92 -42.86
C ILE D 293 -16.19 -24.77 -43.83
N ILE D 294 -17.35 -25.23 -43.37
CA ILE D 294 -18.14 -26.22 -44.06
C ILE D 294 -19.53 -25.65 -44.21
N VAL D 295 -19.96 -25.43 -45.45
CA VAL D 295 -21.18 -24.68 -45.70
C VAL D 295 -22.16 -25.43 -46.58
N HIS D 296 -23.43 -25.38 -46.19
CA HIS D 296 -24.50 -26.05 -46.92
C HIS D 296 -24.68 -25.39 -48.30
N LYS D 297 -24.86 -26.21 -49.33
CA LYS D 297 -24.91 -25.70 -50.71
C LYS D 297 -25.99 -24.63 -50.94
N ALA D 298 -27.10 -24.70 -50.21
CA ALA D 298 -28.19 -23.76 -50.44
C ALA D 298 -27.82 -22.31 -50.13
N VAL D 299 -26.80 -22.11 -49.29
CA VAL D 299 -26.41 -20.74 -48.91
C VAL D 299 -24.94 -20.46 -49.21
N ALA D 300 -24.26 -21.43 -49.81
CA ALA D 300 -22.83 -21.36 -50.04
C ALA D 300 -22.41 -20.12 -50.86
N ASP D 301 -23.06 -19.89 -52.01
CA ASP D 301 -22.72 -18.77 -52.87
C ASP D 301 -22.77 -17.45 -52.10
N LYS D 302 -23.92 -17.19 -51.48
CA LYS D 302 -24.11 -15.98 -50.68
C LYS D 302 -23.15 -15.93 -49.48
N PHE D 303 -22.97 -17.06 -48.79
CA PHE D 303 -22.03 -17.09 -47.66
C PHE D 303 -20.61 -16.73 -48.10
N ILE D 304 -20.13 -17.38 -49.15
CA ILE D 304 -18.77 -17.16 -49.61
C ILE D 304 -18.58 -15.69 -50.01
N GLU D 305 -19.56 -15.13 -50.71
CA GLU D 305 -19.51 -13.72 -51.11
C GLU D 305 -19.36 -12.81 -49.88
N ARG D 306 -20.21 -13.00 -48.88
CA ARG D 306 -20.17 -12.14 -47.68
C ARG D 306 -18.92 -12.38 -46.85
N TYR D 307 -18.50 -13.65 -46.74
CA TYR D 307 -17.28 -13.97 -46.02
C TYR D 307 -16.10 -13.21 -46.63
N VAL D 308 -15.90 -13.35 -47.93
CA VAL D 308 -14.80 -12.65 -48.59
C VAL D 308 -14.95 -11.14 -48.42
N HIS D 309 -16.18 -10.63 -48.49
CA HIS D 309 -16.44 -9.20 -48.27
C HIS D 309 -15.89 -8.70 -46.93
N TYR D 310 -16.20 -9.42 -45.86
CA TYR D 310 -15.70 -9.03 -44.54
C TYR D 310 -14.19 -9.26 -44.40
N VAL D 311 -13.66 -10.32 -45.03
CA VAL D 311 -12.22 -10.55 -44.98
C VAL D 311 -11.47 -9.37 -45.59
N LYS D 312 -12.02 -8.85 -46.68
CA LYS D 312 -11.41 -7.73 -47.42
C LYS D 312 -11.37 -6.49 -46.54
N MET D 313 -12.32 -6.37 -45.61
CA MET D 313 -12.39 -5.23 -44.71
C MET D 313 -11.37 -5.27 -43.58
N LEU D 314 -10.68 -6.39 -43.41
CA LEU D 314 -9.76 -6.55 -42.29
C LEU D 314 -8.58 -5.61 -42.45
N ARG D 315 -8.28 -4.88 -41.39
CA ARG D 315 -7.15 -3.99 -41.41
C ARG D 315 -5.93 -4.66 -40.79
N ILE D 316 -4.91 -4.85 -41.61
CA ILE D 316 -3.66 -5.49 -41.21
C ILE D 316 -2.61 -4.40 -41.05
N ASP D 317 -1.95 -4.35 -39.90
CA ASP D 317 -1.02 -3.26 -39.61
C ASP D 317 -0.13 -3.55 -38.41
N ASP D 318 0.82 -2.65 -38.16
CA ASP D 318 1.54 -2.61 -36.91
C ASP D 318 0.52 -2.58 -35.77
N PRO D 319 0.52 -3.61 -34.91
CA PRO D 319 -0.51 -3.66 -33.86
C PRO D 319 -0.31 -2.59 -32.79
N ARG D 320 0.87 -1.98 -32.76
CA ARG D 320 1.17 -0.90 -31.82
C ARG D 320 0.53 0.43 -32.18
N LYS D 321 0.16 0.58 -33.45
CA LYS D 321 -0.31 1.88 -33.96
C LYS D 321 -1.55 2.43 -33.25
N ASP D 322 -2.58 1.60 -33.10
CA ASP D 322 -3.81 2.03 -32.44
C ASP D 322 -4.69 0.84 -32.05
N GLU D 323 -5.86 1.12 -31.48
CA GLU D 323 -6.67 0.07 -30.88
C GLU D 323 -7.56 -0.66 -31.87
N LYS D 324 -7.51 -0.26 -33.14
CA LYS D 324 -8.46 -0.86 -34.07
C LYS D 324 -7.82 -1.69 -35.19
N VAL D 325 -6.51 -1.92 -35.12
CA VAL D 325 -5.88 -2.88 -36.02
C VAL D 325 -6.54 -4.27 -35.86
N ASP D 326 -6.95 -4.88 -36.96
CA ASP D 326 -7.65 -6.18 -36.89
C ASP D 326 -6.67 -7.33 -36.77
N LEU D 327 -5.57 -7.24 -37.52
CA LEU D 327 -4.57 -8.30 -37.59
C LEU D 327 -3.15 -7.78 -37.49
N GLY D 328 -2.35 -8.41 -36.63
CA GLY D 328 -0.92 -8.11 -36.56
C GLY D 328 -0.18 -9.11 -37.43
N PRO D 329 1.13 -9.26 -37.22
CA PRO D 329 1.98 -10.19 -37.98
C PRO D 329 1.93 -11.60 -37.40
N LEU D 330 2.46 -12.57 -38.13
CA LEU D 330 2.64 -13.92 -37.58
C LEU D 330 3.87 -13.85 -36.70
N ILE D 331 4.09 -14.88 -35.89
CA ILE D 331 5.09 -14.78 -34.83
C ILE D 331 6.54 -14.75 -35.38
N ASN D 332 6.79 -15.41 -36.51
CA ASN D 332 8.12 -15.37 -37.10
C ASN D 332 8.12 -15.74 -38.58
N GLU D 333 9.31 -15.72 -39.19
CA GLU D 333 9.46 -15.97 -40.64
C GLU D 333 9.08 -17.41 -40.99
N ARG D 334 9.38 -18.33 -40.07
CA ARG D 334 9.05 -19.74 -40.22
C ARG D 334 7.55 -19.95 -40.46
N GLN D 335 6.73 -19.19 -39.74
CA GLN D 335 5.28 -19.30 -39.89
C GLN D 335 4.86 -18.81 -41.27
N VAL D 336 5.43 -17.69 -41.71
CA VAL D 336 5.14 -17.19 -43.05
C VAL D 336 5.50 -18.26 -44.09
N ALA D 337 6.68 -18.87 -43.93
CA ALA D 337 7.14 -19.87 -44.89
C ALA D 337 6.20 -21.07 -44.93
N LEU D 338 5.70 -21.50 -43.77
CA LEU D 338 4.76 -22.60 -43.73
C LEU D 338 3.45 -22.21 -44.42
N MET D 339 2.99 -20.98 -44.21
CA MET D 339 1.72 -20.57 -44.82
C MET D 339 1.85 -20.54 -46.35
N LYS D 340 3.03 -20.16 -46.84
CA LYS D 340 3.27 -20.23 -48.29
C LYS D 340 3.23 -21.67 -48.78
N GLU D 341 3.81 -22.59 -48.00
CA GLU D 341 3.69 -24.01 -48.33
C GLU D 341 2.24 -24.44 -48.46
N PHE D 342 1.39 -23.97 -47.55
CA PHE D 342 -0.04 -24.30 -47.61
C PHE D 342 -0.72 -23.68 -48.83
N VAL D 343 -0.35 -22.44 -49.15
CA VAL D 343 -0.90 -21.79 -50.33
C VAL D 343 -0.42 -22.51 -51.60
N ASP D 344 0.88 -22.79 -51.69
CA ASP D 344 1.46 -23.49 -52.85
C ASP D 344 0.75 -24.82 -53.11
N ASP D 345 0.50 -25.59 -52.04
CA ASP D 345 -0.15 -26.89 -52.18
C ASP D 345 -1.59 -26.75 -52.66
N ALA D 346 -2.31 -25.78 -52.11
CA ALA D 346 -3.71 -25.58 -52.49
C ALA D 346 -3.88 -25.19 -53.97
N VAL D 347 -3.03 -24.28 -54.43
CA VAL D 347 -3.06 -23.88 -55.83
C VAL D 347 -2.72 -25.08 -56.72
N SER D 348 -1.68 -25.83 -56.37
CA SER D 348 -1.26 -26.93 -57.23
C SER D 348 -2.30 -28.04 -57.32
N ARG D 349 -3.19 -28.13 -56.33
CA ARG D 349 -4.24 -29.16 -56.32
C ARG D 349 -5.55 -28.65 -56.90
N GLY D 350 -5.56 -27.42 -57.39
CA GLY D 350 -6.72 -26.93 -58.12
C GLY D 350 -7.60 -25.99 -57.31
N GLY D 351 -7.12 -25.58 -56.15
CA GLY D 351 -7.86 -24.64 -55.33
C GLY D 351 -7.99 -23.27 -55.97
N ARG D 352 -9.11 -22.61 -55.69
CA ARG D 352 -9.36 -21.27 -56.18
C ARG D 352 -9.06 -20.25 -55.07
N LEU D 353 -8.07 -19.39 -55.31
CA LEU D 353 -7.67 -18.37 -54.35
C LEU D 353 -8.57 -17.15 -54.48
N LEU D 354 -9.57 -17.01 -53.61
CA LEU D 354 -10.54 -15.93 -53.73
C LEU D 354 -9.97 -14.59 -53.32
N ILE D 355 -9.02 -14.60 -52.41
CA ILE D 355 -8.45 -13.37 -51.88
C ILE D 355 -7.23 -13.72 -51.03
N GLY D 356 -6.29 -12.78 -50.92
CA GLY D 356 -5.17 -12.91 -50.01
C GLY D 356 -3.97 -13.68 -50.53
N GLY D 357 -3.01 -13.88 -49.64
CA GLY D 357 -1.78 -14.56 -49.99
C GLY D 357 -0.57 -13.65 -49.94
N ARG D 358 -0.80 -12.34 -50.09
CA ARG D 358 0.30 -11.37 -49.97
C ARG D 358 0.99 -11.47 -48.62
N SER D 359 2.32 -11.44 -48.63
CA SER D 359 3.09 -11.43 -47.39
C SER D 359 4.31 -10.53 -47.48
N TRP D 360 4.61 -9.86 -46.38
CA TRP D 360 5.77 -8.99 -46.30
C TRP D 360 6.29 -9.02 -44.88
N GLY D 361 7.56 -9.36 -44.70
CA GLY D 361 8.10 -9.55 -43.38
C GLY D 361 7.32 -10.68 -42.72
N ASN D 362 6.83 -10.45 -41.52
CA ASN D 362 6.06 -11.49 -40.83
C ASN D 362 4.57 -11.34 -41.04
N PHE D 363 4.19 -10.33 -41.83
CA PHE D 363 2.79 -10.10 -42.13
C PHE D 363 2.28 -10.96 -43.29
N PHE D 364 1.00 -11.31 -43.21
CA PHE D 364 0.37 -12.22 -44.16
C PHE D 364 -1.09 -11.86 -44.28
N GLU D 365 -1.55 -11.56 -45.50
CA GLU D 365 -2.95 -11.29 -45.77
CA GLU D 365 -2.95 -11.29 -45.77
C GLU D 365 -3.72 -12.61 -45.95
N PRO D 366 -4.76 -12.83 -45.12
CA PRO D 366 -5.56 -14.07 -45.11
C PRO D 366 -5.95 -14.59 -46.49
N ALA D 367 -5.50 -15.80 -46.79
CA ALA D 367 -5.75 -16.43 -48.07
C ALA D 367 -6.92 -17.40 -47.96
N ILE D 368 -7.97 -17.14 -48.71
CA ILE D 368 -9.18 -17.95 -48.66
C ILE D 368 -9.34 -18.80 -49.91
N PHE D 369 -9.52 -20.11 -49.72
CA PHE D 369 -9.66 -21.05 -50.84
C PHE D 369 -11.03 -21.68 -50.92
N VAL D 370 -11.53 -21.83 -52.15
CA VAL D 370 -12.63 -22.75 -52.43
C VAL D 370 -12.15 -23.77 -53.47
N ASP D 371 -13.03 -24.65 -53.90
CA ASP D 371 -12.68 -25.78 -54.76
C ASP D 371 -11.59 -26.64 -54.13
N VAL D 372 -11.70 -26.93 -52.83
CA VAL D 372 -10.70 -27.80 -52.21
C VAL D 372 -11.25 -29.22 -52.06
N ASP D 373 -10.39 -30.20 -51.87
CA ASP D 373 -10.87 -31.55 -51.55
C ASP D 373 -10.05 -32.10 -50.39
N ARG D 374 -10.33 -33.34 -50.01
CA ARG D 374 -9.80 -33.88 -48.76
C ARG D 374 -8.28 -34.07 -48.81
N ASN D 375 -7.70 -34.03 -49.99
CA ASN D 375 -6.25 -34.26 -50.10
C ASN D 375 -5.41 -33.00 -49.95
N PHE D 376 -6.04 -31.83 -49.91
CA PHE D 376 -5.32 -30.58 -49.64
C PHE D 376 -4.65 -30.61 -48.29
N ARG D 377 -3.42 -30.12 -48.20
CA ARG D 377 -2.76 -30.00 -46.91
C ARG D 377 -3.57 -29.14 -45.93
N ILE D 378 -4.24 -28.09 -46.43
CA ILE D 378 -5.04 -27.27 -45.52
C ILE D 378 -6.33 -27.95 -45.04
N MET D 379 -6.60 -29.16 -45.55
CA MET D 379 -7.68 -29.99 -45.01
C MET D 379 -7.14 -31.12 -44.12
N ARG D 380 -5.85 -31.47 -44.30
CA ARG D 380 -5.26 -32.65 -43.66
C ARG D 380 -4.41 -32.33 -42.43
N GLU D 381 -4.03 -31.06 -42.28
CA GLU D 381 -3.07 -30.64 -41.24
C GLU D 381 -3.64 -29.48 -40.49
N GLU D 382 -3.15 -29.24 -39.28
CA GLU D 382 -3.52 -28.01 -38.58
C GLU D 382 -2.89 -26.82 -39.25
N VAL D 383 -3.70 -25.84 -39.64
CA VAL D 383 -3.19 -24.63 -40.27
C VAL D 383 -3.20 -23.49 -39.26
N PHE D 384 -2.07 -23.32 -38.60
CA PHE D 384 -1.97 -22.42 -37.47
C PHE D 384 -1.58 -21.02 -37.96
N GLY D 385 -2.42 -20.47 -38.84
CA GLY D 385 -2.18 -19.19 -39.46
C GLY D 385 -3.34 -18.86 -40.37
N PRO D 386 -3.25 -17.72 -41.09
CA PRO D 386 -4.43 -17.21 -41.82
C PRO D 386 -4.58 -17.76 -43.24
N VAL D 387 -4.68 -19.08 -43.36
CA VAL D 387 -5.08 -19.70 -44.62
C VAL D 387 -6.25 -20.63 -44.33
N ARG D 388 -7.39 -20.39 -44.99
CA ARG D 388 -8.61 -21.08 -44.65
C ARG D 388 -9.34 -21.63 -45.88
N PRO D 389 -9.69 -22.92 -45.86
CA PRO D 389 -10.56 -23.50 -46.88
C PRO D 389 -12.03 -23.31 -46.53
N ILE D 390 -12.85 -23.15 -47.55
CA ILE D 390 -14.30 -23.25 -47.42
C ILE D 390 -14.75 -24.43 -48.24
N VAL D 391 -15.47 -25.35 -47.63
CA VAL D 391 -15.95 -26.54 -48.32
C VAL D 391 -17.46 -26.52 -48.41
N VAL D 392 -17.99 -26.87 -49.58
CA VAL D 392 -19.44 -26.91 -49.78
C VAL D 392 -19.97 -28.34 -49.68
N VAL D 393 -21.04 -28.54 -48.93
CA VAL D 393 -21.62 -29.88 -48.77
C VAL D 393 -23.09 -29.86 -49.14
N GLU D 394 -23.66 -31.01 -49.48
CA GLU D 394 -25.04 -31.06 -49.95
C GLU D 394 -26.07 -31.30 -48.85
N ASN D 395 -25.63 -31.84 -47.73
CA ASN D 395 -26.54 -32.17 -46.64
C ASN D 395 -25.81 -32.35 -45.31
N ASP D 396 -26.57 -32.60 -44.25
CA ASP D 396 -25.99 -32.71 -42.91
C ASP D 396 -25.05 -33.91 -42.76
N ASP D 397 -25.39 -35.04 -43.38
CA ASP D 397 -24.51 -36.21 -43.32
C ASP D 397 -23.13 -35.87 -43.88
N GLN D 398 -23.11 -35.15 -45.00
CA GLN D 398 -21.85 -34.78 -45.62
CA GLN D 398 -21.84 -34.79 -45.62
C GLN D 398 -21.09 -33.78 -44.75
N ALA D 399 -21.82 -32.85 -44.15
CA ALA D 399 -21.18 -31.89 -43.25
C ALA D 399 -20.43 -32.60 -42.11
N VAL D 400 -21.08 -33.63 -41.56
CA VAL D 400 -20.50 -34.39 -40.46
C VAL D 400 -19.32 -35.22 -40.95
N GLU D 401 -19.49 -35.83 -42.11
CA GLU D 401 -18.40 -36.62 -42.70
C GLU D 401 -17.15 -35.76 -42.88
N VAL D 402 -17.30 -34.57 -43.45
CA VAL D 402 -16.15 -33.70 -43.65
C VAL D 402 -15.59 -33.22 -42.31
N ALA D 403 -16.48 -32.82 -41.42
CA ALA D 403 -16.06 -32.33 -40.12
C ALA D 403 -15.17 -33.33 -39.41
N ASN D 404 -15.52 -34.61 -39.52
CA ASN D 404 -14.79 -35.68 -38.78
C ASN D 404 -13.58 -36.22 -39.54
N ASP D 405 -13.48 -35.86 -40.81
CA ASP D 405 -12.38 -36.34 -41.67
C ASP D 405 -11.08 -35.59 -41.35
N THR D 406 -10.57 -35.79 -40.15
CA THR D 406 -9.40 -35.08 -39.66
C THR D 406 -8.79 -35.92 -38.55
N ASP D 407 -7.48 -35.81 -38.38
CA ASP D 407 -6.82 -36.46 -37.25
C ASP D 407 -7.12 -35.76 -35.93
N TYR D 408 -7.55 -34.50 -36.02
CA TYR D 408 -7.73 -33.68 -34.83
C TYR D 408 -9.15 -33.83 -34.24
N GLY D 409 -9.35 -33.31 -33.03
CA GLY D 409 -10.68 -33.35 -32.43
C GLY D 409 -10.77 -32.45 -31.21
N LEU D 410 -10.48 -31.16 -31.41
CA LEU D 410 -10.44 -30.25 -30.27
C LEU D 410 -11.80 -29.60 -30.05
N SER D 411 -12.18 -28.66 -30.90
CA SER D 411 -13.51 -28.07 -30.77
C SER D 411 -14.26 -28.15 -32.10
N GLY D 412 -15.30 -27.33 -32.24
CA GLY D 412 -16.20 -27.42 -33.37
C GLY D 412 -17.44 -26.61 -33.08
N ALA D 413 -18.17 -26.26 -34.13
CA ALA D 413 -19.37 -25.46 -33.98
C ALA D 413 -20.33 -25.68 -35.13
N VAL D 414 -21.61 -25.49 -34.86
CA VAL D 414 -22.63 -25.50 -35.91
C VAL D 414 -23.49 -24.24 -35.80
N LEU D 415 -23.81 -23.64 -36.93
CA LEU D 415 -24.71 -22.50 -36.97
C LEU D 415 -26.00 -22.96 -37.63
N THR D 416 -27.10 -22.84 -36.89
CA THR D 416 -28.41 -23.25 -37.40
C THR D 416 -29.46 -22.85 -36.36
N ASN D 417 -30.71 -22.68 -36.78
CA ASN D 417 -31.78 -22.42 -35.82
C ASN D 417 -32.62 -23.65 -35.57
N ASN D 418 -32.28 -24.75 -36.22
CA ASN D 418 -33.04 -25.99 -36.08
C ASN D 418 -32.49 -26.81 -34.91
N VAL D 419 -33.32 -27.05 -33.90
CA VAL D 419 -32.86 -27.74 -32.69
C VAL D 419 -32.46 -29.18 -32.98
N ASN D 420 -33.22 -29.86 -33.84
CA ASN D 420 -32.90 -31.24 -34.18
C ASN D 420 -31.57 -31.36 -34.95
N ARG D 421 -31.36 -30.47 -35.90
CA ARG D 421 -30.15 -30.50 -36.70
C ARG D 421 -28.94 -30.14 -35.85
N ALA D 422 -29.11 -29.15 -34.99
CA ALA D 422 -28.03 -28.70 -34.11
C ALA D 422 -27.53 -29.82 -33.20
N PHE D 423 -28.47 -30.52 -32.56
CA PHE D 423 -28.12 -31.57 -31.62
C PHE D 423 -27.57 -32.82 -32.32
N ARG D 424 -28.16 -33.22 -33.44
CA ARG D 424 -27.70 -34.39 -34.16
CA ARG D 424 -27.69 -34.40 -34.14
C ARG D 424 -26.26 -34.18 -34.61
N ILE D 425 -25.96 -32.97 -35.07
CA ILE D 425 -24.62 -32.68 -35.54
C ILE D 425 -23.65 -32.60 -34.36
N ALA D 426 -24.07 -31.93 -33.29
CA ALA D 426 -23.24 -31.82 -32.08
C ALA D 426 -22.83 -33.21 -31.58
N GLU D 427 -23.80 -34.13 -31.54
CA GLU D 427 -23.56 -35.49 -31.09
C GLU D 427 -22.58 -36.21 -32.01
N ALA D 428 -22.70 -35.96 -33.32
CA ALA D 428 -21.98 -36.75 -34.33
C ALA D 428 -20.53 -36.30 -34.55
N VAL D 429 -20.24 -35.03 -34.32
CA VAL D 429 -18.91 -34.50 -34.54
C VAL D 429 -17.98 -35.00 -33.43
N GLU D 430 -16.82 -35.51 -33.83
CA GLU D 430 -15.89 -36.13 -32.90
C GLU D 430 -14.91 -35.09 -32.37
N SER D 431 -15.26 -34.44 -31.27
CA SER D 431 -14.44 -33.39 -30.68
C SER D 431 -14.60 -33.37 -29.16
N GLY D 432 -13.61 -32.82 -28.47
CA GLY D 432 -13.66 -32.67 -27.03
C GLY D 432 -14.62 -31.57 -26.58
N MET D 433 -14.88 -30.62 -27.45
CA MET D 433 -15.74 -29.48 -27.15
C MET D 433 -16.59 -29.16 -28.36
N PHE D 434 -17.75 -28.55 -28.12
CA PHE D 434 -18.63 -28.18 -29.24
C PHE D 434 -19.55 -27.04 -28.86
N HIS D 435 -19.84 -26.17 -29.83
CA HIS D 435 -20.65 -24.98 -29.57
C HIS D 435 -21.70 -24.78 -30.63
N ILE D 436 -22.95 -24.63 -30.20
CA ILE D 436 -24.05 -24.33 -31.11
C ILE D 436 -24.26 -22.82 -31.18
N ASN D 437 -24.23 -22.27 -32.40
CA ASN D 437 -24.41 -20.85 -32.66
C ASN D 437 -23.44 -19.95 -31.92
N ASP D 438 -22.17 -20.32 -31.97
CA ASP D 438 -21.13 -19.46 -31.45
C ASP D 438 -19.80 -19.85 -32.08
N VAL D 439 -18.75 -19.11 -31.75
CA VAL D 439 -17.44 -19.35 -32.32
C VAL D 439 -16.86 -20.67 -31.82
N THR D 440 -15.89 -21.20 -32.55
CA THR D 440 -15.25 -22.45 -32.18
C THR D 440 -14.36 -22.25 -30.96
N PHE D 441 -13.85 -21.04 -30.76
CA PHE D 441 -12.88 -20.85 -29.68
C PHE D 441 -13.47 -20.31 -28.36
N LEU D 442 -14.75 -20.50 -28.13
CA LEU D 442 -15.33 -20.23 -26.80
C LEU D 442 -14.51 -20.90 -25.69
N GLU D 443 -14.32 -20.18 -24.60
CA GLU D 443 -13.59 -20.70 -23.46
C GLU D 443 -13.94 -19.92 -22.19
N GLU D 444 -14.21 -20.65 -21.13
CA GLU D 444 -14.46 -20.05 -19.83
C GLU D 444 -13.43 -20.61 -18.84
N SER D 445 -13.29 -19.95 -17.70
CA SER D 445 -12.21 -20.28 -16.77
C SER D 445 -12.43 -21.63 -16.09
N HIS D 446 -13.69 -22.06 -16.01
CA HIS D 446 -14.04 -23.17 -15.12
C HIS D 446 -14.67 -24.36 -15.85
N VAL D 447 -14.52 -24.43 -17.17
CA VAL D 447 -15.12 -25.49 -17.96
C VAL D 447 -14.03 -26.48 -18.39
N PRO D 448 -14.41 -27.72 -18.72
CA PRO D 448 -13.38 -28.68 -19.15
C PRO D 448 -12.91 -28.41 -20.58
N PHE D 449 -11.69 -27.90 -20.70
CA PHE D 449 -11.11 -27.54 -22.00
C PHE D 449 -10.11 -28.60 -22.41
N GLY D 450 -10.30 -29.21 -23.58
CA GLY D 450 -9.38 -30.21 -24.08
C GLY D 450 -9.98 -30.99 -25.24
N GLY D 451 -9.19 -31.86 -25.84
CA GLY D 451 -9.58 -32.51 -27.08
C GLY D 451 -9.53 -34.03 -27.06
N ILE D 452 -9.87 -34.63 -28.19
CA ILE D 452 -9.73 -36.09 -28.35
C ILE D 452 -8.85 -36.33 -29.58
N LYS D 453 -8.61 -37.59 -29.91
CA LYS D 453 -7.83 -37.93 -31.10
C LYS D 453 -6.46 -37.24 -31.05
N ALA D 454 -6.00 -36.61 -32.14
CA ALA D 454 -4.65 -36.04 -32.12
C ALA D 454 -4.55 -34.76 -31.28
N SER D 455 -5.68 -34.25 -30.82
CA SER D 455 -5.69 -32.96 -30.11
C SER D 455 -5.25 -33.06 -28.64
N GLY D 456 -5.09 -34.27 -28.14
CA GLY D 456 -4.45 -34.42 -26.85
C GLY D 456 -5.24 -35.21 -25.83
N VAL D 457 -4.84 -35.07 -24.57
CA VAL D 457 -5.43 -35.83 -23.48
C VAL D 457 -5.61 -34.94 -22.25
N GLY D 458 -6.67 -35.20 -21.50
CA GLY D 458 -6.90 -34.47 -20.27
C GLY D 458 -7.70 -33.20 -20.50
N ARG D 459 -8.11 -32.57 -19.41
CA ARG D 459 -8.94 -31.36 -19.46
C ARG D 459 -8.39 -30.34 -18.46
N GLU D 460 -8.48 -29.07 -18.83
CA GLU D 460 -8.02 -28.00 -17.94
C GLU D 460 -9.08 -26.92 -17.83
N GLY D 461 -9.09 -26.26 -16.68
CA GLY D 461 -10.13 -25.29 -16.36
C GLY D 461 -10.78 -25.67 -15.05
N GLY D 462 -10.67 -24.80 -14.05
CA GLY D 462 -11.31 -25.03 -12.76
C GLY D 462 -11.04 -26.39 -12.16
N GLU D 463 -12.09 -27.09 -11.75
CA GLU D 463 -11.89 -28.36 -11.07
CA GLU D 463 -11.92 -28.37 -11.07
C GLU D 463 -11.31 -29.44 -11.98
N TRP D 464 -11.42 -29.26 -13.29
CA TRP D 464 -10.86 -30.22 -14.23
C TRP D 464 -9.33 -30.13 -14.18
N SER D 465 -8.81 -28.91 -14.03
CA SER D 465 -7.39 -28.73 -13.76
C SER D 465 -7.01 -29.42 -12.45
N PHE D 466 -7.88 -29.34 -11.44
CA PHE D 466 -7.59 -30.00 -10.18
C PHE D 466 -7.53 -31.52 -10.37
N HIS D 467 -8.41 -32.09 -11.18
CA HIS D 467 -8.37 -33.54 -11.40
C HIS D 467 -7.04 -33.97 -12.02
N GLU D 468 -6.48 -33.12 -12.89
CA GLU D 468 -5.23 -33.48 -13.59
C GLU D 468 -4.02 -33.51 -12.64
N THR D 469 -4.02 -32.62 -11.65
CA THR D 469 -2.82 -32.48 -10.83
C THR D 469 -3.07 -32.85 -9.35
N THR D 470 -3.99 -33.77 -9.11
CA THR D 470 -4.16 -34.43 -7.82
C THR D 470 -4.38 -35.92 -8.03
N TYR D 471 -4.35 -36.69 -6.96
CA TYR D 471 -4.78 -38.07 -7.06
C TYR D 471 -5.75 -38.39 -5.94
N ASP D 472 -6.51 -39.46 -6.13
CA ASP D 472 -7.40 -39.97 -5.09
C ASP D 472 -6.67 -40.90 -4.15
N ARG D 473 -6.99 -40.80 -2.87
CA ARG D 473 -6.33 -41.60 -1.87
C ARG D 473 -7.39 -42.25 -0.97
N TRP D 474 -7.69 -43.63 -1.24
CA TRP D 474 -8.65 -44.42 -0.46
C TRP D 474 -8.07 -44.75 0.92
N VAL D 475 -8.78 -44.38 1.99
CA VAL D 475 -8.36 -44.69 3.36
C VAL D 475 -9.51 -45.35 4.09
N THR D 476 -9.22 -46.41 4.84
CA THR D 476 -10.24 -47.05 5.64
C THR D 476 -9.85 -47.11 7.11
N VAL D 477 -10.86 -47.22 7.97
CA VAL D 477 -10.67 -47.58 9.36
C VAL D 477 -11.56 -48.77 9.69
N THR D 478 -10.96 -49.84 10.20
CA THR D 478 -11.74 -51.02 10.55
C THR D 478 -11.89 -51.07 12.06
N LEU D 479 -13.12 -51.22 12.53
CA LEU D 479 -13.45 -50.98 13.94
C LEU D 479 -13.70 -52.26 14.72
N ARG D 480 -13.61 -53.40 14.05
CA ARG D 480 -13.72 -54.67 14.76
C ARG D 480 -12.62 -55.62 14.30
N THR D 481 -12.30 -56.59 15.15
CA THR D 481 -11.37 -57.64 14.79
C THR D 481 -12.12 -58.76 14.08
N ARG D 482 -11.41 -59.61 13.36
CA ARG D 482 -12.05 -60.78 12.77
C ARG D 482 -11.07 -61.94 12.67
N ARG D 483 -11.59 -63.09 12.28
CA ARG D 483 -10.76 -64.28 12.07
C ARG D 483 -10.24 -64.27 10.63
N PHE D 484 -9.02 -64.77 10.43
CA PHE D 484 -8.42 -64.81 9.09
C PHE D 484 -8.32 -66.26 8.57
N PRO D 485 -8.36 -66.44 7.24
CA PRO D 485 -8.47 -67.79 6.68
C PRO D 485 -7.20 -68.66 6.75
N ILE D 486 -6.03 -68.06 6.96
CA ILE D 486 -4.81 -68.83 7.21
C ILE D 486 -4.19 -68.35 8.52
N PRO D 487 -3.61 -69.28 9.31
CA PRO D 487 -3.59 -70.73 9.09
C PRO D 487 -4.96 -71.31 9.36
N SER D 488 -5.39 -72.26 8.54
CA SER D 488 -6.72 -72.82 8.65
C SER D 488 -6.90 -73.62 9.94
N ALA D 489 -5.82 -74.26 10.38
CA ALA D 489 -5.85 -75.12 11.56
C ALA D 489 -6.09 -74.36 12.85
N LEU D 490 -6.25 -73.05 12.75
CA LEU D 490 -6.29 -72.20 13.92
C LEU D 490 -7.71 -71.68 14.22
N LYS D 491 -8.28 -72.12 15.34
CA MET E 7 -19.76 7.29 13.50
C MET E 7 -19.70 8.13 14.78
N LYS E 8 -18.67 7.92 15.59
CA LYS E 8 -18.54 8.64 16.87
C LYS E 8 -17.17 9.30 17.06
N VAL E 9 -17.17 10.62 17.03
CA VAL E 9 -15.96 11.43 17.13
C VAL E 9 -15.67 11.79 18.60
N ALA E 10 -14.39 11.72 18.98
CA ALA E 10 -13.96 12.02 20.34
C ALA E 10 -12.88 13.10 20.38
N ASN E 11 -12.66 13.70 21.56
CA ASN E 11 -11.51 14.55 21.78
C ASN E 11 -10.24 13.70 21.82
N TYR E 12 -9.08 14.35 21.77
CA TYR E 12 -7.82 13.63 21.94
C TYR E 12 -6.96 14.36 22.95
N ILE E 13 -6.86 13.80 24.15
CA ILE E 13 -6.17 14.45 25.25
C ILE E 13 -5.19 13.52 25.92
N ASN E 14 -3.95 13.99 26.02
CA ASN E 14 -2.87 13.25 26.66
C ASN E 14 -2.75 11.81 26.16
N GLY E 15 -2.83 11.63 24.84
CA GLY E 15 -2.54 10.35 24.23
C GLY E 15 -3.70 9.38 24.12
N GLU E 16 -4.89 9.80 24.55
CA GLU E 16 -6.05 8.92 24.44
C GLU E 16 -7.27 9.63 23.88
N PHE E 17 -8.07 8.93 23.08
CA PHE E 17 -9.35 9.44 22.62
C PHE E 17 -10.41 9.25 23.68
N LYS E 18 -11.08 10.33 24.04
CA LYS E 18 -12.07 10.30 25.10
C LYS E 18 -13.16 11.33 24.83
N GLU E 19 -14.36 11.07 25.33
CA GLU E 19 -15.46 11.98 25.10
C GLU E 19 -15.38 13.16 26.09
N PRO E 20 -16.19 14.21 25.88
CA PRO E 20 -16.15 15.36 26.80
C PRO E 20 -16.58 15.02 28.22
N SER E 21 -16.15 15.83 29.18
CA SER E 21 -16.52 15.65 30.57
C SER E 21 -18.03 15.77 30.75
N THR E 22 -18.60 16.82 30.16
CA THR E 22 -20.05 17.03 30.19
C THR E 22 -20.81 15.92 29.48
N GLY E 23 -20.13 15.20 28.59
CA GLY E 23 -20.77 14.12 27.86
C GLY E 23 -21.66 14.63 26.73
N ALA E 24 -21.85 15.94 26.69
CA ALA E 24 -22.69 16.58 25.69
C ALA E 24 -22.16 16.35 24.29
N PHE E 25 -23.06 16.06 23.36
CA PHE E 25 -22.69 15.87 21.97
C PHE E 25 -23.58 16.71 21.06
N GLN E 26 -23.24 16.71 19.78
CA GLN E 26 -24.01 17.45 18.78
C GLN E 26 -23.96 16.75 17.44
N VAL E 27 -24.99 16.97 16.63
CA VAL E 27 -25.08 16.30 15.35
C VAL E 27 -24.54 17.18 14.24
N LYS E 28 -23.56 16.67 13.50
CA LYS E 28 -23.00 17.41 12.38
C LYS E 28 -23.59 16.88 11.08
N THR E 29 -24.07 17.79 10.26
CA THR E 29 -24.72 17.45 9.00
C THR E 29 -23.94 17.94 7.79
N SER E 30 -24.07 17.24 6.67
CA SER E 30 -23.49 17.68 5.40
C SER E 30 -24.19 18.94 4.89
N PRO E 31 -23.43 19.90 4.39
CA PRO E 31 -24.04 21.07 3.75
C PRO E 31 -24.55 20.73 2.37
N VAL E 32 -24.16 19.55 1.86
CA VAL E 32 -24.54 19.14 0.52
C VAL E 32 -26.02 18.75 0.42
N ASP E 33 -26.48 17.92 1.36
CA ASP E 33 -27.87 17.45 1.30
C ASP E 33 -28.57 17.49 2.66
N GLY E 34 -27.78 17.47 3.73
CA GLY E 34 -28.34 17.54 5.06
C GLY E 34 -28.23 16.23 5.82
N SER E 35 -27.72 15.21 5.15
CA SER E 35 -27.53 13.91 5.79
C SER E 35 -26.64 14.04 7.02
N LYS E 36 -27.01 13.31 8.07
CA LYS E 36 -26.19 13.23 9.28
C LYS E 36 -24.82 12.67 8.94
N ILE E 37 -23.76 13.31 9.43
CA ILE E 37 -22.40 12.85 9.19
C ILE E 37 -21.81 12.17 10.42
N ALA E 38 -21.94 12.83 11.56
CA ALA E 38 -21.39 12.30 12.80
C ALA E 38 -21.95 13.00 14.02
N GLU E 39 -21.84 12.32 15.15
CA GLU E 39 -22.02 12.96 16.45
C GLU E 39 -20.67 13.40 16.94
N VAL E 40 -20.56 14.64 17.38
CA VAL E 40 -19.27 15.19 17.78
C VAL E 40 -19.38 15.83 19.15
N PRO E 41 -18.27 15.85 19.90
CA PRO E 41 -18.26 16.46 21.23
C PRO E 41 -18.77 17.89 21.23
N ARG E 42 -19.26 18.32 22.39
CA ARG E 42 -19.55 19.71 22.63
C ARG E 42 -18.85 20.06 23.93
N SER E 43 -17.53 20.13 23.84
CA SER E 43 -16.68 20.27 25.02
C SER E 43 -16.88 21.61 25.70
N GLY E 44 -16.41 21.69 26.94
CA GLY E 44 -16.47 22.91 27.72
C GLY E 44 -15.11 23.24 28.30
N ARG E 45 -15.09 24.18 29.26
CA ARG E 45 -13.85 24.71 29.81
C ARG E 45 -12.93 23.65 30.38
N GLU E 46 -13.49 22.67 31.10
CA GLU E 46 -12.63 21.75 31.82
C GLU E 46 -11.95 20.79 30.84
N ASP E 47 -12.61 20.48 29.72
CA ASP E 47 -11.96 19.71 28.66
C ASP E 47 -10.75 20.48 28.13
N ALA E 48 -10.96 21.74 27.79
CA ALA E 48 -9.87 22.62 27.38
C ALA E 48 -8.74 22.62 28.41
N ARG E 49 -9.09 22.80 29.69
CA ARG E 49 -8.08 22.87 30.74
C ARG E 49 -7.28 21.57 30.86
N GLU E 50 -7.96 20.44 30.66
CA GLU E 50 -7.30 19.15 30.69
C GLU E 50 -6.29 19.03 29.54
N ALA E 51 -6.69 19.53 28.37
CA ALA E 51 -5.81 19.49 27.21
C ALA E 51 -4.60 20.40 27.41
N ILE E 52 -4.86 21.58 27.97
CA ILE E 52 -3.79 22.56 28.22
C ILE E 52 -2.79 22.05 29.26
N ASP E 53 -3.29 21.43 30.33
CA ASP E 53 -2.42 20.87 31.35
C ASP E 53 -1.60 19.71 30.79
N SER E 54 -2.21 18.92 29.92
CA SER E 54 -1.49 17.82 29.30
C SER E 54 -0.36 18.34 28.42
N ALA E 55 -0.66 19.37 27.63
CA ALA E 55 0.34 19.99 26.76
C ALA E 55 1.47 20.58 27.58
N PHE E 56 1.11 21.21 28.69
CA PHE E 56 2.07 21.83 29.58
C PHE E 56 3.01 20.81 30.23
N GLU E 57 2.45 19.67 30.63
CA GLU E 57 3.29 18.65 31.26
C GLU E 57 4.15 17.88 30.24
N ALA E 58 3.77 17.91 28.97
CA ALA E 58 4.56 17.25 27.94
C ALA E 58 5.67 18.14 27.39
N LEU E 59 5.53 19.45 27.62
CA LEU E 59 6.36 20.45 26.96
C LEU E 59 7.86 20.23 27.13
N LYS E 60 8.32 20.11 28.37
CA LYS E 60 9.76 20.11 28.63
C LYS E 60 10.48 18.94 27.97
N ALA E 61 9.87 17.76 27.96
CA ALA E 61 10.50 16.62 27.33
C ALA E 61 10.52 16.76 25.80
N TRP E 62 9.43 17.27 25.24
CA TRP E 62 9.30 17.49 23.79
C TRP E 62 10.26 18.59 23.28
N ALA E 63 10.42 19.66 24.06
CA ALA E 63 11.32 20.74 23.71
C ALA E 63 12.80 20.37 23.86
N ASN E 64 13.12 19.47 24.78
CA ASN E 64 14.52 19.16 25.05
C ASN E 64 15.15 18.07 24.17
N ILE E 65 14.36 17.23 23.53
CA ILE E 65 14.95 16.26 22.62
C ILE E 65 15.56 17.00 21.43
N PRO E 66 16.59 16.41 20.80
CA PRO E 66 17.17 17.05 19.62
C PRO E 66 16.13 17.20 18.52
N ALA E 67 16.30 18.24 17.70
CA ALA E 67 15.35 18.54 16.62
C ALA E 67 15.16 17.35 15.67
N ILE E 68 16.23 16.60 15.46
CA ILE E 68 16.17 15.44 14.58
C ILE E 68 15.11 14.44 15.07
N ARG E 69 14.91 14.31 16.37
CA ARG E 69 13.87 13.38 16.86
C ARG E 69 12.47 13.91 16.56
N ARG E 70 12.26 15.22 16.68
CA ARG E 70 10.97 15.80 16.32
C ARG E 70 10.74 15.69 14.81
N ALA E 71 11.79 15.85 14.02
CA ALA E 71 11.69 15.67 12.57
C ALA E 71 11.25 14.23 12.24
N GLU E 72 11.84 13.26 12.95
CA GLU E 72 11.48 11.85 12.77
CA GLU E 72 11.47 11.85 12.76
C GLU E 72 9.97 11.63 12.96
N TYR E 73 9.43 12.20 14.03
CA TYR E 73 8.00 12.09 14.30
C TYR E 73 7.16 12.71 13.17
N LEU E 74 7.63 13.84 12.64
CA LEU E 74 6.89 14.52 11.58
C LEU E 74 6.93 13.71 10.29
N TYR E 75 8.07 13.06 10.03
CA TYR E 75 8.16 12.17 8.88
C TYR E 75 7.24 10.96 9.05
N LYS E 76 7.07 10.51 10.28
CA LYS E 76 6.11 9.45 10.59
C LYS E 76 4.71 9.95 10.27
N MET E 77 4.38 11.14 10.76
CA MET E 77 3.09 11.76 10.47
CA MET E 77 3.10 11.77 10.47
C MET E 77 2.85 11.86 8.97
N LEU E 78 3.91 12.20 8.23
CA LEU E 78 3.82 12.30 6.77
C LEU E 78 3.46 10.95 6.13
N GLU E 79 4.10 9.89 6.63
CA GLU E 79 3.85 8.53 6.13
C GLU E 79 2.40 8.13 6.40
N VAL E 80 1.91 8.46 7.59
CA VAL E 80 0.54 8.16 7.96
C VAL E 80 -0.45 8.97 7.14
N PHE E 81 -0.19 10.26 6.98
CA PHE E 81 -1.05 11.12 6.16
C PHE E 81 -1.21 10.55 4.76
N ARG E 82 -0.11 10.07 4.20
CA ARG E 82 -0.15 9.53 2.85
C ARG E 82 -1.10 8.33 2.76
N GLN E 83 -1.25 7.60 3.87
CA GLN E 83 -2.13 6.42 3.88
C GLN E 83 -3.58 6.83 4.05
N MET E 84 -3.79 8.01 4.64
CA MET E 84 -5.13 8.48 4.95
C MET E 84 -5.67 9.46 3.91
N LYS E 85 -5.00 9.57 2.77
CA LYS E 85 -5.32 10.62 1.80
C LYS E 85 -6.79 10.59 1.36
N GLU E 86 -7.28 9.41 0.99
CA GLU E 86 -8.66 9.31 0.51
C GLU E 86 -9.67 9.58 1.63
N ASP E 87 -9.34 9.23 2.87
CA ASP E 87 -10.20 9.56 4.00
C ASP E 87 -10.37 11.06 4.13
N PHE E 88 -9.26 11.78 4.03
CA PHE E 88 -9.32 13.23 4.17
C PHE E 88 -10.12 13.84 3.02
N MET E 89 -9.89 13.35 1.80
CA MET E 89 -10.59 13.91 0.65
C MET E 89 -12.10 13.74 0.77
N LYS E 90 -12.50 12.57 1.28
CA LYS E 90 -13.92 12.25 1.44
C LYS E 90 -14.59 13.21 2.40
N ILE E 91 -13.97 13.38 3.57
CA ILE E 91 -14.55 14.22 4.60
C ILE E 91 -14.55 15.70 4.19
N LEU E 92 -13.48 16.15 3.55
CA LEU E 92 -13.42 17.53 3.08
C LEU E 92 -14.57 17.85 2.11
N THR E 93 -14.97 16.86 1.33
CA THR E 93 -16.08 17.04 0.42
C THR E 93 -17.43 17.00 1.15
N VAL E 94 -17.70 15.95 1.92
CA VAL E 94 -19.04 15.79 2.48
C VAL E 94 -19.27 16.71 3.68
N GLU E 95 -18.23 16.96 4.46
CA GLU E 95 -18.35 17.85 5.61
C GLU E 95 -18.15 19.31 5.18
N GLY E 96 -17.20 19.54 4.29
CA GLY E 96 -16.80 20.90 3.94
C GLY E 96 -17.46 21.50 2.72
N GLY E 97 -18.02 20.65 1.86
CA GLY E 97 -18.65 21.12 0.64
C GLY E 97 -17.71 21.29 -0.52
N GLY E 98 -16.47 20.84 -0.36
CA GLY E 98 -15.47 21.04 -1.39
C GLY E 98 -15.54 20.08 -2.55
N THR E 99 -15.38 20.60 -3.76
CA THR E 99 -15.31 19.77 -4.96
C THR E 99 -14.10 18.86 -4.90
N TYR E 100 -14.10 17.85 -5.76
CA TYR E 100 -12.98 16.91 -5.85
C TYR E 100 -11.66 17.61 -6.13
N ARG E 101 -11.68 18.57 -7.05
CA ARG E 101 -10.45 19.24 -7.43
C ARG E 101 -9.95 20.13 -6.28
N LYS E 102 -10.87 20.74 -5.53
CA LYS E 102 -10.51 21.56 -4.38
C LYS E 102 -9.86 20.71 -3.31
N VAL E 103 -10.49 19.58 -2.97
CA VAL E 103 -10.01 18.82 -1.84
C VAL E 103 -8.75 18.02 -2.24
N TRP E 104 -8.64 17.67 -3.51
CA TRP E 104 -7.40 17.07 -4.01
C TRP E 104 -6.23 18.03 -3.81
N GLY E 105 -6.41 19.27 -4.25
CA GLY E 105 -5.42 20.31 -4.05
C GLY E 105 -5.07 20.53 -2.58
N GLU E 106 -6.08 20.51 -1.71
CA GLU E 106 -5.84 20.76 -0.30
C GLU E 106 -5.01 19.64 0.30
N VAL E 107 -5.28 18.42 -0.14
CA VAL E 107 -4.58 17.25 0.38
C VAL E 107 -3.12 17.21 -0.14
N VAL E 108 -2.92 17.51 -1.41
CA VAL E 108 -1.56 17.60 -1.94
C VAL E 108 -0.77 18.69 -1.20
N PHE E 109 -1.41 19.82 -0.91
CA PHE E 109 -0.74 20.91 -0.21
C PHE E 109 -0.40 20.51 1.23
N THR E 110 -1.30 19.78 1.87
CA THR E 110 -1.09 19.34 3.25
C THR E 110 0.10 18.39 3.35
N GLU E 111 0.19 17.49 2.38
CA GLU E 111 1.34 16.59 2.33
C GLU E 111 2.64 17.41 2.26
N ARG E 112 2.64 18.43 1.41
CA ARG E 112 3.83 19.28 1.28
C ARG E 112 4.10 20.07 2.56
N LEU E 113 3.04 20.50 3.25
CA LEU E 113 3.19 21.27 4.49
C LEU E 113 3.82 20.44 5.59
N ILE E 114 3.36 19.21 5.72
CA ILE E 114 3.90 18.32 6.75
C ILE E 114 5.37 18.03 6.44
N GLN E 115 5.65 17.75 5.18
CA GLN E 115 7.01 17.49 4.76
C GLN E 115 7.91 18.69 5.02
N ASN E 116 7.39 19.87 4.71
CA ASN E 116 8.16 21.12 4.88
C ASN E 116 8.57 21.32 6.34
N ALA E 117 7.61 21.15 7.25
CA ALA E 117 7.86 21.29 8.68
C ALA E 117 8.95 20.32 9.14
N ALA E 118 8.90 19.07 8.69
CA ALA E 118 9.90 18.07 9.07
C ALA E 118 11.26 18.44 8.51
N GLU E 119 11.27 18.91 7.26
CA GLU E 119 12.48 19.30 6.55
C GLU E 119 13.26 20.38 7.28
N LEU E 120 12.53 21.31 7.88
CA LEU E 120 13.10 22.53 8.44
C LEU E 120 13.50 22.43 9.91
N ALA E 121 13.01 21.42 10.63
CA ALA E 121 13.15 21.34 12.08
C ALA E 121 14.62 21.41 12.55
N ARG E 122 15.51 20.73 11.85
CA ARG E 122 16.92 20.66 12.24
C ARG E 122 17.74 21.87 11.86
N HIS E 123 17.13 22.82 11.17
CA HIS E 123 17.93 23.86 10.49
C HIS E 123 17.63 25.29 10.92
N TYR E 124 16.75 25.44 11.91
CA TYR E 124 16.38 26.75 12.44
C TYR E 124 17.53 27.26 13.32
N GLN E 125 18.21 28.31 12.85
CA GLN E 125 19.48 28.70 13.45
C GLN E 125 19.40 29.97 14.30
N GLY E 126 20.28 30.09 15.29
CA GLY E 126 20.46 31.35 15.98
C GLY E 126 21.67 32.05 15.39
N ARG E 127 22.27 32.97 16.16
CA ARG E 127 23.36 33.80 15.66
C ARG E 127 24.52 33.89 16.64
N VAL E 128 25.73 33.96 16.10
CA VAL E 128 26.91 34.32 16.88
C VAL E 128 27.25 35.78 16.61
N LEU E 129 27.37 36.59 17.66
CA LEU E 129 27.52 38.03 17.50
C LEU E 129 28.95 38.49 17.79
N GLN E 130 29.34 39.62 17.21
CA GLN E 130 30.55 40.31 17.63
C GLN E 130 30.23 41.05 18.92
N SER E 131 31.09 40.93 19.92
CA SER E 131 30.87 41.70 21.14
C SER E 131 31.62 43.03 21.07
N ASP E 132 30.98 44.08 21.56
CA ASP E 132 31.66 45.36 21.72
C ASP E 132 32.59 45.34 22.93
N SER E 133 32.46 44.32 23.77
CA SER E 133 33.35 44.15 24.92
C SER E 133 34.47 43.18 24.62
N GLU E 134 35.63 43.38 25.25
CA GLU E 134 36.71 42.42 25.16
C GLU E 134 36.40 41.18 25.97
N SER E 135 37.00 40.05 25.58
CA SER E 135 36.89 38.79 26.29
C SER E 135 35.46 38.33 26.56
N THR E 136 34.57 38.53 25.58
CA THR E 136 33.17 38.16 25.74
C THR E 136 32.67 37.30 24.58
N ILE E 137 32.11 36.13 24.89
CA ILE E 137 31.36 35.36 23.90
C ILE E 137 29.88 35.77 23.94
N SER E 138 29.29 36.03 22.77
CA SER E 138 27.94 36.54 22.68
C SER E 138 27.16 35.83 21.58
N VAL E 139 26.15 35.04 21.96
CA VAL E 139 25.39 34.26 20.98
C VAL E 139 23.90 34.39 21.23
N VAL E 140 23.10 33.94 20.28
CA VAL E 140 21.65 33.98 20.41
C VAL E 140 21.07 32.61 20.05
N PHE E 141 20.42 31.97 21.03
CA PHE E 141 19.72 30.69 20.80
C PHE E 141 18.26 30.91 20.42
N LYS E 142 17.65 29.89 19.82
CA LYS E 142 16.20 29.85 19.59
C LYS E 142 15.56 28.89 20.59
N ARG E 143 14.46 29.32 21.21
CA ARG E 143 13.74 28.47 22.15
C ARG E 143 12.26 28.43 21.78
N SER E 144 11.61 27.29 21.99
CA SER E 144 10.18 27.23 21.72
C SER E 144 9.40 28.04 22.74
N LYS E 145 8.26 28.59 22.33
CA LYS E 145 7.48 29.43 23.21
C LYS E 145 6.80 28.64 24.31
N GLY E 146 6.38 27.41 24.00
CA GLY E 146 5.71 26.58 24.98
C GLY E 146 4.45 25.92 24.47
N VAL E 147 3.38 26.02 25.25
CA VAL E 147 2.07 25.52 24.82
C VAL E 147 1.39 26.50 23.85
N VAL E 148 1.05 26.01 22.65
CA VAL E 148 0.44 26.86 21.62
C VAL E 148 -0.99 26.46 21.28
N GLY E 149 -1.91 27.42 21.41
CA GLY E 149 -3.27 27.22 20.98
C GLY E 149 -3.39 27.40 19.48
N VAL E 150 -4.10 26.46 18.83
CA VAL E 150 -4.31 26.50 17.38
C VAL E 150 -5.81 26.53 17.08
N ILE E 151 -6.30 27.67 16.60
CA ILE E 151 -7.72 27.84 16.33
C ILE E 151 -7.95 28.16 14.86
N THR E 152 -8.79 27.35 14.21
CA THR E 152 -8.84 27.31 12.75
C THR E 152 -10.24 27.50 12.15
N PRO E 153 -10.31 27.82 10.85
CA PRO E 153 -11.60 28.05 10.19
C PRO E 153 -12.10 26.80 9.44
N TRP E 154 -13.20 26.96 8.71
CA TRP E 154 -13.88 25.84 8.06
C TRP E 154 -13.62 25.70 6.55
N ASN E 155 -13.09 26.75 5.90
CA ASN E 155 -13.02 26.73 4.44
C ASN E 155 -11.91 25.82 3.88
N TYR E 156 -10.71 25.92 4.46
CA TYR E 156 -9.62 25.02 4.13
C TYR E 156 -9.12 24.40 5.43
N PRO E 157 -9.99 23.62 6.08
CA PRO E 157 -9.74 23.23 7.47
C PRO E 157 -8.55 22.30 7.58
N LEU E 158 -8.26 21.50 6.55
CA LEU E 158 -7.15 20.58 6.64
C LEU E 158 -5.82 21.31 6.50
N SER E 159 -5.61 21.99 5.37
CA SER E 159 -4.30 22.59 5.11
C SER E 159 -3.99 23.72 6.10
N ILE E 160 -4.98 24.54 6.43
CA ILE E 160 -4.74 25.64 7.36
C ILE E 160 -4.37 25.08 8.73
N SER E 161 -5.08 24.05 9.18
CA SER E 161 -4.76 23.40 10.46
C SER E 161 -3.35 22.82 10.45
N MET E 162 -3.02 22.06 9.42
CA MET E 162 -1.74 21.36 9.45
C MET E 162 -0.57 22.30 9.25
N LYS E 163 -0.77 23.41 8.55
CA LYS E 163 0.32 24.39 8.44
C LYS E 163 0.72 24.85 9.83
N LYS E 164 -0.29 25.23 10.63
CA LYS E 164 -0.06 25.69 11.99
C LYS E 164 0.47 24.56 12.85
N ILE E 165 -0.24 23.43 12.86
CA ILE E 165 0.12 22.32 13.73
C ILE E 165 1.53 21.77 13.47
N ALA E 166 1.79 21.39 12.22
CA ALA E 166 3.08 20.74 11.90
C ALA E 166 4.29 21.64 12.19
N HIS E 167 4.21 22.90 11.78
CA HIS E 167 5.35 23.81 11.96
C HIS E 167 5.54 24.12 13.45
N THR E 168 4.44 24.31 14.16
CA THR E 168 4.53 24.61 15.59
C THR E 168 5.18 23.45 16.34
N LEU E 169 4.77 22.21 16.04
CA LEU E 169 5.37 21.04 16.68
C LEU E 169 6.87 20.92 16.37
N ALA E 170 7.24 21.24 15.14
CA ALA E 170 8.61 21.02 14.65
C ALA E 170 9.68 21.67 15.52
N VAL E 171 9.43 22.91 15.95
CA VAL E 171 10.43 23.65 16.75
C VAL E 171 10.26 23.47 18.25
N GLY E 172 9.46 22.48 18.66
CA GLY E 172 9.44 22.05 20.06
C GLY E 172 8.34 22.64 20.92
N ASN E 173 7.28 23.13 20.30
CA ASN E 173 6.08 23.53 21.05
C ASN E 173 5.11 22.38 21.16
N THR E 174 4.24 22.41 22.16
CA THR E 174 3.13 21.46 22.20
C THR E 174 1.86 22.20 21.79
N VAL E 175 0.81 21.44 21.46
CA VAL E 175 -0.34 22.03 20.78
C VAL E 175 -1.67 21.67 21.42
N VAL E 176 -2.52 22.68 21.57
CA VAL E 176 -3.93 22.45 21.87
C VAL E 176 -4.75 23.01 20.71
N TYR E 177 -5.44 22.11 20.02
CA TYR E 177 -6.09 22.40 18.74
C TYR E 177 -7.61 22.37 18.80
N LYS E 178 -8.25 23.47 18.42
CA LYS E 178 -9.70 23.53 18.38
C LYS E 178 -10.21 23.91 16.99
N PRO E 179 -10.68 22.91 16.23
CA PRO E 179 -11.12 23.12 14.85
C PRO E 179 -12.40 23.93 14.78
N ALA E 180 -12.71 24.48 13.60
CA ALA E 180 -13.98 25.18 13.39
C ALA E 180 -15.16 24.25 13.67
N SER E 181 -16.24 24.80 14.19
CA SER E 181 -17.39 23.98 14.56
C SER E 181 -18.05 23.31 13.36
N ASP E 182 -17.90 23.91 12.18
CA ASP E 182 -18.50 23.33 10.99
C ASP E 182 -17.62 22.27 10.37
N THR E 183 -16.41 22.11 10.90
CA THR E 183 -15.52 21.07 10.38
C THR E 183 -14.83 20.26 11.47
N PRO E 184 -15.61 19.62 12.36
CA PRO E 184 -14.99 18.87 13.46
C PRO E 184 -14.39 17.54 13.02
N VAL E 185 -14.97 16.90 12.00
CA VAL E 185 -14.50 15.57 11.62
C VAL E 185 -13.12 15.64 10.97
N THR E 186 -12.85 16.74 10.27
CA THR E 186 -11.50 16.93 9.74
C THR E 186 -10.49 16.97 10.87
N GLY E 187 -10.81 17.70 11.94
CA GLY E 187 -9.92 17.80 13.09
C GLY E 187 -9.68 16.46 13.76
N TRP E 188 -10.73 15.66 13.86
CA TRP E 188 -10.63 14.33 14.45
C TRP E 188 -9.75 13.42 13.60
N LEU E 189 -9.85 13.54 12.28
CA LEU E 189 -8.98 12.78 11.39
C LEU E 189 -7.51 13.17 11.57
N ILE E 190 -7.26 14.46 11.79
CA ILE E 190 -5.90 14.92 12.09
C ILE E 190 -5.38 14.27 13.38
N ALA E 191 -6.20 14.28 14.43
CA ALA E 191 -5.83 13.61 15.67
C ALA E 191 -5.52 12.13 15.44
N GLN E 192 -6.36 11.48 14.63
CA GLN E 192 -6.16 10.07 14.26
C GLN E 192 -4.80 9.86 13.62
N MET E 193 -4.46 10.76 12.70
CA MET E 193 -3.17 10.72 12.04
C MET E 193 -2.02 10.84 13.07
N VAL E 194 -2.16 11.78 14.00
CA VAL E 194 -1.09 12.07 14.95
C VAL E 194 -0.91 10.88 15.90
N ALA E 195 -2.02 10.35 16.38
CA ALA E 195 -2.00 9.16 17.23
C ALA E 195 -1.30 7.99 16.54
N LYS E 196 -1.65 7.74 15.29
CA LYS E 196 -1.02 6.64 14.58
C LYS E 196 0.46 6.90 14.35
N ALA E 197 0.86 8.17 14.33
CA ALA E 197 2.27 8.50 14.17
C ALA E 197 3.05 8.29 15.46
N GLY E 198 2.35 8.18 16.58
CA GLY E 198 2.98 7.79 17.84
C GLY E 198 3.67 8.90 18.61
N LEU E 199 3.20 10.13 18.46
CA LEU E 199 3.77 11.26 19.18
C LEU E 199 3.50 11.11 20.66
N PRO E 200 4.48 11.46 21.50
CA PRO E 200 4.37 11.27 22.95
C PRO E 200 3.10 11.93 23.47
N LYS E 201 2.48 11.33 24.48
CA LYS E 201 1.19 11.84 24.97
C LYS E 201 1.30 13.30 25.41
N GLY E 202 0.24 14.06 25.17
CA GLY E 202 0.21 15.45 25.59
C GLY E 202 0.85 16.44 24.61
N VAL E 203 1.68 15.95 23.69
CA VAL E 203 2.36 16.83 22.74
C VAL E 203 1.35 17.47 21.78
N PHE E 204 0.37 16.69 21.36
CA PHE E 204 -0.74 17.18 20.55
C PHE E 204 -2.08 16.80 21.17
N ASN E 205 -2.97 17.78 21.29
CA ASN E 205 -4.28 17.55 21.87
C ASN E 205 -5.39 18.18 21.01
N LEU E 206 -6.50 17.46 20.87
CA LEU E 206 -7.66 17.94 20.12
C LEU E 206 -8.87 18.15 21.03
N VAL E 207 -9.46 19.33 20.99
CA VAL E 207 -10.70 19.57 21.74
C VAL E 207 -11.74 20.16 20.80
N ILE E 208 -12.85 19.43 20.64
CA ILE E 208 -13.93 19.87 19.77
C ILE E 208 -15.07 20.51 20.58
N GLY E 209 -15.31 21.80 20.34
CA GLY E 209 -16.35 22.54 21.04
C GLY E 209 -16.52 23.96 20.52
N PRO E 210 -17.49 24.70 21.08
CA PRO E 210 -17.77 26.07 20.62
C PRO E 210 -16.67 27.08 20.93
N GLY E 211 -16.41 27.96 19.96
CA GLY E 211 -15.40 28.99 20.10
C GLY E 211 -15.47 29.82 21.38
N PRO E 212 -16.64 30.43 21.65
CA PRO E 212 -16.78 31.26 22.87
C PRO E 212 -16.56 30.51 24.18
N VAL E 213 -16.39 29.18 24.12
CA VAL E 213 -16.17 28.41 25.34
C VAL E 213 -14.79 27.74 25.35
N VAL E 214 -14.59 26.74 24.50
CA VAL E 214 -13.30 26.06 24.44
C VAL E 214 -12.20 27.01 23.95
N GLY E 215 -12.53 27.78 22.92
CA GLY E 215 -11.59 28.72 22.33
C GLY E 215 -11.20 29.80 23.31
N GLU E 216 -12.18 30.37 23.99
CA GLU E 216 -11.89 31.45 24.91
C GLU E 216 -11.05 30.98 26.09
N GLU E 217 -11.22 29.73 26.51
CA GLU E 217 -10.42 29.20 27.59
C GLU E 217 -8.96 29.06 27.14
N ILE E 218 -8.76 28.64 25.89
CA ILE E 218 -7.42 28.55 25.32
C ILE E 218 -6.76 29.93 25.29
N VAL E 219 -7.50 30.94 24.85
CA VAL E 219 -6.95 32.28 24.70
C VAL E 219 -6.64 32.95 26.04
N THR E 220 -7.36 32.59 27.11
CA THR E 220 -7.18 33.28 28.39
C THR E 220 -6.39 32.47 29.43
N HIS E 221 -6.08 31.22 29.14
CA HIS E 221 -5.41 30.38 30.12
C HIS E 221 -3.96 30.77 30.37
N LYS E 222 -3.56 30.69 31.62
CA LYS E 222 -2.20 31.05 32.06
C LYS E 222 -1.08 30.25 31.40
N ARG E 223 -1.33 28.98 31.08
CA ARG E 223 -0.24 28.11 30.65
C ARG E 223 -0.11 28.03 29.13
N VAL E 224 -0.94 28.79 28.43
CA VAL E 224 -0.81 28.91 26.98
C VAL E 224 0.07 30.10 26.68
N ALA E 225 1.11 29.88 25.88
CA ALA E 225 2.10 30.91 25.60
C ALA E 225 1.80 31.70 24.32
N HIS E 226 1.05 31.08 23.41
CA HIS E 226 0.83 31.68 22.10
C HIS E 226 -0.45 31.13 21.50
N VAL E 227 -1.17 31.97 20.77
CA VAL E 227 -2.32 31.50 20.00
C VAL E 227 -2.14 31.86 18.53
N THR E 228 -2.23 30.87 17.66
CA THR E 228 -2.30 31.15 16.24
C THR E 228 -3.74 30.90 15.76
N PHE E 229 -4.30 31.90 15.11
CA PHE E 229 -5.72 31.96 14.78
C PHE E 229 -5.94 32.37 13.34
N THR E 230 -6.85 31.67 12.66
CA THR E 230 -7.33 32.08 11.35
C THR E 230 -8.84 32.12 11.42
N GLY E 231 -9.43 33.25 11.00
CA GLY E 231 -10.86 33.44 11.11
C GLY E 231 -11.27 34.86 10.79
N GLU E 232 -12.42 35.29 11.29
CA GLU E 232 -12.93 36.64 11.00
C GLU E 232 -12.16 37.73 11.73
N SER E 233 -12.09 38.90 11.11
CA SER E 233 -11.32 40.01 11.66
C SER E 233 -11.87 40.42 13.03
N SER E 234 -13.20 40.43 13.15
CA SER E 234 -13.82 40.78 14.43
C SER E 234 -13.43 39.78 15.51
N THR E 235 -13.44 38.50 15.15
CA THR E 235 -13.05 37.45 16.10
C THR E 235 -11.60 37.60 16.54
N GLY E 236 -10.73 37.89 15.58
CA GLY E 236 -9.31 38.05 15.87
C GLY E 236 -9.06 39.20 16.81
N ARG E 237 -9.83 40.27 16.64
CA ARG E 237 -9.75 41.43 17.51
C ARG E 237 -10.07 41.09 18.95
N GLU E 238 -11.10 40.28 19.15
CA GLU E 238 -11.48 39.86 20.49
C GLU E 238 -10.40 38.99 21.10
N ILE E 239 -9.83 38.10 20.28
CA ILE E 239 -8.82 37.17 20.76
C ILE E 239 -7.56 37.93 21.18
N ALA E 240 -7.19 38.93 20.37
CA ALA E 240 -5.99 39.72 20.68
C ALA E 240 -6.14 40.48 21.99
N ALA E 241 -7.33 41.04 22.23
CA ALA E 241 -7.59 41.75 23.48
C ALA E 241 -7.58 40.79 24.67
N LYS E 242 -8.27 39.65 24.53
CA LYS E 242 -8.32 38.68 25.61
C LYS E 242 -6.94 38.08 25.89
N ALA E 243 -6.11 38.02 24.85
CA ALA E 243 -4.78 37.42 24.98
C ALA E 243 -3.85 38.29 25.81
N ALA E 244 -4.16 39.57 25.89
CA ALA E 244 -3.35 40.53 26.63
C ALA E 244 -3.24 40.22 28.14
N GLY E 245 -4.29 39.63 28.69
CA GLY E 245 -4.35 39.35 30.12
C GLY E 245 -3.15 38.59 30.64
N THR E 246 -2.64 37.65 29.85
CA THR E 246 -1.49 36.87 30.27
C THR E 246 -0.26 37.19 29.43
N LEU E 247 -0.36 38.22 28.59
CA LEU E 247 0.74 38.62 27.71
C LEU E 247 1.19 37.49 26.80
N LYS E 248 0.24 36.72 26.28
CA LYS E 248 0.61 35.71 25.30
C LYS E 248 0.69 36.40 23.94
N THR E 249 1.53 35.88 23.04
CA THR E 249 1.62 36.47 21.72
C THR E 249 0.63 35.78 20.79
N VAL E 250 0.34 36.39 19.65
CA VAL E 250 -0.66 35.86 18.72
C VAL E 250 -0.21 35.95 17.27
N THR E 251 -0.71 35.04 16.46
CA THR E 251 -0.61 35.13 15.00
C THR E 251 -2.05 35.19 14.50
N LEU E 252 -2.38 36.20 13.69
CA LEU E 252 -3.77 36.35 13.23
C LEU E 252 -3.84 36.49 11.72
N GLU E 253 -4.57 35.63 11.09
CA GLU E 253 -4.83 35.78 9.66
C GLU E 253 -6.35 35.94 9.55
N LEU E 254 -6.82 37.16 9.13
CA LEU E 254 -8.22 37.54 9.33
C LEU E 254 -8.96 37.85 8.03
N GLY E 255 -8.57 37.17 6.96
CA GLY E 255 -9.28 37.32 5.71
C GLY E 255 -8.86 38.55 4.93
N GLY E 256 -9.56 38.80 3.84
CA GLY E 256 -9.12 39.83 2.91
C GLY E 256 -10.21 40.22 1.96
N SER E 257 -9.92 41.28 1.21
CA SER E 257 -10.76 41.70 0.10
C SER E 257 -9.82 42.02 -1.05
N ASP E 258 -9.10 41.00 -1.51
CA ASP E 258 -7.98 41.17 -2.43
C ASP E 258 -8.41 41.72 -3.78
N PRO E 259 -7.64 42.71 -4.28
CA PRO E 259 -7.80 43.23 -5.63
C PRO E 259 -7.09 42.39 -6.70
N LEU E 260 -7.76 42.18 -7.83
CA LEU E 260 -7.14 41.61 -9.01
C LEU E 260 -7.21 42.69 -10.08
N ILE E 261 -6.04 43.24 -10.42
CA ILE E 261 -5.96 44.39 -11.31
C ILE E 261 -5.54 43.92 -12.69
N ILE E 262 -6.33 44.33 -13.69
CA ILE E 262 -6.14 43.88 -15.06
C ILE E 262 -5.91 45.09 -15.95
N LEU E 263 -4.74 45.17 -16.57
CA LEU E 263 -4.41 46.38 -17.34
C LEU E 263 -4.71 46.14 -18.81
N ASP E 264 -4.52 47.17 -19.63
CA ASP E 264 -5.03 47.14 -20.99
C ASP E 264 -4.13 46.38 -21.97
N ASP E 265 -2.97 45.91 -21.51
CA ASP E 265 -2.05 45.24 -22.42
C ASP E 265 -2.06 43.73 -22.29
N VAL E 266 -3.03 43.19 -21.55
CA VAL E 266 -3.11 41.74 -21.32
C VAL E 266 -3.67 40.92 -22.49
N ASP E 267 -3.42 39.62 -22.43
CA ASP E 267 -4.19 38.64 -23.18
C ASP E 267 -5.53 38.58 -22.47
N VAL E 268 -6.56 39.18 -23.09
CA VAL E 268 -7.83 39.36 -22.40
C VAL E 268 -8.50 38.03 -22.07
N ASP E 269 -8.49 37.11 -23.02
CA ASP E 269 -9.09 35.80 -22.76
C ASP E 269 -8.38 35.11 -21.61
N TYR E 270 -7.05 35.19 -21.57
CA TYR E 270 -6.31 34.58 -20.47
C TYR E 270 -6.68 35.23 -19.15
N ALA E 271 -6.79 36.55 -19.16
CA ALA E 271 -7.11 37.29 -17.95
C ALA E 271 -8.48 36.88 -17.42
N ALA E 272 -9.42 36.68 -18.34
CA ALA E 272 -10.76 36.27 -17.94
C ALA E 272 -10.73 34.90 -17.27
N ARG E 273 -9.99 33.97 -17.89
CA ARG E 273 -9.86 32.62 -17.36
C ARG E 273 -9.22 32.66 -15.97
N LEU E 274 -8.10 33.38 -15.86
CA LEU E 274 -7.45 33.57 -14.57
C LEU E 274 -8.43 34.16 -13.54
N ALA E 275 -9.14 35.21 -13.94
CA ALA E 275 -10.03 35.90 -13.03
C ALA E 275 -11.15 35.00 -12.51
N VAL E 276 -11.68 34.14 -13.39
CA VAL E 276 -12.74 33.23 -12.98
C VAL E 276 -12.27 32.26 -11.89
N PHE E 277 -11.11 31.65 -12.12
CA PHE E 277 -10.49 30.75 -11.14
C PHE E 277 -10.19 31.48 -9.83
N ALA E 278 -9.56 32.64 -9.92
CA ALA E 278 -9.16 33.40 -8.74
C ALA E 278 -10.33 33.88 -7.91
N SER E 279 -11.40 34.31 -8.57
CA SER E 279 -12.51 34.93 -7.86
C SER E 279 -13.57 33.94 -7.37
N LEU E 280 -13.63 32.74 -7.95
CA LEU E 280 -14.75 31.84 -7.64
C LEU E 280 -14.36 30.44 -7.19
N PHE E 281 -13.07 30.09 -7.19
CA PHE E 281 -12.69 28.77 -6.69
C PHE E 281 -13.14 28.63 -5.24
N HIS E 282 -13.53 27.40 -4.87
CA HIS E 282 -14.22 27.08 -3.61
C HIS E 282 -15.35 28.06 -3.29
N GLN E 283 -16.11 28.44 -4.31
CA GLN E 283 -17.27 29.31 -4.16
C GLN E 283 -16.87 30.68 -3.59
N GLY E 284 -15.63 31.09 -3.85
CA GLY E 284 -15.16 32.37 -3.34
C GLY E 284 -14.83 32.37 -1.84
N GLN E 285 -14.95 31.22 -1.18
CA GLN E 285 -14.71 31.11 0.26
C GLN E 285 -13.23 30.89 0.56
N ILE E 286 -12.40 31.85 0.15
CA ILE E 286 -10.95 31.77 0.27
C ILE E 286 -10.50 33.14 0.77
N CYS E 287 -9.62 33.18 1.76
CA CYS E 287 -9.24 34.48 2.33
C CYS E 287 -8.55 35.35 1.27
N THR E 288 -7.80 34.69 0.40
CA THR E 288 -7.10 35.35 -0.70
C THR E 288 -7.80 35.20 -2.05
N SER E 289 -9.12 35.00 -2.00
CA SER E 289 -9.92 35.01 -3.21
C SER E 289 -9.80 36.39 -3.88
N ALA E 290 -9.91 36.43 -5.20
CA ALA E 290 -9.94 37.72 -5.88
C ALA E 290 -11.35 38.31 -5.72
N LYS E 291 -11.55 39.07 -4.64
CA LYS E 291 -12.88 39.52 -4.27
C LYS E 291 -13.30 40.82 -4.95
N ARG E 292 -12.33 41.57 -5.46
CA ARG E 292 -12.63 42.83 -6.14
C ARG E 292 -11.85 42.92 -7.43
N ILE E 293 -12.55 42.81 -8.55
CA ILE E 293 -11.89 42.80 -9.85
C ILE E 293 -11.86 44.21 -10.43
N ILE E 294 -10.67 44.67 -10.78
CA ILE E 294 -10.45 46.04 -11.23
C ILE E 294 -9.85 46.00 -12.63
N VAL E 295 -10.54 46.59 -13.61
CA VAL E 295 -10.11 46.42 -14.99
C VAL E 295 -10.03 47.76 -15.71
N HIS E 296 -8.98 47.90 -16.51
CA HIS E 296 -8.71 49.10 -17.26
C HIS E 296 -9.77 49.28 -18.37
N LYS E 297 -10.28 50.49 -18.53
CA LYS E 297 -11.40 50.74 -19.44
C LYS E 297 -11.14 50.32 -20.89
N ALA E 298 -9.88 50.35 -21.31
CA ALA E 298 -9.55 50.01 -22.69
C ALA E 298 -9.87 48.56 -23.02
N VAL E 299 -9.89 47.68 -22.02
CA VAL E 299 -10.23 46.29 -22.30
C VAL E 299 -11.46 45.82 -21.54
N ALA E 300 -12.09 46.74 -20.81
CA ALA E 300 -13.18 46.38 -19.90
C ALA E 300 -14.34 45.64 -20.59
N ASP E 301 -14.80 46.17 -21.72
CA ASP E 301 -15.93 45.56 -22.41
C ASP E 301 -15.65 44.12 -22.80
N LYS E 302 -14.54 43.91 -23.50
CA LYS E 302 -14.15 42.55 -23.89
C LYS E 302 -13.84 41.66 -22.68
N PHE E 303 -13.19 42.23 -21.65
CA PHE E 303 -12.91 41.43 -20.45
C PHE E 303 -14.21 40.93 -19.82
N ILE E 304 -15.15 41.85 -19.62
CA ILE E 304 -16.41 41.53 -18.96
C ILE E 304 -17.18 40.45 -19.74
N GLU E 305 -17.23 40.61 -21.06
CA GLU E 305 -17.88 39.61 -21.91
C GLU E 305 -17.21 38.24 -21.75
N ARG E 306 -15.88 38.23 -21.75
CA ARG E 306 -15.13 36.98 -21.65
C ARG E 306 -15.31 36.35 -20.27
N TYR E 307 -15.25 37.19 -19.24
CA TYR E 307 -15.38 36.73 -17.86
C TYR E 307 -16.74 36.03 -17.67
N VAL E 308 -17.79 36.74 -18.06
CA VAL E 308 -19.14 36.21 -17.96
C VAL E 308 -19.29 34.93 -18.78
N HIS E 309 -18.68 34.92 -19.96
CA HIS E 309 -18.73 33.74 -20.84
C HIS E 309 -18.24 32.48 -20.13
N TYR E 310 -17.13 32.59 -19.42
CA TYR E 310 -16.57 31.44 -18.72
C TYR E 310 -17.35 31.16 -17.43
N VAL E 311 -17.82 32.21 -16.75
CA VAL E 311 -18.67 32.02 -15.57
C VAL E 311 -19.92 31.17 -15.91
N LYS E 312 -20.50 31.39 -17.09
CA LYS E 312 -21.63 30.61 -17.58
C LYS E 312 -21.36 29.11 -17.62
N MET E 313 -20.10 28.76 -17.86
CA MET E 313 -19.68 27.37 -18.02
C MET E 313 -19.53 26.61 -16.71
N LEU E 314 -19.53 27.33 -15.60
CA LEU E 314 -19.29 26.70 -14.30
C LEU E 314 -20.42 25.76 -13.92
N ARG E 315 -20.07 24.51 -13.67
CA ARG E 315 -21.00 23.50 -13.20
C ARG E 315 -21.13 23.49 -11.67
N ILE E 316 -22.31 23.80 -11.17
CA ILE E 316 -22.64 23.72 -9.74
C ILE E 316 -23.40 22.45 -9.44
N ASP E 317 -22.94 21.68 -8.46
CA ASP E 317 -23.57 20.37 -8.21
C ASP E 317 -23.11 19.73 -6.90
N ASP E 318 -23.73 18.60 -6.56
CA ASP E 318 -23.27 17.75 -5.48
C ASP E 318 -21.83 17.39 -5.79
N PRO E 319 -20.90 17.84 -4.95
CA PRO E 319 -19.47 17.60 -5.22
C PRO E 319 -19.08 16.11 -5.12
N ARG E 320 -19.98 15.27 -4.64
CA ARG E 320 -19.72 13.84 -4.65
C ARG E 320 -19.99 13.21 -6.00
N LYS E 321 -20.71 13.92 -6.87
CA LYS E 321 -21.21 13.34 -8.11
C LYS E 321 -20.09 12.84 -9.03
N ASP E 322 -19.14 13.73 -9.35
CA ASP E 322 -18.04 13.37 -10.23
C ASP E 322 -16.83 14.28 -10.01
N GLU E 323 -15.70 13.93 -10.62
CA GLU E 323 -14.45 14.66 -10.38
C GLU E 323 -14.38 16.01 -11.07
N LYS E 324 -15.35 16.34 -11.91
CA LYS E 324 -15.26 17.56 -12.70
C LYS E 324 -16.26 18.63 -12.30
N VAL E 325 -16.91 18.46 -11.14
CA VAL E 325 -17.78 19.49 -10.61
C VAL E 325 -16.94 20.75 -10.29
N ASP E 326 -17.40 21.92 -10.70
CA ASP E 326 -16.66 23.17 -10.47
C ASP E 326 -16.93 23.79 -9.12
N LEU E 327 -18.19 23.85 -8.73
CA LEU E 327 -18.57 24.51 -7.49
C LEU E 327 -19.49 23.65 -6.68
N GLY E 328 -19.20 23.56 -5.38
CA GLY E 328 -20.08 22.91 -4.42
C GLY E 328 -20.95 23.96 -3.75
N PRO E 329 -21.55 23.59 -2.61
CA PRO E 329 -22.40 24.52 -1.87
C PRO E 329 -21.58 25.40 -0.93
N LEU E 330 -22.21 26.43 -0.37
CA LEU E 330 -21.63 27.15 0.77
C LEU E 330 -21.69 26.24 1.99
N ILE E 331 -21.04 26.63 3.08
CA ILE E 331 -20.90 25.73 4.22
C ILE E 331 -22.20 25.60 5.00
N ASN E 332 -23.03 26.64 5.02
CA ASN E 332 -24.29 26.56 5.76
C ASN E 332 -25.33 27.57 5.32
N GLU E 333 -26.47 27.54 6.01
CA GLU E 333 -27.62 28.38 5.67
C GLU E 333 -27.32 29.87 5.90
N ARG E 334 -26.61 30.16 6.98
CA ARG E 334 -26.25 31.53 7.30
C ARG E 334 -25.46 32.19 6.17
N GLN E 335 -24.60 31.42 5.52
CA GLN E 335 -23.80 31.97 4.43
C GLN E 335 -24.67 32.32 3.22
N VAL E 336 -25.65 31.47 2.93
CA VAL E 336 -26.55 31.75 1.81
C VAL E 336 -27.30 33.05 2.06
N ALA E 337 -27.80 33.20 3.28
CA ALA E 337 -28.54 34.41 3.68
C ALA E 337 -27.70 35.68 3.54
N LEU E 338 -26.44 35.60 3.97
CA LEU E 338 -25.54 36.73 3.84
C LEU E 338 -25.32 37.08 2.36
N MET E 339 -25.04 36.07 1.55
CA MET E 339 -24.83 36.30 0.13
C MET E 339 -26.07 36.96 -0.49
N LYS E 340 -27.26 36.58 -0.03
CA LYS E 340 -28.49 37.19 -0.53
C LYS E 340 -28.54 38.68 -0.20
N GLU E 341 -28.15 39.03 1.03
CA GLU E 341 -28.04 40.44 1.41
C GLU E 341 -27.08 41.20 0.51
N PHE E 342 -25.94 40.58 0.20
CA PHE E 342 -24.95 41.26 -0.64
C PHE E 342 -25.53 41.53 -2.03
N VAL E 343 -26.16 40.53 -2.64
CA VAL E 343 -26.79 40.71 -3.94
C VAL E 343 -27.91 41.74 -3.89
N ASP E 344 -28.82 41.59 -2.92
CA ASP E 344 -29.95 42.50 -2.79
C ASP E 344 -29.48 43.94 -2.59
N ASP E 345 -28.42 44.11 -1.80
CA ASP E 345 -27.85 45.44 -1.55
C ASP E 345 -27.32 46.06 -2.84
N ALA E 346 -26.62 45.25 -3.63
CA ALA E 346 -26.04 45.74 -4.88
C ALA E 346 -27.12 46.09 -5.92
N VAL E 347 -28.14 45.24 -6.03
CA VAL E 347 -29.22 45.53 -6.97
C VAL E 347 -29.93 46.81 -6.54
N SER E 348 -30.27 46.88 -5.26
CA SER E 348 -30.94 48.04 -4.69
C SER E 348 -30.16 49.34 -4.87
N ARG E 349 -28.83 49.25 -4.96
CA ARG E 349 -28.01 50.45 -5.09
C ARG E 349 -27.81 50.84 -6.54
N GLY E 350 -28.40 50.07 -7.46
CA GLY E 350 -28.29 50.38 -8.88
C GLY E 350 -27.22 49.55 -9.56
N GLY E 351 -26.73 48.52 -8.89
CA GLY E 351 -25.76 47.62 -9.49
C GLY E 351 -26.39 46.82 -10.62
N ARG E 352 -25.60 46.52 -11.64
CA ARG E 352 -26.09 45.74 -12.77
C ARG E 352 -25.67 44.29 -12.60
N LEU E 353 -26.64 43.41 -12.35
CA LEU E 353 -26.39 41.98 -12.21
C LEU E 353 -26.19 41.36 -13.59
N LEU E 354 -24.93 41.04 -13.91
CA LEU E 354 -24.59 40.53 -15.23
C LEU E 354 -25.05 39.09 -15.41
N ILE E 355 -24.98 38.33 -14.33
CA ILE E 355 -25.27 36.91 -14.39
C ILE E 355 -25.41 36.31 -12.99
N GLY E 356 -26.19 35.24 -12.88
CA GLY E 356 -26.36 34.52 -11.64
C GLY E 356 -27.44 35.08 -10.74
N GLY E 357 -27.47 34.59 -9.51
CA GLY E 357 -28.42 35.08 -8.53
C GLY E 357 -29.30 34.05 -7.82
N ARG E 358 -29.31 32.80 -8.25
CA ARG E 358 -30.19 31.79 -7.65
CA ARG E 358 -30.20 31.84 -7.61
C ARG E 358 -29.46 31.01 -6.56
N SER E 359 -30.20 30.57 -5.56
CA SER E 359 -29.70 29.68 -4.53
C SER E 359 -30.73 28.58 -4.26
N TRP E 360 -30.29 27.50 -3.62
CA TRP E 360 -31.18 26.42 -3.21
C TRP E 360 -30.46 25.60 -2.18
N GLY E 361 -31.10 25.37 -1.05
CA GLY E 361 -30.42 24.76 0.09
C GLY E 361 -29.20 25.62 0.38
N ASN E 362 -28.05 24.98 0.50
CA ASN E 362 -26.82 25.70 0.78
C ASN E 362 -26.05 26.07 -0.48
N PHE E 363 -26.63 25.80 -1.64
CA PHE E 363 -25.97 26.16 -2.89
C PHE E 363 -26.27 27.61 -3.23
N PHE E 364 -25.27 28.30 -3.78
CA PHE E 364 -25.43 29.68 -4.19
C PHE E 364 -24.60 29.91 -5.46
N GLU E 365 -25.25 30.37 -6.53
CA GLU E 365 -24.56 30.60 -7.80
C GLU E 365 -23.67 31.81 -7.75
N PRO E 366 -22.63 31.84 -8.59
CA PRO E 366 -21.91 33.07 -8.81
C PRO E 366 -22.84 34.20 -9.21
N ALA E 367 -22.68 35.34 -8.56
CA ALA E 367 -23.44 36.53 -8.93
C ALA E 367 -22.45 37.65 -9.20
N ILE E 368 -22.41 38.12 -10.46
CA ILE E 368 -21.43 39.09 -10.93
C ILE E 368 -22.05 40.46 -11.21
N PHE E 369 -21.43 41.52 -10.66
CA PHE E 369 -21.93 42.90 -10.80
C PHE E 369 -20.96 43.85 -11.51
N VAL E 370 -21.50 44.77 -12.29
CA VAL E 370 -20.77 45.97 -12.72
C VAL E 370 -21.58 47.20 -12.34
N ASP E 371 -21.05 48.37 -12.66
CA ASP E 371 -21.65 49.65 -12.29
C ASP E 371 -21.86 49.76 -10.78
N VAL E 372 -20.85 49.38 -10.02
CA VAL E 372 -20.91 49.52 -8.57
C VAL E 372 -20.19 50.79 -8.15
N ASP E 373 -20.31 51.16 -6.88
CA ASP E 373 -19.47 52.23 -6.36
C ASP E 373 -18.97 51.83 -4.98
N ARG E 374 -18.21 52.72 -4.34
CA ARG E 374 -17.54 52.36 -3.10
C ARG E 374 -18.49 52.13 -1.91
N ASN E 375 -19.76 52.50 -2.05
CA ASN E 375 -20.69 52.33 -0.94
C ASN E 375 -21.41 50.97 -0.95
N PHE E 376 -21.24 50.20 -2.02
CA PHE E 376 -21.82 48.86 -2.08
C PHE E 376 -21.25 48.01 -0.96
N ARG E 377 -22.08 47.19 -0.32
CA ARG E 377 -21.57 46.26 0.68
C ARG E 377 -20.51 45.33 0.10
N ILE E 378 -20.64 44.95 -1.17
CA ILE E 378 -19.63 44.06 -1.74
C ILE E 378 -18.31 44.78 -2.09
N MET E 379 -18.25 46.09 -1.87
CA MET E 379 -16.96 46.78 -1.97
C MET E 379 -16.36 47.08 -0.59
N ARG E 380 -17.23 47.14 0.42
CA ARG E 380 -16.81 47.57 1.75
C ARG E 380 -16.49 46.44 2.68
N GLU E 381 -17.06 45.26 2.44
CA GLU E 381 -16.89 44.12 3.33
C GLU E 381 -16.20 42.95 2.64
N GLU E 382 -15.64 42.03 3.43
CA GLU E 382 -15.16 40.78 2.87
C GLU E 382 -16.37 39.95 2.44
N VAL E 383 -16.42 39.59 1.16
CA VAL E 383 -17.49 38.76 0.62
C VAL E 383 -16.99 37.34 0.49
N PHE E 384 -17.20 36.57 1.54
CA PHE E 384 -16.66 35.23 1.64
C PHE E 384 -17.60 34.24 0.95
N GLY E 385 -17.79 34.43 -0.35
CA GLY E 385 -18.79 33.70 -1.11
C GLY E 385 -18.72 34.18 -2.55
N PRO E 386 -19.54 33.61 -3.43
CA PRO E 386 -19.31 33.82 -4.86
C PRO E 386 -20.02 35.07 -5.43
N VAL E 387 -20.05 36.16 -4.68
CA VAL E 387 -20.57 37.42 -5.22
C VAL E 387 -19.41 38.35 -5.47
N ARG E 388 -19.31 38.86 -6.70
CA ARG E 388 -18.11 39.56 -7.14
C ARG E 388 -18.39 40.81 -7.96
N PRO E 389 -17.84 41.95 -7.53
CA PRO E 389 -17.91 43.18 -8.30
C PRO E 389 -16.76 43.32 -9.30
N ILE E 390 -17.08 43.89 -10.46
CA ILE E 390 -16.09 44.31 -11.42
C ILE E 390 -16.11 45.83 -11.50
N VAL E 391 -14.97 46.47 -11.26
CA VAL E 391 -14.86 47.92 -11.29
C VAL E 391 -14.04 48.34 -12.49
N VAL E 392 -14.52 49.32 -13.25
CA VAL E 392 -13.80 49.81 -14.40
C VAL E 392 -13.08 51.09 -14.03
N VAL E 393 -11.79 51.18 -14.36
CA VAL E 393 -11.00 52.37 -14.04
C VAL E 393 -10.32 52.92 -15.29
N GLU E 394 -9.96 54.19 -15.26
CA GLU E 394 -9.43 54.84 -16.46
C GLU E 394 -7.92 54.79 -16.59
N ASN E 395 -7.23 54.54 -15.49
CA ASN E 395 -5.78 54.50 -15.49
C ASN E 395 -5.22 53.78 -14.26
N ASP E 396 -3.91 53.61 -14.24
CA ASP E 396 -3.25 52.87 -13.16
C ASP E 396 -3.42 53.57 -11.80
N ASP E 397 -3.37 54.91 -11.79
CA ASP E 397 -3.59 55.65 -10.55
C ASP E 397 -4.93 55.31 -9.95
N GLN E 398 -5.95 55.23 -10.79
CA GLN E 398 -7.29 54.88 -10.33
CA GLN E 398 -7.28 54.89 -10.33
C GLN E 398 -7.33 53.42 -9.89
N ALA E 399 -6.64 52.57 -10.65
CA ALA E 399 -6.61 51.15 -10.29
C ALA E 399 -6.08 50.97 -8.86
N VAL E 400 -5.01 51.70 -8.55
CA VAL E 400 -4.39 51.59 -7.22
C VAL E 400 -5.28 52.21 -6.13
N GLU E 401 -5.90 53.34 -6.43
CA GLU E 401 -6.82 53.96 -5.47
C GLU E 401 -7.96 53.02 -5.08
N VAL E 402 -8.58 52.39 -6.08
CA VAL E 402 -9.67 51.48 -5.78
C VAL E 402 -9.13 50.26 -5.03
N ALA E 403 -8.00 49.72 -5.49
CA ALA E 403 -7.40 48.55 -4.85
C ALA E 403 -7.16 48.77 -3.36
N ASN E 404 -6.66 49.95 -3.00
CA ASN E 404 -6.37 50.27 -1.60
C ASN E 404 -7.57 50.80 -0.81
N ASP E 405 -8.70 51.06 -1.48
CA ASP E 405 -9.90 51.56 -0.80
C ASP E 405 -10.66 50.42 -0.10
N THR E 406 -10.01 49.84 0.91
CA THR E 406 -10.54 48.69 1.65
C THR E 406 -9.85 48.68 3.00
N ASP E 407 -10.50 48.11 4.02
CA ASP E 407 -9.88 47.98 5.33
C ASP E 407 -8.91 46.81 5.35
N TYR E 408 -9.06 45.90 4.38
CA TYR E 408 -8.26 44.68 4.34
C TYR E 408 -6.92 44.87 3.61
N GLY E 409 -6.03 43.88 3.71
CA GLY E 409 -4.72 43.98 3.08
C GLY E 409 -3.97 42.66 3.06
N LEU E 410 -4.62 41.61 2.59
CA LEU E 410 -4.02 40.29 2.62
C LEU E 410 -3.15 40.08 1.38
N SER E 411 -3.77 39.80 0.24
CA SER E 411 -3.02 39.63 -1.00
C SER E 411 -3.53 40.57 -2.09
N GLY E 412 -3.13 40.31 -3.33
CA GLY E 412 -3.40 41.19 -4.45
C GLY E 412 -2.65 40.70 -5.67
N ALA E 413 -3.11 41.10 -6.85
CA ALA E 413 -2.44 40.71 -8.07
C ALA E 413 -2.63 41.73 -9.17
N VAL E 414 -1.67 41.78 -10.09
CA VAL E 414 -1.84 42.58 -11.30
C VAL E 414 -1.53 41.76 -12.54
N LEU E 415 -2.35 41.93 -13.57
CA LEU E 415 -2.08 41.30 -14.85
C LEU E 415 -1.64 42.37 -15.84
N THR E 416 -0.42 42.23 -16.36
CA THR E 416 0.13 43.16 -17.35
C THR E 416 1.43 42.60 -17.88
N ASN E 417 1.82 43.01 -19.08
CA ASN E 417 3.10 42.60 -19.63
C ASN E 417 4.15 43.68 -19.50
N ASN E 418 3.78 44.82 -18.95
CA ASN E 418 4.69 45.94 -18.84
C ASN E 418 5.45 45.91 -17.50
N VAL E 419 6.78 45.84 -17.55
CA VAL E 419 7.56 45.65 -16.32
C VAL E 419 7.43 46.85 -15.38
N ASN E 420 7.38 48.06 -15.93
CA ASN E 420 7.24 49.27 -15.13
C ASN E 420 5.90 49.41 -14.43
N ARG E 421 4.83 49.12 -15.14
CA ARG E 421 3.50 49.20 -14.56
C ARG E 421 3.28 48.11 -13.50
N ALA E 422 3.78 46.92 -13.79
CA ALA E 422 3.66 45.81 -12.84
C ALA E 422 4.33 46.15 -11.51
N PHE E 423 5.55 46.68 -11.57
CA PHE E 423 6.31 46.92 -10.35
C PHE E 423 5.78 48.13 -9.59
N ARG E 424 5.38 49.17 -10.32
CA ARG E 424 4.82 50.34 -9.66
CA ARG E 424 4.81 50.35 -9.68
C ARG E 424 3.52 50.02 -8.94
N ILE E 425 2.68 49.20 -9.57
CA ILE E 425 1.42 48.82 -8.92
C ILE E 425 1.68 47.87 -7.74
N ALA E 426 2.60 46.92 -7.90
CA ALA E 426 2.91 45.99 -6.81
C ALA E 426 3.39 46.75 -5.57
N GLU E 427 4.22 47.77 -5.79
CA GLU E 427 4.73 48.57 -4.68
C GLU E 427 3.63 49.40 -4.01
N ALA E 428 2.68 49.89 -4.79
CA ALA E 428 1.69 50.83 -4.27
C ALA E 428 0.51 50.15 -3.60
N VAL E 429 0.25 48.89 -3.94
CA VAL E 429 -0.87 48.20 -3.32
C VAL E 429 -0.54 47.81 -1.87
N GLU E 430 -1.42 48.16 -0.96
CA GLU E 430 -1.22 47.91 0.47
C GLU E 430 -1.67 46.50 0.87
N SER E 431 -0.77 45.55 0.70
CA SER E 431 -1.07 44.15 1.00
C SER E 431 0.15 43.46 1.59
N GLY E 432 -0.07 42.38 2.33
CA GLY E 432 1.05 41.61 2.87
C GLY E 432 1.69 40.71 1.84
N MET E 433 0.98 40.45 0.75
CA MET E 433 1.46 39.58 -0.33
C MET E 433 0.99 40.14 -1.68
N PHE E 434 1.76 39.91 -2.74
CA PHE E 434 1.35 40.40 -4.06
C PHE E 434 1.89 39.52 -5.18
N HIS E 435 1.09 39.32 -6.22
CA HIS E 435 1.49 38.44 -7.30
C HIS E 435 1.32 39.10 -8.66
N ILE E 436 2.40 39.10 -9.45
CA ILE E 436 2.35 39.62 -10.80
C ILE E 436 2.06 38.48 -11.80
N ASN E 437 1.00 38.64 -12.60
CA ASN E 437 0.56 37.63 -13.56
C ASN E 437 0.29 36.25 -12.98
N ASP E 438 -0.38 36.23 -11.83
CA ASP E 438 -0.88 34.97 -11.29
C ASP E 438 -2.09 35.28 -10.44
N VAL E 439 -2.71 34.23 -9.91
CA VAL E 439 -3.88 34.37 -9.04
C VAL E 439 -3.53 35.01 -7.72
N THR E 440 -4.52 35.61 -7.09
CA THR E 440 -4.35 36.22 -5.78
C THR E 440 -4.05 35.21 -4.67
N PHE E 441 -4.57 33.98 -4.81
CA PHE E 441 -4.41 33.02 -3.71
C PHE E 441 -3.21 32.08 -3.85
N LEU E 442 -2.19 32.50 -4.62
CA LEU E 442 -0.92 31.75 -4.64
C LEU E 442 -0.42 31.51 -3.22
N GLU E 443 0.03 30.29 -2.96
CA GLU E 443 0.53 29.96 -1.63
C GLU E 443 1.48 28.76 -1.69
N GLU E 444 2.65 28.89 -1.07
CA GLU E 444 3.62 27.80 -1.03
C GLU E 444 3.85 27.46 0.44
N SER E 445 4.44 26.30 0.72
CA SER E 445 4.55 25.82 2.10
C SER E 445 5.54 26.63 2.93
N HIS E 446 6.51 27.24 2.27
CA HIS E 446 7.66 27.80 2.98
C HIS E 446 7.84 29.31 2.79
N VAL E 447 6.78 30.00 2.37
CA VAL E 447 6.81 31.45 2.15
C VAL E 447 6.07 32.19 3.26
N PRO E 448 6.38 33.49 3.48
CA PRO E 448 5.63 34.19 4.55
C PRO E 448 4.22 34.55 4.13
N PHE E 449 3.25 33.80 4.67
CA PHE E 449 1.85 34.04 4.34
C PHE E 449 1.19 34.88 5.44
N GLY E 450 0.60 36.02 5.07
CA GLY E 450 -0.11 36.83 6.04
C GLY E 450 -0.36 38.23 5.51
N GLY E 451 -1.07 39.06 6.27
CA GLY E 451 -1.50 40.35 5.74
C GLY E 451 -1.15 41.56 6.58
N ILE E 452 -1.63 42.71 6.15
CA ILE E 452 -1.53 43.95 6.95
C ILE E 452 -2.92 44.54 7.14
N LYS E 453 -2.99 45.72 7.75
CA LYS E 453 -4.27 46.41 8.02
C LYS E 453 -5.24 45.44 8.73
N ALA E 454 -6.48 45.34 8.30
CA ALA E 454 -7.44 44.50 9.03
C ALA E 454 -7.23 43.01 8.78
N SER E 455 -6.31 42.65 7.89
CA SER E 455 -6.13 41.24 7.56
C SER E 455 -5.24 40.47 8.57
N GLY E 456 -4.74 41.17 9.58
CA GLY E 456 -4.08 40.49 10.68
C GLY E 456 -2.63 40.83 10.93
N VAL E 457 -1.95 40.00 11.72
CA VAL E 457 -0.55 40.22 12.10
C VAL E 457 0.21 38.90 12.06
N GLY E 458 1.50 38.97 11.73
CA GLY E 458 2.31 37.77 11.69
C GLY E 458 2.31 37.09 10.33
N ARG E 459 3.21 36.12 10.20
CA ARG E 459 3.39 35.37 8.96
C ARG E 459 3.52 33.90 9.30
N GLU E 460 2.97 33.04 8.45
CA GLU E 460 3.08 31.61 8.66
C GLU E 460 3.58 30.94 7.39
N GLY E 461 4.28 29.81 7.58
CA GLY E 461 4.88 29.10 6.47
C GLY E 461 6.37 28.94 6.70
N GLY E 462 6.81 27.68 6.77
CA GLY E 462 8.21 27.39 6.97
C GLY E 462 8.82 28.12 8.16
N GLU E 463 10.00 28.71 7.95
CA GLU E 463 10.71 29.39 9.04
CA GLU E 463 10.70 29.38 9.04
C GLU E 463 9.92 30.58 9.58
N TRP E 464 8.99 31.11 8.80
CA TRP E 464 8.20 32.23 9.31
C TRP E 464 7.25 31.74 10.41
N SER E 465 6.71 30.53 10.25
CA SER E 465 5.98 29.89 11.35
C SER E 465 6.88 29.72 12.57
N PHE E 466 8.14 29.33 12.34
CA PHE E 466 9.10 29.14 13.44
C PHE E 466 9.36 30.47 14.18
N HIS E 467 9.50 31.56 13.43
CA HIS E 467 9.64 32.92 14.02
C HIS E 467 8.46 33.20 14.96
N GLU E 468 7.26 32.78 14.57
CA GLU E 468 6.06 33.10 15.36
C GLU E 468 6.04 32.35 16.68
N THR E 469 6.57 31.13 16.70
CA THR E 469 6.38 30.29 17.88
C THR E 469 7.69 29.94 18.59
N THR E 470 8.71 30.80 18.42
CA THR E 470 9.95 30.70 19.17
C THR E 470 10.34 32.08 19.65
N TYR E 471 11.33 32.13 20.54
CA TYR E 471 11.88 33.42 20.93
C TYR E 471 13.40 33.34 20.90
N ASP E 472 14.02 34.50 20.72
CA ASP E 472 15.47 34.61 20.75
C ASP E 472 15.93 34.65 22.19
N ARG E 473 17.07 34.05 22.46
CA ARG E 473 17.65 34.11 23.80
C ARG E 473 19.13 34.43 23.78
N TRP E 474 19.46 35.67 24.14
CA TRP E 474 20.83 36.15 24.16
C TRP E 474 21.55 35.53 25.35
N VAL E 475 22.70 34.91 25.10
CA VAL E 475 23.51 34.33 26.17
C VAL E 475 24.95 34.80 26.00
N THR E 476 25.58 35.20 27.09
CA THR E 476 26.99 35.56 27.03
C THR E 476 27.83 34.78 28.02
N VAL E 477 29.12 34.68 27.69
CA VAL E 477 30.13 34.23 28.63
C VAL E 477 31.23 35.29 28.70
N THR E 478 31.55 35.73 29.92
CA THR E 478 32.60 36.72 30.13
C THR E 478 33.84 36.05 30.69
N LEU E 479 34.98 36.27 30.04
CA LEU E 479 36.15 35.45 30.29
C LEU E 479 37.24 36.17 31.06
N ARG E 480 36.96 37.39 31.48
CA ARG E 480 37.91 38.16 32.28
C ARG E 480 37.16 38.81 33.45
N THR E 481 37.85 39.01 34.56
CA THR E 481 37.27 39.76 35.67
C THR E 481 37.47 41.25 35.44
N ARG E 482 36.62 42.08 36.04
CA ARG E 482 36.85 43.50 35.95
C ARG E 482 36.53 44.23 37.24
N ARG E 483 36.90 45.51 37.31
CA ARG E 483 36.54 46.35 38.44
C ARG E 483 35.16 46.98 38.18
N PHE E 484 34.41 47.24 39.24
CA PHE E 484 33.07 47.81 39.11
C PHE E 484 33.01 49.23 39.67
N PRO E 485 32.08 50.06 39.15
CA PRO E 485 32.01 51.47 39.54
C PRO E 485 31.62 51.73 41.01
N ILE E 486 30.82 50.87 41.62
CA ILE E 486 30.46 51.01 43.04
C ILE E 486 30.93 49.79 43.83
N PRO E 487 31.40 49.99 45.09
CA PRO E 487 31.64 51.26 45.77
C PRO E 487 32.84 51.99 45.19
N SER E 488 32.70 53.30 44.95
CA SER E 488 33.79 54.06 44.33
C SER E 488 35.02 54.12 45.24
N ALA E 489 34.82 53.86 46.52
CA ALA E 489 35.93 53.89 47.49
C ALA E 489 36.98 52.81 47.28
N LEU E 490 36.64 51.74 46.55
CA LEU E 490 37.61 50.67 46.28
C LEU E 490 38.57 51.02 45.15
N LYS E 491 39.86 50.79 45.37
N ILE F 2 23.26 73.78 30.32
CA ILE F 2 21.83 74.04 30.39
C ILE F 2 21.47 74.69 31.73
N ASP F 3 20.95 75.92 31.67
CA ASP F 3 20.44 76.59 32.85
C ASP F 3 18.98 76.21 33.07
N LEU F 4 18.69 75.61 34.22
CA LEU F 4 17.35 75.09 34.51
C LEU F 4 16.26 76.17 34.50
N ASN F 5 16.57 77.33 35.07
CA ASN F 5 15.62 78.45 35.16
C ASN F 5 15.36 79.11 33.79
N ILE F 6 16.18 78.78 32.79
CA ILE F 6 16.09 79.41 31.47
C ILE F 6 15.38 78.49 30.45
N MET F 7 15.30 77.20 30.75
CA MET F 7 14.67 76.24 29.83
C MET F 7 13.20 76.58 29.55
N LYS F 8 12.84 76.64 28.27
CA LYS F 8 11.43 76.68 27.87
C LYS F 8 11.05 75.34 27.26
N VAL F 9 10.69 74.40 28.12
CA VAL F 9 10.32 73.05 27.68
C VAL F 9 8.97 73.08 26.96
N ALA F 10 8.90 72.38 25.83
CA ALA F 10 7.69 72.39 25.02
C ALA F 10 7.54 71.09 24.24
N ASN F 11 6.36 70.89 23.63
CA ASN F 11 6.18 69.77 22.71
C ASN F 11 6.94 70.04 21.41
N TYR F 12 7.16 69.01 20.62
CA TYR F 12 7.78 69.17 19.31
C TYR F 12 6.91 68.43 18.31
N ILE F 13 6.17 69.18 17.50
CA ILE F 13 5.17 68.57 16.62
C ILE F 13 5.26 69.16 15.22
N ASN F 14 5.44 68.28 14.23
CA ASN F 14 5.57 68.69 12.83
C ASN F 14 6.64 69.76 12.63
N GLY F 15 7.81 69.52 13.21
CA GLY F 15 8.95 70.40 13.01
C GLY F 15 8.96 71.68 13.82
N GLU F 16 8.03 71.81 14.78
CA GLU F 16 7.89 73.04 15.54
C GLU F 16 7.79 72.80 17.06
N PHE F 17 8.54 73.57 17.85
CA PHE F 17 8.35 73.53 19.29
C PHE F 17 7.11 74.34 19.63
N LYS F 18 6.21 73.75 20.41
CA LYS F 18 4.86 74.28 20.65
C LYS F 18 4.38 74.00 22.07
N GLU F 19 3.71 74.96 22.69
CA GLU F 19 3.06 74.70 23.96
CA GLU F 19 3.06 74.70 23.96
C GLU F 19 1.82 73.84 23.69
N PRO F 20 1.32 73.12 24.72
CA PRO F 20 0.11 72.34 24.48
C PRO F 20 -1.06 73.25 24.10
N SER F 21 -2.04 72.72 23.36
CA SER F 21 -3.13 73.55 22.85
C SER F 21 -3.96 74.21 23.97
N THR F 22 -4.06 73.57 25.12
CA THR F 22 -4.76 74.18 26.26
C THR F 22 -3.89 75.15 27.06
N GLY F 23 -2.58 75.07 26.86
CA GLY F 23 -1.65 75.90 27.63
C GLY F 23 -1.36 75.34 29.00
N ALA F 24 -2.03 74.25 29.38
CA ALA F 24 -1.79 73.61 30.67
C ALA F 24 -0.33 73.19 30.85
N PHE F 25 0.20 73.45 32.04
CA PHE F 25 1.58 73.15 32.37
C PHE F 25 1.65 72.58 33.77
N GLN F 26 2.76 71.95 34.11
CA GLN F 26 3.00 71.56 35.49
C GLN F 26 4.47 71.75 35.81
N VAL F 27 4.78 71.87 37.10
CA VAL F 27 6.14 72.10 37.54
C VAL F 27 6.82 70.78 37.88
N LYS F 28 8.03 70.60 37.37
CA LYS F 28 8.82 69.43 37.73
C LYS F 28 9.88 69.83 38.73
N THR F 29 10.04 69.01 39.76
CA THR F 29 10.99 69.25 40.83
C THR F 29 12.05 68.16 40.86
N SER F 30 13.20 68.45 41.49
CA SER F 30 14.28 67.49 41.60
C SER F 30 13.96 66.46 42.68
N PRO F 31 14.26 65.19 42.41
CA PRO F 31 14.10 64.16 43.45
C PRO F 31 15.12 64.33 44.56
N VAL F 32 16.16 65.09 44.25
CA VAL F 32 17.26 65.27 45.18
C VAL F 32 16.86 66.13 46.38
N ASP F 33 16.24 67.29 46.11
CA ASP F 33 15.92 68.22 47.20
C ASP F 33 14.58 68.91 47.03
N GLY F 34 13.82 68.53 46.00
CA GLY F 34 12.50 69.13 45.78
C GLY F 34 12.52 70.48 45.09
N SER F 35 13.70 70.98 44.73
CA SER F 35 13.79 72.28 44.07
C SER F 35 13.22 72.26 42.65
N LYS F 36 12.74 73.42 42.20
CA LYS F 36 12.13 73.52 40.90
C LYS F 36 13.15 73.24 39.80
N ILE F 37 12.74 72.51 38.77
CA ILE F 37 13.59 72.27 37.62
C ILE F 37 13.10 73.03 36.40
N ALA F 38 11.85 72.82 36.03
CA ALA F 38 11.22 73.55 34.94
C ALA F 38 9.72 73.33 34.97
N GLU F 39 8.99 74.22 34.30
CA GLU F 39 7.60 73.98 33.97
C GLU F 39 7.57 73.21 32.65
N VAL F 40 6.71 72.22 32.56
CA VAL F 40 6.63 71.41 31.34
C VAL F 40 5.18 71.27 30.91
N PRO F 41 4.95 70.94 29.63
CA PRO F 41 3.58 70.75 29.16
C PRO F 41 2.80 69.68 29.94
N ARG F 42 1.51 69.92 30.07
CA ARG F 42 0.59 68.89 30.49
C ARG F 42 -0.37 68.67 29.31
N SER F 43 0.10 67.96 28.30
CA SER F 43 -0.61 67.86 27.03
C SER F 43 -1.86 66.99 27.13
N GLY F 44 -2.73 67.11 26.15
CA GLY F 44 -3.98 66.36 26.11
C GLY F 44 -4.15 65.59 24.81
N ARG F 45 -5.33 65.02 24.62
CA ARG F 45 -5.58 64.18 23.46
C ARG F 45 -5.41 64.90 22.13
N GLU F 46 -5.77 66.18 22.09
CA GLU F 46 -5.70 66.86 20.81
C GLU F 46 -4.25 67.09 20.40
N ASP F 47 -3.37 67.25 21.36
CA ASP F 47 -1.94 67.34 21.09
C ASP F 47 -1.41 66.03 20.50
N ALA F 48 -1.79 64.91 21.12
CA ALA F 48 -1.40 63.59 20.63
C ALA F 48 -1.88 63.36 19.20
N ARG F 49 -3.14 63.72 18.94
CA ARG F 49 -3.71 63.61 17.60
C ARG F 49 -2.96 64.47 16.60
N GLU F 50 -2.58 65.68 16.99
CA GLU F 50 -1.80 66.52 16.09
C GLU F 50 -0.47 65.85 15.75
N ALA F 51 0.19 65.29 16.75
CA ALA F 51 1.47 64.62 16.52
C ALA F 51 1.28 63.41 15.61
N ILE F 52 0.23 62.64 15.89
CA ILE F 52 -0.03 61.43 15.13
C ILE F 52 -0.32 61.77 13.66
N ASP F 53 -1.14 62.79 13.42
CA ASP F 53 -1.45 63.19 12.04
C ASP F 53 -0.21 63.72 11.33
N SER F 54 0.64 64.46 12.05
CA SER F 54 1.89 64.93 11.47
C SER F 54 2.77 63.76 11.04
N ALA F 55 2.88 62.75 11.92
CA ALA F 55 3.68 61.56 11.62
C ALA F 55 3.08 60.79 10.44
N PHE F 56 1.77 60.73 10.38
CA PHE F 56 1.09 60.01 9.31
C PHE F 56 1.32 60.69 7.97
N GLU F 57 1.25 62.01 7.93
CA GLU F 57 1.45 62.75 6.69
C GLU F 57 2.92 62.76 6.24
N ALA F 58 3.84 62.55 7.17
CA ALA F 58 5.25 62.54 6.84
C ALA F 58 5.71 61.16 6.37
N LEU F 59 4.89 60.15 6.61
CA LEU F 59 5.33 58.76 6.53
C LEU F 59 5.79 58.31 5.14
N LYS F 60 4.97 58.59 4.12
CA LYS F 60 5.29 58.10 2.78
C LYS F 60 6.62 58.63 2.28
N ALA F 61 6.86 59.94 2.42
CA ALA F 61 8.12 60.53 1.97
C ALA F 61 9.31 59.94 2.72
N TRP F 62 9.14 59.64 4.01
CA TRP F 62 10.25 59.16 4.83
C TRP F 62 10.56 57.70 4.55
N ALA F 63 9.52 56.89 4.38
CA ALA F 63 9.68 55.48 4.10
C ALA F 63 10.23 55.21 2.69
N ASN F 64 9.96 56.10 1.75
CA ASN F 64 10.31 55.83 0.36
C ASN F 64 11.68 56.34 -0.11
N ILE F 65 12.29 57.24 0.63
CA ILE F 65 13.66 57.60 0.28
C ILE F 65 14.57 56.40 0.51
N PRO F 66 15.71 56.34 -0.19
CA PRO F 66 16.60 55.19 0.03
C PRO F 66 17.11 55.17 1.47
N ALA F 67 17.39 53.97 1.99
CA ALA F 67 17.90 53.79 3.35
C ALA F 67 19.10 54.67 3.65
N ILE F 68 20.00 54.81 2.68
CA ILE F 68 21.20 55.61 2.87
C ILE F 68 20.84 57.06 3.23
N ARG F 69 19.71 57.57 2.74
CA ARG F 69 19.32 58.94 3.12
C ARG F 69 18.90 58.99 4.59
N ARG F 70 18.19 57.98 5.06
CA ARG F 70 17.80 57.96 6.48
C ARG F 70 19.04 57.76 7.36
N ALA F 71 19.96 56.93 6.89
CA ALA F 71 21.21 56.72 7.62
C ALA F 71 21.98 58.04 7.78
N GLU F 72 21.98 58.85 6.71
CA GLU F 72 22.63 60.16 6.75
CA GLU F 72 22.65 60.15 6.76
C GLU F 72 22.03 61.05 7.84
N TYR F 73 20.71 61.02 7.96
CA TYR F 73 20.06 61.79 9.02
C TYR F 73 20.45 61.28 10.42
N LEU F 74 20.55 59.97 10.57
CA LEU F 74 20.98 59.40 11.85
C LEU F 74 22.45 59.73 12.17
N TYR F 75 23.30 59.80 11.16
CA TYR F 75 24.69 60.18 11.41
C TYR F 75 24.76 61.64 11.85
N LYS F 76 23.87 62.46 11.30
CA LYS F 76 23.75 63.85 11.71
C LYS F 76 23.27 63.98 13.15
N MET F 77 22.33 63.12 13.52
CA MET F 77 21.81 63.09 14.89
CA MET F 77 21.80 63.10 14.88
C MET F 77 22.92 62.75 15.86
N LEU F 78 23.77 61.81 15.44
CA LEU F 78 24.90 61.37 16.24
C LEU F 78 25.89 62.50 16.48
N GLU F 79 26.11 63.29 15.44
CA GLU F 79 27.02 64.43 15.53
C GLU F 79 26.47 65.45 16.52
N VAL F 80 25.15 65.68 16.46
CA VAL F 80 24.53 66.62 17.36
C VAL F 80 24.52 66.08 18.80
N PHE F 81 24.26 64.78 18.96
CA PHE F 81 24.25 64.18 20.28
C PHE F 81 25.60 64.38 20.97
N ARG F 82 26.67 64.19 20.21
CA ARG F 82 28.02 64.31 20.74
C ARG F 82 28.28 65.72 21.28
N GLN F 83 27.63 66.73 20.69
CA GLN F 83 27.75 68.10 21.17
C GLN F 83 26.93 68.34 22.45
N MET F 84 25.92 67.50 22.68
CA MET F 84 24.99 67.72 23.78
C MET F 84 25.23 66.83 25.01
N LYS F 85 26.29 66.03 24.98
CA LYS F 85 26.56 65.05 26.02
C LYS F 85 26.46 65.61 27.44
N GLU F 86 27.14 66.73 27.68
CA GLU F 86 27.18 67.32 29.01
C GLU F 86 25.80 67.77 29.47
N ASP F 87 25.02 68.28 28.52
CA ASP F 87 23.65 68.69 28.84
C ASP F 87 22.79 67.48 29.21
N PHE F 88 22.94 66.38 28.47
CA PHE F 88 22.15 65.19 28.79
C PHE F 88 22.52 64.66 30.16
N MET F 89 23.80 64.64 30.48
CA MET F 89 24.23 64.14 31.80
C MET F 89 23.69 64.99 32.94
N LYS F 90 23.76 66.31 32.79
CA LYS F 90 23.25 67.18 33.84
C LYS F 90 21.76 66.92 34.09
N ILE F 91 20.97 66.86 33.02
CA ILE F 91 19.55 66.63 33.19
C ILE F 91 19.25 65.23 33.73
N LEU F 92 20.02 64.22 33.30
CA LEU F 92 19.78 62.88 33.82
C LEU F 92 20.05 62.83 35.34
N THR F 93 20.95 63.66 35.80
CA THR F 93 21.27 63.68 37.23
C THR F 93 20.21 64.47 37.98
N VAL F 94 19.90 65.68 37.52
CA VAL F 94 19.08 66.55 38.33
C VAL F 94 17.60 66.18 38.23
N GLU F 95 17.20 65.63 37.09
CA GLU F 95 15.81 65.23 36.92
C GLU F 95 15.60 63.75 37.30
N GLY F 96 16.58 62.91 36.97
CA GLY F 96 16.42 61.48 37.21
C GLY F 96 17.03 60.93 38.48
N GLY F 97 17.89 61.72 39.13
CA GLY F 97 18.52 61.28 40.36
C GLY F 97 19.76 60.42 40.14
N GLY F 98 20.19 60.28 38.90
CA GLY F 98 21.34 59.43 38.64
C GLY F 98 22.68 60.03 39.03
N THR F 99 23.58 59.18 39.52
CA THR F 99 24.95 59.59 39.81
C THR F 99 25.71 59.90 38.53
N TYR F 100 26.85 60.58 38.68
CA TYR F 100 27.71 60.90 37.56
C TYR F 100 28.10 59.64 36.80
N ARG F 101 28.49 58.60 37.53
CA ARG F 101 28.89 57.37 36.89
C ARG F 101 27.72 56.71 36.12
N LYS F 102 26.52 56.76 36.69
CA LYS F 102 25.35 56.19 36.01
C LYS F 102 25.05 56.95 34.71
N VAL F 103 25.01 58.28 34.78
CA VAL F 103 24.56 59.07 33.65
C VAL F 103 25.66 59.15 32.58
N TRP F 104 26.92 59.07 32.99
CA TRP F 104 28.02 58.99 32.02
C TRP F 104 27.88 57.71 31.20
N GLY F 105 27.62 56.61 31.89
CA GLY F 105 27.40 55.33 31.25
C GLY F 105 26.21 55.35 30.30
N GLU F 106 25.12 55.99 30.71
CA GLU F 106 23.92 56.07 29.88
C GLU F 106 24.17 56.86 28.60
N VAL F 107 24.91 57.95 28.72
CA VAL F 107 25.22 58.81 27.58
C VAL F 107 26.19 58.12 26.61
N VAL F 108 27.16 57.39 27.15
CA VAL F 108 28.09 56.66 26.29
C VAL F 108 27.33 55.59 25.48
N PHE F 109 26.45 54.87 26.16
CA PHE F 109 25.65 53.83 25.51
C PHE F 109 24.69 54.44 24.49
N THR F 110 24.12 55.60 24.81
CA THR F 110 23.20 56.28 23.89
C THR F 110 23.90 56.67 22.58
N GLU F 111 25.11 57.20 22.67
CA GLU F 111 25.90 57.50 21.48
C GLU F 111 26.09 56.24 20.62
N ARG F 112 26.37 55.12 21.27
CA ARG F 112 26.52 53.86 20.56
C ARG F 112 25.21 53.39 19.95
N LEU F 113 24.09 53.65 20.62
CA LEU F 113 22.78 53.26 20.09
C LEU F 113 22.47 54.02 18.81
N ILE F 114 22.71 55.32 18.81
CA ILE F 114 22.38 56.11 17.63
C ILE F 114 23.25 55.69 16.45
N GLN F 115 24.54 55.53 16.71
CA GLN F 115 25.48 55.03 15.72
C GLN F 115 25.05 53.67 15.18
N ASN F 116 24.66 52.77 16.07
CA ASN F 116 24.27 51.42 15.67
C ASN F 116 23.09 51.45 14.68
N ALA F 117 22.09 52.27 14.99
CA ALA F 117 20.93 52.41 14.11
C ALA F 117 21.34 52.98 12.76
N ALA F 118 22.24 53.97 12.74
CA ALA F 118 22.75 54.52 11.47
C ALA F 118 23.48 53.47 10.65
N GLU F 119 24.35 52.70 11.30
CA GLU F 119 25.15 51.67 10.65
C GLU F 119 24.33 50.60 9.95
N LEU F 120 23.21 50.21 10.56
CA LEU F 120 22.41 49.06 10.08
C LEU F 120 21.35 49.39 9.03
N ALA F 121 21.01 50.67 8.90
CA ALA F 121 19.89 51.08 8.05
C ALA F 121 19.97 50.54 6.63
N ARG F 122 21.16 50.56 6.05
CA ARG F 122 21.30 50.16 4.65
C ARG F 122 21.33 48.65 4.47
N HIS F 123 21.31 47.90 5.57
CA HIS F 123 21.70 46.50 5.49
C HIS F 123 20.65 45.50 5.90
N TYR F 124 19.44 45.99 6.13
CA TYR F 124 18.33 45.14 6.50
C TYR F 124 17.76 44.48 5.25
N GLN F 125 17.93 43.16 5.16
CA GLN F 125 17.70 42.40 3.94
C GLN F 125 16.43 41.56 3.99
N GLY F 126 15.85 41.35 2.81
CA GLY F 126 14.76 40.41 2.66
C GLY F 126 15.35 39.15 2.08
N ARG F 127 14.52 38.31 1.48
CA ARG F 127 14.96 36.99 1.05
C ARG F 127 14.50 36.64 -0.37
N VAL F 128 15.37 35.96 -1.11
CA VAL F 128 15.00 35.35 -2.39
C VAL F 128 14.79 33.86 -2.18
N LEU F 129 13.64 33.35 -2.58
CA LEU F 129 13.25 31.97 -2.25
C LEU F 129 13.30 31.03 -3.44
N GLN F 130 13.43 29.73 -3.18
CA GLN F 130 13.19 28.72 -4.20
C GLN F 130 11.67 28.63 -4.38
N SER F 131 11.18 28.68 -5.61
CA SER F 131 9.78 28.39 -5.81
C SER F 131 9.58 26.90 -6.05
N ASP F 132 8.53 26.34 -5.48
CA ASP F 132 8.12 24.98 -5.79
C ASP F 132 7.45 24.90 -7.17
N SER F 133 7.14 26.06 -7.78
CA SER F 133 6.56 26.06 -9.13
C SER F 133 7.56 26.46 -10.18
N GLU F 134 7.30 26.03 -11.41
CA GLU F 134 8.13 26.41 -12.55
C GLU F 134 7.88 27.87 -12.93
N SER F 135 8.89 28.51 -13.51
CA SER F 135 8.73 29.84 -14.11
C SER F 135 8.16 30.88 -13.15
N THR F 136 8.55 30.76 -11.88
CA THR F 136 8.10 31.68 -10.86
C THR F 136 9.29 32.26 -10.08
N ILE F 137 9.32 33.59 -9.98
CA ILE F 137 10.28 34.30 -9.15
C ILE F 137 9.58 34.56 -7.82
N SER F 138 10.26 34.31 -6.70
CA SER F 138 9.61 34.40 -5.40
C SER F 138 10.56 35.09 -4.41
N VAL F 139 10.18 36.28 -3.94
CA VAL F 139 11.06 37.05 -3.08
C VAL F 139 10.24 37.66 -1.93
N VAL F 140 10.96 38.12 -0.91
CA VAL F 140 10.34 38.70 0.28
C VAL F 140 10.99 40.04 0.57
N PHE F 141 10.18 41.11 0.52
CA PHE F 141 10.64 42.45 0.84
C PHE F 141 10.42 42.80 2.32
N LYS F 142 11.16 43.79 2.80
CA LYS F 142 10.91 44.38 4.10
C LYS F 142 10.25 45.74 3.93
N ARG F 143 9.16 45.97 4.65
CA ARG F 143 8.47 47.27 4.59
C ARG F 143 8.30 47.79 6.00
N SER F 144 8.33 49.11 6.17
CA SER F 144 8.12 49.67 7.51
C SER F 144 6.66 49.63 7.93
N LYS F 145 6.41 49.54 9.23
CA LYS F 145 5.04 49.38 9.69
C LYS F 145 4.22 50.65 9.54
N GLY F 146 4.83 51.81 9.78
CA GLY F 146 4.13 53.07 9.65
C GLY F 146 4.47 54.03 10.78
N VAL F 147 3.45 54.67 11.35
CA VAL F 147 3.62 55.54 12.52
C VAL F 147 3.77 54.67 13.76
N VAL F 148 4.86 54.88 14.50
CA VAL F 148 5.15 54.06 15.67
C VAL F 148 5.10 54.93 16.92
N GLY F 149 4.28 54.51 17.88
CA GLY F 149 4.24 55.16 19.18
C GLY F 149 5.36 54.66 20.08
N VAL F 150 6.05 55.60 20.72
CA VAL F 150 7.14 55.25 21.62
C VAL F 150 6.86 55.79 23.02
N ILE F 151 6.68 54.87 23.98
CA ILE F 151 6.29 55.24 25.36
C ILE F 151 7.29 54.63 26.34
N THR F 152 7.92 55.48 27.15
CA THR F 152 9.15 55.11 27.86
C THR F 152 9.12 55.39 29.38
N PRO F 153 10.08 54.80 30.13
CA PRO F 153 10.08 54.95 31.59
C PRO F 153 11.06 56.00 32.08
N TRP F 154 11.19 56.14 33.39
CA TRP F 154 12.00 57.22 33.98
C TRP F 154 13.38 56.79 34.45
N ASN F 155 13.65 55.48 34.48
CA ASN F 155 14.89 55.04 35.13
C ASN F 155 16.14 55.23 34.28
N TYR F 156 16.06 54.85 33.00
CA TYR F 156 17.12 55.10 32.02
C TYR F 156 16.45 55.78 30.84
N PRO F 157 15.97 57.00 31.05
CA PRO F 157 15.06 57.61 30.07
C PRO F 157 15.74 57.94 28.74
N LEU F 158 17.03 58.23 28.75
CA LEU F 158 17.71 58.60 27.52
C LEU F 158 18.00 57.38 26.65
N SER F 159 18.70 56.41 27.21
CA SER F 159 19.15 55.25 26.43
C SER F 159 17.95 54.41 25.96
N ILE F 160 16.97 54.21 26.84
CA ILE F 160 15.80 53.41 26.50
C ILE F 160 14.98 54.12 25.41
N SER F 161 14.83 55.43 25.55
CA SER F 161 14.12 56.21 24.54
C SER F 161 14.84 56.13 23.19
N MET F 162 16.16 56.29 23.20
CA MET F 162 16.92 56.40 21.95
C MET F 162 17.10 55.05 21.28
N LYS F 163 17.15 53.98 22.06
CA LYS F 163 17.19 52.65 21.45
C LYS F 163 15.97 52.48 20.55
N LYS F 164 14.79 52.80 21.09
CA LYS F 164 13.54 52.68 20.36
C LYS F 164 13.45 53.70 19.22
N ILE F 165 13.73 54.96 19.52
CA ILE F 165 13.58 56.03 18.53
C ILE F 165 14.51 55.86 17.31
N ALA F 166 15.82 55.75 17.57
CA ALA F 166 16.80 55.69 16.47
C ALA F 166 16.58 54.50 15.53
N HIS F 167 16.36 53.31 16.09
CA HIS F 167 16.16 52.12 15.28
C HIS F 167 14.83 52.13 14.52
N THR F 168 13.78 52.61 15.17
CA THR F 168 12.48 52.70 14.53
C THR F 168 12.53 53.66 13.33
N LEU F 169 13.23 54.78 13.49
CA LEU F 169 13.38 55.74 12.41
C LEU F 169 14.21 55.18 11.25
N ALA F 170 15.28 54.45 11.58
CA ALA F 170 16.24 53.94 10.60
C ALA F 170 15.57 53.14 9.47
N VAL F 171 14.61 52.29 9.80
CA VAL F 171 13.96 51.47 8.78
C VAL F 171 12.71 52.09 8.17
N GLY F 172 12.48 53.38 8.40
CA GLY F 172 11.48 54.07 7.60
C GLY F 172 10.14 54.29 8.26
N ASN F 173 10.09 54.09 9.58
CA ASN F 173 8.90 54.46 10.36
C ASN F 173 9.00 55.91 10.78
N THR F 174 7.85 56.52 11.07
CA THR F 174 7.88 57.80 11.77
C THR F 174 7.42 57.57 13.21
N VAL F 175 7.61 58.59 14.05
CA VAL F 175 7.55 58.41 15.51
C VAL F 175 6.73 59.48 16.23
N VAL F 176 5.86 59.03 17.13
CA VAL F 176 5.25 59.88 18.14
C VAL F 176 5.73 59.37 19.51
N TYR F 177 6.41 60.23 20.25
CA TYR F 177 7.15 59.87 21.45
C TYR F 177 6.56 60.53 22.70
N LYS F 178 6.21 59.72 23.69
CA LYS F 178 5.73 60.25 24.98
C LYS F 178 6.58 59.75 26.12
N PRO F 179 7.43 60.64 26.66
CA PRO F 179 8.31 60.24 27.75
C PRO F 179 7.58 60.09 29.08
N ALA F 180 8.26 59.48 30.05
CA ALA F 180 7.70 59.31 31.39
C ALA F 180 7.49 60.69 32.04
N SER F 181 6.44 60.81 32.85
CA SER F 181 6.09 62.12 33.42
C SER F 181 7.12 62.62 34.43
N ASP F 182 7.93 61.71 34.97
CA ASP F 182 9.01 62.10 35.88
C ASP F 182 10.28 62.50 35.13
N THR F 183 10.38 62.15 33.85
CA THR F 183 11.56 62.58 33.08
C THR F 183 11.22 63.30 31.77
N PRO F 184 10.45 64.41 31.85
CA PRO F 184 10.07 65.13 30.62
C PRO F 184 11.20 65.93 29.97
N VAL F 185 12.10 66.51 30.77
CA VAL F 185 13.16 67.34 30.21
C VAL F 185 14.13 66.50 29.34
N THR F 186 14.36 65.25 29.73
CA THR F 186 15.20 64.38 28.90
C THR F 186 14.57 64.21 27.52
N GLY F 187 13.24 64.06 27.51
CA GLY F 187 12.51 63.92 26.26
C GLY F 187 12.60 65.14 25.36
N TRP F 188 12.54 66.30 25.98
CA TRP F 188 12.66 67.59 25.29
C TRP F 188 14.06 67.78 24.74
N LEU F 189 15.09 67.34 25.48
CA LEU F 189 16.45 67.42 24.96
C LEU F 189 16.62 66.54 23.74
N ILE F 190 15.96 65.39 23.73
CA ILE F 190 16.01 64.48 22.58
C ILE F 190 15.41 65.19 21.35
N ALA F 191 14.30 65.88 21.56
CA ALA F 191 13.66 66.62 20.48
C ALA F 191 14.56 67.72 19.96
N GLN F 192 15.29 68.39 20.86
CA GLN F 192 16.25 69.40 20.41
C GLN F 192 17.31 68.78 19.52
N MET F 193 17.74 67.59 19.89
CA MET F 193 18.75 66.91 19.10
C MET F 193 18.21 66.63 17.70
N VAL F 194 16.99 66.12 17.64
CA VAL F 194 16.39 65.75 16.36
C VAL F 194 16.16 66.98 15.50
N ALA F 195 15.70 68.06 16.13
CA ALA F 195 15.52 69.33 15.43
C ALA F 195 16.82 69.84 14.85
N LYS F 196 17.90 69.81 15.63
CA LYS F 196 19.20 70.31 15.16
C LYS F 196 19.74 69.44 14.04
N ALA F 197 19.37 68.17 14.03
CA ALA F 197 19.81 67.27 12.97
C ALA F 197 19.03 67.52 11.68
N GLY F 198 17.94 68.28 11.81
CA GLY F 198 17.16 68.67 10.65
C GLY F 198 16.34 67.57 9.97
N LEU F 199 15.81 66.62 10.74
CA LEU F 199 14.93 65.62 10.14
C LEU F 199 13.65 66.26 9.64
N PRO F 200 13.10 65.76 8.52
CA PRO F 200 11.91 66.37 7.90
C PRO F 200 10.77 66.48 8.89
N LYS F 201 9.95 67.51 8.76
CA LYS F 201 8.90 67.74 9.75
C LYS F 201 7.93 66.57 9.82
N GLY F 202 7.51 66.25 11.04
CA GLY F 202 6.55 65.20 11.25
C GLY F 202 7.19 63.83 11.41
N VAL F 203 8.47 63.70 11.05
CA VAL F 203 9.11 62.38 11.10
C VAL F 203 9.28 61.93 12.57
N PHE F 204 9.60 62.89 13.43
CA PHE F 204 9.71 62.64 14.86
C PHE F 204 8.90 63.69 15.62
N ASN F 205 8.04 63.25 16.54
CA ASN F 205 7.24 64.18 17.31
C ASN F 205 7.32 63.84 18.80
N LEU F 206 7.35 64.87 19.64
CA LEU F 206 7.39 64.74 21.09
C LEU F 206 6.16 65.36 21.69
N VAL F 207 5.46 64.60 22.54
CA VAL F 207 4.33 65.10 23.32
C VAL F 207 4.50 64.72 24.79
N ILE F 208 4.63 65.74 25.63
CA ILE F 208 4.79 65.57 27.07
C ILE F 208 3.45 65.67 27.78
N GLY F 209 3.05 64.62 28.48
CA GLY F 209 1.74 64.57 29.12
C GLY F 209 1.48 63.24 29.81
N PRO F 210 0.34 63.12 30.51
CA PRO F 210 0.03 61.93 31.32
C PRO F 210 -0.25 60.68 30.47
N GLY F 211 0.39 59.59 30.85
CA GLY F 211 0.18 58.30 30.22
C GLY F 211 -1.27 57.95 29.94
N PRO F 212 -2.14 58.05 30.97
CA PRO F 212 -3.55 57.71 30.78
C PRO F 212 -4.30 58.60 29.79
N VAL F 213 -3.71 59.70 29.36
CA VAL F 213 -4.39 60.57 28.41
C VAL F 213 -3.65 60.59 27.05
N VAL F 214 -2.42 61.09 27.05
CA VAL F 214 -1.61 61.14 25.84
C VAL F 214 -1.23 59.73 25.40
N GLY F 215 -0.75 58.92 26.35
CA GLY F 215 -0.37 57.55 26.04
C GLY F 215 -1.53 56.77 25.46
N GLU F 216 -2.71 56.88 26.07
CA GLU F 216 -3.84 56.09 25.62
C GLU F 216 -4.32 56.49 24.25
N GLU F 217 -4.21 57.79 23.95
CA GLU F 217 -4.56 58.27 22.62
C GLU F 217 -3.66 57.61 21.55
N ILE F 218 -2.35 57.61 21.83
CA ILE F 218 -1.36 56.95 20.97
C ILE F 218 -1.67 55.45 20.78
N VAL F 219 -2.05 54.78 21.87
CA VAL F 219 -2.27 53.35 21.82
C VAL F 219 -3.57 52.99 21.08
N THR F 220 -4.53 53.91 21.06
CA THR F 220 -5.85 53.60 20.48
C THR F 220 -6.10 54.25 19.12
N HIS F 221 -5.22 55.13 18.68
CA HIS F 221 -5.44 55.81 17.41
C HIS F 221 -5.29 54.87 16.20
N LYS F 222 -6.16 55.01 15.21
CA LYS F 222 -6.13 54.09 14.08
C LYS F 222 -4.97 54.36 13.12
N ARG F 223 -4.40 55.56 13.14
CA ARG F 223 -3.24 55.83 12.28
C ARG F 223 -1.90 55.39 12.88
N VAL F 224 -1.91 54.89 14.11
CA VAL F 224 -0.69 54.34 14.71
C VAL F 224 -0.59 52.86 14.37
N ALA F 225 0.56 52.43 13.82
CA ALA F 225 0.71 51.06 13.34
C ALA F 225 1.28 50.10 14.40
N HIS F 226 2.06 50.65 15.33
CA HIS F 226 2.82 49.85 16.27
C HIS F 226 3.10 50.70 17.51
N VAL F 227 3.13 50.06 18.67
CA VAL F 227 3.55 50.75 19.87
C VAL F 227 4.68 49.98 20.52
N THR F 228 5.81 50.64 20.75
CA THR F 228 6.87 50.05 21.55
C THR F 228 6.93 50.72 22.92
N PHE F 229 6.87 49.88 23.96
CA PHE F 229 6.65 50.34 25.33
C PHE F 229 7.61 49.70 26.31
N THR F 230 8.15 50.52 27.21
CA THR F 230 8.89 49.98 28.36
C THR F 230 8.30 50.56 29.64
N GLY F 231 8.02 49.71 30.61
CA GLY F 231 7.41 50.15 31.86
C GLY F 231 6.92 48.99 32.71
N GLU F 232 5.91 49.23 33.54
CA GLU F 232 5.44 48.19 34.43
C GLU F 232 4.60 47.14 33.72
N SER F 233 4.65 45.93 34.24
CA SER F 233 3.99 44.79 33.62
C SER F 233 2.48 45.03 33.56
N SER F 234 1.93 45.65 34.61
CA SER F 234 0.49 45.95 34.64
C SER F 234 0.10 46.93 33.53
N THR F 235 0.93 47.97 33.33
CA THR F 235 0.66 48.93 32.27
C THR F 235 0.74 48.24 30.90
N GLY F 236 1.72 47.37 30.76
CA GLY F 236 1.92 46.67 29.50
C GLY F 236 0.71 45.85 29.11
N ARG F 237 0.10 45.21 30.10
CA ARG F 237 -1.11 44.45 29.87
C ARG F 237 -2.26 45.34 29.41
N GLU F 238 -2.42 46.53 30.00
CA GLU F 238 -3.47 47.44 29.53
C GLU F 238 -3.23 47.90 28.10
N ILE F 239 -2.00 48.27 27.82
CA ILE F 239 -1.62 48.73 26.49
C ILE F 239 -1.87 47.65 25.44
N ALA F 240 -1.42 46.43 25.73
CA ALA F 240 -1.66 45.32 24.83
C ALA F 240 -3.15 45.14 24.55
N ALA F 241 -3.98 45.30 25.58
CA ALA F 241 -5.42 45.13 25.44
C ALA F 241 -6.02 46.23 24.58
N LYS F 242 -5.68 47.48 24.88
CA LYS F 242 -6.14 48.63 24.10
C LYS F 242 -5.66 48.58 22.65
N ALA F 243 -4.45 48.08 22.43
CA ALA F 243 -3.88 48.01 21.09
C ALA F 243 -4.65 47.08 20.15
N ALA F 244 -5.30 46.08 20.74
CA ALA F 244 -6.08 45.10 19.99
C ALA F 244 -7.20 45.72 19.15
N GLY F 245 -7.73 46.85 19.61
CA GLY F 245 -8.85 47.48 18.94
C GLY F 245 -8.63 47.77 17.46
N THR F 246 -7.40 48.15 17.12
CA THR F 246 -7.05 48.45 15.74
C THR F 246 -6.01 47.48 15.22
N LEU F 247 -5.83 46.38 15.94
CA LEU F 247 -4.87 45.34 15.56
C LEU F 247 -3.43 45.87 15.39
N LYS F 248 -3.00 46.81 16.23
CA LYS F 248 -1.61 47.25 16.12
C LYS F 248 -0.73 46.24 16.85
N THR F 249 0.49 46.09 16.36
CA THR F 249 1.45 45.21 17.02
C THR F 249 2.11 46.00 18.16
N VAL F 250 2.72 45.27 19.10
CA VAL F 250 3.40 45.91 20.22
C VAL F 250 4.72 45.23 20.52
N THR F 251 5.65 46.01 21.08
CA THR F 251 6.87 45.51 21.69
C THR F 251 6.76 45.92 23.15
N LEU F 252 6.93 44.98 24.08
CA LEU F 252 6.77 45.32 25.50
C LEU F 252 7.94 44.80 26.32
N GLU F 253 8.60 45.70 27.03
CA GLU F 253 9.63 45.28 27.97
C GLU F 253 9.18 45.72 29.35
N LEU F 254 8.79 44.74 30.23
CA LEU F 254 7.98 45.02 31.42
C LEU F 254 8.73 44.73 32.72
N GLY F 255 10.05 44.84 32.69
CA GLY F 255 10.80 44.66 33.92
C GLY F 255 10.97 43.20 34.29
N GLY F 256 11.65 42.97 35.41
CA GLY F 256 12.02 41.63 35.76
C GLY F 256 12.33 41.46 37.23
N SER F 257 12.67 40.23 37.60
CA SER F 257 13.16 39.91 38.92
C SER F 257 14.30 38.94 38.76
N ASP F 258 15.39 39.43 38.17
CA ASP F 258 16.47 38.56 37.72
C ASP F 258 17.22 37.88 38.85
N PRO F 259 17.47 36.58 38.71
CA PRO F 259 18.32 35.87 39.65
C PRO F 259 19.82 36.02 39.35
N LEU F 260 20.59 36.16 40.42
CA LEU F 260 22.04 36.08 40.34
C LEU F 260 22.43 34.87 41.17
N ILE F 261 22.94 33.85 40.49
CA ILE F 261 23.23 32.56 41.11
C ILE F 261 24.72 32.45 41.36
N ILE F 262 25.11 32.22 42.61
CA ILE F 262 26.53 32.15 42.97
C ILE F 262 26.88 30.75 43.49
N LEU F 263 27.77 30.06 42.78
CA LEU F 263 28.08 28.69 43.12
C LEU F 263 29.29 28.63 44.05
N ASP F 264 29.65 27.43 44.49
CA ASP F 264 30.64 27.29 45.58
C ASP F 264 32.11 27.35 45.13
N ASP F 265 32.36 27.34 43.82
CA ASP F 265 33.74 27.38 43.35
C ASP F 265 34.20 28.78 42.94
N VAL F 266 33.39 29.80 43.24
CA VAL F 266 33.73 31.18 42.86
C VAL F 266 34.82 31.80 43.73
N ASP F 267 35.42 32.87 43.21
CA ASP F 267 36.16 33.83 44.01
C ASP F 267 35.13 34.63 44.80
N VAL F 268 34.98 34.34 46.08
CA VAL F 268 33.85 34.87 46.85
C VAL F 268 33.90 36.39 46.99
N ASP F 269 35.09 36.96 47.16
CA ASP F 269 35.20 38.41 47.25
C ASP F 269 34.76 39.06 45.92
N TYR F 270 35.26 38.53 44.82
CA TYR F 270 34.86 39.02 43.51
C TYR F 270 33.35 38.90 43.32
N ALA F 271 32.79 37.75 43.70
CA ALA F 271 31.35 37.53 43.56
C ALA F 271 30.56 38.55 44.37
N ALA F 272 31.03 38.88 45.56
CA ALA F 272 30.36 39.90 46.36
C ALA F 272 30.44 41.28 45.68
N ARG F 273 31.60 41.63 45.12
CA ARG F 273 31.74 42.92 44.47
C ARG F 273 30.81 43.01 43.26
N LEU F 274 30.75 41.93 42.50
CA LEU F 274 29.88 41.87 41.33
C LEU F 274 28.43 41.96 41.76
N ALA F 275 28.08 41.22 42.81
CA ALA F 275 26.70 41.21 43.29
C ALA F 275 26.25 42.59 43.75
N VAL F 276 27.15 43.35 44.37
CA VAL F 276 26.75 44.68 44.85
C VAL F 276 26.44 45.62 43.67
N PHE F 277 27.36 45.67 42.71
CA PHE F 277 27.13 46.41 41.48
C PHE F 277 25.82 45.95 40.79
N ALA F 278 25.66 44.65 40.57
CA ALA F 278 24.51 44.18 39.81
C ALA F 278 23.17 44.43 40.50
N SER F 279 23.14 44.32 41.84
CA SER F 279 21.86 44.38 42.56
C SER F 279 21.46 45.79 42.95
N LEU F 280 22.40 46.72 42.99
CA LEU F 280 22.12 48.03 43.58
C LEU F 280 22.55 49.24 42.75
N PHE F 281 23.16 49.02 41.59
CA PHE F 281 23.48 50.16 40.72
C PHE F 281 22.18 50.88 40.37
N HIS F 282 22.28 52.21 40.28
CA HIS F 282 21.12 53.10 40.15
C HIS F 282 20.01 52.77 41.17
N GLN F 283 20.43 52.44 42.39
CA GLN F 283 19.52 52.15 43.50
C GLN F 283 18.59 50.96 43.18
N GLY F 284 19.06 50.08 42.30
CA GLY F 284 18.30 48.90 41.92
C GLY F 284 17.13 49.20 41.00
N GLN F 285 17.08 50.43 40.50
CA GLN F 285 16.01 50.85 39.60
C GLN F 285 16.37 50.49 38.16
N ILE F 286 16.57 49.20 37.90
CA ILE F 286 16.98 48.71 36.58
C ILE F 286 16.17 47.44 36.30
N CYS F 287 15.66 47.30 35.09
CA CYS F 287 14.77 46.17 34.79
C CYS F 287 15.55 44.87 34.94
N THR F 288 16.83 44.95 34.63
CA THR F 288 17.71 43.79 34.70
C THR F 288 18.62 43.86 35.92
N SER F 289 18.17 44.56 36.96
CA SER F 289 18.87 44.48 38.23
C SER F 289 18.85 43.05 38.77
N ALA F 290 19.96 42.64 39.38
CA ALA F 290 20.04 41.39 40.13
C ALA F 290 19.17 41.52 41.38
N LYS F 291 17.88 41.17 41.25
CA LYS F 291 16.91 41.42 42.30
C LYS F 291 16.71 40.29 43.29
N ARG F 292 17.21 39.11 42.97
CA ARG F 292 17.08 37.96 43.87
C ARG F 292 18.42 37.23 43.86
N ILE F 293 19.15 37.34 44.96
CA ILE F 293 20.48 36.75 45.03
C ILE F 293 20.39 35.34 45.62
N ILE F 294 20.97 34.39 44.89
CA ILE F 294 20.87 32.98 45.23
C ILE F 294 22.27 32.40 45.39
N VAL F 295 22.61 32.01 46.63
CA VAL F 295 23.98 31.58 46.92
C VAL F 295 24.03 30.14 47.43
N HIS F 296 25.07 29.41 47.01
CA HIS F 296 25.32 28.05 47.47
C HIS F 296 25.75 28.03 48.95
N LYS F 297 25.16 27.13 49.73
CA LYS F 297 25.46 27.02 51.18
C LYS F 297 26.97 27.00 51.49
N ALA F 298 27.77 26.32 50.65
CA ALA F 298 29.19 26.15 50.94
C ALA F 298 29.97 27.46 50.99
N VAL F 299 29.42 28.53 50.40
CA VAL F 299 30.11 29.81 50.46
C VAL F 299 29.19 30.90 51.02
N ALA F 300 27.98 30.53 51.42
CA ALA F 300 26.94 31.51 51.76
C ALA F 300 27.35 32.46 52.89
N ASP F 301 27.93 31.91 53.97
CA ASP F 301 28.32 32.74 55.10
C ASP F 301 29.36 33.80 54.72
N LYS F 302 30.41 33.37 54.05
CA LYS F 302 31.45 34.28 53.63
C LYS F 302 30.90 35.28 52.61
N PHE F 303 30.06 34.80 51.68
CA PHE F 303 29.48 35.67 50.67
C PHE F 303 28.67 36.79 51.32
N ILE F 304 27.74 36.39 52.18
CA ILE F 304 26.85 37.33 52.85
C ILE F 304 27.67 38.37 53.62
N GLU F 305 28.69 37.91 54.35
CA GLU F 305 29.57 38.82 55.09
C GLU F 305 30.22 39.86 54.18
N ARG F 306 30.78 39.39 53.07
CA ARG F 306 31.50 40.25 52.15
C ARG F 306 30.53 41.19 51.42
N TYR F 307 29.37 40.68 51.04
CA TYR F 307 28.35 41.49 50.37
C TYR F 307 27.89 42.65 51.27
N VAL F 308 27.52 42.34 52.51
CA VAL F 308 27.11 43.38 53.45
C VAL F 308 28.25 44.38 53.64
N HIS F 309 29.48 43.86 53.70
CA HIS F 309 30.66 44.71 53.87
C HIS F 309 30.76 45.78 52.78
N TYR F 310 30.58 45.37 51.53
CA TYR F 310 30.68 46.31 50.41
C TYR F 310 29.43 47.19 50.33
N VAL F 311 28.27 46.64 50.69
CA VAL F 311 27.06 47.46 50.73
C VAL F 311 27.25 48.60 51.73
N LYS F 312 27.84 48.29 52.87
CA LYS F 312 28.14 49.28 53.90
C LYS F 312 29.03 50.41 53.38
N MET F 313 29.88 50.09 52.40
CA MET F 313 30.82 51.07 51.85
C MET F 313 30.19 52.03 50.84
N LEU F 314 28.97 51.73 50.39
CA LEU F 314 28.32 52.58 49.40
C LEU F 314 28.07 53.97 49.93
N ARG F 315 28.44 54.97 49.14
CA ARG F 315 28.24 56.36 49.51
C ARG F 315 26.98 56.93 48.87
N ILE F 316 26.03 57.27 49.73
CA ILE F 316 24.74 57.80 49.31
C ILE F 316 24.69 59.29 49.57
N ASP F 317 24.40 60.06 48.53
CA ASP F 317 24.52 61.51 48.63
C ASP F 317 23.80 62.18 47.49
N ASP F 318 23.72 63.52 47.57
CA ASP F 318 23.31 64.36 46.46
C ASP F 318 24.17 64.02 45.24
N PRO F 319 23.55 63.53 44.17
CA PRO F 319 24.37 63.12 43.02
C PRO F 319 25.02 64.31 42.28
N ARG F 320 24.58 65.53 42.54
CA ARG F 320 25.24 66.71 41.94
C ARG F 320 26.58 67.01 42.60
N LYS F 321 26.83 66.46 43.79
CA LYS F 321 27.99 66.89 44.59
C LYS F 321 29.35 66.64 43.93
N ASP F 322 29.59 65.41 43.49
CA ASP F 322 30.84 65.06 42.85
C ASP F 322 30.67 63.76 42.05
N GLU F 323 31.73 63.36 41.37
CA GLU F 323 31.67 62.25 40.44
C GLU F 323 31.74 60.90 41.12
N LYS F 324 31.98 60.90 42.43
CA LYS F 324 32.25 59.66 43.16
C LYS F 324 31.06 59.15 43.97
N VAL F 325 29.95 59.86 43.97
CA VAL F 325 28.76 59.38 44.66
C VAL F 325 28.34 58.02 44.10
N ASP F 326 28.00 57.07 44.97
CA ASP F 326 27.60 55.74 44.52
C ASP F 326 26.11 55.65 44.25
N LEU F 327 25.31 56.22 45.14
CA LEU F 327 23.85 56.12 45.04
C LEU F 327 23.19 57.47 45.26
N GLY F 328 22.21 57.80 44.42
CA GLY F 328 21.41 58.99 44.59
C GLY F 328 20.06 58.62 45.17
N PRO F 329 19.07 59.49 45.04
CA PRO F 329 17.71 59.25 45.55
C PRO F 329 16.90 58.34 44.65
N LEU F 330 15.77 57.86 45.16
CA LEU F 330 14.77 57.21 44.32
C LEU F 330 14.00 58.33 43.62
N ILE F 331 13.23 57.99 42.58
CA ILE F 331 12.70 59.01 41.69
C ILE F 331 11.61 59.86 42.36
N ASN F 332 10.89 59.29 43.32
CA ASN F 332 9.86 60.07 44.00
C ASN F 332 9.41 59.42 45.31
N GLU F 333 8.45 60.06 45.98
CA GLU F 333 7.97 59.64 47.30
C GLU F 333 7.25 58.30 47.26
N ARG F 334 6.53 58.06 46.17
CA ARG F 334 5.80 56.82 45.98
C ARG F 334 6.75 55.61 45.96
N GLN F 335 7.93 55.78 45.38
CA GLN F 335 8.93 54.72 45.36
C GLN F 335 9.44 54.40 46.77
N VAL F 336 9.67 55.44 47.55
CA VAL F 336 10.12 55.22 48.93
C VAL F 336 9.05 54.50 49.71
N ALA F 337 7.80 54.91 49.54
CA ALA F 337 6.69 54.28 50.26
C ALA F 337 6.56 52.81 49.87
N LEU F 338 6.83 52.51 48.61
CA LEU F 338 6.70 51.12 48.16
C LEU F 338 7.81 50.30 48.78
N MET F 339 9.03 50.85 48.76
CA MET F 339 10.15 50.15 49.37
C MET F 339 9.87 49.92 50.86
N LYS F 340 9.16 50.85 51.49
CA LYS F 340 8.79 50.65 52.91
C LYS F 340 7.83 49.47 53.04
N GLU F 341 6.87 49.35 52.10
CA GLU F 341 5.95 48.21 52.13
C GLU F 341 6.69 46.88 52.02
N PHE F 342 7.72 46.85 51.17
CA PHE F 342 8.53 45.66 50.98
C PHE F 342 9.30 45.30 52.26
N VAL F 343 9.89 46.31 52.90
CA VAL F 343 10.62 46.11 54.16
C VAL F 343 9.67 45.62 55.25
N ASP F 344 8.53 46.30 55.38
CA ASP F 344 7.50 45.96 56.36
C ASP F 344 7.03 44.51 56.21
N ASP F 345 6.86 44.07 54.96
CA ASP F 345 6.41 42.71 54.70
C ASP F 345 7.48 41.69 55.08
N ALA F 346 8.72 41.97 54.76
CA ALA F 346 9.82 41.04 55.03
C ALA F 346 10.03 40.82 56.55
N VAL F 347 10.07 41.91 57.31
CA VAL F 347 10.22 41.85 58.77
C VAL F 347 9.08 41.04 59.35
N SER F 348 7.88 41.36 58.89
CA SER F 348 6.67 40.73 59.40
C SER F 348 6.62 39.21 59.13
N ARG F 349 7.38 38.77 58.14
CA ARG F 349 7.41 37.34 57.78
C ARG F 349 8.63 36.66 58.33
N GLY F 350 9.42 37.39 59.12
CA GLY F 350 10.52 36.77 59.83
C GLY F 350 11.88 36.99 59.23
N GLY F 351 11.94 37.84 58.21
CA GLY F 351 13.21 38.17 57.60
C GLY F 351 14.16 38.82 58.59
N ARG F 352 15.45 38.60 58.39
CA ARG F 352 16.44 39.30 59.18
C ARG F 352 17.05 40.45 58.39
N LEU F 353 16.86 41.66 58.88
CA LEU F 353 17.37 42.86 58.23
C LEU F 353 18.84 43.10 58.58
N LEU F 354 19.74 42.67 57.70
CA LEU F 354 21.17 42.72 58.00
C LEU F 354 21.72 44.13 58.00
N ILE F 355 21.15 45.00 57.17
CA ILE F 355 21.64 46.37 57.07
C ILE F 355 20.66 47.21 56.26
N GLY F 356 20.62 48.52 56.52
CA GLY F 356 19.82 49.44 55.72
C GLY F 356 18.36 49.53 56.08
N GLY F 357 17.64 50.35 55.30
CA GLY F 357 16.24 50.58 55.54
C GLY F 357 15.96 52.04 55.85
N ARG F 358 16.98 52.78 56.26
CA ARG F 358 16.81 54.19 56.58
C ARG F 358 16.39 54.95 55.34
N SER F 359 15.45 55.88 55.51
CA SER F 359 15.06 56.70 54.39
C SER F 359 14.79 58.12 54.84
N TRP F 360 15.11 59.07 53.97
CA TRP F 360 14.89 60.48 54.26
C TRP F 360 14.64 61.19 52.94
N GLY F 361 13.52 61.90 52.83
CA GLY F 361 13.10 62.42 51.55
C GLY F 361 12.97 61.26 50.58
N ASN F 362 13.55 61.40 49.38
CA ASN F 362 13.49 60.32 48.39
C ASN F 362 14.70 59.39 48.48
N PHE F 363 15.57 59.64 49.45
CA PHE F 363 16.74 58.79 49.66
C PHE F 363 16.42 57.55 50.48
N PHE F 364 17.14 56.46 50.17
CA PHE F 364 16.90 55.15 50.78
C PHE F 364 18.20 54.34 50.83
N GLU F 365 18.63 54.00 52.03
CA GLU F 365 19.80 53.16 52.22
CA GLU F 365 19.79 53.16 52.21
C GLU F 365 19.44 51.69 51.96
N PRO F 366 20.16 51.04 51.02
CA PRO F 366 19.88 49.65 50.64
C PRO F 366 19.62 48.71 51.82
N ALA F 367 18.45 48.10 51.82
CA ALA F 367 18.02 47.16 52.85
C ALA F 367 18.20 45.72 52.38
N ILE F 368 19.11 45.00 53.03
CA ILE F 368 19.45 43.63 52.68
C ILE F 368 18.85 42.61 53.66
N PHE F 369 18.12 41.62 53.13
CA PHE F 369 17.44 40.60 53.95
C PHE F 369 17.98 39.19 53.74
N VAL F 370 18.06 38.43 54.83
CA VAL F 370 18.20 36.97 54.76
C VAL F 370 17.05 36.35 55.58
N ASP F 371 17.07 35.03 55.74
CA ASP F 371 15.95 34.28 56.35
C ASP F 371 14.67 34.58 55.59
N VAL F 372 14.78 34.52 54.27
CA VAL F 372 13.70 34.84 53.37
C VAL F 372 13.07 33.54 52.85
N ASP F 373 11.78 33.52 52.53
CA ASP F 373 11.20 32.39 51.82
C ASP F 373 10.32 32.86 50.67
N ARG F 374 9.72 31.92 49.94
CA ARG F 374 9.09 32.21 48.66
C ARG F 374 7.83 33.05 48.79
N ASN F 375 7.29 33.17 50.00
CA ASN F 375 6.08 33.98 50.18
C ASN F 375 6.34 35.47 50.43
N PHE F 376 7.60 35.86 50.63
CA PHE F 376 7.93 37.27 50.80
C PHE F 376 7.56 38.08 49.56
N ARG F 377 7.02 39.28 49.75
CA ARG F 377 6.76 40.15 48.60
C ARG F 377 8.02 40.43 47.78
N ILE F 378 9.17 40.52 48.43
CA ILE F 378 10.41 40.78 47.69
C ILE F 378 10.92 39.55 46.94
N MET F 379 10.28 38.41 47.11
CA MET F 379 10.56 37.24 46.27
C MET F 379 9.51 37.07 45.18
N ARG F 380 8.33 37.69 45.39
CA ARG F 380 7.17 37.44 44.53
C ARG F 380 6.91 38.54 43.52
N GLU F 381 7.48 39.71 43.76
CA GLU F 381 7.20 40.90 42.95
C GLU F 381 8.50 41.50 42.47
N GLU F 382 8.43 42.32 41.40
CA GLU F 382 9.61 43.08 41.01
C GLU F 382 9.86 44.14 42.05
N VAL F 383 11.07 44.17 42.61
CA VAL F 383 11.43 45.19 43.59
C VAL F 383 12.28 46.24 42.89
N PHE F 384 11.63 47.29 42.42
CA PHE F 384 12.29 48.27 41.56
C PHE F 384 12.94 49.34 42.43
N GLY F 385 13.89 48.92 43.25
CA GLY F 385 14.52 49.80 44.21
C GLY F 385 15.44 49.02 45.12
N PRO F 386 16.05 49.71 46.10
CA PRO F 386 17.18 49.13 46.81
C PRO F 386 16.78 48.27 48.03
N VAL F 387 15.98 47.24 47.80
CA VAL F 387 15.69 46.23 48.83
C VAL F 387 15.99 44.86 48.21
N ARG F 388 16.90 44.10 48.81
CA ARG F 388 17.35 42.86 48.18
C ARG F 388 17.39 41.66 49.13
N PRO F 389 16.78 40.54 48.73
CA PRO F 389 16.89 39.26 49.43
C PRO F 389 18.09 38.44 48.98
N ILE F 390 18.70 37.76 49.93
CA ILE F 390 19.72 36.76 49.63
C ILE F 390 19.19 35.42 50.11
N VAL F 391 19.14 34.44 49.20
CA VAL F 391 18.59 33.13 49.52
C VAL F 391 19.70 32.08 49.45
N VAL F 392 19.71 31.15 50.40
CA VAL F 392 20.75 30.13 50.43
C VAL F 392 20.18 28.82 49.91
N VAL F 393 20.92 28.16 49.02
CA VAL F 393 20.48 26.89 48.45
C VAL F 393 21.53 25.82 48.64
N GLU F 394 21.09 24.56 48.67
CA GLU F 394 21.98 23.46 48.97
C GLU F 394 22.68 22.90 47.74
N ASN F 395 22.07 23.05 46.57
CA ASN F 395 22.66 22.53 45.34
C ASN F 395 22.16 23.25 44.09
N ASP F 396 22.67 22.86 42.93
CA ASP F 396 22.30 23.51 41.68
C ASP F 396 20.82 23.35 41.33
N ASP F 397 20.25 22.18 41.61
CA ASP F 397 18.83 21.94 41.37
C ASP F 397 17.98 22.99 42.09
N GLN F 398 18.30 23.20 43.35
CA GLN F 398 17.59 24.18 44.18
C GLN F 398 17.82 25.58 43.65
N ALA F 399 19.04 25.86 43.23
CA ALA F 399 19.36 27.18 42.68
C ALA F 399 18.45 27.47 41.50
N VAL F 400 18.32 26.51 40.60
CA VAL F 400 17.46 26.64 39.43
C VAL F 400 16.00 26.74 39.83
N GLU F 401 15.58 25.92 40.77
CA GLU F 401 14.21 25.96 41.26
C GLU F 401 13.84 27.35 41.80
N VAL F 402 14.72 27.92 42.61
CA VAL F 402 14.45 29.25 43.15
C VAL F 402 14.51 30.31 42.04
N ALA F 403 15.54 30.22 41.21
CA ALA F 403 15.67 31.13 40.05
C ALA F 403 14.38 31.22 39.22
N ASN F 404 13.76 30.08 38.95
CA ASN F 404 12.57 30.05 38.11
C ASN F 404 11.26 30.32 38.82
N ASP F 405 11.30 30.35 40.16
CA ASP F 405 10.09 30.54 40.95
C ASP F 405 9.69 32.03 40.99
N THR F 406 9.31 32.53 39.82
CA THR F 406 8.96 33.94 39.61
C THR F 406 8.00 34.07 38.42
N ASP F 407 7.21 35.12 38.37
CA ASP F 407 6.37 35.35 37.20
C ASP F 407 7.15 36.01 36.08
N TYR F 408 8.33 36.55 36.42
CA TYR F 408 9.16 37.28 35.46
C TYR F 408 10.16 36.38 34.74
N GLY F 409 10.86 36.94 33.76
CA GLY F 409 11.84 36.18 33.01
C GLY F 409 12.65 37.06 32.08
N LEU F 410 13.31 38.08 32.61
CA LEU F 410 14.00 39.02 31.75
C LEU F 410 15.43 38.56 31.52
N SER F 411 16.26 38.74 32.53
CA SER F 411 17.64 38.30 32.45
C SER F 411 18.01 37.37 33.62
N GLY F 412 19.30 37.22 33.88
CA GLY F 412 19.77 36.29 34.89
C GLY F 412 21.25 36.01 34.67
N ALA F 413 21.90 35.47 35.69
CA ALA F 413 23.33 35.21 35.61
C ALA F 413 23.76 34.13 36.59
N VAL F 414 24.87 33.49 36.28
CA VAL F 414 25.49 32.52 37.18
C VAL F 414 26.98 32.77 37.28
N LEU F 415 27.49 32.74 38.51
CA LEU F 415 28.93 32.83 38.72
C LEU F 415 29.45 31.44 39.09
N THR F 416 30.38 30.94 38.28
CA THR F 416 31.02 29.65 38.51
C THR F 416 32.18 29.49 37.53
N ASN F 417 33.13 28.63 37.85
CA ASN F 417 34.26 28.38 36.95
C ASN F 417 34.09 27.06 36.25
N ASN F 418 33.00 26.38 36.56
CA ASN F 418 32.76 25.05 36.04
C ASN F 418 31.90 25.11 34.77
N VAL F 419 32.45 24.66 33.64
CA VAL F 419 31.75 24.83 32.37
C VAL F 419 30.44 24.03 32.34
N ASN F 420 30.41 22.84 32.94
CA ASN F 420 29.18 22.06 32.94
C ASN F 420 28.07 22.68 33.80
N ARG F 421 28.42 23.12 35.00
CA ARG F 421 27.43 23.75 35.87
C ARG F 421 26.93 25.05 35.25
N ALA F 422 27.86 25.84 34.69
CA ALA F 422 27.46 27.10 34.05
C ALA F 422 26.43 26.85 32.94
N PHE F 423 26.73 25.92 32.04
CA PHE F 423 25.86 25.70 30.89
C PHE F 423 24.54 25.04 31.26
N ARG F 424 24.55 24.12 32.23
CA ARG F 424 23.31 23.47 32.63
CA ARG F 424 23.31 23.47 32.64
C ARG F 424 22.38 24.46 33.30
N ILE F 425 22.95 25.34 34.13
CA ILE F 425 22.14 26.36 34.80
C ILE F 425 21.62 27.38 33.76
N ALA F 426 22.50 27.84 32.86
CA ALA F 426 22.06 28.77 31.81
C ALA F 426 20.88 28.20 31.02
N GLU F 427 21.01 26.93 30.65
CA GLU F 427 19.96 26.27 29.90
C GLU F 427 18.64 26.13 30.67
N ALA F 428 18.72 25.90 31.99
CA ALA F 428 17.51 25.59 32.74
C ALA F 428 16.76 26.83 33.26
N VAL F 429 17.45 27.96 33.38
CA VAL F 429 16.79 29.18 33.86
C VAL F 429 15.90 29.76 32.77
N GLU F 430 14.67 30.10 33.15
CA GLU F 430 13.69 30.56 32.17
C GLU F 430 13.81 32.07 32.06
N SER F 431 14.59 32.55 31.10
CA SER F 431 14.76 33.99 30.90
C SER F 431 15.02 34.28 29.43
N GLY F 432 14.79 35.52 29.01
CA GLY F 432 15.05 35.90 27.64
C GLY F 432 16.52 36.16 27.38
N MET F 433 17.26 36.42 28.46
CA MET F 433 18.69 36.72 28.38
C MET F 433 19.41 36.06 29.56
N PHE F 434 20.69 35.75 29.39
CA PHE F 434 21.42 35.10 30.48
C PHE F 434 22.90 35.35 30.32
N HIS F 435 23.58 35.51 31.45
CA HIS F 435 25.00 35.84 31.42
C HIS F 435 25.82 34.99 32.38
N ILE F 436 26.87 34.36 31.86
CA ILE F 436 27.77 33.56 32.67
C ILE F 436 28.95 34.44 33.09
N ASN F 437 29.19 34.48 34.40
CA ASN F 437 30.27 35.27 35.00
C ASN F 437 30.25 36.76 34.66
N ASP F 438 29.06 37.34 34.66
CA ASP F 438 28.94 38.79 34.56
C ASP F 438 27.65 39.27 35.23
N VAL F 439 27.44 40.58 35.24
CA VAL F 439 26.24 41.17 35.82
C VAL F 439 24.99 40.77 35.03
N THR F 440 23.84 40.83 35.70
CA THR F 440 22.57 40.53 35.06
C THR F 440 22.14 41.60 34.05
N PHE F 441 22.61 42.82 34.23
CA PHE F 441 22.16 43.86 33.33
C PHE F 441 23.08 44.18 32.16
N LEU F 442 23.94 43.23 31.78
CA LEU F 442 24.71 43.40 30.53
C LEU F 442 23.80 43.78 29.35
N GLU F 443 24.29 44.68 28.50
CA GLU F 443 23.49 45.13 27.36
C GLU F 443 24.40 45.74 26.31
N GLU F 444 24.15 45.39 25.05
CA GLU F 444 24.88 46.00 23.95
C GLU F 444 23.87 46.54 22.95
N SER F 445 24.32 47.36 22.02
CA SER F 445 23.40 48.09 21.16
C SER F 445 22.72 47.22 20.11
N HIS F 446 23.34 46.09 19.77
CA HIS F 446 22.92 45.30 18.60
C HIS F 446 22.47 43.87 18.93
N VAL F 447 22.22 43.60 20.20
CA VAL F 447 21.83 42.27 20.65
C VAL F 447 20.33 42.25 20.94
N PRO F 448 19.71 41.06 20.92
CA PRO F 448 18.28 41.04 21.19
C PRO F 448 17.98 41.16 22.69
N PHE F 449 17.44 42.30 23.08
CA PHE F 449 17.13 42.58 24.49
C PHE F 449 15.64 42.43 24.73
N GLY F 450 15.26 41.61 25.69
CA GLY F 450 13.86 41.39 26.01
C GLY F 450 13.67 40.14 26.84
N GLY F 451 12.43 39.89 27.26
CA GLY F 451 12.16 38.81 28.19
C GLY F 451 11.06 37.85 27.78
N ILE F 452 10.76 36.92 28.69
CA ILE F 452 9.64 36.00 28.52
C ILE F 452 8.73 36.12 29.74
N LYS F 453 7.64 35.35 29.75
CA LYS F 453 6.71 35.32 30.87
C LYS F 453 6.16 36.74 31.12
N ALA F 454 6.16 37.21 32.37
CA ALA F 454 5.58 38.53 32.64
C ALA F 454 6.49 39.69 32.21
N SER F 455 7.71 39.38 31.78
CA SER F 455 8.67 40.43 31.44
C SER F 455 8.46 41.06 30.06
N GLY F 456 7.52 40.54 29.28
CA GLY F 456 7.12 41.20 28.06
C GLY F 456 7.25 40.36 26.80
N VAL F 457 7.13 41.02 25.66
CA VAL F 457 7.18 40.35 24.37
C VAL F 457 8.05 41.15 23.39
N GLY F 458 8.76 40.44 22.53
CA GLY F 458 9.60 41.07 21.52
C GLY F 458 11.02 41.32 21.98
N ARG F 459 11.85 41.79 21.06
CA ARG F 459 13.26 42.05 21.30
C ARG F 459 13.62 43.39 20.69
N GLU F 460 14.51 44.13 21.35
CA GLU F 460 15.00 45.39 20.77
C GLU F 460 16.51 45.42 20.83
N GLY F 461 17.12 46.16 19.90
CA GLY F 461 18.55 46.15 19.70
C GLY F 461 18.88 45.80 18.24
N GLY F 462 19.54 46.72 17.54
CA GLY F 462 19.94 46.47 16.17
C GLY F 462 18.84 45.92 15.26
N GLU F 463 19.15 44.85 14.53
CA GLU F 463 18.19 44.30 13.59
CA GLU F 463 18.21 44.26 13.58
C GLU F 463 16.96 43.71 14.29
N TRP F 464 17.09 43.38 15.57
CA TRP F 464 15.91 42.88 16.30
C TRP F 464 14.86 44.00 16.44
N SER F 465 15.31 45.23 16.62
CA SER F 465 14.39 46.36 16.58
C SER F 465 13.74 46.48 15.19
N PHE F 466 14.54 46.27 14.16
CA PHE F 466 14.03 46.31 12.80
C PHE F 466 12.92 45.27 12.60
N HIS F 467 13.13 44.05 13.11
CA HIS F 467 12.13 42.99 13.01
C HIS F 467 10.80 43.47 13.60
N GLU F 468 10.88 44.19 14.73
CA GLU F 468 9.69 44.62 15.47
C GLU F 468 8.86 45.64 14.71
N THR F 469 9.51 46.51 13.93
CA THR F 469 8.80 47.64 13.32
C THR F 469 8.86 47.61 11.79
N THR F 470 9.01 46.41 11.23
CA THR F 470 8.80 46.19 9.81
C THR F 470 7.92 44.96 9.62
N TYR F 471 7.45 44.73 8.39
CA TYR F 471 6.82 43.47 8.08
C TYR F 471 7.40 42.90 6.79
N ASP F 472 7.27 41.57 6.65
CA ASP F 472 7.65 40.85 5.44
C ASP F 472 6.56 40.96 4.38
N ARG F 473 6.96 41.05 3.15
CA ARG F 473 6.04 41.18 2.04
C ARG F 473 6.42 40.24 0.88
N TRP F 474 5.73 39.11 0.81
CA TRP F 474 6.00 38.12 -0.25
C TRP F 474 5.49 38.64 -1.59
N VAL F 475 6.36 38.64 -2.59
CA VAL F 475 5.97 39.07 -3.94
C VAL F 475 6.43 38.03 -4.94
N THR F 476 5.59 37.70 -5.92
CA THR F 476 5.99 36.78 -6.96
C THR F 476 5.77 37.36 -8.35
N VAL F 477 6.52 36.82 -9.30
CA VAL F 477 6.32 37.07 -10.73
C VAL F 477 6.23 35.72 -11.39
N THR F 478 5.15 35.48 -12.12
CA THR F 478 4.96 34.22 -12.81
C THR F 478 5.20 34.45 -14.30
N LEU F 479 6.07 33.65 -14.90
CA LEU F 479 6.53 33.94 -16.26
C LEU F 479 5.90 33.08 -17.35
N ARG F 480 4.97 32.20 -16.99
CA ARG F 480 4.32 31.30 -17.94
C ARG F 480 2.83 31.30 -17.70
N THR F 481 2.05 31.06 -18.75
CA THR F 481 0.62 30.88 -18.57
C THR F 481 0.36 29.43 -18.21
N ARG F 482 -0.76 29.16 -17.55
CA ARG F 482 -1.16 27.78 -17.32
C ARG F 482 -2.66 27.62 -17.45
N ARG F 483 -3.11 26.37 -17.50
CA ARG F 483 -4.52 26.04 -17.49
C ARG F 483 -5.01 26.03 -16.04
N PHE F 484 -6.27 26.39 -15.83
CA PHE F 484 -6.86 26.41 -14.49
C PHE F 484 -7.94 25.33 -14.34
N PRO F 485 -8.22 24.89 -13.10
CA PRO F 485 -9.16 23.77 -12.91
C PRO F 485 -10.64 24.08 -13.17
N ILE F 486 -11.07 25.33 -13.04
CA ILE F 486 -12.45 25.70 -13.38
C ILE F 486 -12.44 26.76 -14.48
N PRO F 487 -13.42 26.72 -15.40
CA PRO F 487 -14.43 25.68 -15.60
C PRO F 487 -13.82 24.38 -16.13
N SER F 488 -14.26 23.23 -15.62
CA SER F 488 -13.70 21.97 -16.08
C SER F 488 -14.07 21.67 -17.53
N ALA F 489 -15.12 22.30 -18.03
CA ALA F 489 -15.58 22.08 -19.40
C ALA F 489 -14.60 22.59 -20.46
N LEU F 490 -13.59 23.36 -20.05
CA LEU F 490 -12.54 23.82 -20.97
C LEU F 490 -11.41 22.80 -21.13
N LYS F 491 -10.93 22.65 -22.36
N MET G 7 32.99 -11.25 -9.30
CA MET G 7 32.19 -10.02 -9.25
C MET G 7 32.75 -8.96 -10.21
N LYS G 8 31.87 -8.43 -11.06
CA LYS G 8 32.29 -7.53 -12.12
C LYS G 8 31.59 -6.17 -12.01
N VAL G 9 32.38 -5.14 -11.75
CA VAL G 9 31.83 -3.80 -11.61
C VAL G 9 32.18 -2.99 -12.85
N ALA G 10 31.48 -1.88 -13.05
CA ALA G 10 31.63 -1.10 -14.27
C ALA G 10 31.56 0.40 -13.97
N ASN G 11 31.93 1.22 -14.93
CA ASN G 11 31.62 2.64 -14.87
C ASN G 11 30.12 2.87 -14.99
N TYR G 12 29.66 4.04 -14.59
CA TYR G 12 28.27 4.46 -14.83
C TYR G 12 28.28 5.81 -15.52
N ILE G 13 27.98 5.81 -16.81
CA ILE G 13 28.11 7.02 -17.61
C ILE G 13 26.85 7.25 -18.44
N ASN G 14 26.26 8.43 -18.26
CA ASN G 14 25.04 8.83 -18.97
C ASN G 14 23.95 7.77 -18.86
N GLY G 15 23.72 7.29 -17.65
CA GLY G 15 22.61 6.38 -17.38
C GLY G 15 22.88 4.91 -17.71
N GLU G 16 24.09 4.61 -18.14
CA GLU G 16 24.46 3.26 -18.56
C GLU G 16 25.64 2.70 -17.78
N PHE G 17 25.54 1.47 -17.29
CA PHE G 17 26.71 0.75 -16.77
C PHE G 17 27.50 0.14 -17.93
N LYS G 18 28.80 0.43 -17.97
CA LYS G 18 29.63 0.03 -19.09
C LYS G 18 31.12 -0.03 -18.78
N GLU G 19 31.81 -0.86 -19.54
CA GLU G 19 33.26 -1.03 -19.47
C GLU G 19 34.01 0.22 -19.88
N PRO G 20 35.27 0.36 -19.44
CA PRO G 20 36.11 1.41 -20.03
C PRO G 20 36.24 1.19 -21.52
N SER G 21 36.49 2.28 -22.25
CA SER G 21 36.69 2.23 -23.69
C SER G 21 37.70 1.15 -24.09
N THR G 22 38.85 1.10 -23.41
CA THR G 22 39.90 0.13 -23.72
C THR G 22 39.60 -1.29 -23.25
N GLY G 23 38.68 -1.43 -22.31
CA GLY G 23 38.37 -2.75 -21.76
C GLY G 23 39.30 -3.17 -20.64
N ALA G 24 40.33 -2.37 -20.36
CA ALA G 24 41.30 -2.68 -19.32
C ALA G 24 40.66 -2.81 -17.93
N PHE G 25 41.12 -3.78 -17.16
CA PHE G 25 40.62 -3.97 -15.80
C PHE G 25 41.75 -4.30 -14.82
N GLN G 26 41.44 -4.18 -13.53
CA GLN G 26 42.35 -4.54 -12.45
C GLN G 26 41.60 -5.38 -11.46
N VAL G 27 42.32 -6.09 -10.60
CA VAL G 27 41.67 -6.87 -9.57
C VAL G 27 41.81 -6.18 -8.22
N LYS G 28 40.67 -5.93 -7.58
CA LYS G 28 40.66 -5.40 -6.22
C LYS G 28 40.76 -6.57 -5.22
N THR G 29 41.79 -6.55 -4.39
CA THR G 29 41.94 -7.54 -3.34
C THR G 29 41.65 -6.96 -1.97
N SER G 30 41.27 -7.82 -1.04
CA SER G 30 41.00 -7.42 0.33
C SER G 30 42.30 -7.11 1.08
N PRO G 31 42.26 -6.09 1.96
CA PRO G 31 43.41 -5.83 2.82
C PRO G 31 43.55 -6.87 3.94
N VAL G 32 42.47 -7.60 4.20
CA VAL G 32 42.47 -8.55 5.30
C VAL G 32 43.40 -9.73 5.00
N ASP G 33 43.25 -10.31 3.82
CA ASP G 33 44.00 -11.53 3.47
C ASP G 33 44.44 -11.59 2.02
N GLY G 34 44.12 -10.55 1.24
CA GLY G 34 44.55 -10.49 -0.14
C GLY G 34 43.65 -11.26 -1.10
N SER G 35 42.53 -11.77 -0.60
CA SER G 35 41.54 -12.45 -1.45
C SER G 35 40.98 -11.52 -2.51
N LYS G 36 40.63 -12.08 -3.66
CA LYS G 36 40.09 -11.28 -4.75
C LYS G 36 38.67 -10.89 -4.43
N ILE G 37 38.35 -9.62 -4.62
CA ILE G 37 37.01 -9.13 -4.35
C ILE G 37 36.26 -8.95 -5.66
N ALA G 38 36.92 -8.32 -6.64
CA ALA G 38 36.27 -7.95 -7.88
C ALA G 38 37.26 -7.51 -8.94
N GLU G 39 36.85 -7.64 -10.19
CA GLU G 39 37.53 -6.99 -11.31
C GLU G 39 36.93 -5.60 -11.49
N VAL G 40 37.78 -4.59 -11.62
CA VAL G 40 37.27 -3.22 -11.73
C VAL G 40 37.89 -2.52 -12.93
N PRO G 41 37.17 -1.53 -13.48
CA PRO G 41 37.71 -0.76 -14.59
C PRO G 41 39.06 -0.12 -14.27
N ARG G 42 39.95 -0.07 -15.25
CA ARG G 42 41.05 0.87 -15.18
C ARG G 42 40.83 1.85 -16.33
N SER G 43 40.01 2.86 -16.06
CA SER G 43 39.58 3.80 -17.10
C SER G 43 40.69 4.75 -17.50
N GLY G 44 40.49 5.42 -18.62
CA GLY G 44 41.45 6.40 -19.11
C GLY G 44 40.75 7.71 -19.40
N ARG G 45 41.47 8.62 -20.07
CA ARG G 45 40.98 9.98 -20.26
C ARG G 45 39.71 10.07 -21.08
N GLU G 46 39.54 9.17 -22.04
CA GLU G 46 38.35 9.28 -22.88
C GLU G 46 37.09 8.87 -22.14
N ASP G 47 37.20 7.94 -21.19
CA ASP G 47 36.07 7.63 -20.34
C ASP G 47 35.71 8.84 -19.46
N ALA G 48 36.71 9.54 -18.94
CA ALA G 48 36.44 10.72 -18.13
C ALA G 48 35.78 11.78 -18.98
N ARG G 49 36.30 11.97 -20.20
CA ARG G 49 35.72 12.97 -21.11
C ARG G 49 34.27 12.68 -21.40
N GLU G 50 33.95 11.41 -21.60
CA GLU G 50 32.57 11.00 -21.87
C GLU G 50 31.64 11.27 -20.67
N ALA G 51 32.14 11.03 -19.46
CA ALA G 51 31.35 11.29 -18.27
C ALA G 51 31.13 12.80 -18.13
N ILE G 52 32.20 13.57 -18.34
CA ILE G 52 32.12 15.02 -18.26
C ILE G 52 31.14 15.59 -19.30
N ASP G 53 31.26 15.16 -20.55
CA ASP G 53 30.32 15.58 -21.59
C ASP G 53 28.87 15.20 -21.24
N SER G 54 28.67 14.01 -20.67
CA SER G 54 27.32 13.59 -20.30
C SER G 54 26.76 14.49 -19.22
N ALA G 55 27.62 14.81 -18.26
CA ALA G 55 27.24 15.68 -17.14
C ALA G 55 26.92 17.10 -17.67
N PHE G 56 27.71 17.56 -18.62
CA PHE G 56 27.53 18.89 -19.20
C PHE G 56 26.19 18.98 -19.93
N GLU G 57 25.88 17.96 -20.72
CA GLU G 57 24.63 17.93 -21.47
C GLU G 57 23.39 17.79 -20.57
N ALA G 58 23.52 17.13 -19.43
CA ALA G 58 22.40 16.97 -18.51
C ALA G 58 22.17 18.19 -17.60
N LEU G 59 23.16 19.08 -17.56
CA LEU G 59 23.20 20.18 -16.59
C LEU G 59 21.99 21.12 -16.67
N LYS G 60 21.69 21.66 -17.84
CA LYS G 60 20.63 22.67 -17.90
C LYS G 60 19.28 22.13 -17.44
N ALA G 61 18.95 20.91 -17.86
CA ALA G 61 17.67 20.31 -17.47
C ALA G 61 17.58 20.10 -15.95
N TRP G 62 18.69 19.64 -15.35
CA TRP G 62 18.75 19.36 -13.92
C TRP G 62 18.77 20.64 -13.06
N ALA G 63 19.55 21.63 -13.48
CA ALA G 63 19.59 22.92 -12.80
C ALA G 63 18.27 23.65 -12.89
N ASN G 64 17.55 23.49 -13.99
CA ASN G 64 16.36 24.32 -14.19
C ASN G 64 15.06 23.80 -13.56
N ILE G 65 14.96 22.52 -13.23
CA ILE G 65 13.76 22.04 -12.56
C ILE G 65 13.69 22.64 -11.14
N PRO G 66 12.47 22.80 -10.61
CA PRO G 66 12.36 23.33 -9.24
C PRO G 66 13.08 22.45 -8.22
N ALA G 67 13.59 23.08 -7.16
CA ALA G 67 14.35 22.39 -6.14
C ALA G 67 13.58 21.19 -5.59
N ILE G 68 12.27 21.35 -5.41
CA ILE G 68 11.45 20.28 -4.86
C ILE G 68 11.57 18.98 -5.67
N ARG G 69 11.76 19.09 -6.98
CA ARG G 69 11.94 17.90 -7.83
CA ARG G 69 11.92 17.88 -7.80
C ARG G 69 13.27 17.22 -7.53
N ARG G 70 14.32 18.02 -7.32
CA ARG G 70 15.63 17.46 -6.98
C ARG G 70 15.56 16.82 -5.59
N ALA G 71 14.89 17.48 -4.65
CA ALA G 71 14.67 16.91 -3.32
C ALA G 71 13.98 15.56 -3.43
N GLU G 72 12.98 15.47 -4.30
CA GLU G 72 12.26 14.22 -4.50
C GLU G 72 13.19 13.08 -4.93
N TYR G 73 14.06 13.37 -5.88
CA TYR G 73 15.07 12.37 -6.32
C TYR G 73 15.97 11.95 -5.18
N LEU G 74 16.37 12.90 -4.35
CA LEU G 74 17.24 12.56 -3.23
C LEU G 74 16.49 11.76 -2.17
N TYR G 75 15.21 12.04 -1.97
CA TYR G 75 14.44 11.23 -1.02
C TYR G 75 14.32 9.81 -1.54
N LYS G 76 14.27 9.65 -2.86
CA LYS G 76 14.20 8.32 -3.49
C LYS G 76 15.55 7.60 -3.32
N MET G 77 16.64 8.36 -3.46
CA MET G 77 17.97 7.84 -3.18
CA MET G 77 17.97 7.84 -3.18
C MET G 77 18.06 7.33 -1.73
N LEU G 78 17.48 8.08 -0.81
CA LEU G 78 17.49 7.70 0.61
C LEU G 78 16.76 6.36 0.84
N GLU G 79 15.65 6.18 0.13
CA GLU G 79 14.87 4.96 0.24
C GLU G 79 15.63 3.76 -0.31
N VAL G 80 16.35 3.97 -1.41
CA VAL G 80 17.19 2.93 -1.99
C VAL G 80 18.37 2.62 -1.06
N PHE G 81 19.02 3.66 -0.52
CA PHE G 81 20.14 3.43 0.38
C PHE G 81 19.72 2.58 1.58
N ARG G 82 18.53 2.85 2.10
CA ARG G 82 18.01 2.12 3.24
C ARG G 82 17.88 0.62 2.92
N GLN G 83 17.63 0.29 1.66
CA GLN G 83 17.53 -1.10 1.23
C GLN G 83 18.90 -1.73 1.04
N MET G 84 19.92 -0.91 0.86
CA MET G 84 21.24 -1.45 0.52
C MET G 84 22.22 -1.46 1.68
N LYS G 85 21.73 -1.16 2.88
CA LYS G 85 22.59 -0.98 4.05
C LYS G 85 23.55 -2.14 4.31
N GLU G 86 23.03 -3.36 4.27
CA GLU G 86 23.86 -4.54 4.52
C GLU G 86 24.93 -4.67 3.46
N ASP G 87 24.58 -4.41 2.20
CA ASP G 87 25.57 -4.51 1.12
C ASP G 87 26.71 -3.50 1.31
N PHE G 88 26.37 -2.29 1.71
CA PHE G 88 27.39 -1.26 1.90
C PHE G 88 28.33 -1.67 3.04
N MET G 89 27.75 -2.15 4.14
CA MET G 89 28.56 -2.55 5.29
C MET G 89 29.53 -3.68 4.95
N LYS G 90 29.03 -4.69 4.24
CA LYS G 90 29.85 -5.83 3.85
C LYS G 90 31.07 -5.36 3.07
N ILE G 91 30.85 -4.47 2.11
CA ILE G 91 31.93 -4.03 1.22
C ILE G 91 32.87 -3.08 1.96
N LEU G 92 32.34 -2.25 2.83
CA LEU G 92 33.19 -1.38 3.60
C LEU G 92 34.16 -2.19 4.47
N THR G 93 33.71 -3.34 4.95
CA THR G 93 34.57 -4.21 5.74
C THR G 93 35.56 -4.99 4.86
N VAL G 94 35.11 -5.70 3.84
CA VAL G 94 36.06 -6.54 3.10
C VAL G 94 36.93 -5.73 2.15
N GLU G 95 36.39 -4.65 1.61
CA GLU G 95 37.19 -3.81 0.73
C GLU G 95 38.05 -2.79 1.50
N GLY G 96 37.45 -2.22 2.55
CA GLY G 96 38.09 -1.10 3.24
C GLY G 96 38.78 -1.47 4.54
N GLY G 97 38.48 -2.65 5.06
CA GLY G 97 39.14 -3.12 6.26
C GLY G 97 38.48 -2.64 7.54
N GLY G 98 37.30 -2.05 7.41
CA GLY G 98 36.59 -1.54 8.57
C GLY G 98 35.92 -2.57 9.46
N THR G 99 35.98 -2.34 10.77
CA THR G 99 35.26 -3.19 11.71
C THR G 99 33.76 -3.02 11.53
N TYR G 100 32.99 -3.95 12.09
CA TYR G 100 31.54 -3.85 12.06
C TYR G 100 31.08 -2.51 12.64
N ARG G 101 31.69 -2.10 13.74
CA ARG G 101 31.24 -0.91 14.42
C ARG G 101 31.59 0.36 13.61
N LYS G 102 32.73 0.36 12.93
CA LYS G 102 33.11 1.47 12.06
C LYS G 102 32.13 1.58 10.89
N VAL G 103 31.90 0.46 10.19
CA VAL G 103 31.15 0.53 8.95
C VAL G 103 29.67 0.76 9.26
N TRP G 104 29.22 0.29 10.41
CA TRP G 104 27.85 0.56 10.83
C TRP G 104 27.65 2.06 11.06
N GLY G 105 28.57 2.70 11.78
CA GLY G 105 28.52 4.13 11.99
C GLY G 105 28.58 4.90 10.66
N GLU G 106 29.41 4.42 9.75
CA GLU G 106 29.57 5.10 8.47
C GLU G 106 28.25 5.05 7.69
N VAL G 107 27.57 3.92 7.79
CA VAL G 107 26.34 3.74 7.03
C VAL G 107 25.20 4.54 7.66
N VAL G 108 25.16 4.58 8.99
CA VAL G 108 24.20 5.40 9.70
C VAL G 108 24.38 6.87 9.33
N PHE G 109 25.63 7.33 9.35
CA PHE G 109 25.92 8.73 9.04
C PHE G 109 25.58 9.04 7.57
N THR G 110 25.84 8.09 6.67
CA THR G 110 25.55 8.29 5.26
C THR G 110 24.06 8.51 5.03
N GLU G 111 23.25 7.73 5.74
CA GLU G 111 21.81 7.86 5.67
C GLU G 111 21.37 9.27 6.07
N ARG G 112 21.95 9.80 7.15
CA ARG G 112 21.66 11.16 7.59
C ARG G 112 22.13 12.21 6.58
N LEU G 113 23.28 11.97 5.97
CA LEU G 113 23.83 12.88 4.97
C LEU G 113 22.90 13.00 3.75
N ILE G 114 22.39 11.87 3.28
CA ILE G 114 21.52 11.89 2.12
C ILE G 114 20.24 12.64 2.49
N GLN G 115 19.68 12.29 3.63
CA GLN G 115 18.46 12.94 4.11
C GLN G 115 18.69 14.45 4.28
N ASN G 116 19.85 14.82 4.81
CA ASN G 116 20.15 16.23 5.07
C ASN G 116 20.10 17.04 3.77
N ALA G 117 20.75 16.50 2.74
CA ALA G 117 20.80 17.13 1.43
C ALA G 117 19.40 17.32 0.84
N ALA G 118 18.59 16.28 0.96
CA ALA G 118 17.20 16.34 0.47
C ALA G 118 16.41 17.40 1.23
N GLU G 119 16.67 17.49 2.52
CA GLU G 119 15.96 18.39 3.42
C GLU G 119 16.19 19.84 3.06
N LEU G 120 17.42 20.14 2.64
CA LEU G 120 17.83 21.54 2.49
C LEU G 120 17.62 22.10 1.09
N ALA G 121 17.44 21.22 0.10
CA ALA G 121 17.39 21.63 -1.31
C ALA G 121 16.44 22.80 -1.59
N ARG G 122 15.24 22.77 -0.99
CA ARG G 122 14.23 23.80 -1.23
C ARG G 122 14.45 25.12 -0.47
N HIS G 123 15.44 25.16 0.42
CA HIS G 123 15.54 26.25 1.39
C HIS G 123 16.79 27.11 1.30
N TYR G 124 17.58 26.91 0.25
CA TYR G 124 18.79 27.68 0.04
C TYR G 124 18.40 29.03 -0.55
N GLN G 125 18.55 30.09 0.25
CA GLN G 125 17.99 31.41 -0.07
C GLN G 125 19.04 32.39 -0.58
N GLY G 126 18.64 33.29 -1.47
CA GLY G 126 19.42 34.49 -1.76
C GLY G 126 18.89 35.64 -0.90
N ARG G 127 19.16 36.87 -1.32
CA ARG G 127 18.87 38.06 -0.51
C ARG G 127 18.18 39.18 -1.32
N VAL G 128 17.26 39.88 -0.67
CA VAL G 128 16.75 41.14 -1.23
C VAL G 128 17.49 42.29 -0.53
N LEU G 129 18.10 43.19 -1.31
CA LEU G 129 18.95 44.23 -0.74
C LEU G 129 18.27 45.60 -0.75
N GLN G 130 18.73 46.50 0.13
CA GLN G 130 18.40 47.92 0.02
C GLN G 130 19.26 48.53 -1.07
N SER G 131 18.65 49.27 -1.99
CA SER G 131 19.45 49.96 -3.00
C SER G 131 19.79 51.35 -2.52
N ASP G 132 20.98 51.82 -2.86
CA ASP G 132 21.35 53.20 -2.58
C ASP G 132 20.77 54.14 -3.64
N SER G 133 20.23 53.57 -4.72
CA SER G 133 19.60 54.37 -5.77
C SER G 133 18.08 54.35 -5.65
N GLU G 134 17.46 55.45 -6.06
CA GLU G 134 16.02 55.51 -6.14
C GLU G 134 15.53 54.61 -7.27
N SER G 135 14.29 54.14 -7.12
CA SER G 135 13.59 53.39 -8.17
C SER G 135 14.35 52.17 -8.67
N THR G 136 15.00 51.46 -7.75
CA THR G 136 15.80 50.32 -8.14
C THR G 136 15.49 49.13 -7.25
N ILE G 137 15.21 47.99 -7.90
CA ILE G 137 15.07 46.73 -7.20
C ILE G 137 16.40 46.00 -7.30
N SER G 138 16.86 45.44 -6.18
CA SER G 138 18.19 44.87 -6.09
C SER G 138 18.13 43.57 -5.30
N VAL G 139 18.41 42.45 -5.95
CA VAL G 139 18.31 41.12 -5.33
C VAL G 139 19.49 40.25 -5.73
N VAL G 140 19.65 39.14 -5.01
CA VAL G 140 20.74 38.20 -5.26
C VAL G 140 20.15 36.80 -5.30
N PHE G 141 20.26 36.16 -6.46
CA PHE G 141 19.86 34.77 -6.63
C PHE G 141 21.03 33.83 -6.36
N LYS G 142 20.73 32.56 -6.08
CA LYS G 142 21.74 31.50 -6.03
C LYS G 142 21.71 30.65 -7.30
N ARG G 143 22.86 30.34 -7.87
CA ARG G 143 22.88 29.51 -9.07
C ARG G 143 23.89 28.38 -8.92
N SER G 144 23.60 27.23 -9.48
CA SER G 144 24.54 26.12 -9.38
C SER G 144 25.77 26.39 -10.24
N LYS G 145 26.92 25.89 -9.80
CA LYS G 145 28.14 26.14 -10.53
C LYS G 145 28.22 25.41 -11.88
N GLY G 146 27.68 24.20 -11.95
CA GLY G 146 27.71 23.46 -13.21
C GLY G 146 28.07 21.99 -13.01
N VAL G 147 29.02 21.50 -13.80
CA VAL G 147 29.54 20.15 -13.62
C VAL G 147 30.55 20.13 -12.49
N VAL G 148 30.36 19.24 -11.52
CA VAL G 148 31.25 19.18 -10.37
C VAL G 148 31.99 17.85 -10.33
N GLY G 149 33.32 17.92 -10.34
CA GLY G 149 34.12 16.74 -10.15
C GLY G 149 34.24 16.41 -8.68
N VAL G 150 34.02 15.14 -8.35
CA VAL G 150 34.08 14.66 -6.97
C VAL G 150 35.13 13.56 -6.84
N ILE G 151 36.17 13.82 -6.06
CA ILE G 151 37.32 12.93 -5.96
C ILE G 151 37.59 12.63 -4.49
N THR G 152 37.62 11.34 -4.14
CA THR G 152 37.47 10.92 -2.73
C THR G 152 38.55 9.92 -2.24
N PRO G 153 38.69 9.79 -0.90
CA PRO G 153 39.72 8.90 -0.34
C PRO G 153 39.20 7.52 0.02
N TRP G 154 40.08 6.68 0.58
CA TRP G 154 39.73 5.28 0.85
C TRP G 154 39.30 4.98 2.30
N ASN G 155 39.47 5.92 3.23
CA ASN G 155 39.28 5.61 4.65
C ASN G 155 37.83 5.60 5.11
N TYR G 156 37.07 6.60 4.69
CA TYR G 156 35.63 6.62 4.91
C TYR G 156 34.98 6.87 3.56
N PRO G 157 35.10 5.89 2.64
CA PRO G 157 34.81 6.17 1.22
C PRO G 157 33.33 6.39 0.96
N LEU G 158 32.44 5.81 1.74
CA LEU G 158 31.00 5.99 1.52
C LEU G 158 30.50 7.34 2.04
N SER G 159 30.78 7.67 3.29
CA SER G 159 30.23 8.88 3.89
C SER G 159 30.87 10.14 3.29
N ILE G 160 32.17 10.10 3.07
CA ILE G 160 32.85 11.23 2.45
C ILE G 160 32.32 11.45 1.02
N SER G 161 32.18 10.37 0.26
CA SER G 161 31.63 10.47 -1.09
C SER G 161 30.21 11.01 -1.08
N MET G 162 29.36 10.47 -0.20
CA MET G 162 27.96 10.85 -0.25
C MET G 162 27.74 12.25 0.32
N LYS G 163 28.57 12.70 1.27
CA LYS G 163 28.45 14.09 1.72
C LYS G 163 28.61 15.01 0.50
N LYS G 164 29.65 14.75 -0.29
CA LYS G 164 29.93 15.54 -1.48
C LYS G 164 28.84 15.36 -2.54
N ILE G 165 28.56 14.12 -2.91
CA ILE G 165 27.63 13.86 -4.00
C ILE G 165 26.20 14.36 -3.73
N ALA G 166 25.62 13.99 -2.59
CA ALA G 166 24.24 14.34 -2.29
C ALA G 166 24.01 15.87 -2.23
N HIS G 167 24.86 16.58 -1.51
CA HIS G 167 24.70 18.03 -1.38
C HIS G 167 24.96 18.76 -2.70
N THR G 168 25.94 18.29 -3.47
CA THR G 168 26.24 18.87 -4.77
C THR G 168 25.05 18.72 -5.75
N LEU G 169 24.45 17.54 -5.76
CA LEU G 169 23.26 17.32 -6.59
C LEU G 169 22.05 18.15 -6.16
N ALA G 170 21.88 18.31 -4.85
CA ALA G 170 20.68 18.98 -4.33
C ALA G 170 20.48 20.38 -4.89
N VAL G 171 21.55 21.16 -5.04
CA VAL G 171 21.38 22.55 -5.50
C VAL G 171 21.55 22.70 -7.01
N GLY G 172 21.54 21.59 -7.75
CA GLY G 172 21.41 21.67 -9.18
C GLY G 172 22.68 21.54 -9.99
N ASN G 173 23.72 20.99 -9.38
CA ASN G 173 24.93 20.65 -10.11
C ASN G 173 24.83 19.23 -10.66
N THR G 174 25.60 18.92 -11.70
CA THR G 174 25.75 17.53 -12.09
C THR G 174 27.14 17.06 -11.65
N VAL G 175 27.38 15.75 -11.70
CA VAL G 175 28.51 15.16 -10.98
C VAL G 175 29.29 14.13 -11.80
N VAL G 176 30.61 14.28 -11.82
CA VAL G 176 31.52 13.22 -12.27
C VAL G 176 32.34 12.77 -11.06
N TYR G 177 32.18 11.50 -10.71
CA TYR G 177 32.71 10.93 -9.46
C TYR G 177 33.83 9.90 -9.69
N LYS G 178 34.99 10.13 -9.10
CA LYS G 178 36.12 9.20 -9.20
C LYS G 178 36.58 8.77 -7.81
N PRO G 179 36.17 7.58 -7.37
CA PRO G 179 36.54 7.06 -6.05
C PRO G 179 38.03 6.71 -5.96
N ALA G 180 38.51 6.55 -4.74
CA ALA G 180 39.89 6.13 -4.51
C ALA G 180 40.09 4.72 -5.10
N SER G 181 41.26 4.48 -5.66
CA SER G 181 41.53 3.19 -6.32
C SER G 181 41.45 2.02 -5.34
N ASP G 182 41.74 2.26 -4.06
CA ASP G 182 41.62 1.16 -3.10
C ASP G 182 40.18 0.89 -2.69
N THR G 183 39.24 1.74 -3.07
CA THR G 183 37.84 1.49 -2.73
C THR G 183 36.87 1.70 -3.89
N PRO G 184 37.08 0.97 -5.01
CA PRO G 184 36.23 1.15 -6.19
C PRO G 184 34.84 0.53 -6.04
N VAL G 185 34.73 -0.56 -5.28
CA VAL G 185 33.44 -1.24 -5.20
C VAL G 185 32.42 -0.40 -4.43
N THR G 186 32.89 0.32 -3.42
CA THR G 186 32.00 1.24 -2.72
C THR G 186 31.40 2.25 -3.71
N GLY G 187 32.24 2.77 -4.61
CA GLY G 187 31.80 3.73 -5.62
C GLY G 187 30.79 3.12 -6.57
N TRP G 188 31.02 1.87 -6.93
CA TRP G 188 30.12 1.17 -7.82
C TRP G 188 28.76 0.96 -7.14
N LEU G 189 28.77 0.64 -5.85
CA LEU G 189 27.52 0.48 -5.10
C LEU G 189 26.74 1.80 -5.00
N ILE G 190 27.48 2.91 -4.87
CA ILE G 190 26.86 4.23 -4.91
C ILE G 190 26.14 4.44 -6.26
N ALA G 191 26.83 4.11 -7.35
CA ALA G 191 26.22 4.25 -8.68
C ALA G 191 24.96 3.39 -8.82
N GLN G 192 25.01 2.16 -8.30
CA GLN G 192 23.84 1.29 -8.25
C GLN G 192 22.67 1.95 -7.53
N MET G 193 22.95 2.54 -6.38
CA MET G 193 21.92 3.27 -5.62
C MET G 193 21.31 4.40 -6.45
N VAL G 194 22.17 5.19 -7.09
CA VAL G 194 21.71 6.35 -7.86
C VAL G 194 20.85 5.88 -9.05
N ALA G 195 21.31 4.83 -9.73
CA ALA G 195 20.57 4.29 -10.87
C ALA G 195 19.20 3.77 -10.44
N LYS G 196 19.13 3.05 -9.32
CA LYS G 196 17.86 2.54 -8.85
C LYS G 196 16.93 3.67 -8.43
N ALA G 197 17.51 4.80 -8.04
CA ALA G 197 16.71 5.95 -7.66
C ALA G 197 16.15 6.66 -8.89
N GLY G 198 16.67 6.32 -10.06
CA GLY G 198 16.14 6.82 -11.32
C GLY G 198 16.45 8.27 -11.68
N LEU G 199 17.60 8.78 -11.25
CA LEU G 199 18.02 10.13 -11.62
C LEU G 199 18.25 10.19 -13.13
N PRO G 200 17.93 11.34 -13.74
CA PRO G 200 18.07 11.49 -15.19
C PRO G 200 19.48 11.19 -15.66
N LYS G 201 19.59 10.61 -16.86
CA LYS G 201 20.87 10.24 -17.44
C LYS G 201 21.86 11.40 -17.43
N GLY G 202 23.10 11.11 -17.02
CA GLY G 202 24.16 12.11 -17.09
C GLY G 202 24.27 12.98 -15.84
N VAL G 203 23.23 13.03 -15.04
CA VAL G 203 23.23 13.86 -13.81
C VAL G 203 24.29 13.38 -12.82
N PHE G 204 24.46 12.07 -12.71
CA PHE G 204 25.51 11.46 -11.91
C PHE G 204 26.29 10.45 -12.73
N ASN G 205 27.63 10.55 -12.67
CA ASN G 205 28.49 9.63 -13.41
C ASN G 205 29.66 9.11 -12.55
N LEU G 206 29.98 7.84 -12.75
CA LEU G 206 31.06 7.16 -12.03
C LEU G 206 32.11 6.70 -13.03
N VAL G 207 33.36 7.13 -12.82
CA VAL G 207 34.49 6.64 -13.59
C VAL G 207 35.57 6.11 -12.65
N ILE G 208 35.83 4.81 -12.74
CA ILE G 208 36.84 4.16 -11.91
C ILE G 208 38.16 4.05 -12.65
N GLY G 209 39.22 4.61 -12.09
CA GLY G 209 40.54 4.60 -12.70
C GLY G 209 41.57 5.43 -11.96
N PRO G 210 42.83 5.44 -12.44
CA PRO G 210 43.96 6.08 -11.75
C PRO G 210 43.83 7.60 -11.62
N GLY G 211 44.04 8.09 -10.40
CA GLY G 211 44.03 9.53 -10.13
C GLY G 211 44.84 10.41 -11.07
N PRO G 212 46.09 10.02 -11.37
CA PRO G 212 46.89 10.81 -12.30
C PRO G 212 46.40 10.78 -13.74
N VAL G 213 45.46 9.90 -14.04
CA VAL G 213 44.89 9.85 -15.39
C VAL G 213 43.44 10.36 -15.42
N VAL G 214 42.53 9.62 -14.79
CA VAL G 214 41.13 9.99 -14.74
C VAL G 214 40.92 11.26 -13.91
N GLY G 215 41.63 11.34 -12.78
CA GLY G 215 41.49 12.47 -11.87
C GLY G 215 42.01 13.74 -12.50
N GLU G 216 43.17 13.65 -13.14
CA GLU G 216 43.76 14.80 -13.79
C GLU G 216 42.85 15.33 -14.91
N GLU G 217 42.24 14.42 -15.66
CA GLU G 217 41.34 14.83 -16.72
C GLU G 217 40.15 15.64 -16.17
N ILE G 218 39.55 15.16 -15.09
CA ILE G 218 38.48 15.89 -14.41
C ILE G 218 38.92 17.30 -13.97
N VAL G 219 40.11 17.37 -13.38
CA VAL G 219 40.62 18.62 -12.83
C VAL G 219 41.02 19.62 -13.93
N THR G 220 41.35 19.13 -15.12
CA THR G 220 41.86 20.04 -16.14
C THR G 220 40.85 20.33 -17.25
N HIS G 221 39.70 19.67 -17.23
CA HIS G 221 38.73 19.81 -18.32
C HIS G 221 37.95 21.12 -18.25
N LYS G 222 37.75 21.75 -19.41
CA LYS G 222 37.10 23.07 -19.45
C LYS G 222 35.61 23.06 -19.09
N ARG G 223 34.94 21.92 -19.20
CA ARG G 223 33.51 21.92 -18.87
C ARG G 223 33.24 21.53 -17.41
N VAL G 224 34.29 21.35 -16.63
CA VAL G 224 34.12 21.12 -15.19
C VAL G 224 34.25 22.47 -14.47
N ALA G 225 33.26 22.79 -13.65
CA ALA G 225 33.18 24.11 -13.02
C ALA G 225 33.81 24.16 -11.64
N HIS G 226 33.87 23.01 -10.98
CA HIS G 226 34.31 22.93 -9.59
C HIS G 226 34.81 21.53 -9.31
N VAL G 227 35.86 21.41 -8.52
CA VAL G 227 36.29 20.10 -8.00
C VAL G 227 36.25 20.09 -6.48
N THR G 228 35.53 19.13 -5.89
CA THR G 228 35.64 18.94 -4.46
C THR G 228 36.45 17.67 -4.20
N PHE G 229 37.46 17.79 -3.36
CA PHE G 229 38.49 16.76 -3.22
C PHE G 229 38.84 16.53 -1.76
N THR G 230 38.95 15.27 -1.37
CA THR G 230 39.46 14.90 -0.06
C THR G 230 40.56 13.87 -0.26
N GLY G 231 41.72 14.13 0.33
CA GLY G 231 42.89 13.30 0.15
C GLY G 231 44.11 13.97 0.77
N GLU G 232 45.29 13.64 0.29
CA GLU G 232 46.51 14.15 0.89
C GLU G 232 46.78 15.59 0.49
N SER G 233 47.47 16.30 1.37
CA SER G 233 47.75 17.72 1.18
C SER G 233 48.55 17.94 -0.11
N SER G 234 49.54 17.09 -0.35
CA SER G 234 50.38 17.19 -1.54
C SER G 234 49.56 17.02 -2.81
N THR G 235 48.63 16.08 -2.77
CA THR G 235 47.74 15.86 -3.91
C THR G 235 46.88 17.10 -4.09
N GLY G 236 46.36 17.59 -2.98
CA GLY G 236 45.49 18.76 -2.98
C GLY G 236 46.15 19.95 -3.61
N ARG G 237 47.43 20.14 -3.31
CA ARG G 237 48.18 21.26 -3.86
C ARG G 237 48.35 21.12 -5.37
N GLU G 238 48.53 19.89 -5.85
CA GLU G 238 48.65 19.67 -7.28
C GLU G 238 47.33 19.93 -7.99
N ILE G 239 46.25 19.51 -7.36
CA ILE G 239 44.93 19.73 -7.93
C ILE G 239 44.60 21.22 -8.02
N ALA G 240 44.92 21.96 -6.95
CA ALA G 240 44.64 23.40 -6.93
C ALA G 240 45.39 24.10 -8.06
N ALA G 241 46.65 23.74 -8.26
CA ALA G 241 47.44 24.37 -9.30
C ALA G 241 46.88 24.04 -10.69
N LYS G 242 46.54 22.79 -10.93
CA LYS G 242 46.02 22.40 -12.23
C LYS G 242 44.64 22.99 -12.50
N ALA G 243 43.85 23.16 -11.45
CA ALA G 243 42.52 23.73 -11.57
C ALA G 243 42.54 25.18 -12.05
N ALA G 244 43.64 25.88 -11.76
CA ALA G 244 43.76 27.30 -12.14
C ALA G 244 43.69 27.54 -13.65
N GLY G 245 44.09 26.55 -14.45
CA GLY G 245 44.15 26.71 -15.89
C GLY G 245 42.83 27.10 -16.53
N THR G 246 41.73 26.63 -15.96
CA THR G 246 40.39 26.97 -16.45
C THR G 246 39.61 27.79 -15.41
N LEU G 247 40.32 28.24 -14.37
CA LEU G 247 39.71 29.03 -13.32
C LEU G 247 38.52 28.32 -12.66
N LYS G 248 38.65 27.01 -12.45
CA LYS G 248 37.61 26.33 -11.69
C LYS G 248 37.92 26.48 -10.20
N THR G 249 36.87 26.48 -9.38
CA THR G 249 37.01 26.59 -7.94
C THR G 249 37.17 25.21 -7.33
N VAL G 250 37.68 25.16 -6.11
CA VAL G 250 37.91 23.88 -5.43
C VAL G 250 37.55 23.92 -3.95
N THR G 251 37.17 22.76 -3.46
CA THR G 251 37.02 22.51 -2.03
C THR G 251 38.04 21.44 -1.74
N LEU G 252 38.87 21.62 -0.71
CA LEU G 252 39.94 20.68 -0.41
C LEU G 252 39.96 20.35 1.07
N GLU G 253 39.83 19.09 1.38
CA GLU G 253 40.00 18.66 2.76
C GLU G 253 41.20 17.72 2.77
N LEU G 254 42.30 18.14 3.43
CA LEU G 254 43.61 17.55 3.20
C LEU G 254 44.23 16.88 4.43
N GLY G 255 43.40 16.46 5.36
CA GLY G 255 43.91 15.76 6.52
C GLY G 255 44.35 16.69 7.63
N GLY G 256 44.82 16.10 8.72
CA GLY G 256 45.16 16.89 9.88
C GLY G 256 46.14 16.18 10.79
N SER G 257 46.60 16.90 11.80
CA SER G 257 47.38 16.31 12.86
C SER G 257 46.82 16.87 14.15
N ASP G 258 45.55 16.55 14.40
CA ASP G 258 44.76 17.20 15.45
C ASP G 258 45.30 16.97 16.85
N PRO G 259 45.35 18.05 17.65
CA PRO G 259 45.74 17.92 19.05
C PRO G 259 44.55 17.53 19.93
N LEU G 260 44.80 16.63 20.88
CA LEU G 260 43.86 16.37 21.96
C LEU G 260 44.51 16.84 23.25
N ILE G 261 43.99 17.92 23.82
CA ILE G 261 44.61 18.54 24.99
C ILE G 261 43.89 18.11 26.25
N ILE G 262 44.65 17.57 27.20
CA ILE G 262 44.08 17.05 28.43
C ILE G 262 44.64 17.80 29.63
N LEU G 263 43.76 18.51 30.33
CA LEU G 263 44.17 19.36 31.44
C LEU G 263 44.11 18.63 32.76
N ASP G 264 44.62 19.26 33.82
CA ASP G 264 44.84 18.56 35.08
C ASP G 264 43.59 18.37 35.95
N ASP G 265 42.46 18.93 35.54
CA ASP G 265 41.24 18.82 36.34
C ASP G 265 40.24 17.81 35.80
N VAL G 266 40.65 17.00 34.84
CA VAL G 266 39.73 16.02 34.25
C VAL G 266 39.50 14.79 35.12
N ASP G 267 38.42 14.08 34.82
CA ASP G 267 38.28 12.67 35.16
C ASP G 267 39.29 11.90 34.30
N VAL G 268 40.41 11.52 34.90
CA VAL G 268 41.53 10.96 34.15
C VAL G 268 41.20 9.65 33.44
N ASP G 269 40.37 8.81 34.08
CA ASP G 269 39.99 7.56 33.46
C ASP G 269 39.12 7.83 32.24
N TYR G 270 38.18 8.75 32.39
CA TYR G 270 37.33 9.11 31.25
C TYR G 270 38.17 9.67 30.12
N ALA G 271 39.16 10.51 30.46
CA ALA G 271 40.03 11.10 29.44
C ALA G 271 40.81 10.04 28.69
N ALA G 272 41.23 9.00 29.40
CA ALA G 272 41.97 7.91 28.78
C ALA G 272 41.08 7.18 27.78
N ARG G 273 39.86 6.87 28.20
CA ARG G 273 38.92 6.16 27.35
C ARG G 273 38.60 6.97 26.09
N LEU G 274 38.31 8.25 26.29
CA LEU G 274 38.01 9.14 25.17
C LEU G 274 39.21 9.21 24.24
N ALA G 275 40.39 9.36 24.82
CA ALA G 275 41.61 9.46 24.04
C ALA G 275 41.83 8.22 23.18
N VAL G 276 41.58 7.05 23.75
CA VAL G 276 41.80 5.81 23.01
C VAL G 276 40.90 5.77 21.76
N PHE G 277 39.63 6.07 21.96
CA PHE G 277 38.65 6.13 20.86
C PHE G 277 39.06 7.17 19.80
N ALA G 278 39.35 8.38 20.25
CA ALA G 278 39.67 9.49 19.35
C ALA G 278 40.93 9.23 18.54
N SER G 279 41.93 8.62 19.17
CA SER G 279 43.22 8.46 18.53
C SER G 279 43.36 7.17 17.71
N LEU G 280 42.52 6.18 17.97
CA LEU G 280 42.78 4.87 17.36
C LEU G 280 41.61 4.22 16.63
N PHE G 281 40.43 4.85 16.67
CA PHE G 281 39.31 4.32 15.91
C PHE G 281 39.66 4.28 14.42
N HIS G 282 39.20 3.24 13.75
CA HIS G 282 39.62 2.90 12.38
C HIS G 282 41.13 2.93 12.22
N GLN G 283 41.83 2.44 13.24
CA GLN G 283 43.27 2.31 13.20
C GLN G 283 43.94 3.66 13.00
N GLY G 284 43.28 4.72 13.46
CA GLY G 284 43.80 6.06 13.31
C GLY G 284 43.78 6.61 11.89
N GLN G 285 43.12 5.89 10.98
CA GLN G 285 43.02 6.35 9.58
C GLN G 285 41.81 7.30 9.42
N ILE G 286 41.86 8.43 10.11
CA ILE G 286 40.76 9.39 10.12
C ILE G 286 41.39 10.78 10.03
N CYS G 287 40.85 11.67 9.20
CA CYS G 287 41.51 12.96 9.01
C CYS G 287 41.48 13.74 10.32
N THR G 288 40.42 13.53 11.09
CA THR G 288 40.26 14.21 12.37
C THR G 288 40.55 13.28 13.57
N SER G 289 41.31 12.23 13.32
CA SER G 289 41.86 11.42 14.40
C SER G 289 42.64 12.30 15.40
N ALA G 290 42.62 11.94 16.68
CA ALA G 290 43.47 12.61 17.64
C ALA G 290 44.91 12.12 17.48
N LYS G 291 45.71 12.82 16.70
CA LYS G 291 47.01 12.29 16.29
C LYS G 291 48.16 12.73 17.19
N ARG G 292 47.93 13.76 17.99
CA ARG G 292 48.95 14.25 18.92
C ARG G 292 48.31 14.51 20.27
N ILE G 293 48.67 13.68 21.24
CA ILE G 293 48.07 13.77 22.56
C ILE G 293 48.95 14.63 23.45
N ILE G 294 48.32 15.62 24.07
CA ILE G 294 48.99 16.64 24.88
C ILE G 294 48.37 16.67 26.27
N VAL G 295 49.18 16.35 27.29
CA VAL G 295 48.63 16.14 28.64
C VAL G 295 49.42 16.93 29.71
N HIS G 296 48.67 17.48 30.66
CA HIS G 296 49.23 18.30 31.72
C HIS G 296 50.04 17.45 32.69
N LYS G 297 51.21 17.94 33.09
CA LYS G 297 52.15 17.15 33.88
C LYS G 297 51.53 16.58 35.15
N ALA G 298 50.53 17.26 35.70
CA ALA G 298 49.95 16.86 36.98
C ALA G 298 49.06 15.61 36.90
N VAL G 299 48.66 15.21 35.70
CA VAL G 299 47.88 13.99 35.56
C VAL G 299 48.54 13.06 34.54
N ALA G 300 49.68 13.48 34.01
CA ALA G 300 50.35 12.76 32.95
C ALA G 300 50.68 11.30 33.31
N ASP G 301 51.18 11.07 34.51
CA ASP G 301 51.55 9.70 34.90
C ASP G 301 50.32 8.78 34.94
N LYS G 302 49.28 9.21 35.66
CA LYS G 302 48.07 8.39 35.78
C LYS G 302 47.32 8.31 34.44
N PHE G 303 47.42 9.34 33.61
CA PHE G 303 46.77 9.29 32.30
C PHE G 303 47.47 8.30 31.38
N ILE G 304 48.79 8.39 31.32
CA ILE G 304 49.57 7.51 30.46
C ILE G 304 49.38 6.04 30.85
N GLU G 305 49.34 5.77 32.15
CA GLU G 305 49.08 4.41 32.64
C GLU G 305 47.71 3.92 32.18
N ARG G 306 46.68 4.73 32.41
CA ARG G 306 45.32 4.38 32.01
C ARG G 306 45.17 4.24 30.49
N TYR G 307 45.79 5.15 29.75
CA TYR G 307 45.68 5.13 28.29
C TYR G 307 46.32 3.86 27.72
N VAL G 308 47.54 3.56 28.15
CA VAL G 308 48.24 2.35 27.71
C VAL G 308 47.44 1.09 28.09
N HIS G 309 46.79 1.13 29.24
CA HIS G 309 45.97 0.02 29.72
C HIS G 309 44.84 -0.30 28.75
N TYR G 310 44.09 0.73 28.34
CA TYR G 310 42.96 0.52 27.45
C TYR G 310 43.43 0.16 26.05
N VAL G 311 44.55 0.73 25.64
CA VAL G 311 45.11 0.38 24.35
C VAL G 311 45.45 -1.12 24.32
N LYS G 312 46.03 -1.61 25.41
CA LYS G 312 46.40 -3.02 25.50
C LYS G 312 45.18 -3.93 25.36
N MET G 313 44.03 -3.46 25.81
CA MET G 313 42.77 -4.21 25.71
C MET G 313 42.19 -4.29 24.30
N LEU G 314 42.73 -3.52 23.36
CA LEU G 314 42.16 -3.46 22.02
C LEU G 314 42.31 -4.78 21.27
N ARG G 315 41.21 -5.30 20.75
CA ARG G 315 41.25 -6.54 20.00
C ARG G 315 41.45 -6.30 18.49
N ILE G 316 42.56 -6.81 17.96
CA ILE G 316 42.88 -6.69 16.55
C ILE G 316 42.60 -8.02 15.86
N ASP G 317 41.69 -8.03 14.89
CA ASP G 317 41.28 -9.28 14.27
C ASP G 317 40.74 -9.03 12.88
N ASP G 318 40.57 -10.11 12.12
CA ASP G 318 39.80 -10.09 10.90
C ASP G 318 38.44 -9.45 11.19
N PRO G 319 38.13 -8.31 10.54
CA PRO G 319 36.90 -7.57 10.82
C PRO G 319 35.63 -8.29 10.37
N ARG G 320 35.75 -9.30 9.51
CA ARG G 320 34.57 -10.10 9.13
C ARG G 320 34.11 -11.04 10.23
N LYS G 321 34.99 -11.37 11.18
CA LYS G 321 34.74 -12.46 12.12
C LYS G 321 33.51 -12.25 13.00
N ASP G 322 33.45 -11.12 13.70
CA ASP G 322 32.29 -10.82 14.54
C ASP G 322 32.17 -9.30 14.72
N GLU G 323 31.21 -8.88 15.53
CA GLU G 323 30.88 -7.46 15.62
C GLU G 323 31.69 -6.71 16.68
N LYS G 324 32.52 -7.44 17.42
CA LYS G 324 33.19 -6.86 18.58
C LYS G 324 34.67 -6.61 18.32
N VAL G 325 35.11 -6.83 17.10
CA VAL G 325 36.49 -6.53 16.74
C VAL G 325 36.74 -5.02 16.89
N ASP G 326 37.86 -4.65 17.51
CA ASP G 326 38.18 -3.25 17.75
C ASP G 326 38.92 -2.62 16.59
N LEU G 327 39.93 -3.32 16.09
CA LEU G 327 40.76 -2.81 15.01
C LEU G 327 40.89 -3.84 13.91
N GLY G 328 40.77 -3.37 12.67
CA GLY G 328 41.02 -4.20 11.49
C GLY G 328 42.41 -3.87 10.97
N PRO G 329 42.70 -4.27 9.72
CA PRO G 329 43.98 -3.99 9.09
C PRO G 329 44.09 -2.56 8.55
N LEU G 330 45.30 -2.13 8.22
CA LEU G 330 45.48 -0.92 7.42
C LEU G 330 45.08 -1.25 5.98
N ILE G 331 44.86 -0.22 5.15
CA ILE G 331 44.25 -0.44 3.83
C ILE G 331 45.15 -1.22 2.87
N ASN G 332 46.46 -1.07 2.99
CA ASN G 332 47.38 -1.84 2.17
C ASN G 332 48.77 -1.96 2.81
N GLU G 333 49.68 -2.62 2.11
CA GLU G 333 50.98 -2.93 2.67
C GLU G 333 51.87 -1.69 2.71
N ARG G 334 51.64 -0.74 1.81
CA ARG G 334 52.43 0.49 1.81
C ARG G 334 52.13 1.32 3.07
N GLN G 335 50.89 1.27 3.54
CA GLN G 335 50.55 1.96 4.78
C GLN G 335 51.29 1.33 5.96
N VAL G 336 51.42 0.01 5.96
CA VAL G 336 52.16 -0.65 7.03
C VAL G 336 53.62 -0.23 6.99
N ALA G 337 54.21 -0.26 5.80
CA ALA G 337 55.61 0.13 5.63
C ALA G 337 55.85 1.54 6.14
N LEU G 338 54.88 2.42 5.90
CA LEU G 338 54.99 3.81 6.36
C LEU G 338 54.92 3.91 7.89
N MET G 339 53.94 3.23 8.47
CA MET G 339 53.81 3.23 9.93
C MET G 339 55.07 2.70 10.58
N LYS G 340 55.71 1.71 9.94
CA LYS G 340 56.97 1.17 10.43
C LYS G 340 58.09 2.21 10.36
N GLU G 341 58.14 2.98 9.27
CA GLU G 341 59.07 4.11 9.21
C GLU G 341 58.83 5.08 10.37
N PHE G 342 57.56 5.37 10.67
CA PHE G 342 57.22 6.27 11.77
C PHE G 342 57.73 5.74 13.12
N VAL G 343 57.42 4.48 13.40
CA VAL G 343 57.91 3.83 14.61
C VAL G 343 59.44 3.85 14.67
N ASP G 344 60.09 3.35 13.62
CA ASP G 344 61.56 3.29 13.58
C ASP G 344 62.23 4.66 13.76
N ASP G 345 61.63 5.70 13.20
CA ASP G 345 62.18 7.03 13.35
C ASP G 345 62.11 7.47 14.81
N ALA G 346 60.99 7.19 15.46
CA ALA G 346 60.80 7.59 16.85
C ALA G 346 61.71 6.79 17.80
N VAL G 347 61.94 5.52 17.48
CA VAL G 347 62.85 4.72 18.31
C VAL G 347 64.26 5.26 18.15
N SER G 348 64.69 5.44 16.90
CA SER G 348 66.02 5.95 16.59
C SER G 348 66.31 7.29 17.27
N ARG G 349 65.28 8.13 17.39
CA ARG G 349 65.44 9.46 17.97
C ARG G 349 65.43 9.44 19.50
N GLY G 350 65.26 8.25 20.08
CA GLY G 350 65.34 8.12 21.53
C GLY G 350 64.00 8.13 22.23
N GLY G 351 62.93 8.00 21.45
CA GLY G 351 61.60 7.94 22.03
C GLY G 351 61.37 6.67 22.82
N ARG G 352 60.43 6.72 23.75
CA ARG G 352 60.13 5.59 24.60
C ARG G 352 58.86 4.89 24.15
N LEU G 353 59.02 3.72 23.53
CA LEU G 353 57.90 2.92 23.07
C LEU G 353 57.21 2.24 24.26
N LEU G 354 55.98 2.66 24.55
CA LEU G 354 55.26 2.16 25.72
C LEU G 354 54.58 0.82 25.48
N ILE G 355 54.22 0.58 24.22
CA ILE G 355 53.45 -0.60 23.84
C ILE G 355 53.33 -0.67 22.32
N GLY G 356 53.25 -1.89 21.79
CA GLY G 356 53.00 -2.10 20.37
C GLY G 356 54.15 -1.88 19.40
N GLY G 357 53.81 -1.64 18.15
CA GLY G 357 54.82 -1.42 17.13
C GLY G 357 55.05 -2.65 16.28
N ARG G 358 54.35 -3.73 16.60
CA ARG G 358 54.42 -4.96 15.80
C ARG G 358 53.43 -4.90 14.65
N SER G 359 53.71 -5.63 13.58
CA SER G 359 52.78 -5.76 12.47
C SER G 359 52.89 -7.13 11.82
N TRP G 360 51.76 -7.61 11.30
CA TRP G 360 51.69 -8.91 10.63
C TRP G 360 50.71 -8.77 9.48
N GLY G 361 51.17 -9.00 8.26
CA GLY G 361 50.31 -8.76 7.11
C GLY G 361 49.98 -7.28 7.07
N ASN G 362 48.72 -6.93 6.84
CA ASN G 362 48.35 -5.52 6.82
C ASN G 362 47.84 -5.03 8.17
N PHE G 363 47.91 -5.89 9.18
CA PHE G 363 47.52 -5.51 10.53
C PHE G 363 48.69 -4.87 11.28
N PHE G 364 48.46 -3.66 11.80
CA PHE G 364 49.47 -2.94 12.56
C PHE G 364 48.96 -2.74 13.98
N GLU G 365 49.82 -3.05 14.94
CA GLU G 365 49.48 -2.97 16.36
C GLU G 365 49.82 -1.58 16.89
N PRO G 366 48.82 -0.87 17.47
CA PRO G 366 49.01 0.51 17.97
C PRO G 366 50.31 0.72 18.71
N ALA G 367 51.14 1.62 18.22
CA ALA G 367 52.40 1.97 18.87
C ALA G 367 52.32 3.34 19.54
N ILE G 368 52.49 3.38 20.86
CA ILE G 368 52.36 4.60 21.65
C ILE G 368 53.72 5.06 22.19
N PHE G 369 54.07 6.33 21.94
CA PHE G 369 55.37 6.87 22.35
C PHE G 369 55.24 8.00 23.36
N VAL G 370 56.19 8.07 24.30
CA VAL G 370 56.41 9.28 25.09
C VAL G 370 57.88 9.66 24.97
N ASP G 371 58.24 10.78 25.60
CA ASP G 371 59.59 11.34 25.49
C ASP G 371 59.98 11.60 24.03
N VAL G 372 59.10 12.27 23.30
CA VAL G 372 59.39 12.67 21.94
C VAL G 372 59.80 14.15 21.94
N ASP G 373 60.22 14.66 20.80
CA ASP G 373 60.40 16.12 20.64
C ASP G 373 59.86 16.54 19.29
N ARG G 374 59.93 17.83 18.99
CA ARG G 374 59.26 18.38 17.82
C ARG G 374 59.87 17.92 16.49
N ASN G 375 61.03 17.27 16.57
CA ASN G 375 61.70 16.79 15.36
C ASN G 375 61.31 15.38 14.94
N PHE G 376 60.59 14.65 15.80
CA PHE G 376 60.09 13.32 15.44
C PHE G 376 59.17 13.41 14.22
N ARG G 377 59.27 12.45 13.30
CA ARG G 377 58.36 12.43 12.15
C ARG G 377 56.90 12.40 12.61
N ILE G 378 56.61 11.68 13.70
CA ILE G 378 55.22 11.55 14.15
C ILE G 378 54.71 12.83 14.81
N MET G 379 55.58 13.83 14.95
CA MET G 379 55.15 15.16 15.38
C MET G 379 55.08 16.13 14.21
N ARG G 380 55.86 15.86 13.17
CA ARG G 380 55.99 16.79 12.05
C ARG G 380 55.06 16.47 10.90
N GLU G 381 54.59 15.23 10.83
CA GLU G 381 53.77 14.79 9.69
C GLU G 381 52.42 14.26 10.16
N GLU G 382 51.47 14.18 9.22
CA GLU G 382 50.22 13.50 9.50
C GLU G 382 50.53 12.00 9.57
N VAL G 383 50.12 11.37 10.66
CA VAL G 383 50.31 9.95 10.85
C VAL G 383 48.97 9.26 10.69
N PHE G 384 48.70 8.85 9.45
CA PHE G 384 47.41 8.31 9.07
C PHE G 384 47.37 6.81 9.36
N GLY G 385 47.55 6.47 10.64
CA GLY G 385 47.63 5.09 11.07
C GLY G 385 47.81 5.07 12.57
N PRO G 386 47.99 3.88 13.16
CA PRO G 386 47.90 3.76 14.62
C PRO G 386 49.24 3.94 15.34
N VAL G 387 49.95 5.02 15.05
CA VAL G 387 51.16 5.37 15.80
C VAL G 387 50.93 6.72 16.45
N ARG G 388 50.99 6.80 17.78
CA ARG G 388 50.57 8.00 18.49
C ARG G 388 51.55 8.50 19.54
N PRO G 389 51.93 9.78 19.46
CA PRO G 389 52.81 10.37 20.47
C PRO G 389 52.03 11.03 21.61
N ILE G 390 52.59 10.96 22.81
CA ILE G 390 52.05 11.65 23.96
C ILE G 390 53.07 12.67 24.45
N VAL G 391 52.65 13.93 24.55
CA VAL G 391 53.52 15.03 24.96
C VAL G 391 53.09 15.57 26.30
N VAL G 392 54.02 15.67 27.24
CA VAL G 392 53.71 16.18 28.57
C VAL G 392 54.09 17.66 28.64
N VAL G 393 53.15 18.48 29.10
CA VAL G 393 53.38 19.92 29.16
C VAL G 393 53.16 20.43 30.58
N GLU G 394 53.79 21.57 30.91
CA GLU G 394 53.74 22.10 32.27
C GLU G 394 52.52 22.98 32.55
N ASN G 395 51.95 23.56 31.51
CA ASN G 395 50.88 24.54 31.66
C ASN G 395 50.10 24.73 30.36
N ASP G 396 49.05 25.55 30.42
CA ASP G 396 48.16 25.77 29.28
C ASP G 396 48.87 26.47 28.13
N ASP G 397 49.71 27.47 28.42
CA ASP G 397 50.49 28.15 27.39
C ASP G 397 51.30 27.13 26.57
N GLN G 398 51.89 26.17 27.27
CA GLN G 398 52.70 25.14 26.62
C GLN G 398 51.83 24.20 25.79
N ALA G 399 50.69 23.82 26.34
CA ALA G 399 49.72 22.97 25.64
C ALA G 399 49.34 23.57 24.28
N VAL G 400 49.04 24.86 24.27
CA VAL G 400 48.68 25.56 23.05
C VAL G 400 49.87 25.66 22.08
N GLU G 401 51.05 25.98 22.60
CA GLU G 401 52.26 26.05 21.77
C GLU G 401 52.47 24.73 21.04
N VAL G 402 52.40 23.62 21.76
CA VAL G 402 52.60 22.31 21.15
C VAL G 402 51.51 22.01 20.12
N ALA G 403 50.26 22.27 20.51
CA ALA G 403 49.10 22.03 19.66
C ALA G 403 49.21 22.76 18.33
N ASN G 404 49.69 23.99 18.35
CA ASN G 404 49.81 24.78 17.14
C ASN G 404 51.10 24.52 16.35
N ASP G 405 52.01 23.73 16.92
CA ASP G 405 53.31 23.51 16.26
C ASP G 405 53.19 22.41 15.20
N THR G 406 52.37 22.69 14.18
CA THR G 406 52.08 21.76 13.10
C THR G 406 51.73 22.53 11.84
N ASP G 407 51.91 21.92 10.68
CA ASP G 407 51.50 22.57 9.45
C ASP G 407 49.99 22.46 9.24
N TYR G 408 49.36 21.52 9.94
CA TYR G 408 47.94 21.25 9.73
C TYR G 408 47.07 22.12 10.63
N GLY G 409 45.75 22.04 10.44
CA GLY G 409 44.82 22.83 11.22
C GLY G 409 43.39 22.42 10.96
N LEU G 410 43.11 21.13 11.12
CA LEU G 410 41.78 20.62 10.82
C LEU G 410 40.88 20.73 12.05
N SER G 411 41.10 19.85 13.03
CA SER G 411 40.27 19.87 14.23
C SER G 411 41.16 19.89 15.48
N GLY G 412 40.55 19.65 16.64
CA GLY G 412 41.25 19.73 17.91
C GLY G 412 40.25 19.61 19.03
N ALA G 413 40.75 19.30 20.22
CA ALA G 413 39.87 19.17 21.37
C ALA G 413 40.60 19.46 22.66
N VAL G 414 39.84 19.85 23.67
CA VAL G 414 40.39 20.06 25.00
C VAL G 414 39.46 19.40 26.01
N LEU G 415 40.06 18.72 26.98
CA LEU G 415 39.30 18.11 28.07
C LEU G 415 39.60 18.89 29.34
N THR G 416 38.58 19.46 29.94
CA THR G 416 38.71 20.23 31.18
C THR G 416 37.32 20.58 31.67
N ASN G 417 37.19 20.83 32.97
CA ASN G 417 35.92 21.26 33.52
C ASN G 417 35.90 22.75 33.78
N ASN G 418 37.02 23.41 33.52
CA ASN G 418 37.13 24.84 33.76
C ASN G 418 36.67 25.64 32.53
N VAL G 419 35.67 26.50 32.69
CA VAL G 419 35.11 27.20 31.54
C VAL G 419 36.09 28.21 30.92
N ASN G 420 36.89 28.86 31.74
CA ASN G 420 37.86 29.84 31.26
C ASN G 420 39.01 29.19 30.49
N ARG G 421 39.54 28.10 31.02
CA ARG G 421 40.64 27.40 30.37
C ARG G 421 40.16 26.77 29.07
N ALA G 422 38.95 26.22 29.09
CA ALA G 422 38.38 25.61 27.89
C ALA G 422 38.26 26.65 26.77
N PHE G 423 37.66 27.79 27.08
CA PHE G 423 37.42 28.81 26.05
C PHE G 423 38.73 29.45 25.58
N ARG G 424 39.66 29.71 26.49
CA ARG G 424 40.95 30.31 26.12
CA ARG G 424 40.93 30.33 26.09
C ARG G 424 41.76 29.39 25.21
N ILE G 425 41.70 28.10 25.47
CA ILE G 425 42.44 27.15 24.64
C ILE G 425 41.73 27.00 23.29
N ALA G 426 40.40 26.89 23.30
CA ALA G 426 39.64 26.76 22.06
C ALA G 426 39.92 27.94 21.12
N GLU G 427 39.98 29.14 21.68
CA GLU G 427 40.22 30.33 20.90
C GLU G 427 41.63 30.36 20.31
N ALA G 428 42.60 29.84 21.06
CA ALA G 428 44.01 29.99 20.66
C ALA G 428 44.52 28.88 19.75
N VAL G 429 43.88 27.71 19.79
CA VAL G 429 44.27 26.62 18.90
C VAL G 429 43.90 26.94 17.45
N GLU G 430 44.87 26.80 16.56
CA GLU G 430 44.72 27.19 15.16
C GLU G 430 44.13 26.06 14.33
N SER G 431 42.80 25.95 14.34
CA SER G 431 42.12 24.83 13.66
C SER G 431 40.80 25.28 13.06
N GLY G 432 40.34 24.56 12.04
CA GLY G 432 39.07 24.88 11.41
C GLY G 432 37.88 24.48 12.27
N MET G 433 38.10 23.50 13.14
CA MET G 433 37.06 22.98 14.03
C MET G 433 37.65 22.69 15.40
N PHE G 434 36.82 22.73 16.43
CA PHE G 434 37.28 22.49 17.79
C PHE G 434 36.17 22.00 18.71
N HIS G 435 36.51 21.09 19.59
CA HIS G 435 35.51 20.45 20.43
C HIS G 435 35.93 20.47 21.90
N ILE G 436 35.03 20.95 22.75
CA ILE G 436 35.28 21.00 24.17
C ILE G 436 34.66 19.77 24.83
N ASN G 437 35.52 18.97 25.48
CA ASN G 437 35.08 17.74 26.16
C ASN G 437 34.42 16.72 25.24
N ASP G 438 35.01 16.53 24.07
CA ASP G 438 34.58 15.46 23.18
C ASP G 438 35.72 15.08 22.28
N VAL G 439 35.49 14.08 21.44
CA VAL G 439 36.53 13.57 20.54
C VAL G 439 36.87 14.58 19.45
N THR G 440 38.06 14.45 18.89
CA THR G 440 38.49 15.36 17.83
C THR G 440 37.69 15.17 16.55
N PHE G 441 37.17 13.96 16.33
CA PHE G 441 36.50 13.70 15.05
C PHE G 441 34.96 13.81 15.06
N LEU G 442 34.41 14.55 16.01
CA LEU G 442 32.99 14.90 15.96
C LEU G 442 32.61 15.44 14.58
N GLU G 443 31.45 15.01 14.09
CA GLU G 443 30.99 15.42 12.76
C GLU G 443 29.47 15.25 12.67
N GLU G 444 28.79 16.30 12.23
CA GLU G 444 27.36 16.20 11.97
C GLU G 444 27.13 16.54 10.49
N SER G 445 25.95 16.20 9.97
CA SER G 445 25.71 16.29 8.52
C SER G 445 25.62 17.73 8.03
N HIS G 446 25.25 18.65 8.91
CA HIS G 446 24.90 20.01 8.49
C HIS G 446 25.80 21.09 9.09
N VAL G 447 26.95 20.70 9.63
CA VAL G 447 27.89 21.69 10.20
C VAL G 447 29.02 21.94 9.21
N PRO G 448 29.72 23.10 9.34
CA PRO G 448 30.83 23.38 8.41
C PRO G 448 32.08 22.58 8.76
N PHE G 449 32.35 21.55 7.97
CA PHE G 449 33.50 20.69 8.19
C PHE G 449 34.62 21.14 7.28
N GLY G 450 35.77 21.46 7.87
CA GLY G 450 36.93 21.82 7.06
C GLY G 450 38.05 22.40 7.90
N GLY G 451 39.19 22.66 7.27
CA GLY G 451 40.38 23.05 8.01
C GLY G 451 40.96 24.39 7.60
N ILE G 452 42.09 24.73 8.21
CA ILE G 452 42.88 25.90 7.83
C ILE G 452 44.31 25.42 7.66
N LYS G 453 45.21 26.32 7.31
CA LYS G 453 46.62 25.97 7.11
C LYS G 453 46.71 24.84 6.07
N ALA G 454 47.52 23.82 6.31
CA ALA G 454 47.71 22.79 5.28
C ALA G 454 46.53 21.82 5.19
N SER G 455 45.52 21.99 6.04
CA SER G 455 44.40 21.04 6.05
C SER G 455 43.35 21.36 5.00
N GLY G 456 43.55 22.45 4.26
CA GLY G 456 42.71 22.70 3.11
C GLY G 456 41.98 24.01 3.07
N VAL G 457 40.97 24.08 2.20
CA VAL G 457 40.16 25.27 2.00
C VAL G 457 38.70 24.89 1.80
N GLY G 458 37.80 25.76 2.24
CA GLY G 458 36.36 25.53 2.09
C GLY G 458 35.76 24.70 3.20
N ARG G 459 34.43 24.62 3.21
CA ARG G 459 33.71 23.84 4.20
C ARG G 459 32.64 22.97 3.53
N GLU G 460 32.42 21.78 4.08
CA GLU G 460 31.34 20.93 3.57
C GLU G 460 30.40 20.50 4.68
N GLY G 461 29.15 20.22 4.29
CA GLY G 461 28.11 19.86 5.22
C GLY G 461 26.98 20.84 5.09
N GLY G 462 25.79 20.33 4.76
CA GLY G 462 24.60 21.15 4.66
C GLY G 462 24.75 22.38 3.78
N GLU G 463 24.33 23.54 4.29
CA GLU G 463 24.35 24.75 3.48
CA GLU G 463 24.34 24.77 3.50
C GLU G 463 25.76 25.21 3.13
N TRP G 464 26.74 24.74 3.91
CA TRP G 464 28.13 25.09 3.62
C TRP G 464 28.58 24.38 2.34
N SER G 465 28.16 23.14 2.13
CA SER G 465 28.35 22.47 0.84
C SER G 465 27.69 23.24 -0.30
N PHE G 466 26.49 23.75 -0.03
CA PHE G 466 25.78 24.56 -1.03
C PHE G 466 26.59 25.83 -1.39
N HIS G 467 27.14 26.52 -0.37
CA HIS G 467 28.01 27.69 -0.61
C HIS G 467 29.15 27.35 -1.58
N GLU G 468 29.76 26.17 -1.40
CA GLU G 468 30.91 25.76 -2.21
C GLU G 468 30.57 25.54 -3.68
N THR G 469 29.36 25.03 -3.95
CA THR G 469 29.04 24.64 -5.33
C THR G 469 27.90 25.45 -5.94
N THR G 470 27.71 26.68 -5.47
CA THR G 470 26.79 27.63 -6.09
C THR G 470 27.48 29.00 -6.18
N TYR G 471 26.92 29.93 -6.93
CA TYR G 471 27.46 31.28 -6.92
C TYR G 471 26.34 32.29 -6.74
N ASP G 472 26.70 33.47 -6.26
CA ASP G 472 25.75 34.54 -6.04
C ASP G 472 25.56 35.29 -7.34
N ARG G 473 24.32 35.70 -7.64
CA ARG G 473 24.09 36.48 -8.86
CA ARG G 473 24.05 36.46 -8.89
C ARG G 473 23.21 37.72 -8.62
N TRP G 474 23.87 38.87 -8.58
CA TRP G 474 23.20 40.16 -8.36
C TRP G 474 22.39 40.54 -9.59
N VAL G 475 21.09 40.80 -9.40
CA VAL G 475 20.22 41.23 -10.48
C VAL G 475 19.45 42.47 -10.06
N THR G 476 19.41 43.47 -10.93
CA THR G 476 18.65 44.68 -10.62
C THR G 476 17.59 45.01 -11.65
N VAL G 477 16.61 45.79 -11.23
CA VAL G 477 15.62 46.37 -12.14
C VAL G 477 15.51 47.84 -11.84
N THR G 478 15.74 48.67 -12.85
CA THR G 478 15.69 50.12 -12.70
C THR G 478 14.38 50.63 -13.30
N LEU G 479 13.62 51.39 -12.52
CA LEU G 479 12.24 51.66 -12.86
C LEU G 479 12.05 53.10 -13.32
N ARG G 480 13.14 53.84 -13.41
CA ARG G 480 13.08 55.22 -13.89
C ARG G 480 14.18 55.45 -14.91
N THR G 481 13.95 56.38 -15.84
CA THR G 481 14.99 56.78 -16.80
C THR G 481 15.82 57.88 -16.17
N ARG G 482 17.03 58.10 -16.67
CA ARG G 482 17.80 59.23 -16.16
C ARG G 482 18.74 59.78 -17.21
N ARG G 483 19.39 60.88 -16.87
CA ARG G 483 20.32 61.53 -17.76
C ARG G 483 21.70 60.95 -17.53
N PHE G 484 22.48 60.87 -18.59
CA PHE G 484 23.83 60.30 -18.50
C PHE G 484 24.88 61.40 -18.67
N PRO G 485 26.08 61.21 -18.09
CA PRO G 485 27.08 62.28 -18.10
C PRO G 485 27.79 62.51 -19.44
N ILE G 486 27.75 61.54 -20.35
CA ILE G 486 28.27 61.75 -21.70
C ILE G 486 27.21 61.42 -22.74
N PRO G 487 27.18 62.17 -23.85
CA PRO G 487 27.96 63.38 -24.16
C PRO G 487 27.53 64.56 -23.29
N SER G 488 28.49 65.33 -22.79
CA SER G 488 28.16 66.44 -21.90
C SER G 488 27.39 67.56 -22.60
N ALA G 489 27.56 67.68 -23.91
CA ALA G 489 26.85 68.67 -24.71
C ALA G 489 25.32 68.61 -24.56
N LEU G 490 24.78 67.40 -24.39
CA LEU G 490 23.34 67.21 -24.26
C LEU G 490 22.79 67.82 -22.98
N LEU H 4 52.30 67.12 -3.95
N LEU H 4 53.21 68.37 -8.38
CA LEU H 4 53.37 66.45 -4.67
CA LEU H 4 53.76 67.12 -8.92
C LEU H 4 54.60 67.34 -4.80
C LEU H 4 55.28 67.06 -8.75
N ASN H 5 54.39 68.65 -4.91
N ASN H 5 55.93 68.17 -9.11
CA ASN H 5 55.52 69.56 -5.09
CA ASN H 5 57.38 68.26 -9.09
C ASN H 5 56.24 69.87 -3.78
C ASN H 5 57.95 68.24 -7.67
N ILE H 6 55.84 69.20 -2.70
N ILE H 6 57.06 68.23 -6.68
CA ILE H 6 56.50 69.37 -1.42
CA ILE H 6 57.44 68.31 -5.28
C ILE H 6 56.79 68.02 -0.76
C ILE H 6 57.13 66.99 -4.55
N MET H 7 56.38 66.94 -1.40
N MET H 7 56.47 66.08 -5.26
CA MET H 7 56.43 65.62 -0.78
CA MET H 7 56.10 64.78 -4.67
C MET H 7 56.86 64.51 -1.76
C MET H 7 57.28 63.85 -4.46
N LYS H 8 57.73 63.62 -1.29
N LYS H 8 57.50 63.47 -3.20
CA LYS H 8 58.25 62.54 -2.12
CA LYS H 8 58.44 62.40 -2.87
C LYS H 8 57.38 61.28 -2.06
C LYS H 8 57.64 61.13 -2.57
N VAL H 9 57.24 60.61 -3.20
N VAL H 9 57.29 60.40 -3.62
CA VAL H 9 56.53 59.33 -3.28
CA VAL H 9 56.51 59.17 -3.51
C VAL H 9 57.42 58.19 -2.82
C VAL H 9 57.38 58.04 -2.97
N ALA H 10 56.85 57.30 -2.00
CA ALA H 10 57.61 56.22 -1.37
C ALA H 10 56.69 55.07 -0.94
N ASN H 11 57.28 53.95 -0.53
CA ASN H 11 56.52 52.87 0.08
C ASN H 11 56.02 53.28 1.47
N TYR H 12 55.09 52.50 2.01
CA TYR H 12 54.64 52.67 3.39
C TYR H 12 54.63 51.28 4.02
N ILE H 13 55.58 51.07 4.91
CA ILE H 13 55.81 49.75 5.50
C ILE H 13 56.00 49.88 7.00
N ASN H 14 55.19 49.15 7.75
CA ASN H 14 55.23 49.18 9.21
C ASN H 14 55.17 50.60 9.78
N GLY H 15 54.24 51.40 9.28
CA GLY H 15 54.03 52.75 9.78
C GLY H 15 55.03 53.82 9.32
N GLU H 16 55.89 53.48 8.37
CA GLU H 16 56.92 54.41 7.93
C GLU H 16 56.97 54.56 6.41
N PHE H 17 56.96 55.80 5.92
CA PHE H 17 57.21 56.04 4.50
C PHE H 17 58.70 55.91 4.24
N LYS H 18 59.06 55.18 3.19
CA LYS H 18 60.47 54.91 2.94
C LYS H 18 60.72 54.48 1.51
N GLU H 19 61.94 54.71 1.04
CA GLU H 19 62.31 54.34 -0.31
C GLU H 19 62.58 52.83 -0.36
N PRO H 20 62.57 52.25 -1.56
CA PRO H 20 62.85 50.81 -1.61
C PRO H 20 64.28 50.54 -1.17
N SER H 21 64.56 49.32 -0.71
CA SER H 21 65.88 49.00 -0.16
C SER H 21 67.01 49.22 -1.16
N THR H 22 66.75 49.02 -2.44
CA THR H 22 67.77 49.26 -3.48
C THR H 22 67.91 50.72 -3.86
N GLY H 23 66.93 51.54 -3.48
CA GLY H 23 66.91 52.93 -3.87
C GLY H 23 66.47 53.14 -5.31
N ALA H 24 66.26 52.05 -6.05
CA ALA H 24 65.82 52.11 -7.44
C ALA H 24 64.50 52.87 -7.57
N PHE H 25 64.40 53.71 -8.60
CA PHE H 25 63.18 54.47 -8.79
C PHE H 25 62.80 54.44 -10.26
N GLN H 26 61.67 55.07 -10.58
CA GLN H 26 61.14 55.06 -11.92
C GLN H 26 60.35 56.33 -12.14
N VAL H 27 60.30 56.83 -13.36
CA VAL H 27 59.59 58.08 -13.63
C VAL H 27 58.19 57.82 -14.19
N LYS H 28 57.16 58.29 -13.48
CA LYS H 28 55.78 58.16 -13.96
C LYS H 28 55.43 59.41 -14.76
N THR H 29 54.91 59.22 -15.97
CA THR H 29 54.51 60.32 -16.83
C THR H 29 53.00 60.30 -17.11
N SER H 30 52.46 61.46 -17.46
CA SER H 30 51.04 61.59 -17.76
C SER H 30 50.70 60.98 -19.11
N PRO H 31 49.61 60.21 -19.17
CA PRO H 31 49.18 59.69 -20.47
C PRO H 31 48.63 60.79 -21.36
N VAL H 32 48.34 61.94 -20.76
CA VAL H 32 47.77 63.05 -21.50
C VAL H 32 48.81 63.66 -22.46
N ASP H 33 50.00 63.96 -21.96
CA ASP H 33 50.99 64.65 -22.79
C ASP H 33 52.43 64.18 -22.60
N GLY H 34 52.62 63.16 -21.77
CA GLY H 34 53.94 62.61 -21.56
C GLY H 34 54.77 63.40 -20.56
N SER H 35 54.18 64.45 -19.99
CA SER H 35 54.89 65.26 -19.01
C SER H 35 55.17 64.46 -17.73
N LYS H 36 56.25 64.80 -17.04
CA LYS H 36 56.62 64.09 -15.83
C LYS H 36 55.60 64.34 -14.72
N ILE H 37 55.25 63.29 -14.00
CA ILE H 37 54.37 63.44 -12.84
C ILE H 37 55.17 63.29 -11.56
N ALA H 38 55.91 62.19 -11.45
CA ALA H 38 56.74 61.96 -10.27
C ALA H 38 57.69 60.80 -10.45
N GLU H 39 58.73 60.77 -9.61
CA GLU H 39 59.58 59.60 -9.49
C GLU H 39 58.92 58.72 -8.45
N VAL H 40 58.94 57.40 -8.68
CA VAL H 40 58.28 56.47 -7.76
C VAL H 40 59.17 55.26 -7.53
N PRO H 41 58.96 54.56 -6.40
CA PRO H 41 59.79 53.39 -6.14
C PRO H 41 59.73 52.36 -7.25
N ARG H 42 60.82 51.62 -7.42
CA ARG H 42 60.79 50.41 -8.21
C ARG H 42 61.21 49.29 -7.28
N SER H 43 60.27 48.84 -6.44
CA SER H 43 60.59 47.93 -5.33
C SER H 43 60.88 46.52 -5.81
N GLY H 44 61.52 45.73 -4.94
CA GLY H 44 61.86 44.37 -5.25
C GLY H 44 61.32 43.42 -4.19
N ARG H 45 61.80 42.18 -4.22
CA ARG H 45 61.27 41.13 -3.35
C ARG H 45 61.54 41.38 -1.86
N GLU H 46 62.69 41.98 -1.55
CA GLU H 46 63.00 42.29 -0.16
C GLU H 46 61.98 43.25 0.43
N ASP H 47 61.54 44.21 -0.37
CA ASP H 47 60.55 45.18 0.08
C ASP H 47 59.21 44.50 0.31
N ALA H 48 58.84 43.62 -0.60
CA ALA H 48 57.59 42.88 -0.46
C ALA H 48 57.62 42.07 0.83
N ARG H 49 58.76 41.42 1.08
CA ARG H 49 58.94 40.57 2.25
C ARG H 49 58.86 41.37 3.53
N GLU H 50 59.41 42.59 3.51
CA GLU H 50 59.39 43.43 4.71
C GLU H 50 57.96 43.82 5.05
N ALA H 51 57.21 44.19 4.02
CA ALA H 51 55.79 44.51 4.18
C ALA H 51 55.02 43.31 4.70
N ILE H 52 55.26 42.14 4.11
CA ILE H 52 54.56 40.94 4.53
C ILE H 52 54.84 40.58 5.99
N ASP H 53 56.10 40.67 6.39
CA ASP H 53 56.46 40.39 7.77
C ASP H 53 55.85 41.41 8.73
N SER H 54 55.76 42.67 8.31
CA SER H 54 55.15 43.70 9.14
C SER H 54 53.69 43.37 9.37
N ALA H 55 52.98 43.06 8.28
CA ALA H 55 51.57 42.71 8.36
C ALA H 55 51.35 41.47 9.23
N PHE H 56 52.25 40.50 9.10
CA PHE H 56 52.16 39.28 9.91
C PHE H 56 52.32 39.58 11.39
N GLU H 57 53.29 40.43 11.72
CA GLU H 57 53.54 40.76 13.12
C GLU H 57 52.42 41.60 13.71
N ALA H 58 51.76 42.38 12.87
CA ALA H 58 50.66 43.24 13.32
C ALA H 58 49.34 42.47 13.47
N LEU H 59 49.28 41.26 12.92
CA LEU H 59 48.00 40.58 12.72
C LEU H 59 47.22 40.28 14.00
N LYS H 60 47.85 39.65 14.98
CA LYS H 60 47.09 39.18 16.15
C LYS H 60 46.46 40.32 16.93
N ALA H 61 47.20 41.41 17.15
CA ALA H 61 46.65 42.56 17.87
C ALA H 61 45.46 43.18 17.11
N TRP H 62 45.57 43.23 15.78
CA TRP H 62 44.53 43.81 14.96
C TRP H 62 43.29 42.93 14.92
N ALA H 63 43.50 41.62 14.77
CA ALA H 63 42.39 40.68 14.71
C ALA H 63 41.68 40.58 16.05
N ASN H 64 42.42 40.72 17.13
CA ASN H 64 41.84 40.44 18.44
C ASN H 64 41.10 41.60 19.09
N ILE H 65 41.31 42.83 18.66
CA ILE H 65 40.53 43.91 19.24
C ILE H 65 39.06 43.72 18.82
N PRO H 66 38.11 44.23 19.63
CA PRO H 66 36.69 44.17 19.27
C PRO H 66 36.43 44.88 17.94
N ALA H 67 35.48 44.37 17.17
CA ALA H 67 35.19 44.93 15.86
C ALA H 67 34.92 46.43 15.92
N ILE H 68 34.29 46.89 17.01
CA ILE H 68 33.95 48.30 17.15
C ILE H 68 35.22 49.17 17.08
N ARG H 69 36.35 48.63 17.51
CA ARG H 69 37.60 49.40 17.46
C ARG H 69 38.12 49.51 16.02
N ARG H 70 37.99 48.45 15.25
CA ARG H 70 38.38 48.53 13.84
C ARG H 70 37.45 49.46 13.09
N ALA H 71 36.15 49.43 13.43
CA ALA H 71 35.20 50.34 12.78
C ALA H 71 35.62 51.79 13.03
N GLU H 72 36.02 52.09 14.26
CA GLU H 72 36.46 53.43 14.62
CA GLU H 72 36.48 53.42 14.64
C GLU H 72 37.61 53.91 13.73
N TYR H 73 38.60 53.04 13.49
CA TYR H 73 39.72 53.39 12.60
C TYR H 73 39.23 53.67 11.18
N LEU H 74 38.25 52.88 10.73
CA LEU H 74 37.72 53.07 9.39
C LEU H 74 36.93 54.37 9.31
N TYR H 75 36.19 54.71 10.36
CA TYR H 75 35.49 55.99 10.40
C TYR H 75 36.50 57.14 10.38
N LYS H 76 37.64 56.94 11.02
CA LYS H 76 38.69 57.94 11.00
C LYS H 76 39.25 58.08 9.57
N MET H 77 39.42 56.94 8.90
CA MET H 77 39.91 56.94 7.52
CA MET H 77 39.94 56.95 7.53
C MET H 77 38.97 57.71 6.62
N LEU H 78 37.66 57.54 6.87
CA LEU H 78 36.61 58.20 6.12
C LEU H 78 36.71 59.70 6.27
N GLU H 79 36.92 60.14 7.50
CA GLU H 79 37.06 61.57 7.79
C GLU H 79 38.28 62.14 7.04
N VAL H 80 39.38 61.39 7.01
CA VAL H 80 40.57 61.84 6.30
C VAL H 80 40.30 61.87 4.78
N PHE H 81 39.68 60.80 4.28
CA PHE H 81 39.37 60.74 2.85
C PHE H 81 38.54 61.96 2.43
N ARG H 82 37.58 62.36 3.26
CA ARG H 82 36.76 63.52 2.91
C ARG H 82 37.62 64.77 2.76
N GLN H 83 38.70 64.87 3.52
CA GLN H 83 39.59 66.01 3.43
C GLN H 83 40.49 65.93 2.21
N MET H 84 40.61 64.74 1.64
CA MET H 84 41.57 64.52 0.56
C MET H 84 40.94 64.43 -0.84
N LYS H 85 39.63 64.64 -0.95
CA LYS H 85 38.93 64.37 -2.21
C LYS H 85 39.55 65.07 -3.42
N GLU H 86 39.94 66.33 -3.24
CA GLU H 86 40.48 67.12 -4.37
C GLU H 86 41.81 66.57 -4.84
N ASP H 87 42.62 66.10 -3.90
CA ASP H 87 43.92 65.54 -4.25
C ASP H 87 43.76 64.24 -5.04
N PHE H 88 42.80 63.41 -4.62
CA PHE H 88 42.56 62.15 -5.32
C PHE H 88 42.06 62.39 -6.73
N MET H 89 41.13 63.32 -6.88
CA MET H 89 40.59 63.64 -8.19
C MET H 89 41.65 64.14 -9.14
N LYS H 90 42.52 65.04 -8.65
CA LYS H 90 43.59 65.56 -9.50
C LYS H 90 44.51 64.46 -10.00
N ILE H 91 44.93 63.57 -9.10
CA ILE H 91 45.84 62.51 -9.48
C ILE H 91 45.16 61.45 -10.38
N LEU H 92 43.89 61.16 -10.12
CA LEU H 92 43.20 60.20 -10.99
C LEU H 92 43.14 60.74 -12.42
N THR H 93 43.06 62.06 -12.54
CA THR H 93 42.97 62.68 -13.86
C THR H 93 44.33 62.74 -14.52
N VAL H 94 45.34 63.25 -13.83
CA VAL H 94 46.62 63.49 -14.48
C VAL H 94 47.43 62.20 -14.60
N GLU H 95 47.29 61.30 -13.64
CA GLU H 95 48.00 60.04 -13.73
C GLU H 95 47.19 58.97 -14.49
N GLY H 96 45.88 58.93 -14.30
CA GLY H 96 45.06 57.89 -14.90
C GLY H 96 44.31 58.26 -16.18
N GLY H 97 44.27 59.55 -16.50
CA GLY H 97 43.63 60.02 -17.72
C GLY H 97 42.13 60.23 -17.60
N GLY H 98 41.59 60.10 -16.39
CA GLY H 98 40.16 60.21 -16.19
C GLY H 98 39.64 61.62 -16.37
N THR H 99 38.45 61.75 -16.94
CA THR H 99 37.79 63.03 -17.01
C THR H 99 37.30 63.45 -15.62
N TYR H 100 36.93 64.71 -15.50
CA TYR H 100 36.42 65.24 -14.25
C TYR H 100 35.22 64.45 -13.78
N ARG H 101 34.29 64.19 -14.68
CA ARG H 101 33.08 63.51 -14.28
C ARG H 101 33.38 62.07 -13.85
N LYS H 102 34.37 61.43 -14.48
CA LYS H 102 34.73 60.07 -14.11
C LYS H 102 35.38 60.03 -12.72
N VAL H 103 36.32 60.92 -12.46
CA VAL H 103 37.09 60.84 -11.22
C VAL H 103 36.26 61.39 -10.06
N TRP H 104 35.33 62.28 -10.35
CA TRP H 104 34.35 62.71 -9.37
C TRP H 104 33.51 61.51 -8.91
N GLY H 105 33.01 60.75 -9.88
CA GLY H 105 32.24 59.55 -9.61
C GLY H 105 33.05 58.55 -8.80
N GLU H 106 34.32 58.36 -9.17
CA GLU H 106 35.15 57.39 -8.47
C GLU H 106 35.35 57.79 -7.01
N VAL H 107 35.56 59.09 -6.79
CA VAL H 107 35.80 59.59 -5.44
C VAL H 107 34.54 59.51 -4.57
N VAL H 108 33.39 59.84 -5.14
CA VAL H 108 32.14 59.75 -4.38
C VAL H 108 31.88 58.29 -3.97
N PHE H 109 32.12 57.37 -4.89
CA PHE H 109 31.92 55.95 -4.63
C PHE H 109 32.91 55.44 -3.60
N THR H 110 34.14 55.95 -3.66
CA THR H 110 35.16 55.52 -2.69
C THR H 110 34.78 55.94 -1.26
N GLU H 111 34.23 57.14 -1.12
CA GLU H 111 33.75 57.60 0.18
C GLU H 111 32.70 56.62 0.73
N ARG H 112 31.77 56.21 -0.13
CA ARG H 112 30.75 55.24 0.28
C ARG H 112 31.33 53.86 0.57
N LEU H 113 32.36 53.45 -0.18
CA LEU H 113 33.01 52.15 0.08
C LEU H 113 33.62 52.12 1.48
N ILE H 114 34.30 53.19 1.85
CA ILE H 114 34.96 53.23 3.16
C ILE H 114 33.90 53.26 4.27
N GLN H 115 32.89 54.09 4.09
CA GLN H 115 31.78 54.12 5.04
C GLN H 115 31.09 52.75 5.18
N ASN H 116 30.89 52.07 4.06
CA ASN H 116 30.23 50.76 4.06
C ASN H 116 31.01 49.76 4.88
N ALA H 117 32.32 49.72 4.70
CA ALA H 117 33.16 48.79 5.47
C ALA H 117 33.10 49.09 6.99
N ALA H 118 33.15 50.37 7.36
CA ALA H 118 33.04 50.78 8.77
C ALA H 118 31.71 50.35 9.38
N GLU H 119 30.63 50.58 8.64
CA GLU H 119 29.27 50.29 9.09
C GLU H 119 29.04 48.82 9.37
N LEU H 120 29.65 47.95 8.56
CA LEU H 120 29.40 46.51 8.63
C LEU H 120 30.27 45.72 9.62
N ALA H 121 31.37 46.32 10.07
CA ALA H 121 32.40 45.60 10.82
C ALA H 121 31.86 44.87 12.06
N ARG H 122 30.97 45.52 12.79
CA ARG H 122 30.43 44.98 14.04
C ARG H 122 29.34 43.93 13.81
N HIS H 123 28.93 43.73 12.56
CA HIS H 123 27.66 43.04 12.34
C HIS H 123 27.80 41.73 11.58
N TYR H 124 29.04 41.33 11.35
CA TYR H 124 29.31 40.10 10.63
C TYR H 124 29.07 38.93 11.59
N GLN H 125 28.02 38.16 11.34
CA GLN H 125 27.58 37.14 12.30
C GLN H 125 27.96 35.71 11.92
N GLY H 126 28.18 34.89 12.94
CA GLY H 126 28.29 33.46 12.76
C GLY H 126 26.93 32.83 13.02
N ARG H 127 26.91 31.55 13.35
CA ARG H 127 25.65 30.83 13.45
C ARG H 127 25.58 29.92 14.67
N VAL H 128 24.40 29.80 15.26
CA VAL H 128 24.16 28.82 16.32
C VAL H 128 23.29 27.71 15.74
N LEU H 129 23.76 26.47 15.84
CA LEU H 129 23.12 25.35 15.14
C LEU H 129 22.34 24.42 16.07
N GLN H 130 21.37 23.70 15.51
CA GLN H 130 20.75 22.58 16.23
C GLN H 130 21.76 21.44 16.23
N SER H 131 21.97 20.80 17.38
CA SER H 131 22.79 19.59 17.36
C SER H 131 21.90 18.37 17.19
N ASP H 132 22.38 17.42 16.40
CA ASP H 132 21.75 16.10 16.31
C ASP H 132 22.04 15.25 17.54
N SER H 133 22.98 15.69 18.37
CA SER H 133 23.34 14.99 19.61
C SER H 133 22.68 15.62 20.83
N GLU H 134 22.46 14.80 21.85
CA GLU H 134 21.99 15.32 23.13
C GLU H 134 23.12 16.06 23.84
N SER H 135 22.74 17.05 24.65
CA SER H 135 23.68 17.75 25.52
C SER H 135 24.88 18.34 24.80
N THR H 136 24.65 18.85 23.59
CA THR H 136 25.74 19.41 22.81
C THR H 136 25.41 20.84 22.37
N ILE H 137 26.35 21.75 22.63
CA ILE H 137 26.23 23.12 22.14
C ILE H 137 27.04 23.21 20.86
N SER H 138 26.45 23.77 19.80
CA SER H 138 27.06 23.73 18.48
C SER H 138 26.95 25.10 17.78
N VAL H 139 28.07 25.76 17.56
CA VAL H 139 28.04 27.10 17.00
C VAL H 139 29.15 27.30 15.97
N VAL H 140 29.05 28.37 15.21
CA VAL H 140 30.03 28.67 14.19
C VAL H 140 30.52 30.11 14.32
N PHE H 141 31.82 30.28 14.56
CA PHE H 141 32.43 31.60 14.63
C PHE H 141 33.01 32.02 13.29
N LYS H 142 33.12 33.33 13.09
CA LYS H 142 33.86 33.92 11.98
C LYS H 142 35.26 34.35 12.40
N ARG H 143 36.29 33.94 11.66
CA ARG H 143 37.69 34.29 11.96
C ARG H 143 38.31 34.97 10.76
N SER H 144 39.22 35.92 10.98
CA SER H 144 39.90 36.53 9.85
C SER H 144 40.93 35.55 9.26
N LYS H 145 41.18 35.66 7.96
CA LYS H 145 42.14 34.76 7.32
C LYS H 145 43.58 35.06 7.68
N GLY H 146 43.93 36.33 7.85
CA GLY H 146 45.30 36.66 8.16
C GLY H 146 45.87 37.82 7.36
N VAL H 147 47.06 37.64 6.81
CA VAL H 147 47.67 38.64 5.94
C VAL H 147 47.06 38.52 4.54
N VAL H 148 46.53 39.62 4.03
CA VAL H 148 45.90 39.59 2.71
C VAL H 148 46.63 40.46 1.69
N GLY H 149 47.00 39.85 0.56
CA GLY H 149 47.61 40.58 -0.53
C GLY H 149 46.53 41.23 -1.37
N VAL H 150 46.72 42.52 -1.68
CA VAL H 150 45.76 43.28 -2.47
C VAL H 150 46.50 43.80 -3.72
N ILE H 151 46.07 43.32 -4.89
CA ILE H 151 46.73 43.66 -6.15
C ILE H 151 45.71 44.17 -7.15
N THR H 152 45.93 45.39 -7.65
CA THR H 152 44.89 46.17 -8.30
C THR H 152 45.29 46.72 -9.69
N PRO H 153 44.30 47.15 -10.49
CA PRO H 153 44.54 47.61 -11.86
C PRO H 153 44.58 49.13 -11.97
N TRP H 154 44.71 49.65 -13.19
CA TRP H 154 44.93 51.08 -13.39
C TRP H 154 43.69 51.87 -13.79
N ASN H 155 42.58 51.19 -14.06
CA ASN H 155 41.46 51.89 -14.70
C ASN H 155 40.59 52.65 -13.70
N TYR H 156 40.23 52.00 -12.60
CA TYR H 156 39.60 52.66 -11.46
C TYR H 156 40.46 52.34 -10.23
N PRO H 157 41.67 52.90 -10.19
CA PRO H 157 42.65 52.45 -9.20
C PRO H 157 42.22 52.82 -7.77
N LEU H 158 41.49 53.91 -7.58
CA LEU H 158 41.10 54.29 -6.22
C LEU H 158 39.94 53.43 -5.68
N SER H 159 38.83 53.38 -6.40
CA SER H 159 37.66 52.70 -5.85
C SER H 159 37.89 51.19 -5.78
N ILE H 160 38.56 50.62 -6.78
CA ILE H 160 38.79 49.16 -6.74
C ILE H 160 39.74 48.82 -5.60
N SER H 161 40.80 49.60 -5.42
CA SER H 161 41.72 49.38 -4.31
C SER H 161 41.00 49.50 -2.96
N MET H 162 40.21 50.55 -2.79
CA MET H 162 39.62 50.80 -1.48
C MET H 162 38.49 49.83 -1.15
N LYS H 163 37.76 49.37 -2.16
CA LYS H 163 36.79 48.32 -1.89
C LYS H 163 37.52 47.16 -1.24
N LYS H 164 38.63 46.70 -1.84
CA LYS H 164 39.36 45.55 -1.29
C LYS H 164 40.01 45.86 0.05
N ILE H 165 40.66 47.02 0.14
CA ILE H 165 41.41 47.38 1.34
C ILE H 165 40.50 47.62 2.57
N ALA H 166 39.47 48.44 2.42
CA ALA H 166 38.64 48.78 3.58
C ALA H 166 37.86 47.58 4.13
N HIS H 167 37.25 46.79 3.26
CA HIS H 167 36.48 45.64 3.73
C HIS H 167 37.37 44.55 4.32
N THR H 168 38.55 44.37 3.74
CA THR H 168 39.51 43.39 4.24
C THR H 168 40.00 43.76 5.64
N LEU H 169 40.32 45.03 5.85
CA LEU H 169 40.73 45.52 7.18
C LEU H 169 39.62 45.41 8.22
N ALA H 170 38.39 45.72 7.80
CA ALA H 170 37.23 45.77 8.70
C ALA H 170 37.06 44.50 9.54
N VAL H 171 37.20 43.34 8.91
CA VAL H 171 36.97 42.08 9.61
C VAL H 171 38.23 41.48 10.18
N GLY H 172 39.31 42.26 10.25
CA GLY H 172 40.43 41.85 11.07
C GLY H 172 41.61 41.23 10.37
N ASN H 173 41.71 41.43 9.07
CA ASN H 173 42.90 41.04 8.33
C ASN H 173 43.89 42.19 8.28
N THR H 174 45.16 41.90 8.06
CA THR H 174 46.11 42.96 7.73
C THR H 174 46.40 42.91 6.22
N VAL H 175 47.01 43.96 5.68
CA VAL H 175 47.06 44.15 4.22
C VAL H 175 48.45 44.50 3.67
N VAL H 176 48.82 43.83 2.59
CA VAL H 176 49.96 44.23 1.77
C VAL H 176 49.41 44.58 0.39
N TYR H 177 49.56 45.85 0.02
CA TYR H 177 48.92 46.43 -1.16
C TYR H 177 49.96 46.79 -2.22
N LYS H 178 49.78 46.27 -3.44
CA LYS H 178 50.62 46.60 -4.58
C LYS H 178 49.78 47.16 -5.73
N PRO H 179 49.84 48.47 -5.94
CA PRO H 179 48.99 49.06 -6.98
C PRO H 179 49.54 48.83 -8.38
N ALA H 180 48.72 49.08 -9.38
CA ALA H 180 49.15 48.94 -10.76
C ALA H 180 50.29 49.91 -11.04
N SER H 181 51.23 49.49 -11.88
CA SER H 181 52.43 50.29 -12.17
C SER H 181 52.12 51.60 -12.88
N ASP H 182 50.99 51.66 -13.59
CA ASP H 182 50.60 52.90 -14.26
C ASP H 182 49.87 53.87 -13.33
N THR H 183 49.47 53.40 -12.14
CA THR H 183 48.82 54.30 -11.19
C THR H 183 49.44 54.23 -9.77
N PRO H 184 50.75 54.49 -9.65
CA PRO H 184 51.35 54.38 -8.33
C PRO H 184 51.03 55.54 -7.40
N VAL H 185 50.80 56.74 -7.96
CA VAL H 185 50.59 57.90 -7.08
C VAL H 185 49.24 57.78 -6.38
N THR H 186 48.25 57.23 -7.06
CA THR H 186 47.00 56.93 -6.38
C THR H 186 47.24 56.01 -5.16
N GLY H 187 48.09 55.01 -5.32
CA GLY H 187 48.35 54.08 -4.24
C GLY H 187 49.08 54.73 -3.08
N TRP H 188 49.94 55.68 -3.40
CA TRP H 188 50.64 56.47 -2.39
C TRP H 188 49.70 57.39 -1.63
N LEU H 189 48.74 58.01 -2.33
CA LEU H 189 47.78 58.85 -1.64
C LEU H 189 46.92 58.04 -0.67
N ILE H 190 46.62 56.80 -1.03
CA ILE H 190 45.89 55.91 -0.14
C ILE H 190 46.70 55.67 1.14
N ALA H 191 48.00 55.44 0.98
CA ALA H 191 48.89 55.25 2.13
C ALA H 191 48.89 56.49 3.03
N GLN H 192 48.94 57.67 2.42
CA GLN H 192 48.83 58.93 3.15
C GLN H 192 47.59 58.98 4.01
N MET H 193 46.45 58.64 3.40
CA MET H 193 45.18 58.62 4.12
C MET H 193 45.23 57.68 5.34
N VAL H 194 45.73 56.47 5.11
CA VAL H 194 45.76 55.48 6.18
C VAL H 194 46.67 55.95 7.30
N ALA H 195 47.83 56.47 6.92
CA ALA H 195 48.78 57.01 7.88
C ALA H 195 48.13 58.10 8.73
N LYS H 196 47.46 59.05 8.08
CA LYS H 196 46.82 60.15 8.80
C LYS H 196 45.67 59.68 9.68
N ALA H 197 45.06 58.55 9.31
CA ALA H 197 43.99 57.98 10.10
C ALA H 197 44.53 57.26 11.34
N GLY H 198 45.84 57.04 11.34
CA GLY H 198 46.55 56.50 12.49
C GLY H 198 46.42 55.00 12.76
N LEU H 199 46.26 54.17 11.72
CA LEU H 199 46.11 52.74 11.95
C LEU H 199 47.43 52.22 12.51
N PRO H 200 47.37 51.17 13.36
CA PRO H 200 48.56 50.62 14.02
C PRO H 200 49.58 50.22 12.99
N LYS H 201 50.86 50.34 13.31
CA LYS H 201 51.90 50.03 12.33
C LYS H 201 51.81 48.58 11.84
N GLY H 202 52.01 48.42 10.54
CA GLY H 202 52.01 47.11 9.92
C GLY H 202 50.64 46.60 9.53
N VAL H 203 49.58 47.25 10.00
CA VAL H 203 48.23 46.79 9.66
C VAL H 203 47.95 47.00 8.16
N PHE H 204 48.39 48.14 7.61
CA PHE H 204 48.34 48.42 6.18
C PHE H 204 49.73 48.76 5.65
N ASN H 205 50.12 48.15 4.52
CA ASN H 205 51.44 48.38 3.94
C ASN H 205 51.31 48.59 2.43
N LEU H 206 52.07 49.53 1.89
CA LEU H 206 52.09 49.82 0.45
C LEU H 206 53.46 49.51 -0.13
N VAL H 207 53.50 48.70 -1.19
CA VAL H 207 54.74 48.44 -1.93
C VAL H 207 54.54 48.72 -3.43
N ILE H 208 55.33 49.64 -3.96
CA ILE H 208 55.19 50.06 -5.34
C ILE H 208 56.30 49.44 -6.18
N GLY H 209 55.92 48.63 -7.16
CA GLY H 209 56.90 47.92 -7.96
C GLY H 209 56.25 46.99 -8.95
N PRO H 210 57.06 46.34 -9.81
CA PRO H 210 56.50 45.56 -10.92
C PRO H 210 55.80 44.27 -10.46
N GLY H 211 54.65 44.01 -11.08
CA GLY H 211 53.85 42.83 -10.79
C GLY H 211 54.61 41.51 -10.74
N PRO H 212 55.45 41.22 -11.75
CA PRO H 212 56.15 39.93 -11.74
C PRO H 212 57.22 39.80 -10.65
N VAL H 213 57.47 40.87 -9.89
CA VAL H 213 58.47 40.79 -8.84
C VAL H 213 57.82 40.93 -7.45
N VAL H 214 57.33 42.12 -7.14
CA VAL H 214 56.67 42.39 -5.88
C VAL H 214 55.37 41.59 -5.78
N GLY H 215 54.60 41.61 -6.86
CA GLY H 215 53.34 40.89 -6.91
C GLY H 215 53.54 39.39 -6.78
N GLU H 216 54.54 38.84 -7.46
CA GLU H 216 54.74 37.40 -7.38
C GLU H 216 55.16 36.99 -5.97
N GLU H 217 56.00 37.81 -5.34
CA GLU H 217 56.42 37.53 -3.98
C GLU H 217 55.23 37.49 -3.03
N ILE H 218 54.30 38.43 -3.18
CA ILE H 218 53.08 38.44 -2.37
C ILE H 218 52.27 37.15 -2.58
N VAL H 219 52.15 36.73 -3.83
CA VAL H 219 51.32 35.59 -4.17
C VAL H 219 51.95 34.25 -3.72
N THR H 220 53.27 34.21 -3.59
CA THR H 220 53.93 32.95 -3.28
C THR H 220 54.42 32.85 -1.83
N HIS H 221 54.33 33.96 -1.07
CA HIS H 221 54.87 33.96 0.29
C HIS H 221 54.02 33.13 1.28
N LYS H 222 54.68 32.42 2.18
CA LYS H 222 53.95 31.51 3.06
C LYS H 222 53.19 32.22 4.18
N ARG H 223 53.51 33.48 4.46
CA ARG H 223 52.78 34.16 5.53
C ARG H 223 51.56 34.94 5.03
N VAL H 224 51.34 34.92 3.72
CA VAL H 224 50.14 35.54 3.15
C VAL H 224 49.02 34.49 3.08
N ALA H 225 47.86 34.84 3.63
CA ALA H 225 46.75 33.88 3.74
C ALA H 225 45.82 33.92 2.54
N HIS H 226 45.72 35.08 1.89
CA HIS H 226 44.73 35.26 0.84
C HIS H 226 45.22 36.34 -0.10
N VAL H 227 44.85 36.24 -1.38
CA VAL H 227 45.14 37.30 -2.33
C VAL H 227 43.85 37.73 -3.03
N THR H 228 43.53 39.02 -2.98
CA THR H 228 42.43 39.53 -3.79
C THR H 228 43.01 40.35 -4.94
N PHE H 229 42.56 40.01 -6.14
CA PHE H 229 43.17 40.49 -7.38
C PHE H 229 42.14 40.94 -8.41
N THR H 230 42.42 42.08 -9.04
CA THR H 230 41.63 42.55 -10.17
C THR H 230 42.58 42.89 -11.32
N GLY H 231 42.30 42.35 -12.50
CA GLY H 231 43.20 42.49 -13.63
C GLY H 231 42.83 41.60 -14.78
N GLU H 232 43.80 41.27 -15.62
CA GLU H 232 43.53 40.46 -16.80
C GLU H 232 43.35 38.98 -16.44
N SER H 233 42.50 38.29 -17.21
CA SER H 233 42.21 36.88 -16.94
CA SER H 233 42.22 36.87 -16.95
C SER H 233 43.49 36.03 -17.02
N SER H 234 44.37 36.34 -17.97
CA SER H 234 45.63 35.60 -18.06
C SER H 234 46.47 35.80 -16.79
N THR H 235 46.55 37.03 -16.29
CA THR H 235 47.27 37.27 -15.03
C THR H 235 46.61 36.50 -13.88
N GLY H 236 45.28 36.55 -13.81
CA GLY H 236 44.56 35.85 -12.75
C GLY H 236 44.83 34.36 -12.74
N ARG H 237 44.93 33.76 -13.92
CA ARG H 237 45.18 32.33 -14.04
C ARG H 237 46.57 32.01 -13.51
N GLU H 238 47.54 32.86 -13.86
CA GLU H 238 48.88 32.70 -13.33
C GLU H 238 48.92 32.83 -11.80
N ILE H 239 48.26 33.86 -11.28
CA ILE H 239 48.23 34.05 -9.83
C ILE H 239 47.56 32.88 -9.12
N ALA H 240 46.43 32.42 -9.64
CA ALA H 240 45.73 31.30 -9.03
C ALA H 240 46.65 30.06 -8.96
N ALA H 241 47.41 29.84 -10.02
CA ALA H 241 48.30 28.68 -10.06
C ALA H 241 49.42 28.83 -9.03
N LYS H 242 50.01 30.01 -8.97
CA LYS H 242 51.10 30.25 -8.04
C LYS H 242 50.62 30.20 -6.59
N ALA H 243 49.37 30.57 -6.36
CA ALA H 243 48.82 30.60 -5.00
C ALA H 243 48.65 29.20 -4.41
N ALA H 244 48.50 28.21 -5.29
CA ALA H 244 48.25 26.83 -4.87
C ALA H 244 49.37 26.25 -4.01
N GLY H 245 50.59 26.72 -4.24
CA GLY H 245 51.77 26.22 -3.55
C GLY H 245 51.68 26.29 -2.03
N THR H 246 51.02 27.32 -1.52
CA THR H 246 50.85 27.43 -0.08
C THR H 246 49.39 27.29 0.33
N LEU H 247 48.54 26.87 -0.60
CA LEU H 247 47.11 26.73 -0.34
C LEU H 247 46.48 28.02 0.19
N LYS H 248 46.85 29.14 -0.39
CA LYS H 248 46.15 30.38 -0.06
C LYS H 248 44.93 30.50 -0.97
N THR H 249 43.87 31.12 -0.44
CA THR H 249 42.66 31.32 -1.23
C THR H 249 42.81 32.60 -2.04
N VAL H 250 41.97 32.76 -3.06
CA VAL H 250 42.02 33.94 -3.91
C VAL H 250 40.63 34.47 -4.27
N THR H 251 40.54 35.79 -4.45
CA THR H 251 39.38 36.43 -5.05
C THR H 251 39.87 37.01 -6.36
N LEU H 252 39.21 36.69 -7.47
CA LEU H 252 39.71 37.12 -8.78
C LEU H 252 38.62 37.82 -9.57
N GLU H 253 38.81 39.10 -9.95
CA GLU H 253 37.86 39.78 -10.81
C GLU H 253 38.64 40.07 -12.08
N LEU H 254 38.30 39.36 -13.16
CA LEU H 254 39.13 39.35 -14.34
C LEU H 254 38.26 40.08 -15.35
C LEU H 254 38.62 40.01 -15.60
N GLY H 255 38.61 40.09 -16.62
N GLY H 255 37.72 40.98 -15.47
CA GLY H 255 37.86 40.89 -17.58
CA GLY H 255 37.22 41.66 -16.65
C GLY H 255 36.40 40.55 -17.77
C GLY H 255 36.05 40.95 -17.28
N GLY H 256 35.66 41.42 -18.45
CA GLY H 256 34.35 41.07 -18.97
C GLY H 256 34.25 41.38 -20.44
N SER H 257 33.26 40.79 -21.08
CA SER H 257 32.84 41.23 -22.42
C SER H 257 31.32 41.33 -22.38
N ASP H 258 30.80 42.27 -21.58
CA ASP H 258 29.38 42.27 -21.23
C ASP H 258 28.48 42.61 -22.40
N PRO H 259 27.39 41.83 -22.55
CA PRO H 259 26.36 42.14 -23.56
C PRO H 259 25.40 43.22 -23.08
N LEU H 260 25.07 44.15 -23.99
CA LEU H 260 23.95 45.05 -23.81
C LEU H 260 22.90 44.73 -24.88
N ILE H 261 21.76 44.19 -24.44
CA ILE H 261 20.74 43.65 -25.33
C ILE H 261 19.59 44.62 -25.42
N ILE H 262 19.28 45.01 -26.66
CA ILE H 262 18.26 46.03 -26.89
C ILE H 262 17.11 45.45 -27.71
N LEU H 263 15.92 45.43 -27.12
CA LEU H 263 14.79 44.77 -27.75
C LEU H 263 13.96 45.78 -28.51
N ASP H 264 12.99 45.31 -29.27
CA ASP H 264 12.31 46.17 -30.23
C ASP H 264 11.25 47.08 -29.63
N ASP H 265 10.95 46.91 -28.34
CA ASP H 265 9.91 47.74 -27.73
C ASP H 265 10.44 48.95 -26.95
N VAL H 266 11.74 49.22 -27.06
CA VAL H 266 12.36 50.32 -26.31
C VAL H 266 12.10 51.71 -26.88
N ASP H 267 12.28 52.72 -26.04
CA ASP H 267 12.51 54.08 -26.49
C ASP H 267 13.90 54.09 -27.13
N VAL H 268 13.95 54.18 -28.47
CA VAL H 268 15.20 53.92 -29.16
C VAL H 268 16.23 55.04 -28.89
N ASP H 269 15.77 56.27 -28.77
CA ASP H 269 16.70 57.37 -28.47
C ASP H 269 17.32 57.19 -27.08
N TYR H 270 16.50 56.78 -26.12
CA TYR H 270 17.01 56.58 -24.77
C TYR H 270 17.98 55.42 -24.76
N ALA H 271 17.63 54.36 -25.48
CA ALA H 271 18.51 53.19 -25.57
C ALA H 271 19.87 53.57 -26.17
N ALA H 272 19.87 54.43 -27.19
CA ALA H 272 21.13 54.90 -27.78
C ALA H 272 21.97 55.70 -26.76
N ARG H 273 21.33 56.61 -26.03
CA ARG H 273 22.02 57.41 -25.02
C ARG H 273 22.63 56.55 -23.91
N LEU H 274 21.86 55.57 -23.45
CA LEU H 274 22.31 54.62 -22.45
C LEU H 274 23.49 53.82 -22.98
N ALA H 275 23.35 53.30 -24.19
CA ALA H 275 24.39 52.49 -24.80
C ALA H 275 25.69 53.27 -24.98
N VAL H 276 25.63 54.53 -25.40
CA VAL H 276 26.86 55.31 -25.55
C VAL H 276 27.58 55.46 -24.18
N PHE H 277 26.83 55.80 -23.14
CA PHE H 277 27.41 55.89 -21.80
C PHE H 277 27.98 54.53 -21.34
N ALA H 278 27.19 53.47 -21.45
CA ALA H 278 27.63 52.15 -20.97
C ALA H 278 28.83 51.58 -21.71
N SER H 279 28.90 51.81 -23.03
CA SER H 279 29.95 51.21 -23.84
C SER H 279 31.23 52.04 -23.90
N LEU H 280 31.15 53.33 -23.59
CA LEU H 280 32.32 54.20 -23.84
C LEU H 280 32.74 55.13 -22.70
N PHE H 281 32.04 55.11 -21.57
CA PHE H 281 32.53 55.86 -20.41
C PHE H 281 33.92 55.39 -20.03
N HIS H 282 34.78 56.34 -19.66
CA HIS H 282 36.20 56.10 -19.42
C HIS H 282 36.86 55.34 -20.59
N GLN H 283 36.47 55.73 -21.79
CA GLN H 283 37.05 55.21 -23.02
C GLN H 283 36.88 53.68 -23.13
N GLY H 284 35.85 53.16 -22.46
CA GLY H 284 35.55 51.74 -22.52
C GLY H 284 36.46 50.91 -21.63
N GLN H 285 37.27 51.59 -20.82
CA GLN H 285 38.24 50.92 -19.97
C GLN H 285 37.61 50.57 -18.63
N ILE H 286 36.55 49.78 -18.69
CA ILE H 286 35.80 49.38 -17.50
C ILE H 286 35.50 47.89 -17.63
N CYS H 287 35.71 47.13 -16.56
CA CYS H 287 35.49 45.69 -16.61
C CYS H 287 34.07 45.34 -17.03
N THR H 288 33.12 46.16 -16.60
CA THR H 288 31.71 45.97 -16.90
C THR H 288 31.19 46.95 -17.96
N SER H 289 32.09 47.47 -18.78
CA SER H 289 31.67 48.25 -19.96
C SER H 289 30.73 47.41 -20.83
N ALA H 290 29.76 48.06 -21.47
CA ALA H 290 28.95 47.35 -22.45
C ALA H 290 29.79 47.11 -23.70
N LYS H 291 30.46 45.96 -23.77
CA LYS H 291 31.46 45.76 -24.83
C LYS H 291 30.91 45.14 -26.11
N ARG H 292 29.73 44.53 -26.02
CA ARG H 292 29.11 43.90 -27.19
C ARG H 292 27.64 44.32 -27.20
N ILE H 293 27.28 45.14 -28.19
CA ILE H 293 25.93 45.69 -28.26
C ILE H 293 25.11 44.83 -29.23
N ILE H 294 23.98 44.34 -28.74
CA ILE H 294 23.16 43.37 -29.44
C ILE H 294 21.77 43.95 -29.58
N VAL H 295 21.34 44.22 -30.82
CA VAL H 295 20.10 44.95 -31.02
C VAL H 295 19.12 44.20 -31.94
N HIS H 296 17.84 44.24 -31.58
CA HIS H 296 16.78 43.56 -32.32
C HIS H 296 16.59 44.21 -33.70
N LYS H 297 16.47 43.38 -34.73
CA LYS H 297 16.41 43.87 -36.11
C LYS H 297 15.36 44.95 -36.33
N ALA H 298 14.23 44.87 -35.63
CA ALA H 298 13.15 45.82 -35.87
C ALA H 298 13.51 47.27 -35.50
N VAL H 299 14.50 47.47 -34.64
CA VAL H 299 14.91 48.84 -34.30
C VAL H 299 16.37 49.13 -34.62
N ALA H 300 17.05 48.15 -35.21
CA ALA H 300 18.49 48.23 -35.42
C ALA H 300 18.91 49.46 -36.22
N ASP H 301 18.19 49.75 -37.31
CA ASP H 301 18.61 50.83 -38.18
C ASP H 301 18.52 52.17 -37.46
N LYS H 302 17.41 52.41 -36.78
CA LYS H 302 17.24 53.65 -36.06
C LYS H 302 18.21 53.72 -34.86
N PHE H 303 18.42 52.57 -34.22
CA PHE H 303 19.34 52.53 -33.08
C PHE H 303 20.77 52.85 -33.51
N ILE H 304 21.24 52.19 -34.56
CA ILE H 304 22.60 52.42 -35.05
C ILE H 304 22.80 53.89 -35.44
N GLU H 305 21.83 54.47 -36.14
CA GLU H 305 21.87 55.90 -36.50
C GLU H 305 21.99 56.81 -35.27
N ARG H 306 21.12 56.59 -34.28
CA ARG H 306 21.12 57.39 -33.06
C ARG H 306 22.40 57.20 -32.26
N TYR H 307 22.86 55.95 -32.18
CA TYR H 307 24.08 55.63 -31.42
C TYR H 307 25.28 56.34 -32.04
N VAL H 308 25.45 56.23 -33.35
CA VAL H 308 26.57 56.92 -34.00
C VAL H 308 26.44 58.43 -33.85
N HIS H 309 25.20 58.91 -33.93
CA HIS H 309 24.93 60.33 -33.74
C HIS H 309 25.49 60.83 -32.41
N TYR H 310 25.15 60.15 -31.33
CA TYR H 310 25.63 60.56 -30.00
C TYR H 310 27.11 60.31 -29.84
N VAL H 311 27.63 59.26 -30.46
CA VAL H 311 29.07 59.02 -30.40
C VAL H 311 29.82 60.20 -31.04
N LYS H 312 29.30 60.68 -32.18
CA LYS H 312 29.92 61.80 -32.88
C LYS H 312 29.96 63.07 -32.03
N MET H 313 29.00 63.19 -31.09
CA MET H 313 28.96 64.34 -30.19
C MET H 313 29.97 64.29 -29.04
N LEU H 314 30.60 63.14 -28.83
CA LEU H 314 31.55 62.99 -27.73
C LEU H 314 32.72 63.95 -27.87
N ARG H 315 33.02 64.66 -26.80
CA ARG H 315 34.15 65.58 -26.78
C ARG H 315 35.37 64.91 -26.17
N ILE H 316 36.39 64.74 -26.98
CA ILE H 316 37.65 64.09 -26.60
C ILE H 316 38.70 65.17 -26.43
N ASP H 317 39.40 65.17 -25.30
CA ASP H 317 40.33 66.27 -25.01
C ASP H 317 41.17 65.98 -23.79
N ASP H 318 42.20 66.81 -23.58
CA ASP H 318 42.92 66.86 -22.31
C ASP H 318 41.93 66.95 -21.15
N PRO H 319 41.88 65.91 -20.30
CA PRO H 319 40.87 65.87 -19.24
C PRO H 319 41.10 66.93 -18.16
N ARG H 320 42.28 67.54 -18.15
CA ARG H 320 42.58 68.63 -17.21
C ARG H 320 41.91 69.95 -17.60
N LYS H 321 41.52 70.10 -18.86
CA LYS H 321 41.09 71.41 -19.37
C LYS H 321 39.83 71.97 -18.74
N ASP H 322 38.80 71.15 -18.58
CA ASP H 322 37.57 71.61 -17.95
C ASP H 322 36.71 70.42 -17.54
N GLU H 323 35.59 70.71 -16.90
CA GLU H 323 34.79 69.68 -16.27
C GLU H 323 33.88 68.93 -17.25
N LYS H 324 33.84 69.38 -18.50
CA LYS H 324 32.88 68.87 -19.46
C LYS H 324 33.48 67.91 -20.49
N VAL H 325 34.79 67.68 -20.44
CA VAL H 325 35.42 66.73 -21.35
C VAL H 325 34.77 65.34 -21.19
N ASP H 326 34.41 64.69 -22.30
CA ASP H 326 33.71 63.39 -22.21
C ASP H 326 34.69 62.24 -22.12
N LEU H 327 35.73 62.28 -22.94
CA LEU H 327 36.73 61.23 -22.99
C LEU H 327 38.11 61.81 -22.88
N GLY H 328 38.98 61.15 -22.10
CA GLY H 328 40.40 61.45 -22.08
C GLY H 328 41.17 60.42 -22.89
N PRO H 329 42.48 60.32 -22.66
CA PRO H 329 43.35 59.39 -23.39
C PRO H 329 43.25 57.97 -22.84
N LEU H 330 43.75 56.99 -23.58
CA LEU H 330 43.98 55.66 -23.03
C LEU H 330 45.19 55.75 -22.12
N ILE H 331 45.37 54.73 -21.29
CA ILE H 331 46.38 54.81 -20.24
C ILE H 331 47.82 54.84 -20.78
N ASN H 332 48.09 54.17 -21.88
CA ASN H 332 49.43 54.19 -22.45
C ASN H 332 49.44 53.81 -23.94
N GLU H 333 50.64 53.80 -24.52
CA GLU H 333 50.83 53.56 -25.96
C GLU H 333 50.48 52.12 -26.34
N ARG H 334 50.74 51.17 -25.44
CA ARG H 334 50.40 49.77 -25.64
C ARG H 334 48.88 49.57 -25.87
N GLN H 335 48.07 50.32 -25.15
CA GLN H 335 46.62 50.23 -25.32
C GLN H 335 46.17 50.76 -26.68
N VAL H 336 46.77 51.85 -27.13
CA VAL H 336 46.44 52.37 -28.46
C VAL H 336 46.80 51.32 -29.50
N ALA H 337 47.97 50.71 -29.34
CA ALA H 337 48.44 49.71 -30.30
C ALA H 337 47.53 48.49 -30.31
N LEU H 338 46.97 48.13 -29.15
CA LEU H 338 46.06 47.01 -29.09
C LEU H 338 44.73 47.35 -29.76
N MET H 339 44.21 48.56 -29.53
CA MET H 339 42.98 48.96 -30.19
C MET H 339 43.17 48.96 -31.72
N LYS H 340 44.36 49.32 -32.18
CA LYS H 340 44.64 49.26 -33.61
C LYS H 340 44.58 47.84 -34.16
N GLU H 341 45.08 46.87 -33.38
CA GLU H 341 44.96 45.47 -33.76
C GLU H 341 43.49 45.06 -33.89
N PHE H 342 42.67 45.49 -32.94
CA PHE H 342 41.25 45.19 -32.98
C PHE H 342 40.59 45.79 -34.23
N VAL H 343 40.94 47.03 -34.55
CA VAL H 343 40.42 47.69 -35.76
C VAL H 343 40.87 46.99 -37.05
N ASP H 344 42.17 46.68 -37.13
CA ASP H 344 42.78 45.99 -38.26
C ASP H 344 42.09 44.66 -38.50
N ASP H 345 41.90 43.90 -37.43
CA ASP H 345 41.24 42.59 -37.54
C ASP H 345 39.82 42.72 -38.04
N ALA H 346 39.07 43.67 -37.47
CA ALA H 346 37.67 43.84 -37.86
C ALA H 346 37.54 44.24 -39.35
N VAL H 347 38.38 45.16 -39.80
CA VAL H 347 38.36 45.57 -41.21
C VAL H 347 38.67 44.39 -42.10
N SER H 348 39.67 43.60 -41.74
CA SER H 348 40.11 42.51 -42.59
C SER H 348 39.06 41.41 -42.67
N ARG H 349 38.15 41.36 -41.69
CA ARG H 349 37.10 40.34 -41.69
C ARG H 349 35.79 40.87 -42.26
N GLY H 350 35.80 42.07 -42.82
CA GLY H 350 34.64 42.60 -43.52
C GLY H 350 33.77 43.56 -42.74
N GLY H 351 34.24 43.99 -41.57
CA GLY H 351 33.47 44.91 -40.77
C GLY H 351 33.34 46.28 -41.43
N ARG H 352 32.22 46.95 -41.17
CA ARG H 352 32.00 48.30 -41.65
CA ARG H 352 32.00 48.31 -41.63
C ARG H 352 32.30 49.29 -40.52
N LEU H 353 33.28 50.16 -40.74
CA LEU H 353 33.68 51.16 -39.76
C LEU H 353 32.80 52.40 -39.90
N LEU H 354 31.79 52.53 -39.05
CA LEU H 354 30.82 53.61 -39.18
C LEU H 354 31.38 54.96 -38.77
N ILE H 355 32.31 54.96 -37.83
CA ILE H 355 32.88 56.20 -37.30
C ILE H 355 34.11 55.85 -36.46
N GLY H 356 35.07 56.77 -36.36
CA GLY H 356 36.18 56.65 -35.42
C GLY H 356 37.37 55.82 -35.89
N GLY H 357 38.34 55.67 -34.99
CA GLY H 357 39.57 54.94 -35.27
C GLY H 357 40.79 55.84 -35.31
N ARG H 358 40.56 57.13 -35.45
CA ARG H 358 41.61 58.13 -35.36
C ARG H 358 42.33 58.04 -34.02
N SER H 359 43.65 58.07 -34.05
CA SER H 359 44.39 58.13 -32.80
C SER H 359 45.58 59.06 -32.93
N TRP H 360 45.98 59.64 -31.80
CA TRP H 360 47.12 60.52 -31.75
C TRP H 360 47.67 60.50 -30.33
N GLY H 361 48.94 60.15 -30.18
CA GLY H 361 49.50 59.91 -28.86
C GLY H 361 48.68 58.83 -28.21
N ASN H 362 48.21 59.08 -27.00
CA ASN H 362 47.44 58.07 -26.28
C ASN H 362 45.94 58.20 -26.46
N PHE H 363 45.52 59.22 -27.22
CA PHE H 363 44.10 59.41 -27.49
C PHE H 363 43.60 58.53 -28.65
N PHE H 364 42.32 58.20 -28.60
CA PHE H 364 41.70 57.30 -29.57
C PHE H 364 40.23 57.65 -29.69
N GLU H 365 39.78 57.97 -30.91
CA GLU H 365 38.37 58.26 -31.17
CA GLU H 365 38.37 58.26 -31.15
C GLU H 365 37.59 56.95 -31.35
N PRO H 366 36.56 56.73 -30.52
CA PRO H 366 35.77 55.48 -30.52
C PRO H 366 35.40 54.98 -31.91
N ALA H 367 35.83 53.75 -32.20
CA ALA H 367 35.61 53.11 -33.49
C ALA H 367 34.43 52.15 -33.38
N ILE H 368 33.39 52.39 -34.16
CA ILE H 368 32.16 51.61 -34.07
C ILE H 368 31.99 50.76 -35.33
N PHE H 369 31.82 49.45 -35.16
CA PHE H 369 31.68 48.51 -36.28
C PHE H 369 30.30 47.86 -36.35
N VAL H 370 29.80 47.72 -37.58
CA VAL H 370 28.72 46.78 -37.88
C VAL H 370 29.21 45.78 -38.95
N ASP H 371 28.34 44.86 -39.38
CA ASP H 371 28.72 43.74 -40.25
C ASP H 371 29.79 42.88 -39.59
N VAL H 372 29.58 42.62 -38.30
CA VAL H 372 30.51 41.84 -37.49
C VAL H 372 30.02 40.39 -37.43
N ASP H 373 30.92 39.43 -37.27
CA ASP H 373 30.46 38.07 -36.94
C ASP H 373 31.27 37.52 -35.78
N ARG H 374 30.99 36.28 -35.40
CA ARG H 374 31.51 35.76 -34.13
C ARG H 374 33.01 35.51 -34.16
N ASN H 375 33.64 35.52 -35.34
CA ASN H 375 35.08 35.28 -35.39
C ASN H 375 35.92 36.56 -35.29
N PHE H 376 35.27 37.72 -35.22
CA PHE H 376 35.99 38.98 -35.01
C PHE H 376 36.67 38.95 -33.64
N ARG H 377 37.89 39.46 -33.57
CA ARG H 377 38.56 39.55 -32.27
C ARG H 377 37.74 40.40 -31.31
N ILE H 378 37.04 41.42 -31.81
CA ILE H 378 36.26 42.25 -30.91
C ILE H 378 34.97 41.59 -30.44
N MET H 379 34.70 40.36 -30.92
CA MET H 379 33.63 39.53 -30.34
C MET H 379 34.20 38.42 -29.46
N ARG H 380 35.46 38.06 -29.69
CA ARG H 380 36.05 36.89 -29.05
C ARG H 380 36.86 37.22 -27.80
N GLU H 381 37.25 38.48 -27.66
CA GLU H 381 38.22 38.90 -26.63
C GLU H 381 37.65 40.08 -25.85
N GLU H 382 38.14 40.33 -24.64
CA GLU H 382 37.76 41.56 -23.94
C GLU H 382 38.40 42.77 -24.64
N VAL H 383 37.59 43.75 -25.04
CA VAL H 383 38.12 44.95 -25.68
C VAL H 383 38.12 46.08 -24.66
N PHE H 384 39.25 46.23 -23.99
CA PHE H 384 39.37 47.14 -22.86
C PHE H 384 39.74 48.53 -23.37
N GLY H 385 38.87 49.11 -24.19
CA GLY H 385 39.15 50.38 -24.84
C GLY H 385 38.02 50.71 -25.79
N PRO H 386 38.11 51.84 -26.52
CA PRO H 386 36.95 52.36 -27.22
C PRO H 386 36.79 51.82 -28.64
N VAL H 387 36.63 50.51 -28.78
CA VAL H 387 36.27 49.89 -30.05
C VAL H 387 35.09 48.98 -29.74
N ARG H 388 33.96 49.19 -30.41
CA ARG H 388 32.73 48.47 -30.06
C ARG H 388 32.00 47.91 -31.29
N PRO H 389 31.60 46.63 -31.23
CA PRO H 389 30.72 46.05 -32.26
C PRO H 389 29.25 46.19 -31.92
N ILE H 390 28.43 46.42 -32.94
CA ILE H 390 26.99 46.30 -32.81
C ILE H 390 26.54 45.13 -33.67
N VAL H 391 25.82 44.20 -33.07
CA VAL H 391 25.35 43.00 -33.77
C VAL H 391 23.84 43.03 -33.83
N VAL H 392 23.28 42.68 -34.99
CA VAL H 392 21.83 42.69 -35.17
C VAL H 392 21.26 41.27 -35.06
N VAL H 393 20.21 41.08 -34.27
CA VAL H 393 19.63 39.74 -34.11
C VAL H 393 18.16 39.77 -34.46
N GLU H 394 17.64 38.61 -34.83
CA GLU H 394 16.26 38.52 -35.32
C GLU H 394 15.21 38.28 -34.23
N ASN H 395 15.63 37.72 -33.10
CA ASN H 395 14.70 37.45 -32.02
C ASN H 395 15.42 37.28 -30.69
N ASP H 396 14.68 37.04 -29.62
CA ASP H 396 15.27 36.93 -28.29
C ASP H 396 16.19 35.72 -28.12
N ASP H 397 15.88 34.60 -28.77
CA ASP H 397 16.74 33.42 -28.67
C ASP H 397 18.12 33.74 -29.24
N GLN H 398 18.15 34.43 -30.38
CA GLN H 398 19.41 34.80 -30.99
CA GLN H 398 19.43 34.78 -30.99
C GLN H 398 20.16 35.81 -30.12
N ALA H 399 19.43 36.74 -29.52
CA ALA H 399 20.05 37.70 -28.62
C ALA H 399 20.78 36.98 -27.48
N VAL H 400 20.11 36.00 -26.89
CA VAL H 400 20.72 35.23 -25.79
C VAL H 400 21.89 34.41 -26.29
N GLU H 401 21.75 33.78 -27.46
CA GLU H 401 22.84 33.00 -28.04
C GLU H 401 24.09 33.84 -28.23
N VAL H 402 23.94 35.02 -28.82
CA VAL H 402 25.10 35.85 -29.06
C VAL H 402 25.66 36.35 -27.72
N ALA H 403 24.77 36.72 -26.80
CA ALA H 403 25.18 37.25 -25.51
C ALA H 403 26.07 36.23 -24.77
N ASN H 404 25.73 34.95 -24.89
CA ASN H 404 26.47 33.91 -24.17
C ASN H 404 27.67 33.37 -24.94
N ASP H 405 27.82 33.79 -26.18
CA ASP H 405 28.92 33.30 -27.04
C ASP H 405 30.20 34.06 -26.73
N THR H 406 30.69 33.88 -25.51
CA THR H 406 31.88 34.55 -25.00
C THR H 406 32.48 33.69 -23.90
N ASP H 407 33.79 33.76 -23.73
CA ASP H 407 34.44 33.08 -22.61
C ASP H 407 34.18 33.79 -21.29
N TYR H 408 33.75 35.04 -21.38
CA TYR H 408 33.55 35.87 -20.19
C TYR H 408 32.14 35.76 -19.60
N GLY H 409 31.93 36.35 -18.45
CA GLY H 409 30.62 36.30 -17.80
C GLY H 409 30.54 37.21 -16.60
N LEU H 410 30.86 38.49 -16.79
CA LEU H 410 30.87 39.39 -15.65
C LEU H 410 29.49 40.00 -15.42
N SER H 411 29.11 40.98 -16.24
CA SER H 411 27.79 41.58 -16.11
C SER H 411 27.04 41.49 -17.46
N GLY H 412 26.01 42.32 -17.61
CA GLY H 412 25.10 42.19 -18.73
C GLY H 412 23.87 43.01 -18.46
N ALA H 413 23.15 43.36 -19.51
CA ALA H 413 21.95 44.15 -19.36
C ALA H 413 20.97 43.93 -20.51
N VAL H 414 19.68 44.13 -20.22
CA VAL H 414 18.67 44.12 -21.27
C VAL H 414 17.79 45.37 -21.14
N LEU H 415 17.48 45.98 -22.27
CA LEU H 415 16.55 47.11 -22.31
C LEU H 415 15.26 46.65 -22.97
N THR H 416 14.16 46.75 -22.24
CA THR H 416 12.84 46.36 -22.73
C THR H 416 11.82 46.76 -21.70
N ASN H 417 10.57 46.95 -22.12
CA ASN H 417 9.50 47.24 -21.17
C ASN H 417 8.64 46.03 -20.89
N ASN H 418 8.99 44.91 -21.51
CA ASN H 418 8.22 43.69 -21.37
C ASN H 418 8.77 42.82 -20.25
N VAL H 419 7.95 42.61 -19.23
CA VAL H 419 8.41 41.91 -18.03
C VAL H 419 8.81 40.48 -18.34
N ASN H 420 8.06 39.80 -19.20
CA ASN H 420 8.40 38.42 -19.53
C ASN H 420 9.71 38.31 -20.28
N ARG H 421 9.90 39.18 -21.26
CA ARG H 421 11.11 39.13 -22.07
C ARG H 421 12.32 39.51 -21.22
N ALA H 422 12.16 40.50 -20.34
CA ALA H 422 13.26 40.95 -19.49
C ALA H 422 13.74 39.84 -18.58
N PHE H 423 12.80 39.16 -17.92
CA PHE H 423 13.14 38.12 -16.96
C PHE H 423 13.69 36.87 -17.62
N ARG H 424 13.11 36.46 -18.76
CA ARG H 424 13.62 35.27 -19.45
CA ARG H 424 13.62 35.27 -19.44
C ARG H 424 15.03 35.48 -19.95
N ILE H 425 15.31 36.67 -20.48
CA ILE H 425 16.67 36.96 -20.95
C ILE H 425 17.63 37.05 -19.76
N ALA H 426 17.21 37.73 -18.71
CA ALA H 426 18.06 37.85 -17.52
C ALA H 426 18.44 36.45 -16.99
N GLU H 427 17.46 35.54 -16.97
CA GLU H 427 17.69 34.20 -16.47
C GLU H 427 18.62 33.44 -17.38
N ALA H 428 18.54 33.70 -18.69
CA ALA H 428 19.26 32.87 -19.67
C ALA H 428 20.69 33.33 -19.91
N VAL H 429 20.98 34.60 -19.69
CA VAL H 429 22.33 35.11 -19.90
C VAL H 429 23.28 34.62 -18.80
N GLU H 430 24.44 34.12 -19.19
CA GLU H 430 25.40 33.54 -18.25
C GLU H 430 26.37 34.60 -17.72
N SER H 431 26.07 35.16 -16.56
CA SER H 431 26.88 36.26 -16.01
C SER H 431 26.72 36.31 -14.50
N GLY H 432 27.72 36.85 -13.81
CA GLY H 432 27.63 36.98 -12.36
C GLY H 432 26.66 38.07 -11.93
N MET H 433 26.39 39.01 -12.83
CA MET H 433 25.52 40.15 -12.51
C MET H 433 24.68 40.50 -13.73
N PHE H 434 23.52 41.10 -13.49
CA PHE H 434 22.65 41.47 -14.62
C PHE H 434 21.71 42.60 -14.26
N HIS H 435 21.46 43.48 -15.23
CA HIS H 435 20.67 44.68 -14.98
C HIS H 435 19.62 44.89 -16.03
N ILE H 436 18.38 45.02 -15.58
CA ILE H 436 17.27 45.28 -16.46
C ILE H 436 17.04 46.81 -16.54
N ASN H 437 17.07 47.35 -17.76
CA ASN H 437 16.87 48.78 -18.01
C ASN H 437 17.86 49.69 -17.29
N ASP H 438 19.13 49.30 -17.35
CA ASP H 438 20.18 50.15 -16.85
C ASP H 438 21.49 49.76 -17.52
N VAL H 439 22.56 50.50 -17.21
CA VAL H 439 23.88 50.24 -17.76
C VAL H 439 24.45 48.93 -17.24
N THR H 440 25.42 48.39 -17.97
CA THR H 440 26.07 47.14 -17.58
C THR H 440 26.97 47.32 -16.35
N PHE H 441 27.49 48.54 -16.15
CA PHE H 441 28.48 48.73 -15.07
C PHE H 441 27.88 49.28 -13.77
N LEU H 442 26.58 49.09 -13.56
CA LEU H 442 25.96 49.41 -12.27
C LEU H 442 26.73 48.74 -11.12
N GLU H 443 26.96 49.49 -10.04
CA GLU H 443 27.72 48.96 -8.91
C GLU H 443 27.42 49.72 -7.62
N GLU H 444 27.11 48.99 -6.56
CA GLU H 444 26.89 49.57 -5.23
C GLU H 444 27.90 49.00 -4.24
N SER H 445 28.04 49.64 -3.09
CA SER H 445 29.14 49.31 -2.17
C SER H 445 28.93 47.98 -1.46
N HIS H 446 27.67 47.55 -1.36
CA HIS H 446 27.33 46.44 -0.47
C HIS H 446 26.67 45.26 -1.19
N VAL H 447 26.78 45.21 -2.52
CA VAL H 447 26.23 44.10 -3.30
C VAL H 447 27.34 43.14 -3.75
N PRO H 448 26.98 41.89 -4.10
CA PRO H 448 28.03 40.95 -4.51
C PRO H 448 28.51 41.24 -5.93
N PHE H 449 29.72 41.77 -6.06
CA PHE H 449 30.27 42.11 -7.38
C PHE H 449 31.26 41.04 -7.81
N GLY H 450 31.04 40.48 -9.00
CA GLY H 450 31.96 39.47 -9.52
C GLY H 450 31.33 38.67 -10.64
N GLY H 451 32.10 37.77 -11.24
CA GLY H 451 31.66 37.10 -12.45
C GLY H 451 31.78 35.60 -12.42
N ILE H 452 31.45 34.99 -13.55
CA ILE H 452 31.61 33.55 -13.74
C ILE H 452 32.47 33.33 -14.97
N LYS H 453 32.72 32.06 -15.31
CA LYS H 453 33.51 31.71 -16.48
C LYS H 453 34.91 32.35 -16.43
N ALA H 454 35.37 32.97 -17.52
CA ALA H 454 36.71 33.56 -17.50
C ALA H 454 36.80 34.85 -16.68
N SER H 455 35.66 35.35 -16.22
CA SER H 455 35.63 36.63 -15.52
C SER H 455 36.08 36.56 -14.04
N GLY H 456 36.30 35.35 -13.54
CA GLY H 456 36.94 35.21 -12.24
C GLY H 456 36.14 34.40 -11.23
N VAL H 457 36.53 34.52 -9.96
CA VAL H 457 35.89 33.75 -8.89
C VAL H 457 35.70 34.63 -7.66
N GLY H 458 34.61 34.41 -6.94
CA GLY H 458 34.37 35.16 -5.71
C GLY H 458 33.58 36.44 -5.95
N ARG H 459 33.17 37.06 -4.85
CA ARG H 459 32.39 38.30 -4.86
C ARG H 459 32.96 39.31 -3.89
N GLU H 460 32.92 40.58 -4.26
CA GLU H 460 33.38 41.64 -3.36
C GLU H 460 32.32 42.72 -3.23
N GLY H 461 32.29 43.36 -2.06
CA GLY H 461 31.25 44.31 -1.74
C GLY H 461 30.60 43.92 -0.43
N GLY H 462 30.71 44.80 0.57
CA GLY H 462 30.04 44.58 1.86
C GLY H 462 30.33 43.21 2.48
N GLU H 463 29.28 42.50 2.89
CA GLU H 463 29.48 41.24 3.58
CA GLU H 463 29.45 41.24 3.58
C GLU H 463 30.07 40.18 2.66
N TRP H 464 29.92 40.34 1.34
CA TRP H 464 30.51 39.38 0.41
C TRP H 464 32.03 39.46 0.46
N SER H 465 32.58 40.67 0.61
CA SER H 465 34.01 40.84 0.82
C SER H 465 34.40 40.13 2.12
N PHE H 466 33.55 40.26 3.15
CA PHE H 466 33.84 39.61 4.42
C PHE H 466 33.89 38.08 4.22
N HIS H 467 32.97 37.52 3.42
CA HIS H 467 33.01 36.06 3.18
C HIS H 467 34.35 35.64 2.58
N GLU H 468 34.89 36.48 1.69
CA GLU H 468 36.13 36.15 0.98
C GLU H 468 37.35 36.10 1.90
N THR H 469 37.36 36.96 2.92
CA THR H 469 38.57 37.08 3.74
C THR H 469 38.37 36.67 5.20
N THR H 470 37.42 35.78 5.44
CA THR H 470 37.25 35.14 6.73
C THR H 470 36.99 33.66 6.50
N TYR H 471 37.03 32.86 7.57
CA TYR H 471 36.62 31.47 7.48
C TYR H 471 35.66 31.13 8.61
N ASP H 472 34.85 30.09 8.41
CA ASP H 472 33.92 29.61 9.44
C ASP H 472 34.68 28.69 10.39
N ARG H 473 34.35 28.78 11.67
CA ARG H 473 35.00 27.95 12.65
C ARG H 473 34.01 27.23 13.56
N TRP H 474 33.74 25.97 13.30
CA TRP H 474 32.79 25.18 14.06
C TRP H 474 33.36 24.83 15.44
N VAL H 475 32.60 25.12 16.49
CA VAL H 475 33.03 24.86 17.87
C VAL H 475 31.89 24.21 18.62
N THR H 476 32.18 23.15 19.37
CA THR H 476 31.14 22.52 20.17
C THR H 476 31.55 22.39 21.63
N VAL H 477 30.53 22.30 22.48
CA VAL H 477 30.71 21.94 23.88
C VAL H 477 29.80 20.77 24.21
N THR H 478 30.40 19.68 24.69
CA THR H 478 29.63 18.50 25.05
C THR H 478 29.48 18.42 26.55
N LEU H 479 28.25 18.31 27.03
CA LEU H 479 27.95 18.49 28.45
C LEU H 479 27.70 17.19 29.21
N ARG H 480 27.65 16.06 28.50
CA ARG H 480 27.48 14.76 29.15
C ARG H 480 28.59 13.80 28.75
N THR H 481 28.93 12.86 29.62
CA THR H 481 29.90 11.83 29.26
C THR H 481 29.17 10.73 28.52
N ARG H 482 29.91 9.89 27.81
CA ARG H 482 29.28 8.74 27.18
C ARG H 482 30.26 7.58 27.06
N ARG H 483 29.75 6.43 26.64
CA ARG H 483 30.60 5.27 26.39
C ARG H 483 31.02 5.23 24.94
N PHE H 484 32.23 4.73 24.70
CA PHE H 484 32.79 4.65 23.36
C PHE H 484 32.88 3.19 22.89
N PRO H 485 32.80 2.96 21.58
CA PRO H 485 32.75 1.61 21.02
C PRO H 485 34.03 0.76 21.16
N ILE H 486 35.18 1.39 21.37
CA ILE H 486 36.39 0.62 21.63
C ILE H 486 37.03 1.09 22.93
N PRO H 487 37.61 0.15 23.71
CA PRO H 487 37.61 -1.32 23.50
C PRO H 487 36.22 -1.90 23.71
N SER H 488 35.79 -2.81 22.85
CA SER H 488 34.44 -3.37 22.96
C SER H 488 34.28 -4.26 24.20
N ALA H 489 35.41 -4.72 24.73
CA ALA H 489 35.39 -5.60 25.90
C ALA H 489 35.03 -4.86 27.18
N LEU H 490 35.27 -3.55 27.19
CA LEU H 490 34.96 -2.72 28.33
C LEU H 490 33.46 -2.65 28.63
N LYS H 491 33.09 -2.97 29.87
PA NAP I . -55.85 -37.21 -2.02
O1A NAP I . -55.08 -36.03 -1.53
O2A NAP I . -57.29 -36.98 -1.78
O5B NAP I . -55.42 -38.47 -1.17
C5B NAP I . -54.14 -39.07 -1.29
C4B NAP I . -53.77 -39.91 -0.10
O4B NAP I . -53.86 -39.12 1.05
C3B NAP I . -54.77 -40.97 0.08
O3B NAP I . -54.10 -42.14 0.53
C2B NAP I . -55.62 -40.45 1.07
O2B NAP I . -56.31 -41.46 1.79
C1B NAP I . -54.70 -39.75 1.96
N9A NAP I . -55.35 -38.74 2.79
C8A NAP I . -56.50 -38.08 2.63
N7A NAP I . -56.63 -37.24 3.67
C5A NAP I . -55.56 -37.37 4.49
C6A NAP I . -55.18 -36.75 5.69
N6A NAP I . -56.08 -35.72 6.31
N1A NAP I . -54.03 -37.09 6.30
C2A NAP I . -53.25 -38.02 5.72
N3A NAP I . -53.57 -38.64 4.57
C4A NAP I . -54.72 -38.34 3.93
O3 NAP I . -55.44 -37.36 -3.55
PN NAP I . -56.06 -38.52 -4.57
PN NAP I . -56.12 -38.41 -4.57
O1N NAP I . -57.48 -38.22 -4.97
O1N NAP I . -56.18 -39.79 -3.94
O2N NAP I . -55.98 -39.89 -3.94
O2N NAP I . -55.25 -38.48 -5.81
O5D NAP I . -55.12 -38.45 -5.80
O5D NAP I . -57.51 -37.89 -5.02
C5D NAP I . -55.26 -37.48 -6.75
C5D NAP I . -58.61 -37.89 -4.20
C4D NAP I . -54.27 -36.46 -6.81
C4D NAP I . -59.66 -38.79 -4.56
O4D NAP I . -52.91 -36.99 -6.98
O4D NAP I . -60.33 -39.36 -3.39
C3D NAP I . -54.45 -35.68 -8.03
C3D NAP I . -60.72 -38.07 -5.27
O3D NAP I . -55.33 -34.70 -7.79
O3D NAP I . -60.51 -38.23 -6.59
C2D NAP I . -53.15 -35.07 -8.23
C2D NAP I . -61.94 -38.75 -4.87
O2D NAP I . -53.28 -33.85 -7.60
O2D NAP I . -62.59 -39.22 -5.99
C1D NAP I . -52.17 -35.94 -7.52
C1D NAP I . -61.49 -39.87 -3.98
P2B NAP I . -57.85 -41.78 1.43
O1X NAP I . -58.66 -40.54 1.57
O2X NAP I . -57.90 -42.28 0.06
O3X NAP I . -58.38 -42.80 2.36
C1 GOL J . -54.90 -24.90 -6.73
O1 GOL J . -55.12 -23.50 -6.63
C2 GOL J . -54.73 -25.48 -5.36
O2 GOL J . -53.81 -24.62 -4.69
C3 GOL J . -56.11 -25.54 -4.71
O3 GOL J . -56.06 -26.46 -3.60
PA NAP K . -36.65 -16.99 19.23
O1A NAP K . -37.25 -18.26 18.74
O2A NAP K . -37.33 -16.57 20.48
O5B NAP K . -36.82 -15.88 18.13
C5B NAP K . -36.05 -15.90 16.95
C4B NAP K . -36.53 -15.00 15.85
O4B NAP K . -37.83 -15.33 15.48
C3B NAP K . -36.58 -13.60 16.31
O3B NAP K . -36.24 -12.77 15.21
C2B NAP K . -37.94 -13.42 16.67
O2B NAP K . -38.36 -12.07 16.60
C1B NAP K . -38.65 -14.21 15.66
N9A NAP K . -39.98 -14.63 16.08
C8A NAP K . -40.57 -14.83 17.28
N7A NAP K . -41.82 -15.25 17.04
C5A NAP K . -42.00 -15.32 15.69
C6A NAP K . -43.07 -15.67 14.88
N6A NAP K . -44.36 -16.10 15.48
N1A NAP K . -42.95 -15.63 13.54
C2A NAP K . -41.78 -15.26 12.99
N3A NAP K . -40.74 -14.88 13.73
C4A NAP K . -40.82 -14.92 15.08
O3 NAP K . -35.16 -17.35 19.53
PN NAP K . -34.10 -16.33 20.21
O1N NAP K . -34.54 -16.02 21.64
O2N NAP K . -33.93 -15.06 19.41
O5D NAP K . -32.77 -17.10 20.18
C5D NAP K . -32.51 -18.06 21.12
C4D NAP K . -32.51 -19.42 20.68
O4D NAP K . -31.69 -19.60 19.47
C3D NAP K . -31.83 -20.28 21.64
O3D NAP K . -32.62 -20.58 22.70
C2D NAP K . -31.56 -21.47 20.83
O2D NAP K . -32.59 -22.34 21.02
C1D NAP K . -31.54 -20.99 19.42
P2B NAP K . -38.45 -11.29 17.99
O1X NAP K . -39.26 -12.09 18.92
O2X NAP K . -37.08 -11.17 18.51
O3X NAP K . -39.06 -9.96 17.79
PA NAP L . 4.00 -58.79 -16.45
O1A NAP L . 4.38 -57.36 -16.58
O2A NAP L . 5.18 -59.61 -16.79
O5B NAP L . 2.87 -59.13 -17.50
C5B NAP L . 1.54 -58.66 -17.43
C4B NAP L . 0.83 -58.75 -18.74
O4B NAP L . 1.53 -57.98 -19.68
C3B NAP L . 0.87 -60.14 -19.25
O3B NAP L . -0.35 -60.43 -19.90
C2B NAP L . 1.93 -60.12 -20.18
O2B NAP L . 1.80 -61.09 -21.21
C1B NAP L . 1.84 -58.78 -20.76
N9A NAP L . 3.06 -58.30 -21.39
C8A NAP L . 4.37 -58.62 -21.24
N7A NAP L . 5.06 -57.83 -22.08
C5A NAP L . 4.20 -57.01 -22.74
C6A NAP L . 4.35 -56.03 -23.72
N6A NAP L . 5.70 -55.67 -24.22
N1A NAP L . 3.27 -55.38 -24.20
C2A NAP L . 2.05 -55.70 -23.74
N3A NAP L . 1.85 -56.66 -22.82
C4A NAP L . 2.90 -57.32 -22.30
O3 NAP L . 3.52 -59.00 -14.95
PN NAP L . 2.96 -60.47 -14.43
PN NAP L . 3.04 -60.41 -14.36
O1N NAP L . 4.09 -61.47 -14.34
O1N NAP L . 2.13 -61.12 -15.34
O2N NAP L . 1.89 -61.00 -15.36
O2N NAP L . 2.26 -60.15 -13.08
O5D NAP L . 2.31 -60.21 -13.03
O5D NAP L . 4.28 -61.25 -13.94
C5D NAP L . 3.08 -59.87 -11.96
C5D NAP L . 5.28 -61.65 -14.80
C4D NAP L . 3.01 -58.51 -11.51
C4D NAP L . 5.47 -63.05 -14.85
O4D NAP L . 1.62 -58.09 -11.32
O4D NAP L . 5.67 -63.57 -16.20
C3D NAP L . 3.57 -58.41 -10.17
C3D NAP L . 6.68 -63.41 -14.14
O3D NAP L . 4.90 -58.19 -10.25
O3D NAP L . 6.36 -63.55 -12.83
C2D NAP L . 2.95 -57.21 -9.64
C2D NAP L . 7.04 -64.69 -14.73
O2D NAP L . 3.81 -56.19 -9.98
O2D NAP L . 6.81 -65.70 -13.82
C1D NAP L . 1.66 -57.07 -10.36
C1D NAP L . 6.15 -64.85 -15.92
P2B NAP L . 2.70 -62.41 -21.15
O1X NAP L . 4.13 -62.01 -21.13
O2X NAP L . 2.36 -63.18 -19.95
O3X NAP L . 2.44 -63.24 -22.35
PA NAP M . 5.62 -26.31 -29.72
O1A NAP M . 5.27 -27.76 -29.55
O2A NAP M . 6.66 -26.20 -30.78
O5B NAP M . 6.29 -25.76 -28.40
C5B NAP M . 5.58 -25.65 -27.17
C4B NAP M . 6.45 -25.67 -25.97
O4B NAP M . 7.14 -26.89 -25.88
C3B NAP M . 7.49 -24.62 -26.07
O3B NAP M . 7.68 -24.08 -24.79
C2B NAP M . 8.62 -25.34 -26.52
O2B NAP M . 9.87 -24.73 -26.20
C1B NAP M . 8.51 -26.63 -25.85
N9A NAP M . 9.26 -27.72 -26.49
C8A NAP M . 9.69 -27.93 -27.75
N7A NAP M . 10.33 -29.11 -27.75
C5A NAP M . 10.30 -29.64 -26.50
C6A NAP M . 10.78 -30.82 -25.92
N6A NAP M . 11.52 -31.81 -26.74
N1A NAP M . 10.60 -31.08 -24.61
C2A NAP M . 9.94 -30.18 -23.87
N3A NAP M . 9.46 -29.04 -24.37
C4A NAP M . 9.61 -28.75 -25.68
O3 NAP M . 4.29 -25.56 -30.11
PN NAP M . 4.13 -23.97 -30.40
PN NAP M . 4.18 -23.94 -30.29
O1N NAP M . 4.86 -23.62 -31.67
O1N NAP M . 5.02 -23.23 -29.25
O2N NAP M . 4.72 -23.17 -29.25
O2N NAP M . 2.73 -23.55 -30.10
O5D NAP M . 2.61 -23.63 -30.52
O5D NAP M . 4.54 -23.50 -31.73
C5D NAP M . 1.78 -24.18 -31.47
C5D NAP M . 5.59 -24.00 -32.45
C4D NAP M . 0.88 -25.23 -31.08
C4D NAP M . 6.58 -23.05 -32.84
O4D NAP M . 0.34 -24.95 -29.74
O4D NAP M . 7.91 -23.63 -32.77
C3D NAP M . -0.29 -25.36 -31.96
C3D NAP M . 6.33 -22.68 -34.23
O3D NAP M . -0.47 -26.64 -32.34
O3D NAP M . 5.77 -21.45 -34.26
C2D NAP M . -1.43 -25.00 -31.12
C2D NAP M . 7.65 -22.60 -34.86
O2D NAP M . -2.52 -25.76 -31.47
O2D NAP M . 7.89 -21.28 -35.17
C1D NAP M . -1.00 -25.31 -29.73
C1D NAP M . 8.63 -23.10 -33.86
P2B NAP M . 10.70 -23.95 -27.33
O1X NAP M . 10.83 -24.77 -28.56
O2X NAP M . 10.00 -22.70 -27.63
O3X NAP M . 12.05 -23.69 -26.80
PA NAP N . -14.56 32.72 12.71
O1A NAP N . -13.84 33.93 13.22
O2A NAP N . -16.02 32.93 12.82
O5B NAP N . -14.15 31.47 13.59
C5B NAP N . -12.87 30.88 13.52
C4B NAP N . -12.48 30.06 14.70
O4B NAP N . -12.53 30.84 15.86
C3B NAP N . -13.46 28.98 14.88
O3B NAP N . -12.77 27.79 15.25
C2B NAP N . -14.29 29.45 15.93
O2B NAP N . -14.93 28.41 16.65
C1B NAP N . -13.39 30.24 16.78
N9A NAP N . -14.01 31.29 17.60
C8A NAP N . -15.13 32.03 17.48
N7A NAP N . -15.21 32.86 18.54
C5A NAP N . -14.13 32.65 19.34
C6A NAP N . -13.67 33.21 20.54
N6A NAP N . -14.45 34.28 21.22
N1A NAP N . -12.52 32.77 21.09
C2A NAP N . -11.81 31.80 20.48
N3A NAP N . -12.21 31.23 19.33
C4A NAP N . -13.35 31.63 18.73
O3 NAP N . -14.13 32.52 11.20
PN NAP N . -14.73 31.33 10.27
PN NAP N . -14.69 31.28 10.26
O1N NAP N . -16.24 31.45 10.19
O1N NAP N . -14.70 29.97 11.02
O2N NAP N . -14.31 29.98 10.81
O2N NAP N . -13.78 31.14 9.07
O5D NAP N . -14.09 31.47 8.86
O5D NAP N . -16.12 31.62 9.74
C5D NAP N . -14.22 32.64 8.17
C5D NAP N . -17.16 31.79 10.62
C4D NAP N . -13.06 33.45 8.03
C4D NAP N . -18.34 31.01 10.41
O4D NAP N . -11.85 32.64 7.80
O4D NAP N . -19.09 30.80 11.64
C3D NAP N . -13.19 34.25 6.82
C3D NAP N . -19.22 31.79 9.56
O3D NAP N . -13.71 35.43 7.16
O3D NAP N . -18.89 31.52 8.27
C2D NAP N . -11.81 34.51 6.43
C2D NAP N . -20.56 31.31 9.92
O2D NAP N . -11.57 35.76 6.93
O2D NAP N . -21.09 30.53 8.92
C1D NAP N . -10.97 33.49 7.13
C1D NAP N . -20.39 30.53 11.19
P2B NAP N . -16.44 28.08 16.32
O1X NAP N . -17.25 29.33 16.37
O2X NAP N . -16.53 27.52 14.96
O3X NAP N . -16.96 27.10 17.29
PA NAP O . 4.95 52.76 33.94
O1A NAP O . 4.25 51.56 33.38
O2A NAP O . 4.15 53.23 35.08
O5B NAP O . 4.93 53.91 32.86
C5B NAP O . 5.70 53.85 31.68
C4B NAP O . 5.19 54.75 30.59
O4B NAP O . 3.87 54.41 30.29
C3B NAP O . 5.14 56.14 31.08
O3B NAP O . 5.48 57.00 30.01
C2B NAP O . 3.78 56.31 31.46
O2B NAP O . 3.35 57.66 31.43
C1B NAP O . 3.06 55.55 30.46
N9A NAP O . 1.72 55.16 30.85
C8A NAP O . 1.10 55.02 32.05
N7A NAP O . -0.17 54.64 31.79
C5A NAP O . -0.35 54.56 30.45
C6A NAP O . -1.43 54.22 29.64
N6A NAP O . -2.73 53.86 30.25
N1A NAP O . -1.30 54.24 28.30
C2A NAP O . -0.13 54.57 27.75
N3A NAP O . 0.95 54.90 28.48
C4A NAP O . 0.86 54.90 29.84
O3 NAP O . 6.42 52.30 34.34
PN NAP O . 7.55 53.28 34.98
PN NAP O . 7.53 53.32 34.94
O1N NAP O . 7.24 53.60 36.43
O1N NAP O . 7.44 54.66 34.25
O2N NAP O . 7.71 54.55 34.19
O2N NAP O . 8.90 52.75 34.71
O5D NAP O . 8.86 52.46 34.88
O5D NAP O . 7.32 53.47 36.48
C5D NAP O . 9.12 51.47 35.80
C5D NAP O . 6.16 53.98 36.99
C4D NAP O . 9.03 50.12 35.37
C4D NAP O . 6.25 55.09 37.87
O4D NAP O . 9.79 49.90 34.12
O4D NAP O . 5.03 55.91 37.88
C3D NAP O . 9.71 49.25 36.33
C3D NAP O . 6.32 54.55 39.21
O3D NAP O . 8.87 48.94 37.35
O3D NAP O . 7.62 54.30 39.48
C2D NAP O . 9.95 48.06 35.52
C2D NAP O . 5.74 55.60 40.06
O2D NAP O . 8.75 47.40 35.44
O2D NAP O . 6.73 56.23 40.78
C1D NAP O . 10.33 48.61 34.19
C1D NAP O . 5.07 56.55 39.11
P2B NAP O . 3.33 58.47 32.81
O1X NAP O . 2.51 57.71 33.78
O2X NAP O . 4.72 58.59 33.27
O3X NAP O . 2.74 59.81 32.60
PA NAP P . 45.21 10.76 -2.04
O1A NAP P . 45.59 12.20 -2.18
O2A NAP P . 46.40 9.96 -2.39
O5B NAP P . 44.08 10.40 -3.07
C5B NAP P . 42.77 10.91 -2.99
C4B NAP P . 42.09 10.89 -4.32
O4B NAP P . 42.81 11.68 -5.22
C3B NAP P . 42.11 9.52 -4.87
O3B NAP P . 40.87 9.28 -5.50
C2B NAP P . 43.17 9.57 -5.81
O2B NAP P . 43.04 8.60 -6.83
C1B NAP P . 43.05 10.91 -6.37
N9A NAP P . 44.29 11.37 -7.00
C8A NAP P . 45.57 11.03 -6.85
N7A NAP P . 46.31 11.78 -7.68
C5A NAP P . 45.47 12.61 -8.36
C6A NAP P . 45.68 13.59 -9.33
N6A NAP P . 47.07 13.88 -9.82
N1A NAP P . 44.63 14.26 -9.84
C2A NAP P . 43.40 13.99 -9.39
N3A NAP P . 43.15 13.06 -8.47
C4A NAP P . 44.17 12.36 -7.93
O3 NAP P . 44.73 10.56 -0.54
PN NAP P . 44.20 9.07 0.00
PN NAP P . 44.20 9.15 0.05
O1N NAP P . 45.37 8.12 0.18
O1N NAP P . 43.31 8.46 -0.96
O2N NAP P . 43.18 8.48 -0.94
O2N NAP P . 43.37 9.43 1.29
O5D NAP P . 43.49 9.36 1.36
O5D NAP P . 45.42 8.30 0.48
C5D NAP P . 44.22 9.62 2.50
C5D NAP P . 46.42 7.93 -0.37
C4D NAP P . 44.22 10.98 2.95
C4D NAP P . 46.63 6.53 -0.51
O4D NAP P . 42.86 11.49 3.12
O4D NAP P . 47.11 6.15 -1.84
C3D NAP P . 44.79 11.08 4.30
C3D NAP P . 47.69 6.11 0.40
O3D NAP P . 46.14 11.17 4.22
O3D NAP P . 47.12 5.69 1.55
C2D NAP P . 44.25 12.33 4.79
C2D NAP P . 48.32 4.99 -0.28
O2D NAP P . 45.10 13.32 4.36
O2D NAP P . 48.15 3.85 0.47
C1D NAP P . 42.93 12.48 4.11
C1D NAP P . 47.64 4.88 -1.60
P2B NAP P . 43.91 7.26 -6.78
O1X NAP P . 45.34 7.56 -6.49
O2X NAP P . 43.35 6.41 -5.72
O3X NAP P . 43.84 6.60 -8.09
PA NAP Q . 46.92 43.19 -15.21
O1A NAP Q . 46.46 41.78 -15.04
O2A NAP Q . 47.92 43.20 -16.29
O5B NAP Q . 47.63 43.68 -13.88
C5B NAP Q . 46.91 43.93 -12.69
C4B NAP Q . 47.77 43.93 -11.46
O4B NAP Q . 48.43 42.71 -11.37
C3B NAP Q . 48.82 44.95 -11.57
O3B NAP Q . 49.06 45.48 -10.28
C2B NAP Q . 49.93 44.21 -12.04
O2B NAP Q . 51.19 44.79 -11.74
C1B NAP Q . 49.81 42.94 -11.32
N9A NAP Q . 50.56 41.85 -11.94
C8A NAP Q . 51.02 41.65 -13.19
N7A NAP Q . 51.66 40.46 -13.21
C5A NAP Q . 51.61 39.91 -11.97
C6A NAP Q . 52.08 38.73 -11.41
N6A NAP Q . 52.85 37.76 -12.24
N1A NAP Q . 51.87 38.44 -10.11
C2A NAP Q . 51.19 39.33 -9.36
N3A NAP Q . 50.71 40.49 -9.85
C4A NAP Q . 50.90 40.81 -11.15
O3 NAP Q . 45.59 44.03 -15.48
PN NAP Q . 45.48 45.65 -15.71
PN NAP Q . 45.56 45.63 -15.70
O1N NAP Q . 45.97 46.03 -17.08
O1N NAP Q . 46.38 46.36 -14.66
O2N NAP Q . 46.23 46.42 -14.63
O2N NAP Q . 44.12 46.09 -15.56
O5D NAP Q . 43.96 45.95 -15.58
O5D NAP Q . 45.99 45.97 -17.16
C5D NAP Q . 43.13 45.70 -16.63
C5D NAP Q . 47.22 45.64 -17.65
C4D NAP Q . 42.22 44.60 -16.54
C4D NAP Q . 47.95 46.73 -18.21
O4D NAP Q . 41.40 44.66 -15.34
O4D NAP Q . 49.38 46.64 -17.97
C3D NAP Q . 41.27 44.67 -17.63
C3D NAP Q . 47.83 46.71 -19.66
O3D NAP Q . 41.77 44.07 -18.71
O3D NAP Q . 46.76 47.45 -20.01
C2D NAP Q . 40.20 43.84 -17.14
C2D NAP Q . 49.08 47.36 -20.10
O2D NAP Q . 40.61 42.57 -17.47
O2D NAP Q . 48.80 48.53 -20.74
C1D NAP Q . 40.20 44.02 -15.66
C1D NAP Q . 49.85 47.61 -18.84
P2B NAP Q . 51.96 45.65 -12.86
O1X NAP Q . 52.15 44.83 -14.08
O2X NAP Q . 51.16 46.84 -13.15
O3X NAP Q . 53.29 46.04 -12.34
#